data_9PNI
#
_entry.id   9PNI
#
_cell.length_a   1.00
_cell.length_b   1.00
_cell.length_c   1.00
_cell.angle_alpha   90.00
_cell.angle_beta   90.00
_cell.angle_gamma   90.00
#
_symmetry.space_group_name_H-M   'P 1'
#
loop_
_entity.id
_entity.type
_entity.pdbx_description
1 polymer 'Envelope glycoprotein BG505 DS-SOSIP gp41'
2 polymer 'Envelope glycoprotein BG505 DS-SOSIP gp120'
3 polymer 'J601-1B2 heavy chain'
4 polymer 'J601-1B2 light chain'
5 branched beta-D-mannopyranose-(1-4)-2-acetamido-2-deoxy-beta-D-glucopyranose-(1-4)-2-acetamido-2-deoxy-beta-D-glucopyranose
6 branched alpha-D-mannopyranose-(1-3)-[alpha-D-mannopyranose-(1-6)]beta-D-mannopyranose-(1-4)-2-acetamido-2-deoxy-beta-D-glucopyranose-(1-4)-2-acetamido-2-deoxy-beta-D-glucopyranose
7 branched 2-acetamido-2-deoxy-beta-D-glucopyranose-(1-4)-2-acetamido-2-deoxy-beta-D-glucopyranose
8 branched alpha-D-mannopyranose-(1-2)-alpha-D-mannopyranose-(1-3)-[alpha-D-mannopyranose-(1-6)]beta-D-mannopyranose-(1-4)-2-acetamido-2-deoxy-beta-D-glucopyranose-(1-4)-2-acetamido-2-deoxy-beta-D-glucopyranose
9 branched alpha-D-mannopyranose-(1-3)-beta-D-mannopyranose-(1-4)-2-acetamido-2-deoxy-beta-D-glucopyranose-(1-4)-2-acetamido-2-deoxy-beta-D-glucopyranose
10 non-polymer 2-acetamido-2-deoxy-beta-D-glucopyranose
11 non-polymer alpha-D-mannopyranose
#
loop_
_entity_poly.entity_id
_entity_poly.type
_entity_poly.pdbx_seq_one_letter_code
_entity_poly.pdbx_strand_id
1 'polypeptide(L)'
;AVGIGAVFLGFLGAAGSTMGAASMTLTVQARNLLSGIVQQQSNLLRAIEAQQHLLKLTVWGIKQLQARVLAVERYLRDQQ
LLGIWGCSGKLICCTNVPWNSSWSNRNLSEIWDNMTWLQWDKEISNYTQIIYGLLEESQNQQEKNEQDLLALD
;
A,B,F
2 'polypeptide(L)'
;AENLWVTVYYGVPVWKDAETTLFCASDAKAYETEKHNVWATHACVPTDPNPQEIHLENVTEEFNMWKNNMVEQMHTDIIS
LWDQSLKPCVKLTPLCVTLQCTNVTNNITDDMRGELKNCSFNMTTELRDKKQKVYSLFYRLDVVQINENQGNRSNNSNKE
YRLINCNTSACTQACPKVSFEPIPIHYCAPAGFAILKCKDKKFNGTGPCPSVSTVQCTHGIKPVVSTQLLLNGSLAEEEV
MIRSENITNNAKNILVQFNTPVQINCTRPNNNTRKSIRIGPGQAFYATGDIIGDIRQAHCNVSKATWNETLGKVVKQLRK
HFGNNTIIRFANSSGGDLEVTTHSFNCGGEFFYCNTSGLFNSTWISNTSVQGSNSTGSNDSITLPCRIKQIINMWQRIGQ
CMYAPPIQGVIRCVSNITGLILTRDGGSTNSTTETFRPGGGDMRDNWRSELYKYKVVKIEPLGVAPTRCKRRV
;
C,G,I
3 'polypeptide(L)'
;QVQVQESGPGIVKPSETLSLTCAASRGPFSGGHFYWNWFRQPPGKGLEWIGGIYSDGDAADYNPSLESRVAISRDRSANR
FSLKLISVTTTDTAVYYCSSTYSWNNVWFDQWGQGVLVTVSSASTKGPSVFPLAPSSKSTSGGTAALGCLVKDYFPEPVT
VSWNSGALTSGVHTFPAVLQSSGLYSLSSVVTVPSSSLGTQTYICNVNHKPSNTKVDKKVEPKSCDKGLEVLFQ
;
H,J,D
4 'polypeptide(L)'
;DIQLTQSPSSLSASVGDRVTITCRASQDINTDLSWYYQKSGEAPKLLIYRASNLQGGAPSRFSGTGSGTEFTLTISSLQP
EDFITYYCQQRYSFPITFGAGTKVDIKRTVAAPSVFIFPPSDEQLKSGTASVVCLLNNFYPREAKVQWKVDNALQSGNSQ
ESVTEQDSKDSTYSLSSTLTLSKADYEKHKVYACEVTHQGLSSPVTKSFNRGEC
;
L,K,E
#
loop_
_chem_comp.id
_chem_comp.type
_chem_comp.name
_chem_comp.formula
BMA D-saccharide, beta linking beta-D-mannopyranose 'C6 H12 O6'
MAN D-saccharide, alpha linking alpha-D-mannopyranose 'C6 H12 O6'
NAG D-saccharide, beta linking 2-acetamido-2-deoxy-beta-D-glucopyranose 'C8 H15 N O6'
#
# COMPACT_ATOMS: atom_id res chain seq x y z
N ALA A 1 -6.63 -3.10 -44.45
CA ALA A 1 -6.99 -3.81 -45.67
C ALA A 1 -8.02 -4.89 -45.36
N VAL A 2 -8.28 -5.75 -46.33
CA VAL A 2 -9.26 -6.82 -46.21
C VAL A 2 -8.58 -8.16 -46.41
N GLY A 3 -8.89 -9.11 -45.53
CA GLY A 3 -8.35 -10.45 -45.64
C GLY A 3 -7.13 -10.74 -44.79
N ILE A 4 -6.84 -9.91 -43.81
CA ILE A 4 -5.74 -10.14 -42.88
C ILE A 4 -6.25 -9.90 -41.46
N GLY A 5 -5.98 -10.84 -40.56
CA GLY A 5 -6.44 -10.74 -39.20
C GLY A 5 -5.45 -10.05 -38.30
N ALA A 6 -5.12 -10.68 -37.17
CA ALA A 6 -4.11 -10.15 -36.26
C ALA A 6 -3.60 -11.25 -35.35
N VAL A 7 -2.28 -11.43 -35.31
CA VAL A 7 -1.65 -12.44 -34.48
C VAL A 7 -0.78 -11.75 -33.45
N PHE A 8 -0.82 -12.27 -32.23
CA PHE A 8 -0.01 -11.79 -31.11
C PHE A 8 0.83 -12.95 -30.59
N LEU A 9 1.56 -12.68 -29.51
CA LEU A 9 2.34 -13.71 -28.81
C LEU A 9 2.14 -13.44 -27.32
N GLY A 10 1.14 -14.09 -26.73
CA GLY A 10 0.64 -13.68 -25.44
C GLY A 10 1.28 -14.32 -24.24
N PHE A 11 0.44 -14.81 -23.34
CA PHE A 11 0.83 -15.25 -22.01
C PHE A 11 1.45 -16.66 -22.05
N LEU A 12 1.46 -17.34 -20.89
CA LEU A 12 2.23 -18.55 -20.67
C LEU A 12 1.96 -19.69 -21.65
N GLY A 13 1.01 -19.56 -22.57
CA GLY A 13 0.71 -20.59 -23.55
C GLY A 13 1.88 -21.23 -24.26
N ALA A 14 3.04 -20.58 -24.29
CA ALA A 14 4.25 -21.17 -24.84
C ALA A 14 4.96 -22.09 -23.85
N ALA A 15 4.28 -22.57 -22.80
CA ALA A 15 4.90 -23.34 -21.73
C ALA A 15 4.70 -24.84 -21.91
N GLY A 16 4.62 -25.30 -23.15
CA GLY A 16 4.57 -26.73 -23.44
C GLY A 16 5.59 -27.14 -24.47
N SER A 17 6.43 -26.20 -24.92
CA SER A 17 7.43 -26.47 -25.92
C SER A 17 8.66 -27.09 -25.26
N THR A 18 9.71 -27.28 -26.04
CA THR A 18 10.94 -27.88 -25.54
C THR A 18 11.74 -26.82 -24.78
N MET A 19 12.97 -27.16 -24.40
CA MET A 19 13.82 -26.23 -23.69
C MET A 19 14.12 -25.01 -24.55
N GLY A 20 14.45 -25.22 -25.82
CA GLY A 20 14.99 -24.14 -26.64
C GLY A 20 14.00 -23.05 -26.94
N ALA A 21 12.78 -23.41 -27.36
CA ALA A 21 11.86 -22.40 -27.87
C ALA A 21 11.44 -21.41 -26.80
N ALA A 22 11.16 -21.91 -25.60
CA ALA A 22 10.57 -21.08 -24.55
C ALA A 22 11.41 -19.84 -24.25
N SER A 23 12.74 -20.00 -24.24
CA SER A 23 13.59 -18.88 -23.87
C SER A 23 13.55 -17.74 -24.88
N MET A 24 13.03 -17.97 -26.09
CA MET A 24 12.75 -16.86 -26.98
C MET A 24 11.77 -15.87 -26.34
N THR A 25 10.71 -16.36 -25.70
CA THR A 25 9.60 -15.53 -25.29
C THR A 25 9.67 -15.11 -23.82
N LEU A 26 10.87 -14.87 -23.29
CA LEU A 26 10.98 -14.51 -21.88
C LEU A 26 10.33 -13.16 -21.59
N THR A 27 10.65 -12.15 -22.41
CA THR A 27 10.44 -10.76 -22.02
C THR A 27 8.99 -10.50 -21.64
N VAL A 28 8.05 -10.98 -22.47
CA VAL A 28 6.63 -10.69 -22.24
C VAL A 28 6.22 -11.13 -20.85
N GLN A 29 6.63 -12.33 -20.43
CA GLN A 29 6.24 -12.79 -19.10
C GLN A 29 6.82 -11.88 -18.04
N ALA A 30 8.08 -11.49 -18.19
CA ALA A 30 8.70 -10.59 -17.22
C ALA A 30 7.96 -9.26 -17.14
N ARG A 31 7.27 -8.87 -18.21
CA ARG A 31 6.57 -7.59 -18.22
C ARG A 31 5.26 -7.65 -17.45
N ASN A 32 4.75 -8.85 -17.15
CA ASN A 32 3.40 -8.99 -16.61
C ASN A 32 3.40 -9.25 -15.10
N LEU A 33 4.31 -8.60 -14.36
CA LEU A 33 4.38 -8.75 -12.92
C LEU A 33 3.91 -7.53 -12.15
N LEU A 34 3.85 -6.36 -12.78
CA LEU A 34 3.45 -5.13 -12.10
C LEU A 34 2.24 -4.53 -12.80
N SER A 35 1.25 -5.36 -13.13
CA SER A 35 0.05 -4.85 -13.76
C SER A 35 -0.75 -4.00 -12.77
N GLY A 36 -1.55 -3.10 -13.31
CA GLY A 36 -2.40 -2.23 -12.51
C GLY A 36 -3.65 -1.79 -13.25
N THR A 58 -16.23 0.38 4.65
CA THR A 58 -14.86 0.71 4.30
C THR A 58 -13.90 -0.36 4.77
N VAL A 59 -14.18 -1.61 4.37
CA VAL A 59 -13.32 -2.74 4.71
C VAL A 59 -12.78 -3.45 3.48
N TRP A 60 -13.30 -3.15 2.29
CA TRP A 60 -12.78 -3.80 1.08
C TRP A 60 -11.46 -3.20 0.64
N GLY A 61 -11.26 -1.91 0.89
CA GLY A 61 -10.03 -1.28 0.44
C GLY A 61 -8.80 -1.82 1.13
N ILE A 62 -8.92 -2.17 2.42
CA ILE A 62 -7.74 -2.56 3.17
C ILE A 62 -7.13 -3.84 2.62
N LYS A 63 -7.96 -4.83 2.28
CA LYS A 63 -7.42 -6.11 1.84
C LYS A 63 -6.74 -5.99 0.48
N GLN A 64 -7.37 -5.27 -0.47
CA GLN A 64 -6.73 -5.09 -1.76
C GLN A 64 -5.46 -4.24 -1.63
N LEU A 65 -5.47 -3.25 -0.75
CA LEU A 65 -4.25 -2.49 -0.50
C LEU A 65 -3.15 -3.40 0.01
N GLN A 66 -3.50 -4.31 0.93
CA GLN A 66 -2.52 -5.25 1.46
C GLN A 66 -1.98 -6.14 0.34
N ALA A 67 -2.87 -6.59 -0.55
CA ALA A 67 -2.44 -7.43 -1.66
C ALA A 67 -1.46 -6.68 -2.56
N ARG A 68 -1.77 -5.42 -2.88
CA ARG A 68 -0.86 -4.63 -3.71
C ARG A 68 0.48 -4.45 -3.03
N VAL A 69 0.46 -4.15 -1.72
CA VAL A 69 1.71 -3.99 -0.99
C VAL A 69 2.53 -5.28 -1.03
N LEU A 70 1.87 -6.41 -0.87
CA LEU A 70 2.58 -7.68 -0.90
C LEU A 70 3.20 -7.93 -2.28
N ALA A 71 2.47 -7.62 -3.34
CA ALA A 71 3.03 -7.78 -4.68
C ALA A 71 4.26 -6.91 -4.88
N VAL A 72 4.18 -5.65 -4.46
CA VAL A 72 5.33 -4.77 -4.59
C VAL A 72 6.51 -5.30 -3.79
N GLU A 73 6.24 -5.80 -2.59
CA GLU A 73 7.32 -6.33 -1.76
C GLU A 73 7.97 -7.52 -2.44
N ARG A 74 7.18 -8.40 -3.04
CA ARG A 74 7.74 -9.56 -3.74
C ARG A 74 8.66 -9.11 -4.87
N TYR A 75 8.19 -8.14 -5.65
CA TYR A 75 9.00 -7.65 -6.76
C TYR A 75 10.31 -7.06 -6.26
N LEU A 76 10.26 -6.26 -5.20
CA LEU A 76 11.48 -5.69 -4.67
C LEU A 76 12.42 -6.79 -4.17
N ARG A 77 11.87 -7.81 -3.52
CA ARG A 77 12.70 -8.87 -2.96
C ARG A 77 13.47 -9.59 -4.05
N ASP A 78 12.78 -10.07 -5.09
CA ASP A 78 13.55 -10.82 -6.09
C ASP A 78 14.44 -9.90 -6.91
N GLN A 79 14.07 -8.63 -7.07
CA GLN A 79 14.98 -7.69 -7.73
C GLN A 79 16.28 -7.57 -6.96
N GLN A 80 16.20 -7.40 -5.65
CA GLN A 80 17.40 -7.32 -4.84
C GLN A 80 18.22 -8.60 -4.95
N LEU A 81 17.54 -9.74 -4.87
CA LEU A 81 18.26 -11.02 -4.92
C LEU A 81 19.03 -11.16 -6.22
N LEU A 82 18.41 -10.75 -7.33
CA LEU A 82 19.15 -10.74 -8.58
C LEU A 82 20.31 -9.76 -8.53
N GLY A 83 20.09 -8.61 -7.89
CA GLY A 83 21.14 -7.60 -7.83
C GLY A 83 22.38 -8.09 -7.11
N ILE A 84 22.21 -8.92 -6.08
CA ILE A 84 23.37 -9.38 -5.32
C ILE A 84 24.33 -10.19 -6.19
N TRP A 85 23.79 -10.98 -7.10
CA TRP A 85 24.60 -11.86 -7.94
C TRP A 85 25.27 -11.14 -9.09
N GLY A 86 25.26 -9.80 -9.09
CA GLY A 86 26.06 -9.05 -10.04
C GLY A 86 25.67 -9.28 -11.49
N CYS A 87 24.38 -9.44 -11.77
CA CYS A 87 23.88 -9.62 -13.12
C CYS A 87 22.68 -8.71 -13.37
N SER A 88 22.68 -7.53 -12.75
CA SER A 88 21.54 -6.63 -12.86
C SER A 88 21.44 -6.06 -14.27
N GLY A 89 20.20 -5.83 -14.70
CA GLY A 89 19.94 -5.21 -15.99
C GLY A 89 20.06 -6.13 -17.19
N LYS A 90 20.21 -7.43 -16.98
CA LYS A 90 20.35 -8.38 -18.08
C LYS A 90 19.46 -9.58 -17.81
N LEU A 91 19.00 -10.20 -18.90
CA LEU A 91 18.16 -11.39 -18.80
C LEU A 91 18.95 -12.68 -18.84
N ILE A 92 20.24 -12.63 -19.17
CA ILE A 92 21.11 -13.79 -19.20
C ILE A 92 22.43 -13.40 -18.57
N CYS A 93 23.09 -14.35 -17.93
CA CYS A 93 24.34 -14.05 -17.23
C CYS A 93 25.05 -15.34 -16.91
N CYS A 94 26.32 -15.43 -17.30
CA CYS A 94 27.16 -16.58 -16.96
C CYS A 94 27.93 -16.31 -15.68
N THR A 95 28.49 -17.38 -15.11
CA THR A 95 29.20 -17.28 -13.84
C THR A 95 30.20 -18.42 -13.75
N ASN A 96 31.07 -18.35 -12.74
CA ASN A 96 32.26 -19.21 -12.68
C ASN A 96 32.07 -20.52 -11.94
N VAL A 97 30.98 -20.71 -11.21
CA VAL A 97 30.83 -21.90 -10.36
C VAL A 97 30.74 -23.13 -11.25
N PRO A 98 31.60 -24.14 -11.08
CA PRO A 98 31.47 -25.34 -11.90
C PRO A 98 30.26 -26.18 -11.49
N TRP A 99 29.82 -27.02 -12.42
CA TRP A 99 28.62 -27.84 -12.24
C TRP A 99 29.05 -29.23 -11.79
N ASN A 100 28.72 -29.57 -10.55
CA ASN A 100 29.01 -30.91 -10.04
C ASN A 100 28.05 -31.93 -10.65
N SER A 101 28.60 -33.05 -11.07
CA SER A 101 27.81 -34.15 -11.62
C SER A 101 26.95 -34.85 -10.58
N SER A 102 27.16 -34.55 -9.29
CA SER A 102 26.41 -35.24 -8.24
C SER A 102 24.91 -35.00 -8.37
N TRP A 103 24.52 -33.75 -8.65
CA TRP A 103 23.10 -33.41 -8.60
C TRP A 103 22.31 -34.17 -9.67
N SER A 104 22.76 -34.12 -10.92
CA SER A 104 22.13 -34.91 -11.98
C SER A 104 23.07 -34.97 -13.16
N ASN A 105 23.58 -36.16 -13.47
CA ASN A 105 24.52 -36.31 -14.56
C ASN A 105 23.93 -35.92 -15.92
N ARG A 106 23.00 -36.73 -16.45
CA ARG A 106 22.41 -36.51 -17.77
C ARG A 106 23.44 -36.20 -18.85
N ASN A 107 23.06 -35.44 -19.86
CA ASN A 107 24.00 -34.93 -20.86
C ASN A 107 23.26 -33.90 -21.69
N LEU A 108 24.04 -33.10 -22.42
CA LEU A 108 23.52 -31.84 -22.97
C LEU A 108 22.37 -32.08 -23.93
N SER A 109 22.47 -33.09 -24.78
CA SER A 109 21.48 -33.28 -25.83
C SER A 109 20.10 -33.48 -25.26
N GLU A 110 19.95 -34.44 -24.34
CA GLU A 110 18.62 -34.76 -23.84
C GLU A 110 18.03 -33.58 -23.07
N ILE A 111 18.84 -32.93 -22.23
CA ILE A 111 18.32 -31.84 -21.41
C ILE A 111 17.86 -30.69 -22.29
N TRP A 112 18.64 -30.35 -23.31
CA TRP A 112 18.30 -29.21 -24.15
C TRP A 112 17.33 -29.56 -25.27
N ASP A 113 16.97 -30.84 -25.44
CA ASP A 113 16.05 -31.24 -26.49
C ASP A 113 14.68 -31.66 -25.98
N ASN A 114 14.61 -32.57 -25.01
CA ASN A 114 13.35 -33.21 -24.62
C ASN A 114 12.75 -32.67 -23.34
N MET A 115 13.56 -32.50 -22.30
CA MET A 115 13.04 -32.10 -21.01
C MET A 115 12.31 -30.77 -21.11
N THR A 116 11.20 -30.65 -20.38
CA THR A 116 10.44 -29.41 -20.32
C THR A 116 10.80 -28.66 -19.03
N TRP A 117 10.27 -27.45 -18.91
CA TRP A 117 10.62 -26.60 -17.78
C TRP A 117 10.10 -27.17 -16.47
N LEU A 118 8.82 -27.53 -16.44
CA LEU A 118 8.18 -27.90 -15.17
C LEU A 118 8.82 -29.15 -14.57
N GLN A 119 9.02 -30.18 -15.39
CA GLN A 119 9.62 -31.41 -14.89
C GLN A 119 11.05 -31.16 -14.43
N TRP A 120 11.79 -30.32 -15.16
CA TRP A 120 13.14 -29.98 -14.73
C TRP A 120 13.13 -29.31 -13.37
N ASP A 121 12.22 -28.37 -13.16
CA ASP A 121 12.12 -27.69 -11.88
C ASP A 121 11.81 -28.71 -10.79
N LYS A 122 10.87 -29.60 -11.06
CA LYS A 122 10.53 -30.62 -10.07
C LYS A 122 11.73 -31.50 -9.75
N GLU A 123 12.60 -31.73 -10.74
CA GLU A 123 13.66 -32.71 -10.57
C GLU A 123 14.90 -32.09 -9.92
N ILE A 124 15.01 -30.76 -9.94
CA ILE A 124 16.14 -30.07 -9.30
C ILE A 124 15.61 -29.22 -8.15
N SER A 125 14.57 -29.69 -7.48
CA SER A 125 13.93 -28.93 -6.42
C SER A 125 14.61 -29.10 -5.06
N ASN A 126 15.69 -29.87 -4.98
CA ASN A 126 16.29 -30.23 -3.69
C ASN A 126 17.54 -29.43 -3.34
N TYR A 127 18.23 -28.84 -4.32
CA TYR A 127 19.57 -28.29 -4.12
C TYR A 127 19.64 -26.84 -4.56
N THR A 128 18.69 -26.03 -4.11
CA THR A 128 18.68 -24.62 -4.44
C THR A 128 19.50 -23.79 -3.45
N GLN A 129 19.25 -23.97 -2.16
CA GLN A 129 19.95 -23.20 -1.14
C GLN A 129 21.44 -23.46 -1.21
N ILE A 130 21.84 -24.70 -1.49
CA ILE A 130 23.25 -25.00 -1.65
C ILE A 130 23.83 -24.20 -2.80
N ILE A 131 23.08 -24.06 -3.88
CA ILE A 131 23.60 -23.40 -5.07
C ILE A 131 23.76 -21.91 -4.83
N TYR A 132 22.82 -21.28 -4.13
CA TYR A 132 22.84 -19.82 -4.03
C TYR A 132 24.11 -19.31 -3.35
N GLY A 133 24.51 -19.96 -2.26
CA GLY A 133 25.67 -19.50 -1.52
C GLY A 133 26.94 -19.51 -2.34
N LEU A 134 27.08 -20.50 -3.23
CA LEU A 134 28.28 -20.57 -4.04
C LEU A 134 28.40 -19.35 -4.94
N LEU A 135 27.31 -18.96 -5.59
CA LEU A 135 27.34 -17.76 -6.42
C LEU A 135 27.68 -16.55 -5.57
N GLU A 136 27.07 -16.44 -4.40
CA GLU A 136 27.31 -15.28 -3.56
C GLU A 136 28.79 -15.15 -3.22
N GLU A 137 29.36 -16.23 -2.69
CA GLU A 137 30.76 -16.15 -2.27
C GLU A 137 31.69 -15.95 -3.46
N SER A 138 31.37 -16.54 -4.61
CA SER A 138 32.22 -16.37 -5.79
C SER A 138 32.28 -14.91 -6.17
N GLN A 139 31.12 -14.24 -6.22
CA GLN A 139 31.13 -12.82 -6.55
C GLN A 139 31.92 -12.04 -5.52
N ASN A 140 31.71 -12.32 -4.23
CA ASN A 140 32.40 -11.55 -3.20
C ASN A 140 33.91 -11.65 -3.35
N GLN A 141 34.41 -12.88 -3.49
CA GLN A 141 35.85 -13.08 -3.61
C GLN A 141 36.38 -12.43 -4.88
N GLN A 142 35.66 -12.56 -5.99
CA GLN A 142 36.13 -11.96 -7.24
C GLN A 142 36.25 -10.46 -7.10
N GLU A 143 35.24 -9.81 -6.52
CA GLU A 143 35.26 -8.36 -6.40
C GLU A 143 36.40 -7.93 -5.48
N LYS A 144 36.60 -8.67 -4.38
CA LYS A 144 37.67 -8.32 -3.46
C LYS A 144 39.02 -8.43 -4.15
N ASN A 145 39.20 -9.49 -4.94
CA ASN A 145 40.48 -9.67 -5.63
C ASN A 145 40.73 -8.54 -6.61
N GLU A 146 39.78 -8.26 -7.50
CA GLU A 146 39.99 -7.24 -8.51
C GLU A 146 40.12 -5.84 -7.91
N GLN A 147 39.58 -5.62 -6.71
CA GLN A 147 39.74 -4.32 -6.08
C GLN A 147 41.22 -4.00 -5.88
N ASP A 148 42.00 -4.96 -5.43
CA ASP A 148 43.42 -4.72 -5.23
C ASP A 148 44.12 -4.41 -6.55
N LEU A 149 43.76 -5.13 -7.61
CA LEU A 149 44.39 -4.90 -8.90
C LEU A 149 44.12 -3.48 -9.38
N LEU A 150 42.88 -3.03 -9.29
CA LEU A 150 42.61 -1.65 -9.69
C LEU A 150 43.19 -0.65 -8.70
N ALA A 151 43.46 -1.07 -7.46
CA ALA A 151 44.06 -0.16 -6.49
C ALA A 151 45.52 0.09 -6.80
N LEU A 152 46.27 -0.96 -7.12
CA LEU A 152 47.68 -0.78 -7.46
C LEU A 152 47.86 -0.05 -8.78
N ASP A 153 46.81 0.12 -9.57
CA ASP A 153 46.88 0.87 -10.81
C ASP A 153 47.03 2.37 -10.52
N ALA B 1 35.04 -28.75 -23.26
CA ALA B 1 33.67 -29.05 -23.65
C ALA B 1 32.96 -29.83 -22.55
N GLU B 2 33.63 -30.86 -22.04
CA GLU B 2 33.04 -31.65 -20.96
C GLU B 2 32.79 -30.79 -19.74
N ASN B 3 33.75 -29.96 -19.36
CA ASN B 3 33.54 -29.02 -18.27
C ASN B 3 32.45 -28.03 -18.65
N LEU B 4 31.56 -27.73 -17.70
CA LEU B 4 30.46 -26.84 -17.95
C LEU B 4 30.11 -26.12 -16.65
N TRP B 5 29.48 -24.96 -16.79
CA TRP B 5 29.22 -24.04 -15.71
C TRP B 5 27.72 -23.83 -15.56
N VAL B 6 27.36 -22.95 -14.63
CA VAL B 6 25.96 -22.70 -14.30
C VAL B 6 25.55 -21.36 -14.88
N THR B 7 24.31 -21.29 -15.36
CA THR B 7 23.74 -20.08 -15.94
C THR B 7 22.38 -19.83 -15.33
N VAL B 8 22.02 -18.55 -15.25
CA VAL B 8 20.80 -18.11 -14.58
C VAL B 8 19.87 -17.49 -15.61
N TYR B 9 18.59 -17.84 -15.55
CA TYR B 9 17.57 -17.36 -16.45
C TYR B 9 16.47 -16.68 -15.67
N TYR B 10 15.97 -15.57 -16.20
CA TYR B 10 14.94 -14.77 -15.55
C TYR B 10 13.69 -14.72 -16.42
N GLY B 11 12.54 -14.71 -15.76
CA GLY B 11 11.28 -14.70 -16.47
C GLY B 11 11.01 -16.01 -17.19
N VAL B 12 10.95 -17.10 -16.43
CA VAL B 12 10.82 -18.45 -16.98
C VAL B 12 9.37 -18.90 -16.82
N PRO B 13 8.80 -19.67 -17.76
CA PRO B 13 7.38 -20.09 -17.59
C PRO B 13 7.19 -21.33 -16.72
N VAL B 14 7.17 -21.12 -15.40
CA VAL B 14 6.88 -22.18 -14.44
C VAL B 14 5.93 -21.61 -13.39
N TRP B 15 5.16 -22.50 -12.78
CA TRP B 15 4.17 -22.08 -11.79
C TRP B 15 3.97 -23.17 -10.76
N LYS B 16 3.44 -22.74 -9.61
CA LYS B 16 2.99 -23.66 -8.56
C LYS B 16 1.59 -23.24 -8.12
N ASP B 17 1.10 -23.82 -7.04
CA ASP B 17 -0.27 -23.57 -6.57
C ASP B 17 -0.23 -23.04 -5.14
N ALA B 18 -1.09 -22.07 -4.88
CA ALA B 18 -1.19 -21.44 -3.57
C ALA B 18 -2.58 -20.85 -3.43
N GLU B 19 -2.77 -19.99 -2.43
CA GLU B 19 -4.06 -19.35 -2.17
C GLU B 19 -3.86 -17.85 -2.00
N THR B 20 -4.78 -17.08 -2.57
CA THR B 20 -4.76 -15.62 -2.48
C THR B 20 -6.20 -15.12 -2.50
N THR B 21 -6.36 -13.81 -2.36
CA THR B 21 -7.67 -13.19 -2.33
C THR B 21 -8.07 -12.72 -3.72
N LEU B 22 -9.31 -12.99 -4.09
CA LEU B 22 -9.87 -12.56 -5.37
C LEU B 22 -10.58 -11.23 -5.18
N PHE B 23 -11.14 -10.69 -6.27
CA PHE B 23 -11.99 -9.51 -6.15
C PHE B 23 -13.10 -9.57 -7.18
N CYS B 24 -14.15 -8.80 -6.92
CA CYS B 24 -15.36 -8.84 -7.72
C CYS B 24 -15.35 -7.80 -8.82
N ALA B 25 -16.19 -8.03 -9.82
CA ALA B 25 -16.36 -7.10 -10.93
C ALA B 25 -17.72 -7.36 -11.55
N SER B 26 -18.38 -6.28 -11.98
CA SER B 26 -19.72 -6.35 -12.53
C SER B 26 -19.78 -5.54 -13.81
N ASP B 27 -20.74 -5.90 -14.67
CA ASP B 27 -20.89 -5.22 -15.94
C ASP B 27 -21.34 -3.77 -15.71
N ALA B 28 -20.96 -2.91 -16.65
CA ALA B 28 -21.37 -1.51 -16.58
C ALA B 28 -22.88 -1.35 -16.67
N LYS B 29 -23.57 -2.30 -17.31
CA LYS B 29 -25.02 -2.23 -17.41
C LYS B 29 -25.67 -2.18 -16.03
N ALA B 30 -25.11 -2.92 -15.08
CA ALA B 30 -25.62 -2.86 -13.71
C ALA B 30 -25.45 -1.46 -13.13
N TYR B 31 -24.31 -0.82 -13.42
CA TYR B 31 -24.10 0.54 -12.94
C TYR B 31 -25.10 1.52 -13.52
N GLU B 32 -25.67 1.22 -14.69
CA GLU B 32 -26.67 2.09 -15.29
C GLU B 32 -27.96 2.02 -14.49
N THR B 33 -28.15 2.99 -13.60
CA THR B 33 -29.30 3.05 -12.69
C THR B 33 -29.32 1.73 -11.90
N GLU B 34 -30.52 1.26 -11.53
CA GLU B 34 -30.66 0.02 -10.75
C GLU B 34 -29.95 0.14 -9.41
N LYS B 35 -29.97 1.34 -8.83
CA LYS B 35 -29.27 1.58 -7.58
C LYS B 35 -29.90 0.84 -6.41
N HIS B 36 -31.15 0.40 -6.55
CA HIS B 36 -31.88 -0.24 -5.45
C HIS B 36 -31.79 -1.75 -5.64
N ASN B 37 -30.98 -2.40 -4.81
CA ASN B 37 -30.83 -3.84 -4.85
C ASN B 37 -29.96 -4.27 -3.70
N VAL B 38 -30.24 -5.47 -3.17
CA VAL B 38 -29.47 -5.98 -2.04
C VAL B 38 -28.02 -6.17 -2.44
N TRP B 39 -27.79 -6.80 -3.59
CA TRP B 39 -26.45 -7.05 -4.09
C TRP B 39 -26.06 -5.93 -5.06
N ALA B 40 -24.94 -6.12 -5.77
CA ALA B 40 -24.51 -5.19 -6.82
C ALA B 40 -24.14 -3.84 -6.22
N THR B 41 -23.40 -3.86 -5.12
CA THR B 41 -22.87 -2.63 -4.57
C THR B 41 -21.87 -2.01 -5.54
N HIS B 42 -21.55 -0.75 -5.31
CA HIS B 42 -20.62 -0.03 -6.16
C HIS B 42 -19.17 -0.45 -5.96
N ALA B 43 -18.89 -1.34 -5.00
CA ALA B 43 -17.52 -1.76 -4.76
C ALA B 43 -16.92 -2.44 -5.99
N CYS B 44 -17.71 -3.28 -6.67
CA CYS B 44 -17.20 -3.99 -7.83
C CYS B 44 -16.84 -3.01 -8.94
N VAL B 45 -15.67 -3.20 -9.53
CA VAL B 45 -15.17 -2.36 -10.61
C VAL B 45 -15.96 -2.70 -11.87
N PRO B 46 -16.23 -1.75 -12.77
CA PRO B 46 -16.82 -2.13 -14.06
C PRO B 46 -15.89 -3.07 -14.83
N THR B 47 -16.50 -4.03 -15.51
CA THR B 47 -15.75 -5.06 -16.23
C THR B 47 -15.32 -4.49 -17.59
N ASP B 48 -14.72 -5.35 -18.40
CA ASP B 48 -14.27 -5.01 -19.74
C ASP B 48 -14.78 -6.07 -20.72
N PRO B 49 -14.91 -5.74 -21.99
CA PRO B 49 -15.44 -6.69 -22.96
C PRO B 49 -14.35 -7.61 -23.51
N ASN B 50 -14.77 -8.52 -24.38
CA ASN B 50 -13.94 -9.50 -25.10
C ASN B 50 -12.82 -10.06 -24.24
N PRO B 51 -13.12 -10.81 -23.19
CA PRO B 51 -12.06 -11.51 -22.46
C PRO B 51 -11.35 -12.48 -23.38
N GLN B 52 -10.03 -12.58 -23.21
CA GLN B 52 -9.18 -13.37 -24.10
C GLN B 52 -8.93 -14.74 -23.48
N GLU B 53 -9.01 -15.77 -24.32
CA GLU B 53 -8.77 -17.15 -23.92
C GLU B 53 -7.58 -17.68 -24.72
N ILE B 54 -6.53 -18.09 -24.01
CA ILE B 54 -5.33 -18.62 -24.63
C ILE B 54 -5.33 -20.12 -24.46
N HIS B 55 -5.30 -20.84 -25.58
CA HIS B 55 -5.30 -22.29 -25.53
C HIS B 55 -3.88 -22.80 -25.29
N LEU B 56 -3.77 -23.90 -24.55
CA LEU B 56 -2.49 -24.51 -24.23
C LEU B 56 -2.43 -25.90 -24.81
N GLU B 57 -1.21 -26.39 -25.04
CA GLU B 57 -1.02 -27.69 -25.67
C GLU B 57 0.11 -28.44 -24.97
N ASN B 58 0.02 -29.77 -25.03
CA ASN B 58 1.04 -30.64 -24.48
C ASN B 58 1.15 -30.47 -22.97
N VAL B 59 0.01 -30.27 -22.31
CA VAL B 59 -0.05 -30.10 -20.86
C VAL B 59 -1.13 -31.02 -20.31
N THR B 60 -0.89 -31.57 -19.13
CA THR B 60 -1.88 -32.33 -18.39
C THR B 60 -1.78 -31.96 -16.93
N GLU B 61 -2.93 -31.72 -16.30
CA GLU B 61 -2.98 -31.21 -14.94
C GLU B 61 -3.87 -32.12 -14.10
N GLU B 62 -3.83 -31.93 -12.79
CA GLU B 62 -4.63 -32.70 -11.84
C GLU B 62 -5.57 -31.77 -11.08
N PHE B 63 -6.83 -32.16 -10.98
CA PHE B 63 -7.86 -31.36 -10.34
C PHE B 63 -8.53 -32.15 -9.23
N ASN B 64 -8.97 -31.43 -8.20
CA ASN B 64 -9.68 -32.04 -7.08
C ASN B 64 -10.66 -31.01 -6.56
N MET B 65 -11.91 -31.10 -7.00
CA MET B 65 -12.90 -30.09 -6.64
C MET B 65 -13.32 -30.19 -5.18
N TRP B 66 -13.23 -31.39 -4.59
CA TRP B 66 -13.70 -31.57 -3.22
C TRP B 66 -12.86 -30.76 -2.25
N LYS B 67 -11.54 -30.84 -2.37
CA LYS B 67 -10.62 -30.07 -1.52
C LYS B 67 -10.18 -28.81 -2.28
N ASN B 68 -11.09 -27.84 -2.32
CA ASN B 68 -10.93 -26.66 -3.14
C ASN B 68 -11.25 -25.41 -2.34
N ASN B 69 -10.54 -24.34 -2.64
CA ASN B 69 -10.80 -23.03 -2.05
C ASN B 69 -11.77 -22.26 -2.95
N MET B 70 -11.88 -20.95 -2.73
CA MET B 70 -12.82 -20.09 -3.45
C MET B 70 -14.27 -20.56 -3.31
N VAL B 71 -14.59 -21.23 -2.21
CA VAL B 71 -15.96 -21.58 -1.87
C VAL B 71 -16.37 -20.95 -0.56
N GLU B 72 -15.72 -21.34 0.54
CA GLU B 72 -15.96 -20.68 1.82
C GLU B 72 -15.70 -19.18 1.73
N GLN B 73 -14.77 -18.77 0.87
CA GLN B 73 -14.47 -17.35 0.75
C GLN B 73 -15.68 -16.58 0.24
N MET B 74 -16.26 -17.03 -0.86
CA MET B 74 -17.43 -16.31 -1.39
C MET B 74 -18.64 -16.53 -0.50
N HIS B 75 -18.67 -17.64 0.25
CA HIS B 75 -19.74 -17.83 1.23
C HIS B 75 -19.70 -16.74 2.28
N THR B 76 -18.52 -16.53 2.88
CA THR B 76 -18.37 -15.46 3.86
C THR B 76 -18.66 -14.10 3.24
N ASP B 77 -18.22 -13.89 2.00
CA ASP B 77 -18.48 -12.62 1.34
C ASP B 77 -19.98 -12.37 1.21
N ILE B 78 -20.73 -13.39 0.79
CA ILE B 78 -22.18 -13.22 0.62
C ILE B 78 -22.82 -12.91 1.96
N ILE B 79 -22.44 -13.64 3.01
CA ILE B 79 -23.04 -13.38 4.32
C ILE B 79 -22.76 -11.95 4.77
N SER B 80 -21.52 -11.50 4.60
CA SER B 80 -21.17 -10.15 5.02
C SER B 80 -21.94 -9.11 4.22
N LEU B 81 -22.08 -9.32 2.91
CA LEU B 81 -22.82 -8.37 2.10
C LEU B 81 -24.28 -8.28 2.54
N TRP B 82 -24.90 -9.43 2.79
CA TRP B 82 -26.27 -9.43 3.28
C TRP B 82 -26.38 -8.66 4.59
N ASP B 83 -25.50 -8.96 5.54
CA ASP B 83 -25.58 -8.31 6.83
C ASP B 83 -25.40 -6.80 6.70
N GLN B 84 -24.43 -6.36 5.90
CA GLN B 84 -24.22 -4.94 5.73
C GLN B 84 -25.43 -4.27 5.11
N SER B 85 -26.02 -4.90 4.09
CA SER B 85 -27.17 -4.28 3.45
C SER B 85 -28.34 -4.17 4.40
N LEU B 86 -28.53 -5.15 5.27
CA LEU B 86 -29.68 -5.15 6.17
C LEU B 86 -29.59 -4.07 7.25
N LYS B 87 -28.43 -3.43 7.43
CA LYS B 87 -28.21 -2.60 8.61
C LYS B 87 -29.16 -1.42 8.71
N PRO B 88 -29.19 -0.48 7.75
CA PRO B 88 -30.01 0.73 7.96
C PRO B 88 -31.50 0.54 7.71
N CYS B 89 -32.19 0.04 8.73
CA CYS B 89 -33.63 -0.19 8.64
C CYS B 89 -34.24 0.00 10.02
N VAL B 90 -35.54 0.27 10.04
CA VAL B 90 -36.23 0.59 11.28
C VAL B 90 -36.30 -0.64 12.17
N LYS B 91 -35.94 -0.47 13.44
CA LYS B 91 -36.08 -1.55 14.40
C LYS B 91 -37.55 -1.78 14.70
N LEU B 92 -37.83 -2.95 15.27
CA LEU B 92 -39.19 -3.43 15.44
C LEU B 92 -39.36 -4.03 16.83
N THR B 93 -39.03 -3.25 17.86
CA THR B 93 -39.06 -3.75 19.23
C THR B 93 -40.44 -3.76 19.90
N PRO B 94 -41.25 -2.68 19.85
CA PRO B 94 -42.33 -2.55 20.83
C PRO B 94 -43.44 -3.59 20.70
N LEU B 95 -43.52 -4.33 19.60
CA LEU B 95 -44.74 -5.10 19.37
C LEU B 95 -44.92 -6.24 20.36
N CYS B 96 -43.89 -6.62 21.12
CA CYS B 96 -43.95 -7.81 21.96
C CYS B 96 -44.93 -7.53 23.09
N VAL B 97 -46.18 -7.96 22.89
CA VAL B 97 -47.27 -7.65 23.79
C VAL B 97 -48.38 -8.68 23.59
N THR B 98 -49.28 -8.75 24.56
CA THR B 98 -50.40 -9.66 24.47
C THR B 98 -51.32 -9.28 23.31
N LEU B 99 -52.00 -10.28 22.75
CA LEU B 99 -52.88 -10.11 21.61
C LEU B 99 -54.28 -10.59 21.96
N GLN B 100 -55.27 -10.04 21.24
CA GLN B 100 -56.65 -10.53 21.31
C GLN B 100 -57.03 -10.98 19.92
N CYS B 101 -57.13 -12.29 19.72
CA CYS B 101 -57.23 -12.85 18.38
C CYS B 101 -58.33 -13.90 18.32
N THR B 102 -58.96 -14.01 17.15
CA THR B 102 -60.03 -14.96 16.92
C THR B 102 -59.94 -15.52 15.50
N ASN B 103 -60.90 -16.37 15.15
CA ASN B 103 -60.94 -17.02 13.85
C ASN B 103 -61.47 -16.07 12.79
N VAL B 104 -61.55 -16.57 11.56
CA VAL B 104 -62.09 -15.85 10.42
C VAL B 104 -63.06 -16.77 9.70
N THR B 105 -64.20 -16.20 9.28
CA THR B 105 -65.21 -16.95 8.51
C THR B 105 -65.80 -16.01 7.47
N ASN B 106 -65.26 -16.09 6.25
CA ASN B 106 -65.70 -15.25 5.13
C ASN B 106 -65.74 -16.08 3.85
N ASN B 107 -66.42 -17.22 3.92
CA ASN B 107 -66.50 -18.18 2.80
C ASN B 107 -65.16 -18.85 2.55
N ILE B 108 -64.31 -18.94 3.58
CA ILE B 108 -63.06 -19.67 3.42
C ILE B 108 -63.38 -21.12 3.12
N THR B 109 -62.67 -21.68 2.15
CA THR B 109 -62.86 -23.08 1.81
C THR B 109 -62.48 -23.96 3.00
N ASP B 110 -63.05 -25.16 3.02
CA ASP B 110 -62.90 -26.05 4.18
C ASP B 110 -61.47 -26.56 4.35
N ASP B 111 -60.60 -26.38 3.36
CA ASP B 111 -59.22 -26.84 3.46
C ASP B 111 -58.29 -25.82 4.10
N MET B 112 -58.79 -24.66 4.52
CA MET B 112 -58.02 -23.67 5.27
C MET B 112 -58.72 -23.31 6.57
N ARG B 113 -59.34 -24.27 7.22
CA ARG B 113 -60.03 -24.01 8.47
C ARG B 113 -59.00 -23.60 9.53
N GLY B 114 -59.08 -22.35 9.97
CA GLY B 114 -58.18 -21.88 11.01
C GLY B 114 -56.78 -21.53 10.55
N GLU B 115 -56.57 -21.27 9.26
CA GLU B 115 -55.26 -20.90 8.76
C GLU B 115 -55.05 -19.40 8.69
N LEU B 116 -56.05 -18.60 9.04
CA LEU B 116 -55.92 -17.16 9.15
C LEU B 116 -56.59 -16.71 10.43
N LYS B 117 -55.93 -15.81 11.15
CA LYS B 117 -56.40 -15.35 12.45
C LYS B 117 -56.49 -13.84 12.44
N ASN B 118 -57.57 -13.32 13.01
CA ASN B 118 -57.85 -11.89 13.06
C ASN B 118 -57.49 -11.38 14.45
N CYS B 119 -56.43 -10.58 14.56
CA CYS B 119 -55.90 -10.13 15.83
C CYS B 119 -56.05 -8.62 16.00
N SER B 120 -56.11 -8.19 17.25
CA SER B 120 -56.15 -6.78 17.59
C SER B 120 -55.39 -6.55 18.90
N PHE B 121 -54.87 -5.35 19.07
CA PHE B 121 -53.99 -5.06 20.20
C PHE B 121 -53.71 -3.57 20.29
N ASN B 122 -53.11 -3.18 21.41
CA ASN B 122 -52.78 -1.79 21.71
C ASN B 122 -51.37 -1.46 21.23
N MET B 123 -51.12 -0.16 21.04
CA MET B 123 -49.86 0.28 20.47
C MET B 123 -49.67 1.76 20.77
N THR B 124 -48.43 2.12 21.13
CA THR B 124 -48.09 3.50 21.45
C THR B 124 -48.04 4.35 20.19
N THR B 125 -48.40 5.63 20.32
CA THR B 125 -48.37 6.58 19.23
C THR B 125 -47.06 7.37 19.30
N GLU B 126 -46.96 8.43 18.49
CA GLU B 126 -45.74 9.24 18.48
C GLU B 126 -45.54 9.97 19.80
N LEU B 127 -46.59 10.61 20.31
CA LEU B 127 -46.53 11.25 21.62
C LEU B 127 -46.62 10.18 22.69
N ARG B 128 -45.62 10.14 23.57
CA ARG B 128 -45.48 9.02 24.49
C ARG B 128 -46.64 8.92 25.49
N ASP B 129 -47.43 9.98 25.63
CA ASP B 129 -48.51 9.94 26.62
C ASP B 129 -49.70 9.11 26.15
N LYS B 130 -50.04 9.15 24.88
CA LYS B 130 -51.25 8.53 24.37
C LYS B 130 -50.97 7.17 23.73
N LYS B 131 -52.04 6.45 23.42
CA LYS B 131 -51.97 5.12 22.83
C LYS B 131 -53.14 4.94 21.88
N GLN B 132 -53.20 3.76 21.25
CA GLN B 132 -54.24 3.47 20.27
C GLN B 132 -54.41 1.96 20.17
N LYS B 133 -55.45 1.55 19.45
CA LYS B 133 -55.73 0.15 19.18
C LYS B 133 -55.80 -0.08 17.68
N VAL B 134 -55.21 -1.18 17.22
CA VAL B 134 -55.18 -1.52 15.81
C VAL B 134 -55.33 -3.03 15.65
N TYR B 135 -55.70 -3.43 14.44
CA TYR B 135 -55.96 -4.83 14.12
C TYR B 135 -55.21 -5.22 12.86
N SER B 136 -55.15 -6.53 12.63
CA SER B 136 -54.38 -7.09 11.52
C SER B 136 -54.73 -8.58 11.40
N LEU B 137 -54.19 -9.22 10.36
CA LEU B 137 -54.37 -10.64 10.12
C LEU B 137 -53.02 -11.35 10.17
N PHE B 138 -53.06 -12.63 10.53
CA PHE B 138 -51.84 -13.40 10.69
C PHE B 138 -52.08 -14.86 10.31
N TYR B 139 -50.99 -15.56 10.04
CA TYR B 139 -51.03 -16.98 9.74
C TYR B 139 -50.77 -17.79 11.00
N ARG B 140 -51.22 -19.04 10.98
CA ARG B 140 -51.12 -19.88 12.17
C ARG B 140 -49.69 -20.12 12.60
N LEU B 141 -48.72 -20.02 11.69
CA LEU B 141 -47.34 -20.40 11.98
C LEU B 141 -46.54 -19.25 12.58
N ASP B 142 -47.19 -18.26 13.20
CA ASP B 142 -46.48 -17.16 13.82
C ASP B 142 -47.12 -16.73 15.14
N VAL B 143 -47.95 -17.57 15.75
CA VAL B 143 -48.57 -17.26 17.03
C VAL B 143 -48.59 -18.54 17.87
N VAL B 144 -48.26 -18.40 19.15
CA VAL B 144 -48.25 -19.52 20.08
C VAL B 144 -49.11 -19.15 21.27
N GLN B 145 -49.95 -20.09 21.70
CA GLN B 145 -50.80 -19.88 22.86
C GLN B 145 -49.99 -19.94 24.14
N ILE B 146 -50.54 -19.32 25.19
CA ILE B 146 -49.97 -19.39 26.53
C ILE B 146 -51.10 -19.65 27.51
N ASN B 147 -50.90 -20.61 28.40
CA ASN B 147 -51.89 -20.96 29.41
C ASN B 147 -51.37 -20.65 30.80
N SER B 157 -62.88 -20.49 27.87
CA SER B 157 -62.16 -19.44 28.59
C SER B 157 -61.53 -18.46 27.60
N ASN B 158 -60.77 -17.50 28.14
CA ASN B 158 -60.14 -16.49 27.30
C ASN B 158 -59.04 -17.10 26.44
N LYS B 159 -58.76 -16.44 25.32
CA LYS B 159 -57.77 -16.89 24.35
C LYS B 159 -56.77 -15.78 24.13
N GLU B 160 -55.48 -16.11 24.23
CA GLU B 160 -54.41 -15.16 24.03
C GLU B 160 -53.26 -15.84 23.30
N TYR B 161 -52.43 -15.04 22.65
CA TYR B 161 -51.32 -15.55 21.87
C TYR B 161 -50.16 -14.57 21.96
N ARG B 162 -48.97 -15.08 21.69
CA ARG B 162 -47.78 -14.25 21.59
C ARG B 162 -46.98 -14.68 20.37
N LEU B 163 -46.10 -13.80 19.92
CA LEU B 163 -45.25 -14.11 18.80
C LEU B 163 -44.21 -15.14 19.21
N ILE B 164 -43.68 -15.85 18.20
CA ILE B 164 -42.75 -16.93 18.48
C ILE B 164 -41.42 -16.38 18.98
N ASN B 165 -40.92 -15.34 18.35
CA ASN B 165 -39.57 -14.85 18.61
C ASN B 165 -39.47 -13.93 19.81
N CYS B 166 -40.58 -13.62 20.48
CA CYS B 166 -40.53 -12.63 21.55
C CYS B 166 -39.62 -13.06 22.69
N ASN B 167 -39.57 -14.34 22.99
CA ASN B 167 -38.78 -14.84 24.11
C ASN B 167 -37.34 -15.15 23.73
N THR B 168 -36.95 -14.96 22.46
CA THR B 168 -35.59 -15.23 22.01
C THR B 168 -34.86 -13.95 21.61
N SER B 169 -35.38 -13.21 20.63
CA SER B 169 -34.75 -11.99 20.17
C SER B 169 -35.75 -11.18 19.38
N ALA B 170 -35.44 -9.90 19.20
CA ALA B 170 -36.21 -8.99 18.37
C ALA B 170 -35.36 -8.57 17.18
N CYS B 171 -35.98 -8.58 16.00
CA CYS B 171 -35.26 -8.38 14.75
C CYS B 171 -35.88 -7.25 13.93
N THR B 172 -35.19 -6.92 12.84
CA THR B 172 -35.36 -5.65 12.15
C THR B 172 -36.36 -5.78 11.01
N GLN B 173 -37.24 -4.78 10.90
CA GLN B 173 -38.12 -4.68 9.74
C GLN B 173 -37.29 -4.59 8.46
N ALA B 174 -37.67 -5.37 7.47
CA ALA B 174 -37.01 -5.29 6.17
C ALA B 174 -37.38 -3.98 5.48
N CYS B 175 -36.39 -3.29 4.94
CA CYS B 175 -36.65 -2.02 4.30
C CYS B 175 -37.48 -2.23 3.04
N PRO B 176 -38.44 -1.35 2.75
CA PRO B 176 -39.39 -1.63 1.66
C PRO B 176 -38.76 -1.57 0.27
N LYS B 177 -38.02 -0.51 -0.02
CA LYS B 177 -37.54 -0.24 -1.38
C LYS B 177 -36.19 -0.92 -1.57
N VAL B 178 -36.24 -2.24 -1.76
CA VAL B 178 -35.06 -3.03 -2.09
C VAL B 178 -35.51 -4.18 -2.99
N SER B 179 -34.59 -4.63 -3.84
CA SER B 179 -34.85 -5.68 -4.81
C SER B 179 -34.02 -6.91 -4.48
N PHE B 180 -34.65 -8.08 -4.53
CA PHE B 180 -33.99 -9.34 -4.25
C PHE B 180 -33.61 -10.09 -5.52
N GLU B 181 -33.75 -9.47 -6.68
CA GLU B 181 -33.45 -10.15 -7.93
C GLU B 181 -31.94 -10.32 -8.07
N PRO B 182 -31.40 -11.52 -8.19
CA PRO B 182 -29.96 -11.65 -8.39
C PRO B 182 -29.55 -11.23 -9.79
N ILE B 183 -28.27 -10.91 -9.94
CA ILE B 183 -27.71 -10.54 -11.24
C ILE B 183 -26.33 -11.18 -11.38
N PRO B 184 -25.84 -11.28 -12.61
CA PRO B 184 -24.52 -11.91 -12.82
C PRO B 184 -23.41 -11.15 -12.10
N ILE B 185 -22.39 -11.90 -11.69
CA ILE B 185 -21.20 -11.35 -11.06
C ILE B 185 -19.98 -12.03 -11.68
N HIS B 186 -18.83 -11.36 -11.59
CA HIS B 186 -17.59 -11.87 -12.14
C HIS B 186 -16.49 -11.78 -11.10
N TYR B 187 -15.59 -12.75 -11.14
CA TYR B 187 -14.44 -12.84 -10.25
C TYR B 187 -13.16 -12.65 -11.06
N CYS B 188 -12.22 -11.89 -10.50
CA CYS B 188 -10.94 -11.69 -11.15
C CYS B 188 -9.84 -11.68 -10.10
N ALA B 189 -8.64 -12.02 -10.54
CA ALA B 189 -7.47 -12.20 -9.68
C ALA B 189 -6.46 -11.08 -9.90
N PRO B 190 -5.64 -10.78 -8.90
CA PRO B 190 -4.67 -9.68 -9.04
C PRO B 190 -3.45 -10.15 -9.84
N ALA B 191 -2.48 -9.26 -9.96
CA ALA B 191 -1.26 -9.57 -10.68
C ALA B 191 -0.47 -10.64 -9.96
N GLY B 192 0.31 -11.40 -10.73
CA GLY B 192 1.12 -12.46 -10.19
C GLY B 192 0.39 -13.77 -9.97
N PHE B 193 -0.82 -13.90 -10.49
CA PHE B 193 -1.58 -15.14 -10.39
C PHE B 193 -2.32 -15.38 -11.69
N ALA B 194 -2.69 -16.64 -11.92
CA ALA B 194 -3.38 -17.02 -13.14
C ALA B 194 -4.51 -17.98 -12.81
N ILE B 195 -5.51 -18.01 -13.68
CA ILE B 195 -6.70 -18.85 -13.51
C ILE B 195 -6.76 -19.82 -14.68
N LEU B 196 -6.85 -21.11 -14.36
CA LEU B 196 -6.88 -22.18 -15.33
C LEU B 196 -8.23 -22.87 -15.32
N LYS B 197 -8.65 -23.32 -16.50
CA LYS B 197 -9.92 -23.99 -16.70
C LYS B 197 -9.68 -25.27 -17.51
N CYS B 198 -10.40 -26.33 -17.15
CA CYS B 198 -10.33 -27.60 -17.83
C CYS B 198 -11.50 -27.71 -18.79
N LYS B 199 -11.21 -27.89 -20.07
CA LYS B 199 -12.21 -27.79 -21.12
C LYS B 199 -12.79 -29.13 -21.54
N ASP B 200 -12.36 -30.24 -20.94
CA ASP B 200 -12.90 -31.53 -21.33
C ASP B 200 -14.39 -31.61 -21.00
N LYS B 201 -15.16 -32.23 -21.89
CA LYS B 201 -16.61 -32.26 -21.76
C LYS B 201 -17.14 -33.48 -21.02
N LYS B 202 -16.26 -34.33 -20.47
CA LYS B 202 -16.69 -35.45 -19.64
C LYS B 202 -15.84 -35.60 -18.40
N PHE B 203 -15.02 -34.61 -18.05
CA PHE B 203 -14.26 -34.66 -16.81
C PHE B 203 -15.20 -34.72 -15.62
N ASN B 204 -15.04 -35.74 -14.79
CA ASN B 204 -16.00 -36.05 -13.75
C ASN B 204 -15.64 -35.45 -12.39
N GLY B 205 -14.84 -34.39 -12.38
CA GLY B 205 -14.66 -33.57 -11.19
C GLY B 205 -13.37 -33.81 -10.43
N THR B 206 -12.71 -34.95 -10.63
CA THR B 206 -11.46 -35.21 -9.92
C THR B 206 -10.60 -36.16 -10.73
N GLY B 207 -9.31 -35.83 -10.82
CA GLY B 207 -8.36 -36.64 -11.55
C GLY B 207 -7.57 -35.83 -12.55
N PRO B 208 -6.99 -36.50 -13.55
CA PRO B 208 -6.23 -35.78 -14.57
C PRO B 208 -7.11 -35.21 -15.67
N CYS B 209 -6.72 -34.04 -16.16
CA CYS B 209 -7.39 -33.35 -17.25
C CYS B 209 -6.34 -33.02 -18.30
N PRO B 210 -6.49 -33.47 -19.56
CA PRO B 210 -5.46 -33.18 -20.57
C PRO B 210 -5.65 -31.87 -21.32
N SER B 211 -6.90 -31.42 -21.44
CA SER B 211 -7.22 -30.22 -22.21
C SER B 211 -7.40 -29.06 -21.23
N VAL B 212 -6.53 -28.06 -21.35
CA VAL B 212 -6.49 -26.95 -20.40
C VAL B 212 -6.46 -25.63 -21.16
N SER B 213 -6.88 -24.57 -20.49
CA SER B 213 -6.76 -23.22 -21.04
C SER B 213 -6.67 -22.25 -19.87
N THR B 214 -6.27 -21.02 -20.18
CA THR B 214 -6.10 -19.98 -19.18
C THR B 214 -7.04 -18.82 -19.50
N VAL B 215 -7.51 -18.16 -18.44
CA VAL B 215 -8.39 -17.00 -18.56
C VAL B 215 -7.99 -15.99 -17.49
N GLN B 216 -8.72 -14.87 -17.46
CA GLN B 216 -8.49 -13.82 -16.49
C GLN B 216 -9.70 -13.54 -15.59
N CYS B 217 -10.91 -13.79 -16.07
CA CYS B 217 -12.11 -13.57 -15.26
C CYS B 217 -13.16 -14.61 -15.65
N THR B 218 -13.80 -15.18 -14.64
CA THR B 218 -14.82 -16.20 -14.88
C THR B 218 -16.03 -15.59 -15.58
N HIS B 219 -16.96 -16.46 -15.95
CA HIS B 219 -18.21 -16.02 -16.56
C HIS B 219 -19.22 -15.65 -15.48
N GLY B 220 -20.37 -15.12 -15.92
CA GLY B 220 -21.36 -14.63 -14.98
C GLY B 220 -21.89 -15.73 -14.08
N ILE B 221 -22.02 -15.42 -12.79
CA ILE B 221 -22.53 -16.35 -11.78
C ILE B 221 -23.71 -15.68 -11.09
N LYS B 222 -24.82 -16.40 -10.98
CA LYS B 222 -26.03 -15.88 -10.36
C LYS B 222 -26.25 -16.58 -9.02
N PRO B 223 -26.15 -15.90 -7.87
CA PRO B 223 -26.42 -16.58 -6.61
C PRO B 223 -27.90 -16.94 -6.48
N VAL B 224 -28.15 -18.14 -5.97
CA VAL B 224 -29.50 -18.65 -5.79
C VAL B 224 -29.55 -19.40 -4.46
N VAL B 225 -30.74 -19.46 -3.86
CA VAL B 225 -30.95 -20.15 -2.60
C VAL B 225 -32.12 -21.11 -2.77
N SER B 226 -31.94 -22.35 -2.34
CA SER B 226 -32.98 -23.37 -2.42
C SER B 226 -32.49 -24.62 -1.70
N THR B 227 -33.36 -25.63 -1.64
CA THR B 227 -33.04 -26.88 -1.00
C THR B 227 -33.82 -28.00 -1.67
N GLN B 228 -33.17 -29.15 -1.84
CA GLN B 228 -33.70 -30.34 -2.51
C GLN B 228 -33.83 -30.18 -4.01
N LEU B 229 -33.55 -29.00 -4.56
CA LEU B 229 -33.64 -28.78 -5.99
C LEU B 229 -32.71 -27.62 -6.35
N LEU B 230 -32.40 -27.51 -7.64
CA LEU B 230 -31.60 -26.42 -8.16
C LEU B 230 -32.40 -25.69 -9.22
N LEU B 231 -32.29 -24.35 -9.22
CA LEU B 231 -33.04 -23.52 -10.13
C LEU B 231 -32.09 -22.63 -10.93
N ASN B 232 -32.35 -22.53 -12.23
CA ASN B 232 -31.62 -21.63 -13.12
C ASN B 232 -30.12 -21.93 -13.11
N GLY B 233 -29.78 -23.22 -13.09
CA GLY B 233 -28.40 -23.64 -13.15
C GLY B 233 -27.92 -23.87 -14.57
N SER B 234 -26.69 -24.35 -14.68
CA SER B 234 -26.10 -24.68 -15.97
C SER B 234 -26.59 -26.05 -16.44
N LEU B 235 -26.31 -26.36 -17.71
CA LEU B 235 -26.74 -27.59 -18.34
C LEU B 235 -25.54 -28.34 -18.89
N ALA B 236 -25.55 -29.65 -18.72
CA ALA B 236 -24.49 -30.50 -19.27
C ALA B 236 -24.82 -30.87 -20.71
N GLU B 237 -23.78 -30.95 -21.53
CA GLU B 237 -23.96 -31.16 -22.97
C GLU B 237 -23.92 -32.63 -23.35
N GLU B 238 -22.99 -33.39 -22.79
CA GLU B 238 -22.89 -34.81 -23.13
C GLU B 238 -24.15 -35.57 -22.72
N GLU B 239 -24.41 -35.66 -21.43
CA GLU B 239 -25.49 -36.49 -20.90
C GLU B 239 -25.63 -36.19 -19.41
N VAL B 240 -26.65 -36.76 -18.78
CA VAL B 240 -26.87 -36.53 -17.36
C VAL B 240 -25.72 -37.15 -16.60
N MET B 241 -25.14 -36.37 -15.68
CA MET B 241 -23.90 -36.74 -15.02
C MET B 241 -24.10 -36.82 -13.52
N ILE B 242 -23.30 -37.67 -12.89
CA ILE B 242 -23.37 -37.90 -11.45
C ILE B 242 -21.99 -37.66 -10.87
N ARG B 243 -21.94 -36.95 -9.74
CA ARG B 243 -20.70 -36.65 -9.06
C ARG B 243 -20.84 -36.94 -7.57
N SER B 244 -19.74 -37.36 -6.97
CA SER B 244 -19.76 -37.76 -5.57
C SER B 244 -18.34 -37.85 -5.05
N GLU B 245 -18.22 -37.78 -3.72
CA GLU B 245 -16.92 -37.96 -3.08
C GLU B 245 -16.53 -39.43 -3.06
N ASN B 246 -17.36 -40.27 -2.47
CA ASN B 246 -17.08 -41.70 -2.31
C ASN B 246 -18.42 -42.43 -2.38
N ILE B 247 -18.78 -42.87 -3.59
CA ILE B 247 -20.12 -43.42 -3.81
C ILE B 247 -20.34 -44.66 -2.97
N THR B 248 -19.29 -45.43 -2.69
CA THR B 248 -19.46 -46.62 -1.87
C THR B 248 -19.90 -46.25 -0.45
N ASN B 249 -19.35 -45.18 0.11
CA ASN B 249 -19.79 -44.73 1.43
C ASN B 249 -21.23 -44.22 1.36
N ASN B 250 -22.00 -44.53 2.40
CA ASN B 250 -23.40 -44.15 2.47
C ASN B 250 -23.64 -42.83 3.18
N ALA B 251 -22.58 -42.14 3.61
CA ALA B 251 -22.70 -40.96 4.45
C ALA B 251 -22.40 -39.66 3.70
N LYS B 252 -22.33 -39.69 2.38
CA LYS B 252 -21.97 -38.53 1.57
C LYS B 252 -23.04 -38.26 0.53
N ASN B 253 -23.20 -36.98 0.20
CA ASN B 253 -24.21 -36.58 -0.76
C ASN B 253 -23.76 -36.87 -2.18
N ILE B 254 -24.74 -36.94 -3.08
CA ILE B 254 -24.51 -37.19 -4.49
C ILE B 254 -25.19 -36.09 -5.29
N LEU B 255 -24.46 -35.50 -6.24
CA LEU B 255 -25.00 -34.45 -7.08
C LEU B 255 -25.32 -35.02 -8.45
N VAL B 256 -26.52 -34.72 -8.95
CA VAL B 256 -26.97 -35.18 -10.25
C VAL B 256 -27.30 -33.97 -11.09
N GLN B 257 -26.74 -33.91 -12.31
CA GLN B 257 -26.94 -32.81 -13.23
C GLN B 257 -27.62 -33.32 -14.49
N PHE B 258 -28.72 -32.67 -14.86
CA PHE B 258 -29.50 -33.01 -16.03
C PHE B 258 -28.79 -32.51 -17.29
N ASN B 259 -29.34 -32.94 -18.42
CA ASN B 259 -28.91 -32.48 -19.74
C ASN B 259 -29.78 -31.36 -20.29
N THR B 260 -31.08 -31.41 -20.02
CA THR B 260 -32.04 -30.41 -20.48
C THR B 260 -32.91 -29.96 -19.31
N PRO B 261 -33.42 -28.73 -19.35
CA PRO B 261 -34.18 -28.22 -18.20
C PRO B 261 -35.58 -28.83 -18.16
N VAL B 262 -36.27 -28.56 -17.04
CA VAL B 262 -37.69 -28.88 -16.93
C VAL B 262 -38.42 -27.65 -16.39
N GLN B 263 -39.52 -27.29 -17.04
CA GLN B 263 -40.25 -26.10 -16.65
C GLN B 263 -41.13 -26.37 -15.44
N ILE B 264 -41.25 -25.37 -14.56
CA ILE B 264 -42.15 -25.45 -13.41
C ILE B 264 -42.85 -24.11 -13.26
N ASN B 265 -44.17 -24.14 -13.02
CA ASN B 265 -44.97 -22.93 -12.87
C ASN B 265 -45.58 -22.92 -11.49
N CYS B 266 -45.31 -21.88 -10.70
CA CYS B 266 -45.89 -21.78 -9.37
C CYS B 266 -46.50 -20.40 -9.15
N THR B 267 -47.65 -20.39 -8.48
CA THR B 267 -48.45 -19.18 -8.39
C THR B 267 -49.22 -19.11 -7.09
N ARG B 268 -49.46 -17.88 -6.65
CA ARG B 268 -50.38 -17.54 -5.56
C ARG B 268 -51.50 -16.68 -6.16
N PRO B 269 -52.76 -17.12 -6.14
CA PRO B 269 -53.81 -16.35 -6.81
C PRO B 269 -54.53 -15.34 -5.92
N ASN B 270 -54.33 -15.39 -4.61
CA ASN B 270 -55.10 -14.55 -3.71
C ASN B 270 -54.73 -13.09 -3.88
N ASN B 271 -55.65 -12.22 -3.46
CA ASN B 271 -55.48 -10.78 -3.54
C ASN B 271 -55.09 -10.23 -2.17
N ASN B 272 -54.27 -9.17 -2.18
CA ASN B 272 -53.78 -8.55 -0.96
C ASN B 272 -53.89 -7.04 -1.07
N THR B 273 -53.99 -6.39 0.08
CA THR B 273 -53.95 -4.94 0.22
C THR B 273 -52.76 -4.58 1.10
N ARG B 274 -52.68 -3.31 1.50
CA ARG B 274 -51.59 -2.89 2.37
C ARG B 274 -52.03 -1.70 3.21
N LYS B 275 -51.27 -1.44 4.27
CA LYS B 275 -51.62 -0.39 5.22
C LYS B 275 -50.34 0.09 5.89
N SER B 276 -50.41 1.25 6.52
CA SER B 276 -49.30 1.85 7.22
C SER B 276 -49.74 2.35 8.59
N ILE B 277 -48.88 2.20 9.58
CA ILE B 277 -49.13 2.68 10.94
C ILE B 277 -47.89 3.38 11.45
N ARG B 278 -48.08 4.43 12.24
CA ARG B 278 -46.98 5.15 12.84
C ARG B 278 -46.72 4.64 14.24
N ILE B 279 -45.44 4.48 14.58
CA ILE B 279 -45.05 4.00 15.91
C ILE B 279 -44.50 5.17 16.71
N GLY B 280 -43.48 5.82 16.19
CA GLY B 280 -42.77 6.87 16.89
C GLY B 280 -42.37 7.99 15.96
N PRO B 281 -41.28 8.68 16.26
CA PRO B 281 -40.82 9.74 15.35
C PRO B 281 -40.33 9.19 14.03
N GLY B 282 -41.10 9.40 12.97
CA GLY B 282 -40.71 8.96 11.64
C GLY B 282 -40.52 7.46 11.53
N GLN B 283 -41.34 6.68 12.24
CA GLN B 283 -41.27 5.22 12.22
C GLN B 283 -42.57 4.69 11.68
N ALA B 284 -42.50 4.02 10.53
CA ALA B 284 -43.64 3.41 9.88
C ALA B 284 -43.59 1.89 10.04
N PHE B 285 -44.75 1.27 9.96
CA PHE B 285 -44.86 -0.18 10.10
C PHE B 285 -46.02 -0.65 9.22
N TYR B 286 -45.75 -1.64 8.38
CA TYR B 286 -46.71 -2.11 7.39
C TYR B 286 -47.43 -3.34 7.91
N ALA B 287 -48.76 -3.32 7.83
CA ALA B 287 -49.59 -4.42 8.25
C ALA B 287 -50.56 -4.78 7.14
N THR B 288 -50.79 -6.08 6.96
CA THR B 288 -51.69 -6.54 5.92
C THR B 288 -53.09 -6.01 6.15
N GLY B 289 -53.74 -5.60 5.07
CA GLY B 289 -55.09 -5.08 5.17
C GLY B 289 -56.13 -6.17 5.15
N ASP B 290 -57.15 -6.00 4.31
CA ASP B 290 -58.26 -6.94 4.20
C ASP B 290 -58.20 -7.66 2.86
N ILE B 291 -59.04 -8.68 2.73
CA ILE B 291 -59.18 -9.45 1.50
C ILE B 291 -60.53 -9.14 0.88
N ILE B 292 -60.61 -9.24 -0.44
CA ILE B 292 -61.77 -8.80 -1.19
C ILE B 292 -62.69 -9.95 -1.58
N GLY B 293 -62.12 -11.12 -1.85
CA GLY B 293 -62.89 -12.26 -2.33
C GLY B 293 -62.54 -13.56 -1.65
N ASP B 294 -62.95 -14.68 -2.26
CA ASP B 294 -62.64 -15.99 -1.73
C ASP B 294 -61.13 -16.22 -1.76
N ILE B 295 -60.71 -17.30 -1.10
CA ILE B 295 -59.30 -17.63 -0.91
C ILE B 295 -59.06 -19.04 -1.40
N ARG B 296 -57.99 -19.24 -2.17
CA ARG B 296 -57.57 -20.55 -2.60
C ARG B 296 -56.07 -20.70 -2.39
N GLN B 297 -55.64 -21.94 -2.24
CA GLN B 297 -54.27 -22.25 -1.86
C GLN B 297 -53.31 -22.04 -3.02
N ALA B 298 -52.19 -21.37 -2.76
CA ALA B 298 -51.14 -21.26 -3.76
C ALA B 298 -50.54 -22.63 -4.04
N HIS B 299 -50.04 -22.83 -5.26
CA HIS B 299 -49.58 -24.16 -5.62
C HIS B 299 -48.65 -24.10 -6.83
N CYS B 300 -48.01 -25.24 -7.09
CA CYS B 300 -47.07 -25.40 -8.20
C CYS B 300 -47.53 -26.52 -9.12
N ASN B 301 -47.16 -26.40 -10.39
CA ASN B 301 -47.46 -27.39 -11.43
C ASN B 301 -46.20 -27.74 -12.19
N VAL B 302 -46.13 -29.02 -12.59
CA VAL B 302 -45.13 -29.53 -13.51
C VAL B 302 -45.80 -30.53 -14.46
N SER B 303 -45.06 -30.89 -15.51
CA SER B 303 -45.54 -31.85 -16.49
C SER B 303 -45.40 -33.26 -15.94
N LYS B 304 -45.89 -34.25 -16.69
CA LYS B 304 -45.78 -35.65 -16.31
C LYS B 304 -44.80 -36.42 -17.17
N ALA B 305 -44.98 -36.40 -18.50
CA ALA B 305 -44.16 -37.22 -19.37
C ALA B 305 -42.69 -36.82 -19.28
N THR B 306 -42.43 -35.52 -19.20
CA THR B 306 -41.06 -35.05 -19.06
C THR B 306 -40.43 -35.63 -17.80
N TRP B 307 -41.16 -35.59 -16.69
CA TRP B 307 -40.63 -36.12 -15.44
C TRP B 307 -40.35 -37.61 -15.58
N ASN B 308 -41.28 -38.36 -16.17
CA ASN B 308 -41.10 -39.80 -16.28
C ASN B 308 -39.86 -40.14 -17.09
N GLU B 309 -39.71 -39.51 -18.25
CA GLU B 309 -38.57 -39.84 -19.10
C GLU B 309 -37.25 -39.42 -18.44
N THR B 310 -37.24 -38.28 -17.75
CA THR B 310 -36.01 -37.85 -17.10
C THR B 310 -35.61 -38.84 -16.01
N LEU B 311 -36.58 -39.29 -15.22
CA LEU B 311 -36.27 -40.28 -14.20
C LEU B 311 -35.75 -41.57 -14.82
N GLY B 312 -36.34 -41.98 -15.95
CA GLY B 312 -35.86 -43.18 -16.62
C GLY B 312 -34.41 -43.06 -17.05
N LYS B 313 -34.06 -41.93 -17.67
CA LYS B 313 -32.68 -41.74 -18.09
C LYS B 313 -31.73 -41.74 -16.91
N VAL B 314 -32.13 -41.09 -15.80
CA VAL B 314 -31.29 -41.08 -14.62
C VAL B 314 -31.08 -42.49 -14.09
N VAL B 315 -32.14 -43.30 -14.09
CA VAL B 315 -32.01 -44.66 -13.61
C VAL B 315 -31.04 -45.45 -14.47
N LYS B 316 -31.16 -45.32 -15.79
CA LYS B 316 -30.26 -46.05 -16.67
C LYS B 316 -28.82 -45.63 -16.44
N GLN B 317 -28.58 -44.33 -16.28
CA GLN B 317 -27.23 -43.87 -16.00
C GLN B 317 -26.71 -44.42 -14.68
N LEU B 318 -27.55 -44.43 -13.66
CA LEU B 318 -27.11 -44.86 -12.33
C LEU B 318 -26.84 -46.35 -12.26
N ARG B 319 -27.50 -47.15 -13.09
CA ARG B 319 -27.38 -48.60 -12.95
C ARG B 319 -25.95 -49.11 -13.15
N LYS B 320 -25.08 -48.32 -13.79
CA LYS B 320 -23.77 -48.83 -14.17
C LYS B 320 -22.86 -49.13 -12.98
N HIS B 321 -23.20 -48.70 -11.77
CA HIS B 321 -22.32 -48.85 -10.63
C HIS B 321 -22.70 -49.96 -9.68
N PHE B 322 -24.00 -50.27 -9.53
CA PHE B 322 -24.47 -51.27 -8.57
C PHE B 322 -25.11 -52.47 -9.27
N GLY B 323 -24.51 -52.93 -10.37
CA GLY B 323 -25.00 -54.10 -11.05
C GLY B 323 -26.31 -53.86 -11.77
N ASN B 324 -26.57 -54.63 -12.82
CA ASN B 324 -27.82 -54.46 -13.56
C ASN B 324 -28.98 -55.12 -12.84
N ASN B 325 -28.73 -56.24 -12.17
CA ASN B 325 -29.79 -56.99 -11.49
C ASN B 325 -30.00 -56.43 -10.09
N THR B 326 -30.63 -55.25 -10.06
CA THR B 326 -30.88 -54.55 -8.81
C THR B 326 -32.11 -53.67 -8.97
N ILE B 327 -32.98 -53.72 -7.97
CA ILE B 327 -34.18 -52.89 -7.93
C ILE B 327 -33.81 -51.51 -7.42
N ILE B 328 -34.61 -50.52 -7.76
CA ILE B 328 -34.43 -49.15 -7.27
C ILE B 328 -35.76 -48.66 -6.74
N ARG B 329 -35.72 -47.95 -5.61
CA ARG B 329 -36.92 -47.37 -5.02
C ARG B 329 -36.61 -45.97 -4.53
N PHE B 330 -37.56 -45.06 -4.73
CA PHE B 330 -37.44 -43.69 -4.25
C PHE B 330 -38.44 -43.47 -3.13
N ALA B 331 -38.05 -42.68 -2.15
CA ALA B 331 -38.91 -42.37 -1.02
C ALA B 331 -38.71 -40.91 -0.61
N ASN B 332 -39.74 -40.36 0.02
CA ASN B 332 -39.71 -38.97 0.45
C ASN B 332 -38.71 -38.80 1.60
N SER B 333 -38.62 -37.56 2.09
CA SER B 333 -37.68 -37.26 3.16
C SER B 333 -38.04 -38.05 4.41
N SER B 334 -37.00 -38.45 5.16
CA SER B 334 -37.22 -39.32 6.31
C SER B 334 -37.98 -38.60 7.43
N GLY B 335 -37.51 -37.42 7.82
CA GLY B 335 -38.15 -36.69 8.89
C GLY B 335 -37.22 -35.67 9.49
N GLY B 336 -37.82 -34.65 10.09
CA GLY B 336 -37.06 -33.56 10.69
C GLY B 336 -37.92 -32.32 10.83
N ASP B 337 -37.24 -31.17 10.81
CA ASP B 337 -37.92 -29.89 10.95
C ASP B 337 -38.49 -29.43 9.62
N LEU B 338 -39.15 -28.27 9.63
CA LEU B 338 -39.78 -27.75 8.42
C LEU B 338 -38.79 -27.16 7.44
N GLU B 339 -37.51 -27.03 7.80
CA GLU B 339 -36.55 -26.36 6.95
C GLU B 339 -35.80 -27.32 6.03
N VAL B 340 -35.75 -28.60 6.37
CA VAL B 340 -35.04 -29.58 5.57
C VAL B 340 -35.96 -30.64 4.98
N THR B 341 -37.11 -30.90 5.60
CA THR B 341 -38.03 -31.91 5.11
C THR B 341 -38.90 -31.40 3.96
N THR B 342 -38.76 -30.14 3.57
CA THR B 342 -39.58 -29.57 2.51
C THR B 342 -38.75 -28.61 1.69
N HIS B 343 -39.22 -28.36 0.47
CA HIS B 343 -38.48 -27.56 -0.49
C HIS B 343 -38.88 -26.09 -0.32
N SER B 344 -37.93 -25.25 0.09
CA SER B 344 -38.17 -23.85 0.35
C SER B 344 -37.51 -23.01 -0.73
N PHE B 345 -38.20 -21.97 -1.19
CA PHE B 345 -37.61 -21.10 -2.20
C PHE B 345 -38.29 -19.73 -2.17
N ASN B 346 -37.84 -18.87 -3.07
CA ASN B 346 -38.25 -17.47 -3.12
C ASN B 346 -38.79 -17.14 -4.51
N CYS B 347 -39.89 -16.38 -4.54
CA CYS B 347 -40.42 -15.84 -5.78
C CYS B 347 -40.97 -14.46 -5.49
N GLY B 348 -40.52 -13.47 -6.25
CA GLY B 348 -41.08 -12.12 -6.16
C GLY B 348 -41.00 -11.52 -4.77
N GLY B 349 -39.89 -11.71 -4.08
CA GLY B 349 -39.78 -11.20 -2.73
C GLY B 349 -40.77 -11.84 -1.78
N GLU B 350 -41.07 -13.13 -1.97
CA GLU B 350 -41.98 -13.86 -1.11
C GLU B 350 -41.46 -15.28 -0.96
N PHE B 351 -41.62 -15.85 0.23
CA PHE B 351 -41.06 -17.16 0.55
C PHE B 351 -42.14 -18.23 0.50
N PHE B 352 -41.82 -19.35 -0.13
CA PHE B 352 -42.72 -20.49 -0.26
C PHE B 352 -42.07 -21.72 0.34
N TYR B 353 -42.88 -22.53 1.03
CA TYR B 353 -42.46 -23.82 1.56
C TYR B 353 -43.38 -24.87 0.97
N CYS B 354 -42.86 -25.71 0.07
CA CYS B 354 -43.66 -26.67 -0.66
C CYS B 354 -43.30 -28.08 -0.26
N ASN B 355 -44.32 -28.93 -0.18
CA ASN B 355 -44.17 -30.33 0.19
C ASN B 355 -44.06 -31.16 -1.08
N THR B 356 -42.94 -31.86 -1.23
CA THR B 356 -42.60 -32.54 -2.48
C THR B 356 -42.75 -34.05 -2.36
N SER B 357 -43.75 -34.51 -1.61
CA SER B 357 -43.92 -35.95 -1.43
C SER B 357 -44.35 -36.64 -2.72
N GLY B 358 -44.92 -35.92 -3.67
CA GLY B 358 -45.49 -36.54 -4.84
C GLY B 358 -44.54 -36.66 -6.01
N LEU B 359 -43.24 -36.54 -5.75
CA LEU B 359 -42.22 -36.55 -6.79
C LEU B 359 -41.25 -37.71 -6.70
N PHE B 360 -40.94 -38.20 -5.50
CA PHE B 360 -39.97 -39.27 -5.30
C PHE B 360 -40.63 -40.53 -4.79
N ASN B 361 -41.77 -40.88 -5.38
CA ASN B 361 -42.58 -42.00 -4.95
C ASN B 361 -42.73 -42.95 -6.12
N SER B 362 -41.74 -43.82 -6.31
CA SER B 362 -41.71 -44.71 -7.47
C SER B 362 -40.74 -45.84 -7.22
N THR B 363 -40.81 -46.84 -8.11
CA THR B 363 -39.91 -47.99 -8.09
C THR B 363 -39.58 -48.38 -9.52
N TRP B 364 -38.45 -49.06 -9.68
CA TRP B 364 -37.97 -49.51 -10.98
C TRP B 364 -37.37 -50.89 -10.83
N ILE B 365 -37.88 -51.85 -11.59
CA ILE B 365 -37.35 -53.21 -11.61
C ILE B 365 -36.37 -53.34 -12.75
N SER B 366 -35.50 -54.35 -12.68
CA SER B 366 -34.53 -54.59 -13.74
C SER B 366 -35.24 -54.84 -15.07
N ASN B 367 -34.46 -54.75 -16.14
CA ASN B 367 -34.94 -54.92 -17.52
C ASN B 367 -36.25 -54.19 -17.79
N ASN B 379 -51.27 -34.72 -21.80
CA ASN B 379 -51.25 -33.36 -21.28
C ASN B 379 -51.62 -33.34 -19.80
N ASP B 380 -51.40 -34.46 -19.11
CA ASP B 380 -51.69 -34.54 -17.68
C ASP B 380 -50.58 -33.89 -16.89
N SER B 381 -50.95 -32.97 -16.01
CA SER B 381 -50.00 -32.18 -15.25
C SER B 381 -50.12 -32.50 -13.76
N ILE B 382 -48.98 -32.63 -13.10
CA ILE B 382 -48.92 -32.89 -11.67
C ILE B 382 -48.96 -31.56 -10.93
N THR B 383 -49.70 -31.53 -9.83
CA THR B 383 -49.87 -30.35 -8.99
C THR B 383 -49.47 -30.68 -7.57
N LEU B 384 -48.79 -29.75 -6.91
CA LEU B 384 -48.40 -29.91 -5.52
C LEU B 384 -48.70 -28.64 -4.74
N PRO B 385 -48.99 -28.76 -3.44
CA PRO B 385 -49.37 -27.60 -2.64
C PRO B 385 -48.16 -26.95 -1.97
N CYS B 386 -48.40 -25.77 -1.39
CA CYS B 386 -47.35 -25.01 -0.72
C CYS B 386 -47.96 -24.26 0.45
N ARG B 387 -47.09 -23.59 1.21
CA ARG B 387 -47.48 -22.85 2.40
C ARG B 387 -46.61 -21.60 2.50
N ILE B 388 -47.10 -20.63 3.26
CA ILE B 388 -46.50 -19.30 3.35
C ILE B 388 -45.96 -19.09 4.74
N LYS B 389 -44.87 -18.34 4.85
CA LYS B 389 -44.25 -17.98 6.11
C LYS B 389 -43.81 -16.52 6.03
N GLN B 390 -43.78 -15.85 7.17
CA GLN B 390 -43.47 -14.43 7.23
C GLN B 390 -42.25 -14.07 8.06
N ILE B 391 -41.73 -15.00 8.86
CA ILE B 391 -40.52 -14.79 9.65
C ILE B 391 -39.51 -15.83 9.22
N ILE B 392 -38.27 -15.41 9.00
CA ILE B 392 -37.26 -16.24 8.35
C ILE B 392 -35.96 -16.16 9.14
N ASN B 393 -35.31 -17.30 9.30
CA ASN B 393 -33.99 -17.41 9.92
C ASN B 393 -33.13 -18.25 9.00
N MET B 394 -32.46 -17.61 8.04
CA MET B 394 -31.74 -18.31 7.00
C MET B 394 -30.27 -18.43 7.37
N TRP B 395 -29.58 -19.30 6.63
CA TRP B 395 -28.20 -19.70 6.96
C TRP B 395 -28.12 -20.28 8.36
N GLN B 396 -29.17 -20.96 8.79
CA GLN B 396 -29.23 -21.71 10.06
C GLN B 396 -28.65 -20.94 11.24
N ARG B 397 -28.74 -19.62 11.20
CA ARG B 397 -28.22 -18.79 12.28
C ARG B 397 -29.30 -18.60 13.35
N ILE B 398 -28.86 -18.15 14.52
CA ILE B 398 -29.74 -17.94 15.66
C ILE B 398 -29.55 -16.53 16.19
N GLY B 399 -30.62 -15.97 16.74
CA GLY B 399 -30.60 -14.63 17.27
C GLY B 399 -30.92 -13.55 16.26
N GLN B 400 -31.06 -13.90 14.99
CA GLN B 400 -31.41 -12.95 13.94
C GLN B 400 -32.63 -13.48 13.20
N CYS B 401 -33.59 -12.61 12.95
CA CYS B 401 -34.73 -12.93 12.11
C CYS B 401 -35.00 -11.72 11.21
N MET B 402 -36.11 -11.77 10.49
CA MET B 402 -36.46 -10.69 9.58
C MET B 402 -37.95 -10.73 9.32
N TYR B 403 -38.53 -9.55 9.14
CA TYR B 403 -39.94 -9.40 8.83
C TYR B 403 -40.11 -9.06 7.36
N ALA B 404 -41.01 -9.78 6.69
CA ALA B 404 -41.23 -9.60 5.27
C ALA B 404 -42.51 -8.81 5.04
N PRO B 405 -42.48 -7.60 4.50
CA PRO B 405 -43.73 -6.87 4.28
C PRO B 405 -44.58 -7.58 3.24
N PRO B 406 -45.90 -7.45 3.31
CA PRO B 406 -46.74 -8.04 2.26
C PRO B 406 -46.67 -7.20 0.99
N ILE B 407 -47.08 -7.83 -0.11
CA ILE B 407 -47.11 -7.19 -1.43
C ILE B 407 -48.48 -7.40 -2.04
N GLN B 408 -48.97 -6.39 -2.74
CA GLN B 408 -50.32 -6.41 -3.29
C GLN B 408 -50.34 -7.09 -4.65
N GLY B 409 -51.49 -7.69 -4.96
CA GLY B 409 -51.71 -8.32 -6.25
C GLY B 409 -51.32 -9.79 -6.26
N VAL B 410 -51.80 -10.48 -7.29
CA VAL B 410 -51.50 -11.90 -7.43
C VAL B 410 -50.05 -12.09 -7.84
N ILE B 411 -49.55 -13.32 -7.68
CA ILE B 411 -48.15 -13.64 -7.93
C ILE B 411 -48.07 -14.87 -8.81
N ARG B 412 -47.16 -14.84 -9.78
CA ARG B 412 -47.00 -15.96 -10.71
C ARG B 412 -45.56 -15.96 -11.21
N CYS B 413 -44.93 -17.14 -11.22
CA CYS B 413 -43.57 -17.23 -11.71
C CYS B 413 -43.31 -18.61 -12.31
N VAL B 414 -42.28 -18.66 -13.15
CA VAL B 414 -41.89 -19.86 -13.89
C VAL B 414 -40.38 -20.02 -13.79
N SER B 415 -39.92 -21.27 -13.68
CA SER B 415 -38.50 -21.52 -13.43
C SER B 415 -38.10 -22.84 -14.07
N ASN B 416 -36.79 -23.12 -13.97
CA ASN B 416 -36.15 -24.28 -14.60
C ASN B 416 -35.55 -25.17 -13.54
N ILE B 417 -35.95 -26.44 -13.54
CA ILE B 417 -35.27 -27.47 -12.77
C ILE B 417 -34.11 -27.99 -13.61
N THR B 418 -32.93 -28.07 -13.00
CA THR B 418 -31.72 -28.46 -13.70
C THR B 418 -30.92 -29.54 -12.98
N GLY B 419 -31.03 -29.64 -11.66
CA GLY B 419 -30.21 -30.61 -10.94
C GLY B 419 -30.78 -30.97 -9.59
N LEU B 420 -30.31 -32.12 -9.08
CA LEU B 420 -30.81 -32.69 -7.84
C LEU B 420 -29.67 -33.04 -6.90
N ILE B 421 -30.01 -33.15 -5.62
CA ILE B 421 -29.11 -33.61 -4.57
C ILE B 421 -29.76 -34.80 -3.89
N LEU B 422 -29.08 -35.94 -3.91
CA LEU B 422 -29.60 -37.17 -3.33
C LEU B 422 -28.66 -37.70 -2.27
N THR B 423 -29.18 -38.64 -1.48
CA THR B 423 -28.37 -39.36 -0.51
C THR B 423 -28.95 -40.75 -0.33
N ARG B 424 -28.06 -41.73 -0.18
CA ARG B 424 -28.45 -43.12 -0.04
C ARG B 424 -28.64 -43.47 1.42
N ASP B 425 -29.58 -44.36 1.69
CA ASP B 425 -29.85 -44.82 3.04
C ASP B 425 -28.96 -46.02 3.37
N GLY B 426 -28.88 -46.33 4.66
CA GLY B 426 -28.16 -47.52 5.07
C GLY B 426 -28.81 -48.79 4.55
N GLY B 427 -27.99 -49.83 4.41
CA GLY B 427 -28.43 -51.09 3.87
C GLY B 427 -28.02 -52.25 4.76
N SER B 428 -28.45 -53.44 4.36
CA SER B 428 -28.15 -54.65 5.12
C SER B 428 -27.96 -55.80 4.13
N THR B 429 -26.79 -56.41 4.18
CA THR B 429 -26.44 -57.54 3.31
C THR B 429 -26.62 -57.11 1.85
N ASN B 430 -26.90 -58.06 0.97
CA ASN B 430 -27.17 -57.78 -0.44
C ASN B 430 -28.66 -58.03 -0.68
N SER B 431 -29.46 -56.98 -0.52
CA SER B 431 -30.90 -57.05 -0.68
C SER B 431 -31.33 -56.81 -2.13
N THR B 432 -30.38 -56.70 -3.06
CA THR B 432 -30.64 -56.35 -4.46
C THR B 432 -31.68 -55.25 -4.59
N THR B 433 -31.55 -54.22 -3.76
CA THR B 433 -32.45 -53.08 -3.81
C THR B 433 -31.81 -51.93 -3.04
N GLU B 434 -32.13 -50.71 -3.47
CA GLU B 434 -31.55 -49.52 -2.86
C GLU B 434 -32.64 -48.47 -2.69
N THR B 435 -32.40 -47.56 -1.77
CA THR B 435 -33.31 -46.47 -1.49
C THR B 435 -32.52 -45.17 -1.39
N PHE B 436 -33.09 -44.11 -1.95
CA PHE B 436 -32.46 -42.79 -1.92
C PHE B 436 -33.50 -41.76 -1.53
N ARG B 437 -33.02 -40.68 -0.92
CA ARG B 437 -33.89 -39.62 -0.44
C ARG B 437 -33.22 -38.28 -0.70
N PRO B 438 -34.00 -37.22 -0.85
CA PRO B 438 -33.39 -35.88 -0.91
C PRO B 438 -32.79 -35.51 0.43
N GLY B 439 -31.78 -34.65 0.39
CA GLY B 439 -31.08 -34.21 1.58
C GLY B 439 -30.88 -32.71 1.60
N GLY B 440 -29.62 -32.29 1.73
CA GLY B 440 -29.28 -30.88 1.66
C GLY B 440 -29.22 -30.20 3.01
N GLY B 441 -29.50 -28.90 3.04
CA GLY B 441 -29.44 -28.11 4.25
C GLY B 441 -28.23 -27.21 4.37
N ASP B 442 -27.19 -27.43 3.55
CA ASP B 442 -25.98 -26.62 3.56
C ASP B 442 -25.88 -25.86 2.25
N MET B 443 -25.61 -24.56 2.33
CA MET B 443 -25.51 -23.74 1.13
C MET B 443 -24.20 -23.94 0.39
N ARG B 444 -23.22 -24.62 0.99
CA ARG B 444 -21.94 -24.80 0.33
C ARG B 444 -22.08 -25.61 -0.95
N ASP B 445 -22.92 -26.65 -0.92
CA ASP B 445 -23.04 -27.53 -2.09
C ASP B 445 -23.56 -26.78 -3.31
N ASN B 446 -24.46 -25.82 -3.10
CA ASN B 446 -24.96 -25.04 -4.23
C ASN B 446 -23.83 -24.27 -4.91
N TRP B 447 -22.93 -23.69 -4.12
CA TRP B 447 -21.77 -23.04 -4.72
C TRP B 447 -20.88 -24.05 -5.40
N ARG B 448 -20.64 -25.19 -4.75
CA ARG B 448 -19.72 -26.19 -5.26
C ARG B 448 -20.21 -26.81 -6.57
N SER B 449 -21.51 -26.79 -6.82
CA SER B 449 -22.02 -27.39 -8.04
C SER B 449 -21.53 -26.65 -9.29
N GLU B 450 -21.11 -25.40 -9.15
CA GLU B 450 -20.72 -24.58 -10.29
C GLU B 450 -19.21 -24.42 -10.40
N LEU B 451 -18.53 -24.07 -9.31
CA LEU B 451 -17.09 -23.81 -9.34
C LEU B 451 -16.32 -25.11 -9.15
N TYR B 452 -16.41 -25.97 -10.17
CA TYR B 452 -15.72 -27.25 -10.18
C TYR B 452 -14.79 -27.41 -11.37
N LYS B 453 -14.48 -26.32 -12.07
CA LYS B 453 -13.61 -26.37 -13.23
C LYS B 453 -12.67 -25.18 -13.27
N TYR B 454 -12.28 -24.66 -12.11
CA TYR B 454 -11.40 -23.51 -12.03
C TYR B 454 -10.30 -23.77 -11.01
N LYS B 455 -9.11 -23.29 -11.32
CA LYS B 455 -7.98 -23.40 -10.41
C LYS B 455 -7.17 -22.12 -10.48
N VAL B 456 -6.44 -21.83 -9.40
CA VAL B 456 -5.65 -20.61 -9.28
C VAL B 456 -4.21 -20.99 -8.99
N VAL B 457 -3.27 -20.34 -9.68
CA VAL B 457 -1.85 -20.67 -9.56
C VAL B 457 -1.00 -19.41 -9.48
N LYS B 458 0.22 -19.59 -8.99
CA LYS B 458 1.19 -18.53 -8.79
C LYS B 458 2.44 -18.81 -9.62
N ILE B 459 3.18 -17.75 -9.95
CA ILE B 459 4.29 -17.82 -10.89
C ILE B 459 5.60 -17.71 -10.12
N GLU B 460 6.67 -18.21 -10.75
CA GLU B 460 8.03 -18.06 -10.25
C GLU B 460 8.92 -17.68 -11.44
N PRO B 461 9.63 -16.54 -11.42
CA PRO B 461 10.41 -16.17 -12.60
C PRO B 461 11.81 -16.75 -12.66
N LEU B 462 12.41 -17.03 -11.50
CA LEU B 462 13.82 -17.41 -11.47
C LEU B 462 14.03 -18.82 -12.02
N GLY B 463 15.23 -19.08 -12.50
CA GLY B 463 15.62 -20.42 -12.89
C GLY B 463 17.11 -20.51 -13.12
N VAL B 464 17.61 -21.75 -13.07
CA VAL B 464 19.02 -22.03 -13.29
C VAL B 464 19.15 -23.25 -14.18
N ALA B 465 20.29 -23.37 -14.85
CA ALA B 465 20.53 -24.49 -15.75
C ALA B 465 22.03 -24.64 -15.95
N PRO B 466 22.48 -25.77 -16.49
CA PRO B 466 23.89 -25.90 -16.86
C PRO B 466 24.12 -25.52 -18.31
N THR B 467 25.28 -24.91 -18.57
CA THR B 467 25.59 -24.38 -19.89
C THR B 467 27.09 -24.45 -20.14
N ARG B 468 27.45 -24.39 -21.42
CA ARG B 468 28.85 -24.39 -21.79
C ARG B 468 29.52 -23.07 -21.45
N CYS B 469 28.81 -21.96 -21.59
CA CYS B 469 29.41 -20.64 -21.47
C CYS B 469 30.10 -20.46 -20.12
N LYS B 470 31.26 -19.81 -20.15
CA LYS B 470 31.99 -19.41 -18.96
C LYS B 470 32.10 -17.89 -18.91
N ARG B 471 32.02 -17.34 -17.72
CA ARG B 471 32.02 -15.89 -17.57
C ARG B 471 33.36 -15.32 -18.03
N ARG B 472 33.31 -14.08 -18.52
CA ARG B 472 34.49 -13.36 -18.97
C ARG B 472 34.97 -12.44 -17.85
N VAL B 473 36.26 -12.45 -17.59
CA VAL B 473 36.85 -11.58 -16.59
C VAL B 473 36.93 -10.16 -17.13
N ALA C 1 26.29 -36.93 8.44
CA ALA C 1 26.99 -37.92 9.27
C ALA C 1 26.80 -37.58 10.74
N VAL C 2 27.65 -38.14 11.60
CA VAL C 2 27.56 -37.96 13.04
C VAL C 2 28.81 -37.24 13.51
N GLY C 3 28.61 -36.18 14.30
CA GLY C 3 29.69 -35.44 14.90
C GLY C 3 29.75 -34.00 14.43
N ILE C 4 29.51 -33.77 13.15
CA ILE C 4 29.57 -32.44 12.58
C ILE C 4 28.32 -31.66 12.97
N GLY C 5 28.50 -30.44 13.47
CA GLY C 5 27.39 -29.61 13.89
C GLY C 5 26.87 -28.72 12.77
N ALA C 6 26.76 -27.42 13.04
CA ALA C 6 26.31 -26.46 12.04
C ALA C 6 26.82 -25.09 12.43
N VAL C 7 27.44 -24.40 11.48
CA VAL C 7 28.04 -23.09 11.71
C VAL C 7 27.36 -22.06 10.83
N PHE C 8 27.11 -20.89 11.39
CA PHE C 8 26.47 -19.77 10.71
C PHE C 8 27.49 -18.68 10.47
N LEU C 9 27.03 -17.62 9.80
CA LEU C 9 27.74 -16.34 9.75
C LEU C 9 26.64 -15.29 9.67
N GLY C 10 26.24 -14.79 10.84
CA GLY C 10 24.97 -14.11 10.96
C GLY C 10 25.03 -12.61 11.06
N PHE C 11 24.34 -12.07 12.07
CA PHE C 11 24.06 -10.64 12.18
C PHE C 11 25.27 -9.88 12.71
N LEU C 12 25.04 -8.66 13.21
CA LEU C 12 26.07 -7.68 13.50
C LEU C 12 27.15 -8.11 14.48
N GLY C 13 27.09 -9.33 15.01
CA GLY C 13 28.13 -9.86 15.88
C GLY C 13 29.56 -9.67 15.42
N ALA C 14 29.78 -9.43 14.12
CA ALA C 14 31.09 -9.12 13.59
C ALA C 14 31.42 -7.64 13.65
N ALA C 15 30.78 -6.89 14.55
CA ALA C 15 30.94 -5.44 14.63
C ALA C 15 31.86 -5.03 15.78
N GLY C 16 32.87 -5.84 16.06
CA GLY C 16 33.84 -5.52 17.09
C GLY C 16 35.26 -5.83 16.64
N SER C 17 35.51 -5.66 15.35
CA SER C 17 36.80 -5.94 14.76
C SER C 17 37.27 -4.73 13.97
N THR C 18 38.45 -4.85 13.37
CA THR C 18 39.00 -3.74 12.61
C THR C 18 38.21 -3.56 11.32
N MET C 19 38.67 -2.61 10.49
CA MET C 19 38.00 -2.38 9.23
C MET C 19 38.07 -3.60 8.33
N GLY C 20 39.22 -4.27 8.29
CA GLY C 20 39.45 -5.29 7.28
C GLY C 20 38.50 -6.46 7.42
N ALA C 21 38.33 -6.99 8.63
CA ALA C 21 37.52 -8.17 8.80
C ALA C 21 36.05 -7.89 8.53
N ALA C 22 35.52 -6.81 9.09
CA ALA C 22 34.09 -6.54 9.03
C ALA C 22 33.61 -6.42 7.58
N SER C 23 34.43 -5.82 6.72
CA SER C 23 34.03 -5.64 5.34
C SER C 23 33.79 -6.97 4.62
N MET C 24 34.35 -8.07 5.11
CA MET C 24 34.08 -9.37 4.51
C MET C 24 32.64 -9.82 4.70
N THR C 25 31.88 -9.21 5.60
CA THR C 25 30.55 -9.69 5.96
C THR C 25 29.46 -8.67 5.65
N LEU C 26 29.69 -7.81 4.66
CA LEU C 26 28.69 -6.79 4.34
C LEU C 26 27.39 -7.42 3.87
N THR C 27 27.49 -8.39 2.96
CA THR C 27 26.35 -8.78 2.15
C THR C 27 25.16 -9.21 2.99
N VAL C 28 25.40 -10.03 4.01
CA VAL C 28 24.30 -10.54 4.83
C VAL C 28 23.48 -9.39 5.40
N GLN C 29 24.15 -8.37 5.93
CA GLN C 29 23.41 -7.24 6.48
C GLN C 29 22.59 -6.56 5.40
N ALA C 30 23.18 -6.36 4.22
CA ALA C 30 22.45 -5.73 3.13
C ALA C 30 21.22 -6.53 2.74
N ARG C 31 21.22 -7.84 3.00
CA ARG C 31 20.10 -8.68 2.64
C ARG C 31 18.95 -8.58 3.63
N ASN C 32 19.19 -8.07 4.84
CA ASN C 32 18.20 -8.12 5.91
C ASN C 32 17.46 -6.80 6.10
N LEU C 33 17.19 -6.08 5.00
CA LEU C 33 16.48 -4.82 5.07
C LEU C 33 15.04 -4.90 4.57
N LEU C 34 14.70 -5.95 3.81
CA LEU C 34 13.37 -6.09 3.22
C LEU C 34 12.80 -7.46 3.52
N SER C 35 13.03 -7.96 4.74
CA SER C 35 12.44 -9.23 5.14
C SER C 35 10.95 -9.07 5.36
N GLY C 36 10.25 -10.20 5.39
CA GLY C 36 8.82 -10.21 5.60
C GLY C 36 8.18 -11.52 5.21
N THR C 58 -9.76 -3.18 14.51
CA THR C 58 -9.08 -3.01 13.24
C THR C 58 -8.25 -1.74 13.21
N VAL C 59 -7.80 -1.31 14.40
CA VAL C 59 -6.99 -0.10 14.51
C VAL C 59 -5.50 -0.41 14.46
N TRP C 60 -5.10 -1.66 14.63
CA TRP C 60 -3.69 -2.02 14.64
C TRP C 60 -3.14 -2.29 13.25
N GLY C 61 -3.96 -2.80 12.33
CA GLY C 61 -3.48 -3.09 11.00
C GLY C 61 -2.94 -1.87 10.29
N ILE C 62 -3.60 -0.73 10.48
CA ILE C 62 -3.14 0.50 9.84
C ILE C 62 -1.74 0.86 10.32
N LYS C 63 -1.45 0.61 11.59
CA LYS C 63 -0.13 0.96 12.13
C LYS C 63 0.97 0.16 11.45
N GLN C 64 0.82 -1.15 11.39
CA GLN C 64 1.85 -1.98 10.75
C GLN C 64 1.92 -1.67 9.26
N LEU C 65 0.78 -1.38 8.62
CA LEU C 65 0.83 -1.01 7.21
C LEU C 65 1.65 0.26 7.01
N GLN C 66 1.43 1.25 7.87
CA GLN C 66 2.18 2.49 7.77
C GLN C 66 3.67 2.24 8.00
N ALA C 67 3.99 1.37 8.95
CA ALA C 67 5.40 1.03 9.18
C ALA C 67 6.03 0.40 7.95
N ARG C 68 5.32 -0.53 7.31
CA ARG C 68 5.84 -1.16 6.10
C ARG C 68 6.07 -0.14 5.01
N VAL C 69 5.11 0.77 4.83
CA VAL C 69 5.26 1.80 3.80
C VAL C 69 6.47 2.67 4.09
N LEU C 70 6.67 3.03 5.37
CA LEU C 70 7.82 3.84 5.74
C LEU C 70 9.12 3.12 5.41
N ALA C 71 9.19 1.83 5.73
CA ALA C 71 10.41 1.07 5.44
C ALA C 71 10.70 1.05 3.93
N VAL C 72 9.66 0.81 3.13
CA VAL C 72 9.84 0.78 1.68
C VAL C 72 10.33 2.13 1.18
N GLU C 73 9.74 3.21 1.69
CA GLU C 73 10.16 4.54 1.27
C GLU C 73 11.62 4.79 1.61
N ARG C 74 12.05 4.39 2.81
CA ARG C 74 13.44 4.57 3.18
C ARG C 74 14.37 3.80 2.24
N TYR C 75 14.01 2.57 1.92
CA TYR C 75 14.84 1.77 1.02
C TYR C 75 14.94 2.44 -0.35
N LEU C 76 13.83 2.92 -0.88
CA LEU C 76 13.86 3.56 -2.19
C LEU C 76 14.70 4.84 -2.15
N ARG C 77 14.58 5.61 -1.07
CA ARG C 77 15.40 6.79 -0.93
C ARG C 77 16.88 6.44 -0.99
N ASP C 78 17.28 5.40 -0.27
CA ASP C 78 18.68 5.00 -0.28
C ASP C 78 19.09 4.58 -1.69
N GLN C 79 18.25 3.82 -2.37
CA GLN C 79 18.59 3.36 -3.70
C GLN C 79 18.79 4.53 -4.66
N GLN C 80 17.90 5.52 -4.61
CA GLN C 80 18.06 6.69 -5.48
C GLN C 80 19.33 7.46 -5.14
N LEU C 81 19.59 7.67 -3.85
CA LEU C 81 20.78 8.41 -3.45
C LEU C 81 22.05 7.70 -3.90
N LEU C 82 22.02 6.37 -3.97
CA LEU C 82 23.16 5.66 -4.53
C LEU C 82 23.19 5.78 -6.05
N GLY C 83 22.03 5.81 -6.69
CA GLY C 83 21.99 5.86 -8.14
C GLY C 83 22.55 7.17 -8.68
N ILE C 84 22.31 8.28 -7.96
CA ILE C 84 22.73 9.58 -8.48
C ILE C 84 24.25 9.63 -8.67
N TRP C 85 24.99 9.09 -7.72
CA TRP C 85 26.45 9.15 -7.81
C TRP C 85 27.03 8.30 -8.94
N GLY C 86 26.23 7.42 -9.52
CA GLY C 86 26.68 6.61 -10.64
C GLY C 86 27.42 5.34 -10.26
N CYS C 87 27.62 5.07 -8.98
CA CYS C 87 28.25 3.84 -8.52
C CYS C 87 27.25 2.71 -8.30
N SER C 88 26.07 2.79 -8.92
CA SER C 88 25.03 1.81 -8.67
C SER C 88 25.44 0.45 -9.21
N GLY C 89 24.88 -0.60 -8.60
CA GLY C 89 25.10 -1.96 -9.06
C GLY C 89 26.34 -2.63 -8.52
N LYS C 90 26.96 -2.08 -7.46
CA LYS C 90 28.15 -2.70 -6.89
C LYS C 90 28.25 -2.31 -5.43
N LEU C 91 29.03 -3.10 -4.68
CA LEU C 91 29.19 -2.86 -3.26
C LEU C 91 30.32 -1.90 -2.93
N ILE C 92 31.31 -1.79 -3.80
CA ILE C 92 32.45 -0.91 -3.61
C ILE C 92 32.62 -0.09 -4.88
N CYS C 93 33.15 1.13 -4.73
CA CYS C 93 33.29 2.04 -5.85
C CYS C 93 34.25 3.16 -5.48
N CYS C 94 35.23 3.42 -6.35
CA CYS C 94 36.17 4.50 -6.16
C CYS C 94 35.68 5.78 -6.82
N THR C 95 36.32 6.89 -6.47
CA THR C 95 35.94 8.19 -7.00
C THR C 95 37.16 9.10 -7.03
N ASN C 96 37.03 10.20 -7.78
CA ASN C 96 38.17 11.06 -8.08
C ASN C 96 38.35 12.22 -7.12
N VAL C 97 37.49 12.38 -6.13
CA VAL C 97 37.64 13.52 -5.22
C VAL C 97 38.89 13.30 -4.36
N PRO C 98 39.83 14.24 -4.27
CA PRO C 98 40.95 14.07 -3.36
C PRO C 98 40.52 14.26 -1.91
N TRP C 99 41.35 13.74 -1.00
CA TRP C 99 41.07 13.75 0.43
C TRP C 99 41.83 14.90 1.08
N ASN C 100 41.11 15.92 1.51
CA ASN C 100 41.71 16.99 2.28
C ASN C 100 42.22 16.47 3.61
N SER C 101 43.44 16.88 3.97
CA SER C 101 44.01 16.49 5.24
C SER C 101 43.40 17.25 6.42
N SER C 102 42.60 18.28 6.15
CA SER C 102 42.09 19.12 7.23
C SER C 102 41.20 18.32 8.19
N TRP C 103 40.50 17.31 7.68
CA TRP C 103 39.51 16.62 8.51
C TRP C 103 40.19 15.76 9.57
N SER C 104 40.99 14.79 9.16
CA SER C 104 41.71 13.95 10.11
C SER C 104 42.92 13.36 9.42
N ASN C 105 44.11 13.86 9.76
CA ASN C 105 45.32 13.40 9.10
C ASN C 105 45.57 11.90 9.30
N ARG C 106 45.91 11.49 10.52
CA ARG C 106 46.19 10.08 10.83
C ARG C 106 47.11 9.47 9.77
N ASN C 107 47.00 8.16 9.54
CA ASN C 107 47.62 7.52 8.39
C ASN C 107 46.96 6.17 8.16
N LEU C 108 47.21 5.62 6.97
CA LEU C 108 46.39 4.53 6.46
C LEU C 108 46.43 3.30 7.37
N SER C 109 47.62 2.90 7.80
CA SER C 109 47.73 1.64 8.55
C SER C 109 46.95 1.71 9.85
N GLU C 110 47.07 2.83 10.58
CA GLU C 110 46.33 2.97 11.82
C GLU C 110 44.84 2.96 11.55
N ILE C 111 44.41 3.69 10.52
CA ILE C 111 42.99 3.82 10.22
C ILE C 111 42.38 2.47 9.90
N TRP C 112 43.14 1.60 9.23
CA TRP C 112 42.59 0.33 8.78
C TRP C 112 42.85 -0.82 9.73
N ASP C 113 43.72 -0.67 10.73
CA ASP C 113 44.05 -1.77 11.62
C ASP C 113 43.89 -1.44 13.10
N ASN C 114 43.32 -0.29 13.46
CA ASN C 114 43.13 0.01 14.88
C ASN C 114 41.71 0.37 15.25
N MET C 115 40.99 1.11 14.42
CA MET C 115 39.70 1.65 14.81
C MET C 115 38.57 0.73 14.40
N THR C 116 37.45 0.87 15.10
CA THR C 116 36.19 0.22 14.76
C THR C 116 35.31 1.20 14.00
N TRP C 117 34.22 0.67 13.46
CA TRP C 117 33.36 1.48 12.61
C TRP C 117 32.69 2.60 13.39
N LEU C 118 32.19 2.30 14.59
CA LEU C 118 31.45 3.28 15.35
C LEU C 118 32.33 4.47 15.74
N GLN C 119 33.58 4.20 16.13
CA GLN C 119 34.47 5.28 16.48
C GLN C 119 34.74 6.18 15.29
N TRP C 120 34.95 5.59 14.12
CA TRP C 120 35.17 6.40 12.92
C TRP C 120 33.96 7.25 12.62
N ASP C 121 32.77 6.66 12.70
CA ASP C 121 31.55 7.43 12.42
C ASP C 121 31.41 8.60 13.38
N LYS C 122 31.64 8.36 14.68
CA LYS C 122 31.60 9.45 15.64
C LYS C 122 32.67 10.49 15.34
N GLU C 123 33.78 10.06 14.75
CA GLU C 123 34.88 10.98 14.48
C GLU C 123 34.61 11.88 13.29
N ILE C 124 33.83 11.41 12.30
CA ILE C 124 33.64 12.16 11.05
C ILE C 124 32.19 12.59 10.92
N SER C 125 31.55 12.90 12.05
CA SER C 125 30.16 13.31 12.01
C SER C 125 29.99 14.74 11.52
N ASN C 126 30.99 15.60 11.73
CA ASN C 126 30.79 17.03 11.51
C ASN C 126 30.77 17.38 10.02
N TYR C 127 31.68 16.82 9.23
CA TYR C 127 31.92 17.26 7.86
C TYR C 127 31.21 16.38 6.85
N THR C 128 30.02 15.90 7.19
CA THR C 128 29.37 14.90 6.34
C THR C 128 28.85 15.49 5.04
N GLN C 129 28.16 16.63 5.10
CA GLN C 129 27.42 17.11 3.94
C GLN C 129 28.34 17.58 2.81
N ILE C 130 29.47 18.18 3.16
CA ILE C 130 30.34 18.72 2.14
C ILE C 130 30.89 17.61 1.25
N ILE C 131 31.14 16.44 1.83
CA ILE C 131 31.64 15.32 1.05
C ILE C 131 30.59 14.89 0.02
N TYR C 132 29.33 14.82 0.44
CA TYR C 132 28.27 14.50 -0.51
C TYR C 132 28.21 15.55 -1.61
N GLY C 133 28.32 16.82 -1.24
CA GLY C 133 28.29 17.87 -2.25
C GLY C 133 29.39 17.72 -3.27
N LEU C 134 30.62 17.47 -2.80
CA LEU C 134 31.74 17.32 -3.72
C LEU C 134 31.58 16.09 -4.60
N LEU C 135 31.12 14.98 -4.01
CA LEU C 135 30.88 13.78 -4.80
C LEU C 135 29.88 14.04 -5.90
N GLU C 136 28.77 14.68 -5.56
CA GLU C 136 27.75 14.99 -6.56
C GLU C 136 28.32 15.86 -7.65
N GLU C 137 29.09 16.90 -7.28
CA GLU C 137 29.62 17.81 -8.27
C GLU C 137 30.56 17.09 -9.23
N SER C 138 31.46 16.27 -8.70
CA SER C 138 32.39 15.55 -9.56
C SER C 138 31.65 14.61 -10.49
N GLN C 139 30.65 13.91 -9.97
CA GLN C 139 29.87 13.01 -10.80
C GLN C 139 29.21 13.79 -11.93
N ASN C 140 28.61 14.94 -11.62
CA ASN C 140 27.90 15.70 -12.63
C ASN C 140 28.86 16.20 -13.72
N GLN C 141 29.98 16.78 -13.30
CA GLN C 141 30.96 17.24 -14.28
C GLN C 141 31.40 16.09 -15.17
N GLN C 142 31.62 14.92 -14.58
CA GLN C 142 32.05 13.78 -15.38
C GLN C 142 31.00 13.37 -16.40
N GLU C 143 29.73 13.31 -16.01
CA GLU C 143 28.76 12.79 -16.96
C GLU C 143 28.55 13.80 -18.07
N LYS C 144 28.60 15.09 -17.72
CA LYS C 144 28.47 16.12 -18.74
C LYS C 144 29.61 16.04 -19.74
N ASN C 145 30.84 15.90 -19.24
CA ASN C 145 32.00 15.80 -20.12
C ASN C 145 31.89 14.57 -21.01
N GLU C 146 31.50 13.44 -20.43
CA GLU C 146 31.33 12.24 -21.25
C GLU C 146 30.22 12.43 -22.28
N GLN C 147 29.16 13.15 -21.91
CA GLN C 147 28.03 13.32 -22.81
C GLN C 147 28.41 14.15 -24.03
N ASP C 148 29.03 15.33 -23.83
CA ASP C 148 29.41 16.06 -25.04
C ASP C 148 30.52 15.32 -25.77
N LEU C 149 31.38 14.58 -25.05
CA LEU C 149 32.44 13.83 -25.70
C LEU C 149 31.87 12.81 -26.68
N LEU C 150 30.89 12.04 -26.23
CA LEU C 150 30.22 11.11 -27.13
C LEU C 150 29.32 11.82 -28.13
N ALA C 151 28.96 13.08 -27.86
CA ALA C 151 28.30 13.87 -28.89
C ALA C 151 29.26 14.18 -30.04
N LEU C 152 30.55 14.36 -29.75
CA LEU C 152 31.51 14.61 -30.81
C LEU C 152 31.68 13.40 -31.71
N ASP C 153 31.72 12.20 -31.12
CA ASP C 153 32.11 11.01 -31.88
C ASP C 153 31.13 10.69 -33.01
N ALA D 1 52.06 7.66 -3.37
CA ALA D 1 51.42 6.85 -2.34
C ALA D 1 50.60 7.72 -1.40
N GLU D 2 51.16 8.89 -1.05
CA GLU D 2 50.45 9.79 -0.15
C GLU D 2 49.12 10.22 -0.74
N ASN D 3 49.06 10.38 -2.05
CA ASN D 3 47.79 10.68 -2.71
C ASN D 3 46.78 9.57 -2.43
N LEU D 4 45.66 9.95 -1.83
CA LEU D 4 44.62 9.00 -1.48
C LEU D 4 43.27 9.63 -1.74
N TRP D 5 42.27 8.78 -1.98
CA TRP D 5 40.98 9.20 -2.48
C TRP D 5 39.88 8.64 -1.59
N VAL D 6 38.65 8.94 -1.93
CA VAL D 6 37.49 8.63 -1.11
C VAL D 6 36.74 7.46 -1.72
N THR D 7 36.32 6.52 -0.87
CA THR D 7 35.63 5.32 -1.30
C THR D 7 34.36 5.15 -0.48
N VAL D 8 33.34 4.56 -1.10
CA VAL D 8 32.02 4.40 -0.52
C VAL D 8 31.78 2.93 -0.24
N TYR D 9 31.20 2.64 0.92
CA TYR D 9 30.86 1.29 1.33
C TYR D 9 29.39 1.25 1.68
N TYR D 10 28.73 0.15 1.31
CA TYR D 10 27.31 -0.05 1.52
C TYR D 10 27.08 -1.25 2.43
N GLY D 11 26.10 -1.13 3.31
CA GLY D 11 25.81 -2.18 4.27
C GLY D 11 26.87 -2.37 5.34
N VAL D 12 27.45 -1.27 5.83
CA VAL D 12 28.43 -1.30 6.90
C VAL D 12 27.71 -1.50 8.23
N PRO D 13 28.28 -2.22 9.21
CA PRO D 13 27.55 -2.43 10.47
C PRO D 13 27.65 -1.26 11.44
N VAL D 14 26.78 -0.28 11.31
CA VAL D 14 26.67 0.82 12.26
C VAL D 14 25.19 1.10 12.50
N TRP D 15 24.88 1.56 13.71
CA TRP D 15 23.50 1.72 14.12
C TRP D 15 23.34 2.95 15.01
N LYS D 16 22.12 3.49 15.02
CA LYS D 16 21.73 4.56 15.93
C LYS D 16 20.48 4.14 16.69
N ASP D 17 19.88 5.07 17.42
CA ASP D 17 18.73 4.78 18.27
C ASP D 17 17.52 5.60 17.83
N ALA D 18 16.35 5.00 17.95
CA ALA D 18 15.09 5.64 17.55
C ALA D 18 13.94 4.88 18.20
N GLU D 19 12.72 5.17 17.74
CA GLU D 19 11.51 4.53 18.26
C GLU D 19 10.63 4.09 17.10
N THR D 20 9.91 2.99 17.32
CA THR D 20 9.05 2.42 16.28
C THR D 20 8.03 1.51 16.96
N THR D 21 7.09 1.00 16.17
CA THR D 21 6.01 0.16 16.66
C THR D 21 6.43 -1.31 16.62
N LEU D 22 6.11 -2.03 17.68
CA LEU D 22 6.38 -3.45 17.78
C LEU D 22 5.16 -4.24 17.32
N PHE D 23 5.23 -5.56 17.38
CA PHE D 23 4.05 -6.39 17.18
C PHE D 23 4.11 -7.60 18.11
N CYS D 24 2.94 -8.19 18.33
CA CYS D 24 2.78 -9.24 19.31
C CYS D 24 2.89 -10.62 18.65
N ALA D 25 3.15 -11.62 19.49
CA ALA D 25 3.22 -13.00 19.06
C ALA D 25 2.91 -13.90 20.25
N SER D 26 2.14 -14.96 19.98
CA SER D 26 1.68 -15.87 21.02
C SER D 26 2.01 -17.30 20.62
N ASP D 27 2.17 -18.15 21.63
CA ASP D 27 2.52 -19.54 21.39
C ASP D 27 1.38 -20.27 20.70
N ALA D 28 1.74 -21.26 19.88
CA ALA D 28 0.73 -22.08 19.22
C ALA D 28 -0.12 -22.86 20.21
N LYS D 29 0.41 -23.15 21.39
CA LYS D 29 -0.38 -23.85 22.41
C LYS D 29 -1.64 -23.07 22.75
N ALA D 30 -1.55 -21.74 22.76
CA ALA D 30 -2.74 -20.92 22.99
C ALA D 30 -3.77 -21.13 21.88
N TYR D 31 -3.32 -21.28 20.64
CA TYR D 31 -4.24 -21.53 19.54
C TYR D 31 -5.00 -22.84 19.70
N GLU D 32 -4.48 -23.77 20.50
CA GLU D 32 -5.14 -25.04 20.72
C GLU D 32 -6.36 -24.85 21.60
N THR D 33 -7.53 -24.68 20.97
CA THR D 33 -8.80 -24.41 21.68
C THR D 33 -8.59 -23.15 22.52
N GLU D 34 -9.14 -23.09 23.74
CA GLU D 34 -8.96 -21.95 24.62
C GLU D 34 -9.48 -20.67 23.97
N LYS D 35 -10.58 -20.78 23.24
CA LYS D 35 -11.15 -19.63 22.56
C LYS D 35 -11.83 -18.66 23.50
N HIS D 36 -12.08 -19.05 24.75
CA HIS D 36 -12.79 -18.24 25.72
C HIS D 36 -11.78 -17.69 26.73
N ASN D 37 -11.37 -16.45 26.53
CA ASN D 37 -10.47 -15.76 27.45
C ASN D 37 -10.36 -14.31 27.00
N VAL D 38 -10.18 -13.42 27.97
CA VAL D 38 -10.16 -12.00 27.67
C VAL D 38 -9.00 -11.67 26.74
N TRP D 39 -7.83 -12.19 27.06
CA TRP D 39 -6.63 -11.98 26.23
C TRP D 39 -6.54 -13.10 25.20
N ALA D 40 -5.37 -13.20 24.56
CA ALA D 40 -5.10 -14.28 23.61
C ALA D 40 -6.00 -14.19 22.38
N THR D 41 -6.15 -12.98 21.86
CA THR D 41 -6.86 -12.81 20.61
C THR D 41 -6.11 -13.48 19.48
N HIS D 42 -6.80 -13.73 18.38
CA HIS D 42 -6.20 -14.35 17.21
C HIS D 42 -5.30 -13.41 16.44
N ALA D 43 -5.21 -12.13 16.83
CA ALA D 43 -4.38 -11.19 16.10
C ALA D 43 -2.92 -11.59 16.12
N CYS D 44 -2.41 -12.01 17.27
CA CYS D 44 -0.99 -12.33 17.38
C CYS D 44 -0.63 -13.53 16.52
N VAL D 45 0.50 -13.43 15.82
CA VAL D 45 0.97 -14.48 14.93
C VAL D 45 1.48 -15.63 15.80
N PRO D 46 1.33 -16.89 15.37
CA PRO D 46 1.99 -17.98 16.11
C PRO D 46 3.50 -17.82 16.09
N THR D 47 4.12 -18.23 17.20
CA THR D 47 5.56 -18.09 17.33
C THR D 47 6.27 -19.23 16.61
N ASP D 48 7.60 -19.24 16.71
CA ASP D 48 8.45 -20.28 16.15
C ASP D 48 9.38 -20.78 17.24
N PRO D 49 9.88 -22.02 17.11
CA PRO D 49 10.74 -22.56 18.17
C PRO D 49 12.20 -22.13 18.01
N ASN D 50 13.07 -22.65 18.90
CA ASN D 50 14.50 -22.43 18.94
C ASN D 50 14.89 -20.99 18.59
N PRO D 51 14.51 -20.00 19.40
CA PRO D 51 15.00 -18.64 19.17
C PRO D 51 16.50 -18.59 19.27
N GLN D 52 17.11 -17.74 18.45
CA GLN D 52 18.56 -17.66 18.31
C GLN D 52 19.09 -16.41 19.01
N GLU D 53 20.24 -16.56 19.66
CA GLU D 53 20.90 -15.48 20.36
C GLU D 53 22.34 -15.40 19.90
N ILE D 54 22.78 -14.21 19.51
CA ILE D 54 24.13 -13.98 19.01
C ILE D 54 24.88 -13.17 20.07
N HIS D 55 26.05 -13.66 20.45
CA HIS D 55 26.86 -12.99 21.45
C HIS D 55 27.81 -12.01 20.78
N LEU D 56 27.94 -10.82 21.37
CA LEU D 56 28.82 -9.78 20.87
C LEU D 56 30.00 -9.62 21.81
N GLU D 57 31.14 -9.20 21.26
CA GLU D 57 32.36 -9.02 22.04
C GLU D 57 33.02 -7.70 21.66
N ASN D 58 33.81 -7.19 22.59
CA ASN D 58 34.53 -5.93 22.39
C ASN D 58 33.56 -4.78 22.18
N VAL D 59 32.46 -4.78 22.94
CA VAL D 59 31.47 -3.71 22.87
C VAL D 59 31.07 -3.32 24.28
N THR D 60 30.62 -2.08 24.44
CA THR D 60 30.08 -1.59 25.69
C THR D 60 29.04 -0.52 25.37
N GLU D 61 27.89 -0.60 26.03
CA GLU D 61 26.75 0.22 25.63
C GLU D 61 26.06 0.81 26.86
N GLU D 62 25.47 1.99 26.67
CA GLU D 62 24.77 2.68 27.75
C GLU D 62 23.31 2.25 27.81
N PHE D 63 22.76 2.27 29.02
CA PHE D 63 21.36 1.92 29.24
C PHE D 63 20.75 2.85 30.29
N ASN D 64 19.45 3.09 30.13
CA ASN D 64 18.70 3.92 31.06
C ASN D 64 17.25 3.46 31.06
N MET D 65 16.77 3.02 32.23
CA MET D 65 15.41 2.50 32.30
C MET D 65 14.37 3.62 32.26
N TRP D 66 14.65 4.74 32.92
CA TRP D 66 13.58 5.69 33.25
C TRP D 66 13.04 6.36 31.99
N LYS D 67 13.94 6.87 31.15
CA LYS D 67 13.53 7.52 29.90
C LYS D 67 13.48 6.51 28.75
N ASN D 68 12.73 5.43 28.97
CA ASN D 68 12.63 4.34 28.02
C ASN D 68 11.26 4.32 27.37
N ASN D 69 11.24 3.94 26.10
CA ASN D 69 9.99 3.72 25.38
C ASN D 69 9.54 2.28 25.63
N MET D 70 8.55 1.81 24.87
CA MET D 70 8.02 0.46 24.99
C MET D 70 7.32 0.26 26.33
N VAL D 71 6.82 1.33 26.93
CA VAL D 71 6.00 1.26 28.14
C VAL D 71 4.60 1.78 27.88
N GLU D 72 4.48 3.06 27.54
CA GLU D 72 3.19 3.60 27.15
C GLU D 72 2.57 2.81 26.00
N GLN D 73 3.39 2.28 25.11
CA GLN D 73 2.86 1.55 23.96
C GLN D 73 2.08 0.32 24.41
N MET D 74 2.70 -0.53 25.22
CA MET D 74 2.02 -1.72 25.67
C MET D 74 0.89 -1.37 26.64
N HIS D 75 1.04 -0.27 27.38
CA HIS D 75 -0.04 0.18 28.25
C HIS D 75 -1.29 0.47 27.43
N THR D 76 -1.15 1.27 26.38
CA THR D 76 -2.28 1.59 25.52
C THR D 76 -2.82 0.34 24.85
N ASP D 77 -1.93 -0.56 24.43
CA ASP D 77 -2.39 -1.80 23.81
C ASP D 77 -3.27 -2.60 24.76
N ILE D 78 -2.85 -2.73 26.01
CA ILE D 78 -3.63 -3.49 26.98
C ILE D 78 -4.98 -2.84 27.20
N ILE D 79 -5.00 -1.51 27.34
CA ILE D 79 -6.26 -0.83 27.58
C ILE D 79 -7.23 -1.05 26.42
N SER D 80 -6.72 -0.89 25.19
CA SER D 80 -7.59 -1.05 24.02
C SER D 80 -8.10 -2.49 23.93
N LEU D 81 -7.23 -3.47 24.19
CA LEU D 81 -7.67 -4.86 24.13
C LEU D 81 -8.77 -5.13 25.14
N TRP D 82 -8.61 -4.64 26.37
CA TRP D 82 -9.65 -4.82 27.38
C TRP D 82 -10.96 -4.21 26.92
N ASP D 83 -10.92 -2.96 26.46
CA ASP D 83 -12.15 -2.28 26.08
C ASP D 83 -12.84 -3.00 24.93
N GLN D 84 -12.07 -3.45 23.94
CA GLN D 84 -12.65 -4.18 22.82
C GLN D 84 -13.29 -5.48 23.29
N SER D 85 -12.62 -6.19 24.20
CA SER D 85 -13.14 -7.48 24.64
C SER D 85 -14.44 -7.31 25.41
N LEU D 86 -14.58 -6.23 26.18
CA LEU D 86 -15.80 -6.02 26.95
C LEU D 86 -16.98 -5.54 26.11
N LYS D 87 -16.78 -5.24 24.82
CA LYS D 87 -17.82 -4.59 24.04
C LYS D 87 -19.09 -5.45 23.92
N PRO D 88 -19.01 -6.70 23.45
CA PRO D 88 -20.27 -7.42 23.15
C PRO D 88 -20.89 -8.12 24.36
N CYS D 89 -21.60 -7.34 25.19
CA CYS D 89 -22.28 -7.90 26.34
C CYS D 89 -23.54 -7.10 26.61
N VAL D 90 -24.47 -7.72 27.34
CA VAL D 90 -25.76 -7.12 27.59
C VAL D 90 -25.60 -5.87 28.45
N LYS D 91 -26.39 -4.85 28.15
CA LYS D 91 -26.39 -3.63 28.94
C LYS D 91 -27.15 -3.84 30.25
N LEU D 92 -26.93 -2.93 31.18
CA LEU D 92 -27.45 -2.99 32.55
C LEU D 92 -27.99 -1.63 32.98
N THR D 93 -28.90 -1.10 32.21
CA THR D 93 -29.56 0.15 32.52
C THR D 93 -30.83 0.07 33.39
N PRO D 94 -31.72 -0.92 33.21
CA PRO D 94 -33.03 -0.80 33.88
C PRO D 94 -32.97 -0.95 35.38
N LEU D 95 -31.84 -1.41 35.94
CA LEU D 95 -31.65 -1.59 37.38
C LEU D 95 -31.59 -0.31 38.19
N CYS D 96 -31.52 0.87 37.56
CA CYS D 96 -31.74 2.07 38.37
C CYS D 96 -33.20 2.14 38.83
N VAL D 97 -33.46 1.91 40.11
CA VAL D 97 -34.82 1.95 40.64
C VAL D 97 -34.75 1.89 42.16
N THR D 98 -35.76 2.45 42.82
CA THR D 98 -35.80 2.45 44.27
C THR D 98 -35.90 1.03 44.80
N LEU D 99 -35.36 0.83 46.00
CA LEU D 99 -35.26 -0.48 46.63
C LEU D 99 -35.91 -0.46 48.00
N GLN D 100 -36.19 -1.65 48.52
CA GLN D 100 -36.64 -1.81 49.90
C GLN D 100 -35.71 -2.82 50.56
N CYS D 101 -34.96 -2.37 51.55
CA CYS D 101 -33.85 -3.14 52.10
C CYS D 101 -33.97 -3.29 53.61
N THR D 102 -33.39 -4.37 54.12
CA THR D 102 -33.40 -4.65 55.55
C THR D 102 -32.13 -5.42 55.92
N ASN D 103 -31.95 -5.62 57.22
CA ASN D 103 -30.77 -6.32 57.73
C ASN D 103 -30.87 -7.81 57.45
N VAL D 104 -29.89 -8.56 57.96
CA VAL D 104 -29.84 -10.01 57.84
C VAL D 104 -29.48 -10.57 59.21
N THR D 105 -30.12 -11.69 59.57
CA THR D 105 -29.86 -12.38 60.84
C THR D 105 -29.95 -13.88 60.59
N ASN D 106 -28.81 -14.49 60.26
CA ASN D 106 -28.72 -15.92 59.95
C ASN D 106 -27.53 -16.53 60.66
N ASN D 107 -27.41 -16.26 61.96
CA ASN D 107 -26.30 -16.75 62.78
C ASN D 107 -24.98 -16.16 62.31
N ILE D 108 -24.95 -14.83 62.20
CA ILE D 108 -23.73 -14.14 61.81
C ILE D 108 -22.87 -13.89 63.03
N THR D 109 -21.59 -13.65 62.79
CA THR D 109 -20.67 -13.23 63.84
C THR D 109 -20.75 -11.72 64.02
N ASP D 110 -19.96 -11.18 64.96
CA ASP D 110 -20.07 -9.78 65.30
C ASP D 110 -19.68 -8.87 64.13
N ASP D 111 -18.59 -9.20 63.44
CA ASP D 111 -18.06 -8.28 62.42
C ASP D 111 -18.98 -8.17 61.22
N MET D 112 -19.83 -9.17 60.98
CA MET D 112 -20.71 -9.13 59.82
C MET D 112 -21.93 -8.23 60.02
N ARG D 113 -22.11 -7.67 61.21
CA ARG D 113 -23.24 -6.77 61.44
C ARG D 113 -23.14 -5.57 60.51
N GLY D 114 -24.12 -5.40 59.63
CA GLY D 114 -24.08 -4.30 58.69
C GLY D 114 -23.22 -4.54 57.47
N GLU D 115 -22.98 -5.80 57.12
CA GLU D 115 -22.19 -6.14 55.95
C GLU D 115 -23.01 -6.73 54.81
N LEU D 116 -24.18 -7.28 55.10
CA LEU D 116 -25.08 -7.82 54.09
C LEU D 116 -26.45 -7.21 54.25
N LYS D 117 -27.11 -6.94 53.13
CA LYS D 117 -28.42 -6.33 53.12
C LYS D 117 -29.33 -7.14 52.23
N ASN D 118 -30.57 -7.34 52.67
CA ASN D 118 -31.58 -8.09 51.95
C ASN D 118 -32.53 -7.10 51.29
N CYS D 119 -32.54 -7.04 49.96
CA CYS D 119 -33.23 -5.98 49.22
C CYS D 119 -34.19 -6.58 48.21
N SER D 120 -35.38 -5.99 48.13
CA SER D 120 -36.42 -6.41 47.20
C SER D 120 -36.94 -5.20 46.43
N PHE D 121 -37.49 -5.47 45.24
CA PHE D 121 -37.89 -4.39 44.34
C PHE D 121 -38.70 -4.94 43.17
N ASN D 122 -39.30 -4.01 42.43
CA ASN D 122 -40.10 -4.30 41.25
C ASN D 122 -39.24 -4.27 39.99
N MET D 123 -39.71 -4.96 38.95
CA MET D 123 -38.99 -5.03 37.69
C MET D 123 -39.94 -5.37 36.56
N THR D 124 -39.48 -5.16 35.32
CA THR D 124 -40.28 -5.39 34.13
C THR D 124 -39.96 -6.77 33.56
N THR D 125 -41.00 -7.48 33.14
CA THR D 125 -40.86 -8.79 32.54
C THR D 125 -40.64 -8.63 31.04
N GLU D 126 -40.68 -9.74 30.29
CA GLU D 126 -40.48 -9.67 28.85
C GLU D 126 -41.59 -8.87 28.18
N LEU D 127 -42.83 -9.10 28.54
CA LEU D 127 -43.96 -8.35 28.02
C LEU D 127 -44.08 -7.05 28.79
N ARG D 128 -43.94 -5.92 28.08
CA ARG D 128 -43.80 -4.63 28.74
C ARG D 128 -45.05 -4.22 29.51
N ASP D 129 -46.18 -4.89 29.31
CA ASP D 129 -47.40 -4.50 29.99
C ASP D 129 -47.48 -4.98 31.43
N LYS D 130 -46.54 -5.81 31.88
CA LYS D 130 -46.61 -6.44 33.19
C LYS D 130 -45.34 -6.14 33.98
N LYS D 131 -45.31 -6.63 35.23
CA LYS D 131 -44.16 -6.43 36.10
C LYS D 131 -44.10 -7.59 37.10
N GLN D 132 -43.02 -7.61 37.87
CA GLN D 132 -42.77 -8.70 38.80
C GLN D 132 -42.00 -8.17 40.00
N LYS D 133 -42.01 -8.96 41.08
CA LYS D 133 -41.38 -8.61 42.35
C LYS D 133 -40.26 -9.61 42.62
N VAL D 134 -39.06 -9.10 42.90
CA VAL D 134 -37.90 -9.95 43.10
C VAL D 134 -37.09 -9.45 44.30
N TYR D 135 -36.11 -10.26 44.70
CA TYR D 135 -35.27 -9.96 45.84
C TYR D 135 -33.87 -10.52 45.62
N SER D 136 -32.93 -10.04 46.43
CA SER D 136 -31.53 -10.43 46.32
C SER D 136 -30.79 -9.90 47.55
N LEU D 137 -29.49 -10.20 47.61
CA LEU D 137 -28.61 -9.72 48.66
C LEU D 137 -27.53 -8.82 48.08
N PHE D 138 -27.04 -7.90 48.91
CA PHE D 138 -26.02 -6.96 48.47
C PHE D 138 -25.07 -6.65 49.62
N TYR D 139 -23.86 -6.25 49.26
CA TYR D 139 -22.84 -5.88 50.23
C TYR D 139 -22.97 -4.41 50.58
N ARG D 140 -22.43 -4.06 51.75
CA ARG D 140 -22.65 -2.73 52.29
C ARG D 140 -22.09 -1.63 51.39
N LEU D 141 -21.07 -1.94 50.59
CA LEU D 141 -20.36 -0.94 49.82
C LEU D 141 -20.94 -0.71 48.43
N ASP D 142 -22.24 -0.96 48.25
CA ASP D 142 -22.86 -0.79 46.94
C ASP D 142 -24.24 -0.16 47.00
N VAL D 143 -24.67 0.35 48.15
CA VAL D 143 -25.96 1.01 48.29
C VAL D 143 -25.77 2.25 49.14
N VAL D 144 -26.41 3.34 48.74
CA VAL D 144 -26.33 4.60 49.45
C VAL D 144 -27.74 5.08 49.74
N GLN D 145 -27.91 5.68 50.91
CA GLN D 145 -29.22 6.15 51.35
C GLN D 145 -29.48 7.55 50.84
N ILE D 146 -30.76 7.82 50.57
CA ILE D 146 -31.22 9.15 50.19
C ILE D 146 -32.27 9.60 51.21
N ASN D 147 -32.63 10.86 51.13
CA ASN D 147 -33.60 11.43 52.07
C ASN D 147 -34.36 12.59 51.43
N SER D 157 -39.45 4.17 60.67
CA SER D 157 -39.85 4.63 59.34
C SER D 157 -39.42 3.63 58.28
N ASN D 158 -39.46 4.04 57.02
CA ASN D 158 -39.06 3.19 55.91
C ASN D 158 -37.54 3.22 55.74
N LYS D 159 -37.07 2.50 54.74
CA LYS D 159 -35.65 2.51 54.37
C LYS D 159 -35.56 2.25 52.88
N GLU D 160 -34.93 3.16 52.15
CA GLU D 160 -34.79 3.06 50.71
C GLU D 160 -33.39 3.51 50.32
N TYR D 161 -32.78 2.79 49.39
CA TYR D 161 -31.42 3.03 48.97
C TYR D 161 -31.36 3.08 47.45
N ARG D 162 -30.16 3.38 46.94
CA ARG D 162 -29.94 3.38 45.50
C ARG D 162 -28.49 3.03 45.22
N LEU D 163 -28.23 2.62 43.99
CA LEU D 163 -26.88 2.28 43.59
C LEU D 163 -26.03 3.53 43.45
N ILE D 164 -24.73 3.38 43.72
CA ILE D 164 -23.83 4.52 43.65
C ILE D 164 -23.67 4.99 42.21
N ASN D 165 -23.44 4.07 41.28
CA ASN D 165 -23.08 4.44 39.93
C ASN D 165 -24.22 5.10 39.16
N CYS D 166 -25.46 5.03 39.66
CA CYS D 166 -26.60 5.40 38.82
C CYS D 166 -26.54 6.86 38.40
N ASN D 167 -26.22 7.75 39.33
CA ASN D 167 -26.25 9.17 39.01
C ASN D 167 -25.09 9.62 38.13
N THR D 168 -24.11 8.75 37.89
CA THR D 168 -22.96 9.09 37.06
C THR D 168 -23.03 8.43 35.69
N SER D 169 -23.06 7.10 35.64
CA SER D 169 -23.13 6.38 34.37
C SER D 169 -23.69 4.99 34.61
N ALA D 170 -24.09 4.34 33.53
CA ALA D 170 -24.54 2.96 33.55
C ALA D 170 -23.49 2.11 32.84
N CYS D 171 -23.30 0.89 33.32
CA CYS D 171 -22.22 0.02 32.88
C CYS D 171 -22.78 -1.26 32.28
N THR D 172 -21.87 -2.15 31.89
CA THR D 172 -22.21 -3.37 31.18
C THR D 172 -21.99 -4.59 32.06
N GLN D 173 -22.96 -5.49 32.05
CA GLN D 173 -22.79 -6.79 32.66
C GLN D 173 -21.62 -7.51 32.00
N ALA D 174 -20.77 -8.11 32.81
CA ALA D 174 -19.73 -8.98 32.26
C ALA D 174 -20.37 -10.23 31.69
N CYS D 175 -19.95 -10.62 30.50
CA CYS D 175 -20.51 -11.82 29.88
C CYS D 175 -20.13 -13.04 30.71
N PRO D 176 -20.99 -14.06 30.77
CA PRO D 176 -20.78 -15.13 31.75
C PRO D 176 -19.54 -15.97 31.49
N LYS D 177 -19.38 -16.43 30.24
CA LYS D 177 -18.32 -17.37 29.90
C LYS D 177 -17.12 -16.59 29.38
N VAL D 178 -16.24 -16.20 30.32
CA VAL D 178 -14.96 -15.60 29.99
C VAL D 178 -13.97 -15.96 31.08
N SER D 179 -12.70 -16.09 30.69
CA SER D 179 -11.63 -16.47 31.60
C SER D 179 -10.67 -15.29 31.78
N PHE D 180 -10.29 -15.03 33.02
CA PHE D 180 -9.38 -13.94 33.35
C PHE D 180 -7.95 -14.42 33.59
N GLU D 181 -7.63 -15.64 33.16
CA GLU D 181 -6.30 -16.17 33.39
C GLU D 181 -5.30 -15.50 32.43
N PRO D 182 -4.25 -14.85 32.93
CA PRO D 182 -3.23 -14.33 32.02
C PRO D 182 -2.38 -15.47 31.46
N ILE D 183 -1.74 -15.19 30.32
CA ILE D 183 -0.84 -16.15 29.68
C ILE D 183 0.37 -15.42 29.15
N PRO D 184 1.46 -16.14 28.88
CA PRO D 184 2.65 -15.49 28.32
C PRO D 184 2.36 -14.85 26.98
N ILE D 185 3.06 -13.74 26.72
CA ILE D 185 2.99 -13.03 25.46
C ILE D 185 4.40 -12.67 25.04
N HIS D 186 4.60 -12.45 23.74
CA HIS D 186 5.91 -12.14 23.21
C HIS D 186 5.84 -10.92 22.31
N TYR D 187 6.92 -10.15 22.30
CA TYR D 187 7.07 -8.96 21.48
C TYR D 187 8.17 -9.19 20.47
N CYS D 188 7.93 -8.76 19.23
CA CYS D 188 8.93 -8.86 18.18
C CYS D 188 8.86 -7.61 17.32
N ALA D 189 10.00 -7.28 16.71
CA ALA D 189 10.19 -6.05 15.96
C ALA D 189 10.29 -6.32 14.47
N PRO D 190 9.96 -5.35 13.63
CA PRO D 190 9.97 -5.57 12.18
C PRO D 190 11.39 -5.43 11.63
N ALA D 191 11.50 -5.54 10.31
CA ALA D 191 12.79 -5.40 9.66
C ALA D 191 13.29 -3.96 9.78
N GLY D 192 14.61 -3.81 9.76
CA GLY D 192 15.23 -2.51 9.92
C GLY D 192 15.42 -2.07 11.35
N PHE D 193 15.25 -2.96 12.32
CA PHE D 193 15.47 -2.64 13.72
C PHE D 193 16.04 -3.87 14.42
N ALA D 194 16.63 -3.64 15.59
CA ALA D 194 17.23 -4.70 16.36
C ALA D 194 16.98 -4.48 17.85
N ILE D 195 16.96 -5.58 18.59
CA ILE D 195 16.69 -5.57 20.03
C ILE D 195 17.94 -6.09 20.75
N LEU D 196 18.47 -5.27 21.65
CA LEU D 196 19.66 -5.60 22.41
C LEU D 196 19.30 -5.83 23.87
N LYS D 197 19.99 -6.78 24.48
CA LYS D 197 19.82 -7.15 25.88
C LYS D 197 21.18 -7.17 26.57
N CYS D 198 21.23 -6.61 27.77
CA CYS D 198 22.45 -6.60 28.57
C CYS D 198 22.41 -7.78 29.54
N LYS D 199 23.39 -8.66 29.41
CA LYS D 199 23.43 -9.90 30.18
C LYS D 199 24.18 -9.78 31.50
N ASP D 200 24.68 -8.60 31.83
CA ASP D 200 25.44 -8.44 33.06
C ASP D 200 24.57 -8.76 34.27
N LYS D 201 25.18 -9.38 35.28
CA LYS D 201 24.45 -9.81 36.46
C LYS D 201 24.39 -8.73 37.54
N LYS D 202 25.37 -7.84 37.58
CA LYS D 202 25.43 -6.77 38.58
C LYS D 202 24.84 -5.47 38.07
N PHE D 203 24.30 -5.45 36.84
CA PHE D 203 23.74 -4.23 36.29
C PHE D 203 22.61 -3.71 37.17
N ASN D 204 22.65 -2.42 37.48
CA ASN D 204 21.74 -1.81 38.45
C ASN D 204 20.75 -0.86 37.80
N GLY D 205 20.42 -1.08 36.52
CA GLY D 205 19.33 -0.39 35.89
C GLY D 205 19.66 0.90 35.19
N THR D 206 20.91 1.38 35.26
CA THR D 206 21.29 2.59 34.55
C THR D 206 22.80 2.71 34.56
N GLY D 207 23.38 3.00 33.40
CA GLY D 207 24.82 3.12 33.27
C GLY D 207 25.35 2.32 32.09
N PRO D 208 26.67 2.16 32.03
CA PRO D 208 27.24 1.32 30.98
C PRO D 208 27.21 -0.16 31.35
N CYS D 209 27.04 -0.99 30.32
CA CYS D 209 27.02 -2.43 30.44
C CYS D 209 28.00 -2.99 29.40
N PRO D 210 28.96 -3.85 29.79
CA PRO D 210 29.91 -4.38 28.80
C PRO D 210 29.44 -5.64 28.11
N SER D 211 28.61 -6.44 28.78
CA SER D 211 28.14 -7.71 28.24
C SER D 211 26.82 -7.48 27.53
N VAL D 212 26.80 -7.67 26.22
CA VAL D 212 25.65 -7.34 25.39
C VAL D 212 25.35 -8.52 24.48
N SER D 213 24.10 -8.61 24.04
CA SER D 213 23.72 -9.59 23.04
C SER D 213 22.49 -9.08 22.31
N THR D 214 22.16 -9.75 21.21
CA THR D 214 21.04 -9.38 20.37
C THR D 214 20.04 -10.52 20.28
N VAL D 215 18.75 -10.17 20.23
CA VAL D 215 17.69 -11.16 20.12
C VAL D 215 16.61 -10.62 19.18
N GLN D 216 15.82 -11.55 18.65
CA GLN D 216 14.74 -11.20 17.73
C GLN D 216 13.37 -11.17 18.39
N CYS D 217 13.19 -11.83 19.54
CA CYS D 217 11.91 -11.83 20.24
C CYS D 217 12.17 -12.04 21.72
N THR D 218 11.57 -11.19 22.56
CA THR D 218 11.76 -11.30 23.99
C THR D 218 11.13 -12.59 24.52
N HIS D 219 11.31 -12.82 25.82
CA HIS D 219 10.71 -13.99 26.46
C HIS D 219 9.26 -13.69 26.86
N GLY D 220 8.62 -14.68 27.45
CA GLY D 220 7.22 -14.55 27.81
C GLY D 220 7.00 -13.51 28.89
N ILE D 221 5.84 -12.86 28.82
CA ILE D 221 5.43 -11.85 29.80
C ILE D 221 3.98 -12.15 30.18
N LYS D 222 3.69 -12.12 31.48
CA LYS D 222 2.36 -12.40 32.01
C LYS D 222 1.81 -11.15 32.67
N PRO D 223 0.95 -10.38 32.01
CA PRO D 223 0.42 -9.17 32.66
C PRO D 223 -0.44 -9.51 33.86
N VAL D 224 -0.36 -8.67 34.88
CA VAL D 224 -1.14 -8.80 36.10
C VAL D 224 -1.54 -7.41 36.57
N VAL D 225 -2.28 -7.35 37.67
CA VAL D 225 -2.69 -6.10 38.27
C VAL D 225 -2.57 -6.24 39.78
N SER D 226 -1.97 -5.24 40.43
CA SER D 226 -1.80 -5.26 41.87
C SER D 226 -1.29 -3.89 42.32
N THR D 227 -1.37 -3.66 43.63
CA THR D 227 -0.92 -2.41 44.22
C THR D 227 -0.23 -2.71 45.55
N GLN D 228 0.88 -2.01 45.79
CA GLN D 228 1.71 -2.14 46.99
C GLN D 228 2.50 -3.44 47.03
N LEU D 229 2.32 -4.33 46.05
CA LEU D 229 2.99 -5.63 46.07
C LEU D 229 3.04 -6.16 44.65
N LEU D 230 3.95 -7.10 44.42
CA LEU D 230 4.13 -7.73 43.11
C LEU D 230 3.96 -9.24 43.25
N LEU D 231 3.20 -9.83 42.35
CA LEU D 231 2.88 -11.25 42.41
C LEU D 231 3.30 -11.95 41.12
N ASN D 232 3.89 -13.13 41.26
CA ASN D 232 4.25 -14.00 40.14
C ASN D 232 5.25 -13.35 39.20
N GLY D 233 5.99 -12.35 39.66
CA GLY D 233 6.98 -11.72 38.82
C GLY D 233 8.28 -12.50 38.81
N SER D 234 9.21 -12.04 37.97
CA SER D 234 10.54 -12.62 37.94
C SER D 234 11.29 -12.25 39.21
N LEU D 235 12.37 -12.98 39.47
CA LEU D 235 13.15 -12.81 40.70
C LEU D 235 14.63 -12.72 40.35
N ALA D 236 15.35 -11.90 41.10
CA ALA D 236 16.78 -11.75 40.90
C ALA D 236 17.51 -13.02 41.32
N GLU D 237 18.79 -13.08 40.98
CA GLU D 237 19.62 -14.25 41.23
C GLU D 237 20.76 -14.00 42.21
N GLU D 238 21.31 -12.80 42.26
CA GLU D 238 22.45 -12.53 43.11
C GLU D 238 22.02 -12.25 44.55
N GLU D 239 21.27 -11.17 44.76
CA GLU D 239 20.88 -10.77 46.10
C GLU D 239 19.73 -9.78 45.99
N VAL D 240 19.09 -9.52 47.13
CA VAL D 240 18.03 -8.51 47.17
C VAL D 240 18.58 -7.19 46.68
N MET D 241 17.89 -6.57 45.73
CA MET D 241 18.40 -5.41 45.03
C MET D 241 17.42 -4.25 45.16
N ILE D 242 17.95 -3.04 45.13
CA ILE D 242 17.17 -1.81 45.27
C ILE D 242 17.50 -0.91 44.10
N ARG D 243 16.46 -0.31 43.53
CA ARG D 243 16.61 0.55 42.35
C ARG D 243 15.80 1.82 42.54
N SER D 244 16.37 2.92 42.05
CA SER D 244 15.76 4.23 42.16
C SER D 244 16.34 5.14 41.10
N GLU D 245 15.63 6.24 40.84
CA GLU D 245 16.09 7.22 39.87
C GLU D 245 17.03 8.24 40.50
N ASN D 246 16.55 8.95 41.52
CA ASN D 246 17.33 9.98 42.21
C ASN D 246 17.19 9.73 43.72
N ILE D 247 17.61 8.54 44.14
CA ILE D 247 17.37 8.03 45.50
C ILE D 247 17.55 9.07 46.59
N THR D 248 18.46 10.03 46.40
CA THR D 248 18.63 11.08 47.40
C THR D 248 17.31 11.81 47.70
N ASN D 249 16.64 12.29 46.66
CA ASN D 249 15.34 12.93 46.83
C ASN D 249 14.30 11.95 47.36
N ASN D 250 13.38 12.49 48.16
CA ASN D 250 12.23 11.74 48.65
C ASN D 250 11.05 11.76 47.68
N ALA D 251 11.17 12.45 46.54
CA ALA D 251 10.03 12.60 45.65
C ALA D 251 9.66 11.31 44.94
N LYS D 252 10.64 10.55 44.46
CA LYS D 252 10.40 9.40 43.59
C LYS D 252 10.32 8.11 44.40
N ASN D 253 9.64 7.12 43.82
CA ASN D 253 9.46 5.84 44.47
C ASN D 253 10.73 5.02 44.41
N ILE D 254 10.76 3.93 45.18
CA ILE D 254 11.90 3.03 45.26
C ILE D 254 11.39 1.61 45.01
N LEU D 255 12.04 0.91 44.09
CA LEU D 255 11.68 -0.48 43.79
C LEU D 255 12.65 -1.41 44.48
N VAL D 256 12.14 -2.51 45.02
CA VAL D 256 12.95 -3.51 45.68
C VAL D 256 12.58 -4.87 45.12
N GLN D 257 13.60 -5.66 44.76
CA GLN D 257 13.43 -6.98 44.18
C GLN D 257 14.07 -8.02 45.08
N PHE D 258 13.31 -9.06 45.40
CA PHE D 258 13.74 -10.09 46.34
C PHE D 258 14.66 -11.10 45.65
N ASN D 259 15.25 -11.97 46.46
CA ASN D 259 16.09 -13.05 46.00
C ASN D 259 15.32 -14.34 45.79
N THR D 260 14.38 -14.65 46.70
CA THR D 260 13.57 -15.85 46.62
C THR D 260 12.12 -15.49 46.91
N PRO D 261 11.16 -16.22 46.34
CA PRO D 261 9.76 -15.88 46.56
C PRO D 261 9.33 -16.26 47.97
N VAL D 262 8.22 -15.66 48.40
CA VAL D 262 7.60 -16.04 49.67
C VAL D 262 6.14 -16.39 49.40
N GLN D 263 5.68 -17.47 50.02
CA GLN D 263 4.37 -18.03 49.70
C GLN D 263 3.27 -17.34 50.49
N ILE D 264 2.10 -17.21 49.88
CA ILE D 264 0.93 -16.60 50.51
C ILE D 264 -0.30 -17.41 50.13
N ASN D 265 -1.20 -17.61 51.09
CA ASN D 265 -2.47 -18.29 50.84
C ASN D 265 -3.62 -17.32 51.08
N CYS D 266 -4.69 -17.47 50.31
CA CYS D 266 -5.88 -16.63 50.44
C CYS D 266 -7.12 -17.49 50.23
N THR D 267 -8.20 -17.17 50.96
CA THR D 267 -9.37 -18.02 50.89
C THR D 267 -10.62 -17.26 51.29
N ARG D 268 -11.74 -17.63 50.66
CA ARG D 268 -13.07 -17.25 51.06
C ARG D 268 -13.85 -18.53 51.34
N PRO D 269 -14.38 -18.74 52.55
CA PRO D 269 -15.01 -20.04 52.87
C PRO D 269 -16.50 -20.11 52.62
N ASN D 270 -17.16 -19.01 52.31
CA ASN D 270 -18.60 -19.03 52.13
C ASN D 270 -18.98 -19.86 50.92
N ASN D 271 -20.18 -20.44 50.97
CA ASN D 271 -20.71 -21.29 49.92
C ASN D 271 -21.94 -20.61 49.33
N ASN D 272 -21.83 -20.15 48.09
CA ASN D 272 -22.87 -19.38 47.44
C ASN D 272 -23.71 -20.24 46.51
N THR D 273 -24.79 -19.64 46.03
CA THR D 273 -25.65 -20.22 44.99
C THR D 273 -25.78 -19.19 43.87
N ARG D 274 -26.68 -19.46 42.92
CA ARG D 274 -26.86 -18.54 41.81
C ARG D 274 -28.30 -18.64 41.31
N LYS D 275 -28.71 -17.61 40.58
CA LYS D 275 -30.07 -17.51 40.07
C LYS D 275 -30.05 -16.70 38.78
N SER D 276 -31.10 -16.86 37.99
CA SER D 276 -31.24 -16.16 36.71
C SER D 276 -32.59 -15.46 36.67
N ILE D 277 -32.61 -14.27 36.10
CA ILE D 277 -33.81 -13.46 35.95
C ILE D 277 -33.85 -12.92 34.53
N ARG D 278 -35.05 -12.78 33.98
CA ARG D 278 -35.25 -12.27 32.63
C ARG D 278 -35.76 -10.84 32.69
N ILE D 279 -35.24 -10.01 31.79
CA ILE D 279 -35.69 -8.63 31.66
C ILE D 279 -36.45 -8.41 30.35
N GLY D 280 -35.95 -8.96 29.25
CA GLY D 280 -36.51 -8.72 27.95
C GLY D 280 -36.13 -9.82 26.97
N PRO D 281 -36.08 -9.51 25.68
CA PRO D 281 -35.64 -10.53 24.72
C PRO D 281 -34.18 -10.90 24.93
N GLY D 282 -33.95 -12.12 25.43
CA GLY D 282 -32.59 -12.59 25.62
C GLY D 282 -31.77 -11.74 26.56
N GLN D 283 -32.39 -11.20 27.60
CA GLN D 283 -31.73 -10.34 28.58
C GLN D 283 -31.75 -11.08 29.91
N ALA D 284 -30.68 -11.81 30.19
CA ALA D 284 -30.51 -12.55 31.42
C ALA D 284 -29.71 -11.72 32.42
N PHE D 285 -29.99 -11.92 33.70
CA PHE D 285 -29.33 -11.21 34.77
C PHE D 285 -29.15 -12.15 35.94
N TYR D 286 -27.99 -12.06 36.60
CA TYR D 286 -27.63 -12.97 37.67
C TYR D 286 -27.64 -12.24 39.00
N ALA D 287 -28.35 -12.79 39.97
CA ALA D 287 -28.43 -12.25 41.32
C ALA D 287 -28.04 -13.33 42.32
N THR D 288 -27.34 -12.93 43.36
CA THR D 288 -26.90 -13.89 44.36
C THR D 288 -28.10 -14.54 45.04
N GLY D 289 -28.00 -15.84 45.28
CA GLY D 289 -29.10 -16.59 45.84
C GLY D 289 -29.13 -16.52 47.35
N ASP D 290 -29.19 -17.68 48.00
CA ASP D 290 -29.28 -17.78 49.45
C ASP D 290 -28.08 -18.49 50.02
N ILE D 291 -27.54 -17.96 51.11
CA ILE D 291 -26.47 -18.61 51.84
C ILE D 291 -27.01 -19.88 52.51
N ILE D 292 -26.11 -20.81 52.81
CA ILE D 292 -26.50 -22.13 53.31
C ILE D 292 -26.11 -22.32 54.77
N GLY D 293 -24.98 -21.78 55.21
CA GLY D 293 -24.47 -22.05 56.54
C GLY D 293 -23.88 -20.84 57.24
N ASP D 294 -22.92 -21.09 58.13
CA ASP D 294 -22.31 -20.01 58.89
C ASP D 294 -21.52 -19.09 57.95
N ILE D 295 -21.21 -17.89 58.45
CA ILE D 295 -20.56 -16.84 57.68
C ILE D 295 -19.27 -16.47 58.39
N ARG D 296 -18.16 -16.48 57.65
CA ARG D 296 -16.85 -16.12 58.16
C ARG D 296 -16.15 -15.22 57.16
N GLN D 297 -15.25 -14.38 57.64
CA GLN D 297 -14.59 -13.40 56.80
C GLN D 297 -13.49 -14.06 55.99
N ALA D 298 -13.46 -13.78 54.69
CA ALA D 298 -12.36 -14.25 53.86
C ALA D 298 -11.06 -13.62 54.33
N HIS D 299 -9.98 -14.40 54.29
CA HIS D 299 -8.73 -13.92 54.87
C HIS D 299 -7.55 -14.59 54.17
N CYS D 300 -6.35 -14.13 54.54
CA CYS D 300 -5.11 -14.61 53.94
C CYS D 300 -4.07 -14.86 55.02
N ASN D 301 -3.13 -15.75 54.70
CA ASN D 301 -2.10 -16.20 55.61
C ASN D 301 -0.73 -16.11 54.96
N VAL D 302 0.26 -15.82 55.80
CA VAL D 302 1.66 -15.75 55.39
C VAL D 302 2.53 -16.29 56.52
N SER D 303 3.72 -16.74 56.14
CA SER D 303 4.68 -17.25 57.12
C SER D 303 5.24 -16.09 57.95
N LYS D 304 5.96 -16.42 59.02
CA LYS D 304 6.55 -15.43 59.91
C LYS D 304 8.05 -15.36 59.80
N ALA D 305 8.76 -16.48 59.99
CA ALA D 305 10.21 -16.45 60.03
C ALA D 305 10.79 -15.98 58.70
N THR D 306 10.21 -16.45 57.59
CA THR D 306 10.68 -16.02 56.28
C THR D 306 10.53 -14.52 56.12
N TRP D 307 9.39 -13.98 56.52
CA TRP D 307 9.18 -12.55 56.44
C TRP D 307 10.19 -11.79 57.27
N ASN D 308 10.43 -12.25 58.50
CA ASN D 308 11.37 -11.58 59.38
C ASN D 308 12.77 -11.55 58.78
N GLU D 309 13.25 -12.70 58.31
CA GLU D 309 14.61 -12.74 57.80
C GLU D 309 14.75 -11.96 56.50
N THR D 310 13.74 -11.97 55.64
CA THR D 310 13.81 -11.16 54.44
C THR D 310 13.86 -9.68 54.78
N LEU D 311 13.08 -9.26 55.78
CA LEU D 311 13.17 -7.86 56.23
C LEU D 311 14.58 -7.56 56.71
N GLY D 312 15.18 -8.47 57.47
CA GLY D 312 16.55 -8.25 57.92
C GLY D 312 17.52 -8.09 56.76
N LYS D 313 17.41 -8.96 55.76
CA LYS D 313 18.32 -8.90 54.62
C LYS D 313 18.18 -7.57 53.88
N VAL D 314 16.94 -7.17 53.61
CA VAL D 314 16.76 -5.93 52.86
C VAL D 314 17.25 -4.74 53.67
N VAL D 315 17.06 -4.76 54.99
CA VAL D 315 17.59 -3.67 55.81
C VAL D 315 19.10 -3.61 55.70
N LYS D 316 19.76 -4.77 55.79
CA LYS D 316 21.21 -4.79 55.70
C LYS D 316 21.68 -4.24 54.36
N GLN D 317 21.03 -4.65 53.28
CA GLN D 317 21.42 -4.14 51.97
C GLN D 317 21.20 -2.64 51.86
N LEU D 318 20.06 -2.15 52.36
CA LEU D 318 19.75 -0.74 52.23
C LEU D 318 20.67 0.13 53.07
N ARG D 319 21.26 -0.41 54.14
CA ARG D 319 22.05 0.43 55.03
C ARG D 319 23.27 1.04 54.35
N LYS D 320 23.70 0.51 53.20
CA LYS D 320 24.95 0.97 52.59
C LYS D 320 24.91 2.43 52.16
N HIS D 321 23.74 3.01 51.96
CA HIS D 321 23.63 4.36 51.43
C HIS D 321 23.41 5.44 52.48
N PHE D 322 22.85 5.08 53.63
CA PHE D 322 22.46 6.06 54.64
C PHE D 322 23.29 5.94 55.92
N GLY D 323 24.49 5.38 55.83
CA GLY D 323 25.35 5.28 56.99
C GLY D 323 24.88 4.21 57.96
N ASN D 324 25.81 3.58 58.66
CA ASN D 324 25.47 2.49 59.55
C ASN D 324 24.80 2.97 60.83
N ASN D 325 25.14 4.19 61.28
CA ASN D 325 24.62 4.72 62.54
C ASN D 325 23.29 5.43 62.28
N THR D 326 22.26 4.61 62.01
CA THR D 326 20.93 5.12 61.74
C THR D 326 19.91 4.10 62.21
N ILE D 327 18.69 4.58 62.43
CA ILE D 327 17.58 3.77 62.93
C ILE D 327 16.50 3.74 61.87
N ILE D 328 16.06 2.54 61.50
CA ILE D 328 15.05 2.36 60.46
C ILE D 328 13.72 2.04 61.12
N ARG D 329 12.64 2.53 60.54
CA ARG D 329 11.31 2.26 61.05
C ARG D 329 10.34 2.11 59.89
N PHE D 330 9.29 1.32 60.10
CA PHE D 330 8.27 1.08 59.08
C PHE D 330 6.92 1.46 59.64
N ALA D 331 6.06 2.02 58.78
CA ALA D 331 4.72 2.43 59.17
C ALA D 331 3.76 2.11 58.03
N ASN D 332 2.48 2.01 58.38
CA ASN D 332 1.46 1.70 57.41
C ASN D 332 1.23 2.89 56.48
N SER D 333 0.33 2.71 55.52
CA SER D 333 0.04 3.77 54.56
C SER D 333 -0.52 4.98 55.27
N SER D 334 -0.19 6.16 54.74
CA SER D 334 -0.61 7.41 55.39
C SER D 334 -2.12 7.57 55.33
N GLY D 335 -2.71 7.44 54.16
CA GLY D 335 -4.14 7.62 54.01
C GLY D 335 -4.49 8.02 52.59
N GLY D 336 -5.79 7.99 52.32
CA GLY D 336 -6.30 8.30 51.00
C GLY D 336 -7.56 7.49 50.74
N ASP D 337 -7.86 7.32 49.45
CA ASP D 337 -9.04 6.56 49.06
C ASP D 337 -8.80 5.07 49.31
N LEU D 338 -9.90 4.31 49.25
CA LEU D 338 -9.82 2.88 49.53
C LEU D 338 -8.96 2.13 48.53
N GLU D 339 -8.76 2.70 47.33
CA GLU D 339 -8.00 1.98 46.31
C GLU D 339 -6.52 1.88 46.68
N VAL D 340 -5.93 2.99 47.12
CA VAL D 340 -4.48 3.01 47.35
C VAL D 340 -4.12 2.67 48.79
N THR D 341 -5.03 2.90 49.74
CA THR D 341 -4.72 2.64 51.14
C THR D 341 -4.67 1.16 51.49
N THR D 342 -5.02 0.28 50.57
CA THR D 342 -5.08 -1.14 50.84
C THR D 342 -4.58 -1.90 49.61
N HIS D 343 -4.17 -3.15 49.85
CA HIS D 343 -3.62 -3.97 48.79
C HIS D 343 -4.75 -4.69 48.06
N SER D 344 -4.93 -4.37 46.79
CA SER D 344 -6.03 -4.87 45.99
C SER D 344 -5.52 -5.88 44.97
N PHE D 345 -6.25 -6.98 44.80
CA PHE D 345 -5.81 -7.97 43.83
C PHE D 345 -7.00 -8.84 43.42
N ASN D 346 -6.69 -9.82 42.58
CA ASN D 346 -7.68 -10.69 41.96
C ASN D 346 -7.34 -12.14 42.22
N CYS D 347 -8.35 -12.94 42.56
CA CYS D 347 -8.19 -14.37 42.67
C CYS D 347 -9.45 -15.04 42.14
N GLY D 348 -9.28 -16.00 41.24
CA GLY D 348 -10.40 -16.80 40.76
C GLY D 348 -11.53 -15.98 40.16
N GLY D 349 -11.19 -14.94 39.41
CA GLY D 349 -12.23 -14.08 38.89
C GLY D 349 -13.03 -13.36 39.96
N GLU D 350 -12.38 -12.93 41.03
CA GLU D 350 -13.05 -12.19 42.09
C GLU D 350 -12.04 -11.24 42.73
N PHE D 351 -12.49 -10.04 43.08
CA PHE D 351 -11.60 -8.98 43.53
C PHE D 351 -11.62 -8.87 45.04
N PHE D 352 -10.43 -8.72 45.64
CA PHE D 352 -10.25 -8.59 47.07
C PHE D 352 -9.50 -7.30 47.37
N TYR D 353 -9.88 -6.64 48.47
CA TYR D 353 -9.11 -5.56 49.06
C TYR D 353 -8.70 -5.97 50.46
N CYS D 354 -7.40 -5.95 50.74
CA CYS D 354 -6.86 -6.45 51.99
C CYS D 354 -6.12 -5.36 52.74
N ASN D 355 -6.17 -5.44 54.06
CA ASN D 355 -5.63 -4.43 54.96
C ASN D 355 -4.26 -4.91 55.46
N THR D 356 -3.19 -4.29 54.97
CA THR D 356 -1.83 -4.74 55.22
C THR D 356 -1.17 -4.00 56.38
N SER D 357 -1.94 -3.58 57.38
CA SER D 357 -1.34 -2.83 58.47
C SER D 357 -0.45 -3.68 59.36
N GLY D 358 -0.57 -5.00 59.29
CA GLY D 358 0.19 -5.88 60.17
C GLY D 358 1.49 -6.36 59.57
N LEU D 359 2.00 -5.67 58.55
CA LEU D 359 3.19 -6.09 57.82
C LEU D 359 4.34 -5.10 57.91
N PHE D 360 4.06 -3.80 57.95
CA PHE D 360 5.09 -2.76 57.94
C PHE D 360 5.12 -2.03 59.28
N ASN D 361 5.11 -2.78 60.37
CA ASN D 361 5.02 -2.24 61.72
C ASN D 361 6.18 -2.81 62.54
N SER D 362 7.33 -2.14 62.44
CA SER D 362 8.53 -2.62 63.12
C SER D 362 9.59 -1.52 63.12
N THR D 363 10.63 -1.74 63.91
CA THR D 363 11.77 -0.85 64.01
C THR D 363 13.05 -1.67 64.05
N TRP D 364 14.14 -1.06 63.60
CA TRP D 364 15.45 -1.70 63.61
C TRP D 364 16.49 -0.69 64.04
N ILE D 365 17.32 -1.07 65.00
CA ILE D 365 18.37 -0.21 65.53
C ILE D 365 19.72 -0.77 65.09
N SER D 366 20.75 0.07 65.23
CA SER D 366 22.09 -0.32 64.82
C SER D 366 22.56 -1.56 65.57
N ASN D 367 23.53 -2.25 64.98
CA ASN D 367 24.12 -3.48 65.50
C ASN D 367 23.06 -4.44 66.05
N ASN D 379 6.78 -22.13 63.67
CA ASN D 379 5.67 -22.51 62.81
C ASN D 379 4.49 -21.55 62.92
N ASP D 380 4.72 -20.39 63.53
CA ASP D 380 3.67 -19.38 63.64
C ASP D 380 3.38 -18.77 62.28
N SER D 381 2.13 -18.34 62.10
CA SER D 381 1.67 -17.75 60.86
C SER D 381 0.92 -16.46 61.15
N ILE D 382 1.05 -15.50 60.25
CA ILE D 382 0.39 -14.20 60.37
C ILE D 382 -0.83 -14.20 59.45
N THR D 383 -1.97 -13.81 60.00
CA THR D 383 -3.23 -13.79 59.27
C THR D 383 -3.72 -12.35 59.15
N LEU D 384 -4.28 -12.03 57.99
CA LEU D 384 -4.85 -10.71 57.75
C LEU D 384 -6.23 -10.83 57.12
N PRO D 385 -7.14 -9.89 57.38
CA PRO D 385 -8.48 -9.95 56.81
C PRO D 385 -8.56 -9.19 55.49
N CYS D 386 -9.68 -9.39 54.79
CA CYS D 386 -9.92 -8.77 53.50
C CYS D 386 -11.40 -8.49 53.34
N ARG D 387 -11.76 -7.85 52.23
CA ARG D 387 -13.12 -7.44 51.95
C ARG D 387 -13.40 -7.57 50.46
N ILE D 388 -14.68 -7.68 50.13
CA ILE D 388 -15.14 -7.95 48.79
C ILE D 388 -15.83 -6.71 48.22
N LYS D 389 -15.70 -6.53 46.92
CA LYS D 389 -16.37 -5.47 46.19
C LYS D 389 -16.87 -6.05 44.87
N GLN D 390 -17.99 -5.50 44.38
CA GLN D 390 -18.63 -6.02 43.18
C GLN D 390 -18.62 -5.07 42.00
N ILE D 391 -18.50 -3.77 42.23
CA ILE D 391 -18.50 -2.77 41.19
C ILE D 391 -17.17 -2.06 41.22
N ILE D 392 -16.51 -1.96 40.07
CA ILE D 392 -15.13 -1.48 40.00
C ILE D 392 -14.96 -0.55 38.81
N ASN D 393 -13.97 0.34 38.93
CA ASN D 393 -13.60 1.27 37.86
C ASN D 393 -12.07 1.28 37.83
N MET D 394 -11.50 0.39 37.04
CA MET D 394 -10.06 0.19 37.05
C MET D 394 -9.36 1.21 36.15
N TRP D 395 -8.04 1.33 36.35
CA TRP D 395 -7.18 2.25 35.62
C TRP D 395 -7.55 3.70 35.83
N GLN D 396 -8.17 4.03 36.96
CA GLN D 396 -8.40 5.41 37.38
C GLN D 396 -9.25 6.19 36.40
N ARG D 397 -9.94 5.53 35.48
CA ARG D 397 -10.80 6.20 34.55
C ARG D 397 -12.11 6.57 35.24
N ILE D 398 -13.00 7.25 34.50
CA ILE D 398 -14.28 7.68 35.03
C ILE D 398 -15.34 7.43 33.97
N GLY D 399 -16.57 7.19 34.42
CA GLY D 399 -17.68 6.96 33.53
C GLY D 399 -17.84 5.52 33.08
N GLN D 400 -16.95 4.62 33.49
CA GLN D 400 -17.01 3.21 33.11
C GLN D 400 -16.96 2.38 34.39
N CYS D 401 -18.03 1.63 34.64
CA CYS D 401 -18.08 0.69 35.74
C CYS D 401 -18.29 -0.70 35.16
N MET D 402 -18.45 -1.70 36.02
CA MET D 402 -18.40 -3.07 35.58
C MET D 402 -18.94 -3.95 36.69
N TYR D 403 -19.99 -4.71 36.37
CA TYR D 403 -20.67 -5.60 37.30
C TYR D 403 -20.11 -7.00 37.21
N ALA D 404 -19.81 -7.59 38.37
CA ALA D 404 -19.14 -8.89 38.42
C ALA D 404 -20.16 -9.96 38.78
N PRO D 405 -20.33 -11.03 38.00
CA PRO D 405 -21.24 -12.09 38.42
C PRO D 405 -20.69 -12.81 39.64
N PRO D 406 -21.54 -13.40 40.46
CA PRO D 406 -21.06 -14.23 41.56
C PRO D 406 -20.68 -15.63 41.10
N ILE D 407 -19.96 -16.34 41.98
CA ILE D 407 -19.47 -17.68 41.70
C ILE D 407 -19.81 -18.58 42.89
N GLN D 408 -20.16 -19.83 42.60
CA GLN D 408 -20.58 -20.78 43.62
C GLN D 408 -19.38 -21.53 44.17
N GLY D 409 -19.51 -21.99 45.41
CA GLY D 409 -18.50 -22.80 46.05
C GLY D 409 -17.42 -21.97 46.72
N VAL D 410 -16.69 -22.62 47.63
CA VAL D 410 -15.61 -21.93 48.33
C VAL D 410 -14.49 -21.59 47.36
N ILE D 411 -13.64 -20.65 47.76
CA ILE D 411 -12.56 -20.16 46.91
C ILE D 411 -11.25 -20.23 47.69
N ARG D 412 -10.21 -20.74 47.04
CA ARG D 412 -8.91 -20.91 47.66
C ARG D 412 -7.83 -20.74 46.62
N CYS D 413 -6.83 -19.91 46.91
CA CYS D 413 -5.71 -19.71 45.99
C CYS D 413 -4.43 -19.52 46.79
N VAL D 414 -3.31 -19.74 46.09
CA VAL D 414 -1.98 -19.67 46.68
C VAL D 414 -1.05 -19.07 45.64
N SER D 415 -0.15 -18.18 46.07
CA SER D 415 0.69 -17.45 45.13
C SER D 415 2.03 -17.12 45.76
N ASN D 416 2.90 -16.52 44.96
CA ASN D 416 4.23 -16.10 45.35
C ASN D 416 4.28 -14.58 45.41
N ILE D 417 5.09 -14.06 46.32
CA ILE D 417 5.37 -12.63 46.41
C ILE D 417 6.86 -12.44 46.20
N THR D 418 7.21 -11.44 45.38
CA THR D 418 8.57 -11.28 44.88
C THR D 418 9.13 -9.87 44.91
N GLY D 419 8.35 -8.82 45.16
CA GLY D 419 8.90 -7.48 45.11
C GLY D 419 8.06 -6.48 45.87
N LEU D 420 8.65 -5.30 46.09
CA LEU D 420 8.01 -4.26 46.88
C LEU D 420 8.24 -2.89 46.25
N ILE D 421 7.30 -1.98 46.54
CA ILE D 421 7.39 -0.58 46.14
C ILE D 421 7.28 0.25 47.42
N LEU D 422 8.27 1.12 47.65
CA LEU D 422 8.30 1.93 48.85
C LEU D 422 8.46 3.40 48.49
N THR D 423 8.18 4.25 49.47
CA THR D 423 8.41 5.68 49.35
C THR D 423 8.88 6.22 50.68
N ARG D 424 9.86 7.12 50.64
CA ARG D 424 10.44 7.68 51.85
C ARG D 424 9.63 8.88 52.29
N ASP D 425 9.41 8.99 53.60
CA ASP D 425 8.70 10.11 54.17
C ASP D 425 9.65 11.30 54.33
N GLY D 426 9.08 12.50 54.25
CA GLY D 426 9.89 13.69 54.44
C GLY D 426 10.47 13.79 55.83
N GLY D 427 11.62 14.47 55.91
CA GLY D 427 12.33 14.63 57.16
C GLY D 427 12.75 16.06 57.41
N SER D 428 13.61 16.26 58.40
CA SER D 428 14.07 17.60 58.75
C SER D 428 15.42 17.49 59.44
N THR D 429 16.37 18.34 59.03
CA THR D 429 17.71 18.41 59.63
C THR D 429 18.32 17.01 59.57
N ASN D 430 18.86 16.48 60.66
CA ASN D 430 19.46 15.15 60.69
C ASN D 430 18.97 14.48 61.96
N SER D 431 17.92 13.66 61.84
CA SER D 431 17.35 12.93 62.96
C SER D 431 17.92 11.53 63.11
N THR D 432 19.01 11.23 62.39
CA THR D 432 19.65 9.91 62.36
C THR D 432 18.62 8.77 62.30
N THR D 433 17.56 8.98 61.54
CA THR D 433 16.51 7.98 61.42
C THR D 433 15.65 8.33 60.21
N GLU D 434 15.02 7.30 59.66
CA GLU D 434 14.17 7.48 58.49
C GLU D 434 12.99 6.52 58.58
N THR D 435 11.96 6.84 57.82
CA THR D 435 10.75 6.03 57.76
C THR D 435 10.35 5.83 56.31
N PHE D 436 9.65 4.73 56.05
CA PHE D 436 9.17 4.41 54.71
C PHE D 436 7.73 3.95 54.80
N ARG D 437 7.02 4.11 53.69
CA ARG D 437 5.62 3.77 53.62
C ARG D 437 5.35 3.09 52.28
N PRO D 438 4.29 2.30 52.18
CA PRO D 438 3.88 1.79 50.86
C PRO D 438 3.29 2.91 50.03
N GLY D 439 3.32 2.71 48.72
CA GLY D 439 2.82 3.69 47.78
C GLY D 439 2.10 3.06 46.62
N GLY D 440 2.47 3.46 45.41
CA GLY D 440 1.87 2.90 44.21
C GLY D 440 0.62 3.63 43.81
N GLY D 441 0.10 3.22 42.65
CA GLY D 441 -1.08 3.82 42.05
C GLY D 441 -0.97 4.02 40.56
N ASP D 442 0.25 4.10 40.02
CA ASP D 442 0.46 4.21 38.58
C ASP D 442 0.83 2.84 38.04
N MET D 443 -0.03 2.30 37.17
CA MET D 443 0.23 0.98 36.59
C MET D 443 1.52 0.93 35.79
N ARG D 444 2.07 2.08 35.38
CA ARG D 444 3.28 2.06 34.57
C ARG D 444 4.45 1.41 35.30
N ASP D 445 4.55 1.62 36.61
CA ASP D 445 5.67 1.06 37.36
C ASP D 445 5.65 -0.46 37.29
N ASN D 446 4.46 -1.06 37.33
CA ASN D 446 4.35 -2.51 37.27
C ASN D 446 4.97 -3.05 35.99
N TRP D 447 4.72 -2.38 34.86
CA TRP D 447 5.36 -2.80 33.62
C TRP D 447 6.85 -2.52 33.66
N ARG D 448 7.24 -1.38 34.24
CA ARG D 448 8.65 -1.01 34.26
C ARG D 448 9.49 -1.98 35.08
N SER D 449 8.88 -2.70 36.01
CA SER D 449 9.66 -3.63 36.81
C SER D 449 10.23 -4.77 35.99
N GLU D 450 9.66 -5.05 34.82
CA GLU D 450 10.07 -6.18 33.99
C GLU D 450 10.99 -5.75 32.85
N LEU D 451 10.56 -4.79 32.04
CA LEU D 451 11.32 -4.37 30.87
C LEU D 451 12.35 -3.33 31.29
N TYR D 452 13.47 -3.83 31.83
CA TYR D 452 14.60 -2.98 32.18
C TYR D 452 15.91 -3.53 31.63
N LYS D 453 15.85 -4.48 30.70
CA LYS D 453 17.03 -5.03 30.06
C LYS D 453 16.78 -5.20 28.58
N TYR D 454 16.22 -4.18 27.94
CA TYR D 454 15.94 -4.24 26.52
C TYR D 454 16.08 -2.85 25.92
N LYS D 455 16.69 -2.79 24.74
CA LYS D 455 16.82 -1.54 24.00
C LYS D 455 16.56 -1.83 22.53
N VAL D 456 16.09 -0.82 21.81
CA VAL D 456 15.73 -0.93 20.40
C VAL D 456 16.57 0.06 19.60
N VAL D 457 17.14 -0.41 18.49
CA VAL D 457 18.02 0.41 17.67
C VAL D 457 17.69 0.23 16.19
N LYS D 458 18.18 1.17 15.39
CA LYS D 458 17.96 1.23 13.96
C LYS D 458 19.30 1.19 13.22
N ILE D 459 19.28 0.72 11.98
CA ILE D 459 20.48 0.48 11.20
C ILE D 459 20.69 1.63 10.22
N GLU D 460 21.95 1.81 9.82
CA GLU D 460 22.35 2.81 8.83
C GLU D 460 23.39 2.22 7.90
N PRO D 461 23.11 2.02 6.60
CA PRO D 461 24.04 1.23 5.78
C PRO D 461 25.20 1.99 5.17
N LEU D 462 25.02 3.28 4.89
CA LEU D 462 26.03 3.99 4.09
C LEU D 462 27.27 4.32 4.92
N GLY D 463 28.41 4.37 4.24
CA GLY D 463 29.64 4.79 4.88
C GLY D 463 30.67 5.19 3.86
N VAL D 464 31.67 5.94 4.32
CA VAL D 464 32.75 6.43 3.48
C VAL D 464 34.07 6.21 4.21
N ALA D 465 35.15 6.19 3.44
CA ALA D 465 36.47 5.93 4.02
C ALA D 465 37.54 6.40 3.02
N PRO D 466 38.79 6.50 3.47
CA PRO D 466 39.89 6.78 2.54
C PRO D 466 40.55 5.51 2.05
N THR D 467 41.00 5.55 0.80
CA THR D 467 41.60 4.39 0.16
C THR D 467 42.61 4.83 -0.87
N ARG D 468 43.46 3.88 -1.29
CA ARG D 468 44.45 4.09 -2.33
C ARG D 468 43.92 3.45 -3.61
N CYS D 469 43.13 4.22 -4.36
CA CYS D 469 42.55 3.72 -5.60
C CYS D 469 42.08 4.88 -6.44
N LYS D 470 42.25 4.76 -7.76
CA LYS D 470 41.72 5.71 -8.72
C LYS D 470 40.50 5.14 -9.40
N ARG D 471 39.57 6.02 -9.76
CA ARG D 471 38.41 5.60 -10.53
C ARG D 471 38.85 5.02 -11.85
N ARG D 472 38.23 3.92 -12.24
CA ARG D 472 38.56 3.29 -13.50
C ARG D 472 38.16 4.19 -14.66
N VAL D 473 38.99 4.22 -15.70
CA VAL D 473 38.76 5.06 -16.86
C VAL D 473 39.06 4.26 -18.13
N ALA E 1 24.46 41.64 -1.49
CA ALA E 1 24.70 42.69 -0.51
C ALA E 1 23.62 43.76 -0.59
N VAL E 2 23.65 44.57 -1.63
CA VAL E 2 22.67 45.64 -1.84
C VAL E 2 21.99 45.48 -3.19
N GLY E 3 22.67 44.83 -4.13
CA GLY E 3 22.12 44.60 -5.46
C GLY E 3 22.16 43.14 -5.86
N ILE E 4 22.94 42.33 -5.14
CA ILE E 4 23.05 40.92 -5.45
C ILE E 4 21.79 40.20 -4.98
N GLY E 5 21.17 39.45 -5.88
CA GLY E 5 19.99 38.66 -5.57
C GLY E 5 20.27 37.17 -5.62
N ALA E 6 19.26 36.39 -6.02
CA ALA E 6 19.41 34.95 -6.19
C ALA E 6 18.72 34.53 -7.48
N VAL E 7 19.40 33.68 -8.25
CA VAL E 7 18.87 33.16 -9.51
C VAL E 7 19.13 31.67 -9.52
N PHE E 8 18.09 30.88 -9.24
CA PHE E 8 18.17 29.43 -9.29
C PHE E 8 17.52 28.93 -10.59
N LEU E 9 17.69 27.65 -10.84
CA LEU E 9 17.03 26.95 -11.93
C LEU E 9 15.98 26.03 -11.34
N GLY E 10 14.73 26.24 -11.72
CA GLY E 10 13.60 25.65 -11.03
C GLY E 10 13.04 24.42 -11.71
N PHE E 11 11.77 24.17 -11.43
CA PHE E 11 11.06 23.00 -11.96
C PHE E 11 10.69 23.27 -13.40
N LEU E 12 9.77 22.50 -13.97
CA LEU E 12 9.57 22.50 -15.41
C LEU E 12 9.10 23.87 -15.88
N GLY E 13 10.03 24.61 -16.45
CA GLY E 13 9.76 25.93 -17.00
C GLY E 13 10.46 26.19 -18.32
N ALA E 14 11.28 25.23 -18.76
CA ALA E 14 11.97 25.35 -20.03
C ALA E 14 11.12 24.89 -21.21
N ALA E 15 9.82 24.68 -21.01
CA ALA E 15 8.95 24.16 -22.06
C ALA E 15 8.38 25.29 -22.92
N GLY E 16 9.25 26.19 -23.34
CA GLY E 16 8.88 27.25 -24.25
C GLY E 16 9.97 27.53 -25.27
N SER E 17 10.88 26.58 -25.44
CA SER E 17 12.06 26.73 -26.27
C SER E 17 12.00 25.75 -27.43
N THR E 18 13.08 25.69 -28.20
CA THR E 18 13.15 24.80 -29.34
C THR E 18 13.19 23.36 -28.87
N MET E 19 13.11 22.45 -29.84
CA MET E 19 13.21 21.02 -29.53
C MET E 19 14.56 20.66 -28.94
N GLY E 20 15.60 21.44 -29.24
CA GLY E 20 16.96 21.07 -28.88
C GLY E 20 17.45 21.61 -27.56
N ALA E 21 17.18 22.89 -27.28
CA ALA E 21 17.71 23.50 -26.06
C ALA E 21 17.20 22.80 -24.82
N ALA E 22 15.93 22.38 -24.83
CA ALA E 22 15.34 21.77 -23.65
C ALA E 22 16.11 20.54 -23.20
N SER E 23 16.60 19.74 -24.16
CA SER E 23 17.33 18.53 -23.79
C SER E 23 18.59 18.84 -23.01
N MET E 24 19.16 20.03 -23.14
CA MET E 24 20.34 20.37 -22.37
C MET E 24 20.04 20.38 -20.88
N THR E 25 18.78 20.68 -20.52
CA THR E 25 18.36 20.76 -19.12
C THR E 25 17.25 19.74 -18.89
N LEU E 26 17.67 18.53 -18.51
CA LEU E 26 16.76 17.44 -18.17
C LEU E 26 16.97 16.90 -16.77
N THR E 27 18.23 16.81 -16.34
CA THR E 27 18.57 16.09 -15.11
C THR E 27 17.72 16.55 -13.93
N VAL E 28 17.47 17.86 -13.85
CA VAL E 28 16.75 18.41 -12.70
C VAL E 28 15.41 17.72 -12.51
N GLN E 29 14.66 17.55 -13.60
CA GLN E 29 13.34 16.92 -13.47
C GLN E 29 13.48 15.52 -12.92
N ALA E 30 14.49 14.78 -13.39
CA ALA E 30 14.68 13.40 -12.95
C ALA E 30 14.87 13.31 -11.44
N ARG E 31 15.36 14.39 -10.81
CA ARG E 31 15.63 14.34 -9.37
C ARG E 31 14.43 14.82 -8.57
N ASN E 32 13.23 14.76 -9.15
CA ASN E 32 12.04 15.23 -8.45
C ASN E 32 10.86 14.30 -8.63
N LEU E 33 11.07 13.00 -8.48
CA LEU E 33 10.01 12.01 -8.63
C LEU E 33 9.64 11.34 -7.32
N LEU E 34 10.61 10.96 -6.51
CA LEU E 34 10.37 10.21 -5.26
C LEU E 34 10.42 11.13 -4.05
N SER E 35 9.94 12.36 -4.19
CA SER E 35 9.96 13.29 -3.06
C SER E 35 9.14 12.75 -1.91
N GLY E 36 9.69 12.85 -0.70
CA GLY E 36 9.02 12.35 0.49
C GLY E 36 9.58 12.95 1.77
N THR E 58 -11.12 10.01 11.19
CA THR E 58 -10.04 9.22 10.61
C THR E 58 -9.99 9.39 9.09
N VAL E 59 -11.15 9.70 8.49
CA VAL E 59 -11.21 9.88 7.05
C VAL E 59 -10.32 11.01 6.57
N TRP E 60 -9.96 11.93 7.46
CA TRP E 60 -9.17 13.09 7.11
C TRP E 60 -7.70 12.78 6.84
N GLY E 61 -7.29 11.52 6.94
CA GLY E 61 -5.89 11.16 6.70
C GLY E 61 -5.67 9.86 5.95
N ILE E 62 -6.75 9.20 5.52
CA ILE E 62 -6.60 7.91 4.86
C ILE E 62 -5.99 8.08 3.47
N LYS E 63 -6.40 9.12 2.75
CA LYS E 63 -6.04 9.25 1.35
C LYS E 63 -4.52 9.38 1.13
N GLN E 64 -3.78 9.79 2.15
CA GLN E 64 -2.33 9.91 1.99
C GLN E 64 -1.71 8.56 1.64
N LEU E 65 -2.22 7.48 2.24
CA LEU E 65 -1.72 6.16 1.93
C LEU E 65 -1.95 5.81 0.47
N GLN E 66 -3.15 6.11 -0.03
CA GLN E 66 -3.44 5.88 -1.44
C GLN E 66 -2.49 6.66 -2.32
N ALA E 67 -2.24 7.93 -1.96
CA ALA E 67 -1.34 8.75 -2.75
C ALA E 67 0.07 8.16 -2.79
N ARG E 68 0.58 7.74 -1.64
CA ARG E 68 1.93 7.18 -1.60
C ARG E 68 2.02 5.91 -2.43
N VAL E 69 1.02 5.04 -2.30
CA VAL E 69 1.03 3.80 -3.08
C VAL E 69 1.03 4.11 -4.57
N LEU E 70 0.19 5.07 -4.97
CA LEU E 70 0.14 5.45 -6.38
C LEU E 70 1.49 5.95 -6.86
N ALA E 71 2.13 6.80 -6.07
CA ALA E 71 3.42 7.37 -6.48
C ALA E 71 4.48 6.29 -6.67
N VAL E 72 4.59 5.38 -5.69
CA VAL E 72 5.63 4.37 -5.78
C VAL E 72 5.35 3.44 -6.96
N GLU E 73 4.08 3.09 -7.19
CA GLU E 73 3.77 2.24 -8.34
C GLU E 73 4.15 2.94 -9.63
N ARG E 74 3.85 4.23 -9.74
CA ARG E 74 4.17 4.98 -10.95
C ARG E 74 5.67 4.96 -11.22
N TYR E 75 6.46 5.20 -10.17
CA TYR E 75 7.90 5.19 -10.36
C TYR E 75 8.41 3.82 -10.79
N LEU E 76 7.92 2.76 -10.14
CA LEU E 76 8.42 1.42 -10.44
C LEU E 76 8.09 1.01 -11.86
N ARG E 77 6.91 1.38 -12.36
CA ARG E 77 6.55 1.03 -13.73
C ARG E 77 7.59 1.59 -14.71
N ASP E 78 7.92 2.86 -14.56
CA ASP E 78 8.90 3.48 -15.45
C ASP E 78 10.26 2.82 -15.31
N GLN E 79 10.66 2.50 -14.07
CA GLN E 79 11.96 1.84 -13.89
C GLN E 79 12.01 0.53 -14.66
N GLN E 80 10.97 -0.30 -14.52
CA GLN E 80 10.96 -1.58 -15.23
C GLN E 80 11.00 -1.37 -16.73
N LEU E 81 10.18 -0.44 -17.23
CA LEU E 81 10.10 -0.24 -18.67
C LEU E 81 11.44 0.21 -19.24
N LEU E 82 12.14 1.10 -18.54
CA LEU E 82 13.48 1.46 -18.99
C LEU E 82 14.43 0.27 -18.89
N GLY E 83 14.26 -0.57 -17.87
CA GLY E 83 15.17 -1.69 -17.70
C GLY E 83 15.10 -2.67 -18.85
N ILE E 84 13.89 -2.95 -19.36
CA ILE E 84 13.75 -3.99 -20.37
C ILE E 84 14.49 -3.60 -21.65
N TRP E 85 14.44 -2.32 -22.04
CA TRP E 85 14.96 -1.90 -23.33
C TRP E 85 16.48 -1.91 -23.40
N GLY E 86 17.17 -2.29 -22.33
CA GLY E 86 18.62 -2.32 -22.37
C GLY E 86 19.26 -0.95 -22.49
N CYS E 87 18.76 0.02 -21.73
CA CYS E 87 19.39 1.34 -21.66
C CYS E 87 19.42 1.86 -20.22
N SER E 88 19.27 0.99 -19.23
CA SER E 88 19.16 1.43 -17.85
C SER E 88 20.46 2.06 -17.36
N GLY E 89 20.32 3.04 -16.47
CA GLY E 89 21.45 3.69 -15.85
C GLY E 89 21.97 4.91 -16.56
N LYS E 90 21.32 5.35 -17.64
CA LYS E 90 21.75 6.53 -18.39
C LYS E 90 20.54 7.39 -18.71
N LEU E 91 20.82 8.57 -19.25
CA LEU E 91 19.78 9.51 -19.65
C LEU E 91 19.65 9.65 -21.16
N ILE E 92 20.72 9.38 -21.91
CA ILE E 92 20.72 9.40 -23.36
C ILE E 92 21.29 8.08 -23.83
N CYS E 93 20.49 7.30 -24.54
CA CYS E 93 20.89 5.98 -25.00
C CYS E 93 20.52 5.82 -26.47
N CYS E 94 21.40 5.17 -27.23
CA CYS E 94 21.18 4.90 -28.64
C CYS E 94 20.67 3.48 -28.81
N THR E 95 20.27 3.16 -30.04
CA THR E 95 19.75 1.83 -30.35
C THR E 95 20.08 1.50 -31.80
N ASN E 96 19.42 0.47 -32.33
CA ASN E 96 19.68 -0.04 -33.67
C ASN E 96 18.51 0.06 -34.62
N VAL E 97 17.30 0.28 -34.12
CA VAL E 97 16.12 0.24 -34.98
C VAL E 97 16.21 1.39 -35.99
N PRO E 98 16.02 1.14 -37.28
CA PRO E 98 16.11 2.25 -38.24
C PRO E 98 14.79 3.00 -38.37
N TRP E 99 14.90 4.32 -38.46
CA TRP E 99 13.74 5.16 -38.64
C TRP E 99 13.16 4.99 -40.04
N ASN E 100 11.85 5.20 -40.15
CA ASN E 100 11.13 5.06 -41.39
C ASN E 100 10.33 6.33 -41.66
N SER E 101 10.44 6.85 -42.87
CA SER E 101 9.71 8.07 -43.24
C SER E 101 8.22 7.84 -43.35
N SER E 102 7.75 6.59 -43.33
CA SER E 102 6.32 6.34 -43.34
C SER E 102 5.65 6.95 -42.11
N TRP E 103 6.34 6.93 -40.97
CA TRP E 103 5.76 7.45 -39.74
C TRP E 103 5.67 8.97 -39.77
N SER E 104 6.66 9.65 -40.33
CA SER E 104 6.71 11.10 -40.26
C SER E 104 7.61 11.63 -41.38
N ASN E 105 7.62 12.95 -41.51
CA ASN E 105 8.38 13.64 -42.56
C ASN E 105 9.26 14.68 -41.86
N ARG E 106 9.79 15.62 -42.65
CA ARG E 106 10.64 16.72 -42.21
C ARG E 106 12.10 16.28 -42.15
N ASN E 107 13.00 17.24 -41.95
CA ASN E 107 14.43 17.01 -41.87
C ASN E 107 14.97 17.47 -40.53
N LEU E 108 16.22 17.10 -40.27
CA LEU E 108 16.83 17.33 -38.96
C LEU E 108 16.83 18.81 -38.60
N SER E 109 17.09 19.68 -39.59
CA SER E 109 17.29 21.10 -39.31
C SER E 109 16.07 21.70 -38.63
N GLU E 110 14.92 21.66 -39.30
CA GLU E 110 13.72 22.27 -38.73
C GLU E 110 13.33 21.58 -37.43
N ILE E 111 13.46 20.26 -37.37
CA ILE E 111 13.04 19.51 -36.20
C ILE E 111 13.78 19.98 -34.97
N TRP E 112 15.10 20.16 -35.09
CA TRP E 112 15.93 20.53 -33.95
C TRP E 112 16.13 22.03 -33.82
N ASP E 113 15.57 22.84 -34.73
CA ASP E 113 15.70 24.28 -34.65
C ASP E 113 14.42 24.99 -34.19
N ASN E 114 13.26 24.59 -34.72
CA ASN E 114 11.99 25.26 -34.42
C ASN E 114 10.91 24.22 -34.22
N MET E 115 10.65 23.90 -32.95
CA MET E 115 9.58 23.00 -32.54
C MET E 115 9.54 22.98 -31.02
N THR E 116 8.48 22.38 -30.48
CA THR E 116 8.32 22.21 -29.05
C THR E 116 7.94 20.77 -28.76
N TRP E 117 8.22 20.34 -27.54
CA TRP E 117 8.00 18.94 -27.18
C TRP E 117 6.54 18.56 -27.31
N LEU E 118 5.63 19.43 -26.89
CA LEU E 118 4.21 19.12 -26.98
C LEU E 118 3.78 18.95 -28.44
N GLN E 119 4.33 19.79 -29.32
CA GLN E 119 3.99 19.66 -30.73
C GLN E 119 4.41 18.31 -31.27
N TRP E 120 5.61 17.87 -30.92
CA TRP E 120 6.07 16.55 -31.34
C TRP E 120 5.19 15.46 -30.76
N ASP E 121 4.78 15.62 -29.49
CA ASP E 121 3.95 14.61 -28.86
C ASP E 121 2.65 14.45 -29.63
N LYS E 122 1.96 15.56 -29.91
CA LYS E 122 0.72 15.45 -30.66
C LYS E 122 0.96 15.00 -32.09
N GLU E 123 2.17 15.20 -32.62
CA GLU E 123 2.47 14.78 -33.98
C GLU E 123 2.62 13.27 -34.09
N ILE E 124 3.32 12.64 -33.15
CA ILE E 124 3.66 11.23 -33.26
C ILE E 124 2.71 10.36 -32.43
N SER E 125 1.54 10.87 -32.07
CA SER E 125 0.69 10.19 -31.10
C SER E 125 0.24 8.82 -31.61
N ASN E 126 -0.12 8.73 -32.88
CA ASN E 126 -0.75 7.50 -33.39
C ASN E 126 0.23 6.33 -33.37
N TYR E 127 1.43 6.52 -33.91
CA TYR E 127 2.38 5.43 -34.11
C TYR E 127 3.36 5.41 -32.93
N THR E 128 2.91 4.80 -31.84
CA THR E 128 3.73 4.65 -30.64
C THR E 128 3.95 3.20 -30.25
N GLN E 129 2.90 2.38 -30.27
CA GLN E 129 3.02 1.02 -29.79
C GLN E 129 4.01 0.21 -30.62
N ILE E 130 3.97 0.37 -31.94
CA ILE E 130 4.91 -0.35 -32.80
C ILE E 130 6.33 0.09 -32.51
N ILE E 131 6.54 1.40 -32.32
CA ILE E 131 7.88 1.91 -32.05
C ILE E 131 8.40 1.35 -30.74
N TYR E 132 7.52 1.24 -29.74
CA TYR E 132 7.91 0.56 -28.52
C TYR E 132 8.24 -0.90 -28.80
N GLY E 133 7.40 -1.58 -29.55
CA GLY E 133 7.53 -3.02 -29.69
C GLY E 133 8.82 -3.45 -30.37
N LEU E 134 9.27 -2.69 -31.37
CA LEU E 134 10.47 -3.12 -32.11
C LEU E 134 11.70 -3.26 -31.21
N LEU E 135 11.78 -2.43 -30.17
CA LEU E 135 13.02 -2.34 -29.41
C LEU E 135 13.35 -3.65 -28.70
N GLU E 136 12.35 -4.34 -28.15
CA GLU E 136 12.66 -5.48 -27.32
C GLU E 136 13.09 -6.66 -28.18
N GLU E 137 12.44 -6.86 -29.33
CA GLU E 137 12.92 -7.92 -30.22
C GLU E 137 14.30 -7.60 -30.75
N SER E 138 14.59 -6.32 -31.04
CA SER E 138 15.95 -5.98 -31.47
C SER E 138 16.96 -6.35 -30.39
N GLN E 139 16.65 -5.98 -29.14
CA GLN E 139 17.56 -6.29 -28.04
C GLN E 139 17.71 -7.78 -27.85
N ASN E 140 16.63 -8.54 -28.03
CA ASN E 140 16.69 -9.98 -27.85
C ASN E 140 17.60 -10.61 -28.91
N GLN E 141 17.49 -10.16 -30.17
CA GLN E 141 18.39 -10.67 -31.19
C GLN E 141 19.84 -10.33 -30.85
N GLN E 142 20.08 -9.10 -30.41
CA GLN E 142 21.44 -8.72 -30.03
C GLN E 142 21.99 -9.63 -28.95
N GLU E 143 21.21 -9.84 -27.89
CA GLU E 143 21.69 -10.66 -26.78
C GLU E 143 21.93 -12.09 -27.23
N LYS E 144 21.01 -12.64 -28.02
CA LYS E 144 21.16 -14.03 -28.44
C LYS E 144 22.41 -14.21 -29.29
N ASN E 145 22.66 -13.30 -30.22
CA ASN E 145 23.88 -13.39 -31.02
C ASN E 145 25.12 -13.27 -30.16
N GLU E 146 25.11 -12.32 -29.22
CA GLU E 146 26.29 -12.12 -28.37
C GLU E 146 26.56 -13.37 -27.53
N GLN E 147 25.51 -14.04 -27.08
CA GLN E 147 25.70 -15.23 -26.25
C GLN E 147 26.50 -16.28 -26.98
N ASP E 148 26.13 -16.56 -28.23
CA ASP E 148 26.86 -17.53 -29.02
C ASP E 148 28.25 -17.02 -29.37
N LEU E 149 28.39 -15.72 -29.59
CA LEU E 149 29.70 -15.16 -29.89
C LEU E 149 30.66 -15.40 -28.73
N LEU E 150 30.16 -15.26 -27.50
CA LEU E 150 31.01 -15.50 -26.35
C LEU E 150 31.20 -16.99 -26.06
N ALA E 151 30.20 -17.81 -26.37
CA ALA E 151 30.24 -19.22 -26.03
C ALA E 151 31.00 -20.06 -27.05
N LEU E 152 31.23 -19.55 -28.27
CA LEU E 152 31.92 -20.36 -29.27
C LEU E 152 33.35 -20.68 -28.85
N ASP E 153 33.91 -19.95 -27.89
CA ASP E 153 35.25 -20.20 -27.37
C ASP E 153 35.19 -20.32 -25.85
N ALA F 1 24.40 10.01 -43.36
CA ALA F 1 23.79 11.15 -42.69
C ALA F 1 22.28 11.14 -42.86
N GLU F 2 21.83 10.93 -44.10
CA GLU F 2 20.39 10.92 -44.37
C GLU F 2 19.70 9.80 -43.61
N ASN F 3 20.23 8.59 -43.70
CA ASN F 3 19.71 7.48 -42.90
C ASN F 3 19.93 7.78 -41.43
N LEU F 4 19.00 7.33 -40.59
CA LEU F 4 19.02 7.68 -39.18
C LEU F 4 18.36 6.57 -38.38
N TRP F 5 18.67 6.56 -37.09
CA TRP F 5 18.16 5.55 -36.16
C TRP F 5 17.50 6.23 -34.97
N VAL F 6 16.56 5.52 -34.38
CA VAL F 6 15.77 6.05 -33.28
C VAL F 6 16.67 6.28 -32.07
N THR F 7 16.21 7.14 -31.16
CA THR F 7 16.93 7.44 -29.93
C THR F 7 15.92 7.72 -28.83
N VAL F 8 16.33 7.52 -27.58
CA VAL F 8 15.46 7.61 -26.43
C VAL F 8 15.97 8.69 -25.49
N TYR F 9 15.04 9.44 -24.90
CA TYR F 9 15.33 10.46 -23.92
C TYR F 9 14.55 10.18 -22.65
N TYR F 10 14.97 10.80 -21.56
CA TYR F 10 14.31 10.63 -20.27
C TYR F 10 14.16 11.97 -19.58
N GLY F 11 13.09 12.10 -18.80
CA GLY F 11 12.83 13.34 -18.08
C GLY F 11 12.49 14.51 -18.97
N VAL F 12 11.77 14.26 -20.06
CA VAL F 12 11.35 15.31 -20.98
C VAL F 12 10.25 16.12 -20.33
N PRO F 13 10.20 17.45 -20.50
CA PRO F 13 9.11 18.23 -19.89
C PRO F 13 7.84 18.31 -20.75
N VAL F 14 6.98 17.31 -20.62
CA VAL F 14 5.67 17.30 -21.26
C VAL F 14 4.65 16.81 -20.23
N TRP F 15 3.40 17.26 -20.40
CA TRP F 15 2.36 16.95 -19.44
C TRP F 15 1.02 16.86 -20.13
N LYS F 16 0.06 16.26 -19.42
CA LYS F 16 -1.34 16.27 -19.83
C LYS F 16 -2.17 16.59 -18.61
N ASP F 17 -3.49 16.42 -18.72
CA ASP F 17 -4.41 16.72 -17.64
C ASP F 17 -5.14 15.47 -17.19
N ALA F 18 -5.49 15.44 -15.91
CA ALA F 18 -6.18 14.31 -15.30
C ALA F 18 -6.72 14.76 -13.95
N GLU F 19 -7.20 13.82 -13.15
CA GLU F 19 -7.73 14.09 -11.83
C GLU F 19 -7.12 13.12 -10.81
N THR F 20 -7.02 13.58 -9.58
CA THR F 20 -6.45 12.78 -8.51
C THR F 20 -6.87 13.38 -7.16
N THR F 21 -6.59 12.67 -6.09
CA THR F 21 -6.97 13.08 -4.74
C THR F 21 -5.96 14.08 -4.20
N LEU F 22 -6.46 15.18 -3.65
CA LEU F 22 -5.63 16.18 -3.00
C LEU F 22 -5.52 15.87 -1.52
N PHE F 23 -4.69 16.64 -0.82
CA PHE F 23 -4.60 16.54 0.63
C PHE F 23 -4.45 17.94 1.21
N CYS F 24 -4.53 18.01 2.54
CA CYS F 24 -4.66 19.27 3.25
C CYS F 24 -3.31 19.72 3.80
N ALA F 25 -3.31 20.95 4.31
CA ALA F 25 -2.15 21.50 4.99
C ALA F 25 -2.61 22.71 5.78
N SER F 26 -2.20 22.78 7.05
CA SER F 26 -2.66 23.81 7.97
C SER F 26 -1.45 24.49 8.62
N ASP F 27 -1.64 25.75 8.98
CA ASP F 27 -0.57 26.48 9.66
C ASP F 27 -0.35 25.92 11.05
N ALA F 28 0.92 25.89 11.47
CA ALA F 28 1.25 25.41 12.80
C ALA F 28 0.67 26.30 13.90
N LYS F 29 0.37 27.57 13.58
CA LYS F 29 -0.17 28.47 14.60
C LYS F 29 -1.49 27.96 15.16
N ALA F 30 -2.34 27.41 14.29
CA ALA F 30 -3.58 26.81 14.77
C ALA F 30 -3.32 25.62 15.68
N TYR F 31 -2.24 24.88 15.43
CA TYR F 31 -1.91 23.74 16.27
C TYR F 31 -1.64 24.14 17.70
N GLU F 32 -1.27 25.40 17.93
CA GLU F 32 -1.04 25.91 19.28
C GLU F 32 -2.38 26.01 20.01
N THR F 33 -2.66 25.03 20.86
CA THR F 33 -3.89 24.96 21.65
C THR F 33 -5.08 25.01 20.69
N GLU F 34 -6.24 25.50 21.15
CA GLU F 34 -7.45 25.56 20.35
C GLU F 34 -7.86 24.16 19.89
N LYS F 35 -7.93 23.25 20.86
CA LYS F 35 -8.20 21.85 20.56
C LYS F 35 -9.67 21.58 20.27
N HIS F 36 -10.55 22.57 20.42
CA HIS F 36 -11.98 22.40 20.25
C HIS F 36 -12.44 23.24 19.06
N ASN F 37 -12.75 22.58 17.96
CA ASN F 37 -13.29 23.24 16.77
C ASN F 37 -13.68 22.16 15.77
N VAL F 38 -14.73 22.45 15.01
CA VAL F 38 -15.26 21.45 14.08
C VAL F 38 -14.21 21.09 13.05
N TRP F 39 -13.59 22.10 12.45
CA TRP F 39 -12.54 21.91 11.47
C TRP F 39 -11.19 21.99 12.15
N ALA F 40 -10.12 22.07 11.35
CA ALA F 40 -8.78 22.36 11.84
C ALA F 40 -8.27 21.26 12.77
N THR F 41 -8.76 20.04 12.61
CA THR F 41 -8.24 18.93 13.38
C THR F 41 -6.74 18.77 13.10
N HIS F 42 -6.07 18.04 14.00
CA HIS F 42 -4.61 18.00 13.99
C HIS F 42 -4.03 17.13 12.88
N ALA F 43 -4.87 16.39 12.15
CA ALA F 43 -4.34 15.44 11.19
C ALA F 43 -3.58 16.12 10.05
N CYS F 44 -3.89 17.39 9.77
CA CYS F 44 -3.19 18.09 8.70
C CYS F 44 -1.71 18.24 9.04
N VAL F 45 -0.86 17.95 8.07
CA VAL F 45 0.57 18.13 8.26
C VAL F 45 0.86 19.61 8.45
N PRO F 46 1.79 20.02 9.33
CA PRO F 46 2.13 21.43 9.42
C PRO F 46 2.69 21.94 8.09
N THR F 47 2.32 23.17 7.75
CA THR F 47 2.74 23.77 6.50
C THR F 47 4.21 24.15 6.56
N ASP F 48 4.71 24.77 5.51
CA ASP F 48 6.08 25.24 5.42
C ASP F 48 6.09 26.70 4.98
N PRO F 49 7.10 27.47 5.39
CA PRO F 49 7.12 28.90 5.02
C PRO F 49 7.74 29.13 3.65
N ASN F 50 7.91 30.41 3.29
CA ASN F 50 8.55 30.90 2.06
C ASN F 50 8.16 30.08 0.84
N PRO F 51 6.89 30.10 0.44
CA PRO F 51 6.50 29.41 -0.79
C PRO F 51 7.20 30.03 -2.00
N GLN F 52 7.48 29.18 -2.98
CA GLN F 52 8.22 29.57 -4.18
C GLN F 52 7.32 29.48 -5.40
N GLU F 53 7.55 30.37 -6.35
CA GLU F 53 6.75 30.46 -7.57
C GLU F 53 7.68 30.50 -8.77
N ILE F 54 7.38 29.66 -9.77
CA ILE F 54 8.19 29.54 -10.97
C ILE F 54 7.42 30.14 -12.13
N HIS F 55 8.10 30.98 -12.90
CA HIS F 55 7.48 31.66 -14.03
C HIS F 55 7.70 30.86 -15.31
N LEU F 56 6.72 30.92 -16.20
CA LEU F 56 6.78 30.29 -17.52
C LEU F 56 6.59 31.34 -18.59
N GLU F 57 7.09 31.05 -19.79
CA GLU F 57 7.03 32.00 -20.90
C GLU F 57 6.67 31.27 -22.18
N ASN F 58 6.12 32.03 -23.13
CA ASN F 58 5.76 31.56 -24.46
C ASN F 58 4.66 30.52 -24.44
N VAL F 59 3.98 30.31 -23.32
CA VAL F 59 2.97 29.28 -23.17
C VAL F 59 1.59 29.91 -23.32
N THR F 60 0.63 29.10 -23.74
CA THR F 60 -0.76 29.51 -23.81
C THR F 60 -1.63 28.31 -23.47
N GLU F 61 -2.62 28.51 -22.60
CA GLU F 61 -3.44 27.39 -22.15
C GLU F 61 -4.89 27.82 -21.99
N GLU F 62 -5.80 26.87 -22.20
CA GLU F 62 -7.23 27.12 -22.13
C GLU F 62 -7.79 26.68 -20.78
N PHE F 63 -8.63 27.54 -20.20
CA PHE F 63 -9.26 27.30 -18.91
C PHE F 63 -10.77 27.26 -19.06
N ASN F 64 -11.42 26.45 -18.20
CA ASN F 64 -12.87 26.35 -18.19
C ASN F 64 -13.28 25.99 -16.77
N MET F 65 -13.70 27.00 -15.99
CA MET F 65 -14.04 26.76 -14.59
C MET F 65 -15.41 26.10 -14.44
N TRP F 66 -16.28 26.21 -15.43
CA TRP F 66 -17.61 25.64 -15.29
C TRP F 66 -17.55 24.12 -15.23
N LYS F 67 -16.78 23.51 -16.13
CA LYS F 67 -16.57 22.06 -16.15
C LYS F 67 -15.28 21.70 -15.41
N ASN F 68 -15.21 22.06 -14.14
CA ASN F 68 -14.01 21.89 -13.34
C ASN F 68 -14.22 20.82 -12.27
N ASN F 69 -13.16 20.11 -11.96
CA ASN F 69 -13.15 19.14 -10.88
C ASN F 69 -12.81 19.86 -9.57
N MET F 70 -12.44 19.08 -8.56
CA MET F 70 -12.02 19.54 -7.23
C MET F 70 -12.91 20.66 -6.71
N VAL F 71 -14.22 20.46 -6.85
CA VAL F 71 -15.21 21.30 -6.19
C VAL F 71 -16.15 20.37 -5.42
N GLU F 72 -16.76 19.45 -6.13
CA GLU F 72 -17.54 18.40 -5.48
C GLU F 72 -16.69 17.64 -4.47
N GLN F 73 -15.39 17.50 -4.75
CA GLN F 73 -14.52 16.78 -3.83
C GLN F 73 -14.48 17.45 -2.46
N MET F 74 -14.18 18.76 -2.44
CA MET F 74 -14.12 19.44 -1.14
C MET F 74 -15.51 19.59 -0.54
N HIS F 75 -16.54 19.67 -1.37
CA HIS F 75 -17.90 19.66 -0.85
C HIS F 75 -18.16 18.40 -0.04
N THR F 76 -17.85 17.25 -0.63
CA THR F 76 -18.03 15.98 0.08
C THR F 76 -17.18 15.92 1.33
N ASP F 77 -15.94 16.41 1.24
CA ASP F 77 -15.07 16.39 2.42
C ASP F 77 -15.67 17.20 3.55
N ILE F 78 -16.20 18.39 3.24
CA ILE F 78 -16.79 19.23 4.28
C ILE F 78 -17.97 18.52 4.92
N ILE F 79 -18.85 17.92 4.10
CA ILE F 79 -20.01 17.25 4.67
C ILE F 79 -19.58 16.11 5.58
N SER F 80 -18.60 15.31 5.12
CA SER F 80 -18.16 14.18 5.93
C SER F 80 -17.54 14.65 7.24
N LEU F 81 -16.74 15.71 7.20
CA LEU F 81 -16.13 16.21 8.42
C LEU F 81 -17.18 16.69 9.40
N TRP F 82 -18.19 17.40 8.90
CA TRP F 82 -19.29 17.84 9.76
C TRP F 82 -19.96 16.66 10.43
N ASP F 83 -20.30 15.64 9.64
CA ASP F 83 -20.99 14.49 10.22
C ASP F 83 -20.13 13.79 11.26
N GLN F 84 -18.83 13.65 10.98
CA GLN F 84 -17.94 13.01 11.94
C GLN F 84 -17.88 13.79 13.24
N SER F 85 -17.77 15.11 13.15
CA SER F 85 -17.67 15.92 14.37
C SER F 85 -18.95 15.83 15.18
N LEU F 86 -20.10 15.81 14.52
CA LEU F 86 -21.37 15.83 15.24
C LEU F 86 -21.69 14.53 15.98
N LYS F 87 -20.92 13.46 15.75
CA LYS F 87 -21.36 12.14 16.18
C LYS F 87 -21.50 12.03 17.70
N PRO F 88 -20.45 12.18 18.50
CA PRO F 88 -20.57 11.84 19.94
C PRO F 88 -21.21 12.93 20.80
N CYS F 89 -22.55 12.96 20.81
CA CYS F 89 -23.29 13.90 21.63
C CYS F 89 -24.59 13.25 22.07
N VAL F 90 -25.17 13.77 23.16
CA VAL F 90 -26.34 13.16 23.75
C VAL F 90 -27.53 13.29 22.81
N LYS F 91 -28.45 12.33 22.91
CA LYS F 91 -29.64 12.33 22.09
C LYS F 91 -30.75 13.16 22.75
N LEU F 92 -31.79 13.43 21.96
CA LEU F 92 -32.92 14.24 22.40
C LEU F 92 -34.21 13.55 22.03
N THR F 93 -34.34 12.29 22.41
CA THR F 93 -35.58 11.57 22.11
C THR F 93 -36.74 11.86 23.06
N PRO F 94 -36.57 11.99 24.38
CA PRO F 94 -37.76 11.97 25.25
C PRO F 94 -38.54 13.25 25.29
N LEU F 95 -38.12 14.30 24.59
CA LEU F 95 -38.77 15.59 24.77
C LEU F 95 -40.10 15.69 24.03
N CYS F 96 -40.34 14.83 23.03
CA CYS F 96 -41.59 14.90 22.29
C CYS F 96 -42.76 14.63 23.21
N VAL F 97 -43.49 15.68 23.59
CA VAL F 97 -44.58 15.54 24.56
C VAL F 97 -45.42 16.80 24.52
N THR F 98 -46.68 16.67 24.89
CA THR F 98 -47.58 17.82 24.91
C THR F 98 -47.09 18.87 25.90
N LEU F 99 -47.36 20.13 25.59
CA LEU F 99 -46.90 21.27 26.36
C LEU F 99 -48.07 22.19 26.69
N GLN F 100 -47.91 22.97 27.76
CA GLN F 100 -48.86 24.02 28.11
C GLN F 100 -48.15 25.36 28.00
N CYS F 101 -48.66 26.25 27.17
CA CYS F 101 -47.94 27.47 26.80
C CYS F 101 -48.84 28.69 26.91
N THR F 102 -48.21 29.84 27.16
CA THR F 102 -48.92 31.11 27.26
C THR F 102 -48.01 32.23 26.75
N ASN F 103 -48.54 33.45 26.74
CA ASN F 103 -47.80 34.60 26.24
C ASN F 103 -46.78 35.07 27.26
N VAL F 104 -46.13 36.18 26.94
CA VAL F 104 -45.16 36.84 27.83
C VAL F 104 -45.36 38.35 27.74
N THR F 105 -45.94 38.94 28.79
CA THR F 105 -46.22 40.37 28.83
C THR F 105 -45.31 41.00 29.89
N ASN F 106 -44.14 41.44 29.45
CA ASN F 106 -43.09 41.97 30.33
C ASN F 106 -42.50 43.24 29.75
N ASN F 107 -43.37 44.17 29.35
CA ASN F 107 -42.97 45.44 28.73
C ASN F 107 -42.42 45.21 27.32
N ILE F 108 -43.02 44.26 26.60
CA ILE F 108 -42.61 44.03 25.22
C ILE F 108 -43.15 45.17 24.35
N THR F 109 -42.34 45.59 23.39
CA THR F 109 -42.81 46.56 22.41
C THR F 109 -43.86 45.90 21.51
N ASP F 110 -44.64 46.75 20.83
CA ASP F 110 -45.77 46.26 20.06
C ASP F 110 -45.33 45.36 18.91
N ASP F 111 -44.13 45.58 18.37
CA ASP F 111 -43.69 44.80 17.22
C ASP F 111 -43.44 43.34 17.58
N MET F 112 -43.23 43.04 18.86
CA MET F 112 -42.90 41.69 19.30
C MET F 112 -44.10 40.96 19.90
N ARG F 113 -45.31 41.49 19.73
CA ARG F 113 -46.50 40.85 20.29
C ARG F 113 -46.60 39.40 19.83
N GLY F 114 -46.53 38.47 20.77
CA GLY F 114 -46.69 37.07 20.45
C GLY F 114 -45.48 36.41 19.84
N GLU F 115 -44.27 36.95 20.06
CA GLU F 115 -43.07 36.36 19.51
C GLU F 115 -42.30 35.52 20.52
N LEU F 116 -42.69 35.51 21.78
CA LEU F 116 -42.11 34.66 22.79
C LEU F 116 -43.22 33.91 23.50
N LYS F 117 -42.99 32.63 23.79
CA LYS F 117 -43.98 31.78 24.43
C LYS F 117 -43.35 31.13 25.65
N ASN F 118 -44.08 31.18 26.77
CA ASN F 118 -43.65 30.58 28.02
C ASN F 118 -44.36 29.24 28.17
N CYS F 119 -43.58 28.15 28.22
CA CYS F 119 -44.14 26.80 28.15
C CYS F 119 -43.68 25.98 29.35
N SER F 120 -44.51 25.00 29.72
CA SER F 120 -44.25 24.09 30.81
C SER F 120 -44.71 22.70 30.43
N PHE F 121 -44.07 21.69 31.02
CA PHE F 121 -44.35 20.30 30.67
C PHE F 121 -43.81 19.37 31.76
N ASN F 122 -44.03 18.08 31.57
CA ASN F 122 -43.60 17.02 32.46
C ASN F 122 -42.39 16.31 31.87
N MET F 123 -41.55 15.73 32.73
CA MET F 123 -40.33 15.11 32.27
C MET F 123 -39.86 14.12 33.33
N THR F 124 -39.43 12.94 32.88
CA THR F 124 -38.93 11.92 33.78
C THR F 124 -37.58 12.34 34.37
N THR F 125 -37.28 11.80 35.56
CA THR F 125 -36.03 12.07 36.24
C THR F 125 -35.10 10.86 36.07
N GLU F 126 -33.99 10.85 36.80
CA GLU F 126 -33.05 9.73 36.69
C GLU F 126 -33.69 8.42 37.11
N LEU F 127 -34.39 8.41 38.25
CA LEU F 127 -35.09 7.22 38.70
C LEU F 127 -36.39 7.09 37.93
N ARG F 128 -36.61 5.92 37.32
CA ARG F 128 -37.69 5.77 36.37
C ARG F 128 -39.08 5.85 37.01
N ASP F 129 -39.17 5.79 38.34
CA ASP F 129 -40.48 5.82 38.97
C ASP F 129 -41.08 7.23 39.00
N LYS F 130 -40.26 8.26 39.21
CA LYS F 130 -40.76 9.61 39.45
C LYS F 130 -40.78 10.44 38.17
N LYS F 131 -41.49 11.56 38.25
CA LYS F 131 -41.55 12.55 37.20
C LYS F 131 -41.59 13.93 37.83
N GLN F 132 -41.20 14.94 37.06
CA GLN F 132 -41.10 16.31 37.57
C GLN F 132 -41.67 17.27 36.53
N LYS F 133 -41.94 18.49 36.99
CA LYS F 133 -42.55 19.54 36.20
C LYS F 133 -41.51 20.64 35.96
N VAL F 134 -41.37 21.05 34.70
CA VAL F 134 -40.35 22.03 34.32
C VAL F 134 -40.94 23.01 33.33
N TYR F 135 -40.18 24.06 33.04
CA TYR F 135 -40.65 25.12 32.16
C TYR F 135 -39.47 25.78 31.45
N SER F 136 -39.79 26.52 30.40
CA SER F 136 -38.79 27.15 29.53
C SER F 136 -39.49 28.19 28.64
N LEU F 137 -38.71 28.86 27.79
CA LEU F 137 -39.22 29.82 26.82
C LEU F 137 -38.88 29.36 25.41
N PHE F 138 -39.65 29.84 24.44
CA PHE F 138 -39.44 29.46 23.04
C PHE F 138 -39.89 30.58 22.12
N TYR F 139 -39.40 30.53 20.89
CA TYR F 139 -39.78 31.47 19.85
C TYR F 139 -40.90 30.89 19.00
N ARG F 140 -41.63 31.78 18.33
CA ARG F 140 -42.82 31.34 17.61
C ARG F 140 -42.48 30.38 16.47
N LEU F 141 -41.27 30.46 15.92
CA LEU F 141 -40.91 29.69 14.74
C LEU F 141 -40.37 28.31 15.07
N ASP F 142 -40.71 27.76 16.24
CA ASP F 142 -40.26 26.43 16.64
C ASP F 142 -41.37 25.56 17.18
N VAL F 143 -42.59 26.09 17.32
CA VAL F 143 -43.68 25.38 17.96
C VAL F 143 -44.91 25.49 17.06
N VAL F 144 -45.78 24.48 17.12
CA VAL F 144 -46.97 24.43 16.29
C VAL F 144 -48.15 24.02 17.15
N GLN F 145 -49.33 24.37 16.67
CA GLN F 145 -50.59 24.08 17.37
C GLN F 145 -51.24 22.84 16.77
N ILE F 146 -52.03 22.17 17.60
CA ILE F 146 -52.85 21.04 17.17
C ILE F 146 -54.22 21.17 17.81
N ASN F 147 -55.18 20.45 17.25
CA ASN F 147 -56.55 20.44 17.78
C ASN F 147 -57.29 19.19 17.32
N SER F 157 -61.01 27.92 24.38
CA SER F 157 -60.86 26.59 24.96
C SER F 157 -59.42 26.38 25.42
N ASN F 158 -59.07 25.13 25.69
CA ASN F 158 -57.73 24.80 26.16
C ASN F 158 -56.69 25.14 25.10
N LYS F 159 -55.43 25.25 25.55
CA LYS F 159 -54.31 25.59 24.70
C LYS F 159 -53.23 24.52 24.83
N GLU F 160 -52.74 24.04 23.69
CA GLU F 160 -51.71 23.01 23.66
C GLU F 160 -50.83 23.27 22.45
N TYR F 161 -49.61 22.71 22.50
CA TYR F 161 -48.66 22.90 21.42
C TYR F 161 -47.71 21.72 21.38
N ARG F 162 -47.04 21.56 20.23
CA ARG F 162 -46.08 20.50 20.04
C ARG F 162 -44.89 21.02 19.26
N LEU F 163 -43.82 20.24 19.27
CA LEU F 163 -42.64 20.59 18.49
C LEU F 163 -42.91 20.41 17.01
N ILE F 164 -42.08 21.08 16.20
CA ILE F 164 -42.32 21.10 14.76
C ILE F 164 -41.73 19.88 14.06
N ASN F 165 -40.61 19.37 14.55
CA ASN F 165 -39.93 18.24 13.92
C ASN F 165 -40.31 16.90 14.52
N CYS F 166 -41.28 16.89 15.45
CA CYS F 166 -41.56 15.66 16.19
C CYS F 166 -42.05 14.55 15.26
N ASN F 167 -42.93 14.87 14.32
CA ASN F 167 -43.47 13.85 13.44
C ASN F 167 -42.51 13.45 12.33
N THR F 168 -41.42 14.18 12.12
CA THR F 168 -40.46 13.88 11.07
C THR F 168 -39.31 13.02 11.57
N SER F 169 -38.51 13.55 12.50
CA SER F 169 -37.36 12.83 13.03
C SER F 169 -36.94 13.48 14.33
N ALA F 170 -36.14 12.75 15.11
CA ALA F 170 -35.52 13.24 16.32
C ALA F 170 -34.02 13.36 16.08
N CYS F 171 -33.41 14.44 16.59
CA CYS F 171 -32.03 14.75 16.27
C CYS F 171 -31.26 15.11 17.53
N THR F 172 -29.95 15.24 17.35
CA THR F 172 -29.00 15.30 18.45
C THR F 172 -28.80 16.72 18.92
N GLN F 173 -28.75 16.89 20.24
CA GLN F 173 -28.37 18.18 20.81
C GLN F 173 -26.88 18.42 20.60
N ALA F 174 -26.53 19.64 20.22
CA ALA F 174 -25.13 19.98 20.01
C ALA F 174 -24.37 19.91 21.33
N CYS F 175 -23.14 19.42 21.26
CA CYS F 175 -22.31 19.37 22.45
C CYS F 175 -21.91 20.79 22.87
N PRO F 176 -21.67 21.00 24.17
CA PRO F 176 -21.50 22.39 24.65
C PRO F 176 -20.23 23.06 24.15
N LYS F 177 -19.09 22.41 24.32
CA LYS F 177 -17.79 23.04 24.08
C LYS F 177 -17.30 22.65 22.68
N VAL F 178 -17.68 23.46 21.70
CA VAL F 178 -17.18 23.32 20.33
C VAL F 178 -17.20 24.70 19.68
N SER F 179 -16.27 24.91 18.75
CA SER F 179 -16.09 26.20 18.09
C SER F 179 -16.40 26.08 16.61
N PHE F 180 -17.17 27.04 16.10
CA PHE F 180 -17.53 27.10 14.68
C PHE F 180 -16.72 28.13 13.91
N GLU F 181 -15.68 28.69 14.51
CA GLU F 181 -14.90 29.72 13.84
C GLU F 181 -14.10 29.10 12.71
N PRO F 182 -14.26 29.54 11.46
CA PRO F 182 -13.39 29.03 10.40
C PRO F 182 -11.98 29.61 10.52
N ILE F 183 -11.04 28.91 9.91
CA ILE F 183 -9.65 29.37 9.85
C ILE F 183 -9.09 29.08 8.46
N PRO F 184 -7.99 29.74 8.09
CA PRO F 184 -7.37 29.45 6.80
C PRO F 184 -6.96 27.99 6.68
N ILE F 185 -7.08 27.46 5.46
CA ILE F 185 -6.69 26.09 5.15
C ILE F 185 -5.98 26.13 3.80
N HIS F 186 -5.15 25.11 3.56
CA HIS F 186 -4.38 25.03 2.32
C HIS F 186 -4.54 23.66 1.69
N TYR F 187 -4.54 23.64 0.37
CA TYR F 187 -4.66 22.43 -0.44
C TYR F 187 -3.34 22.17 -1.13
N CYS F 188 -2.88 20.92 -1.10
CA CYS F 188 -1.64 20.54 -1.77
C CYS F 188 -1.81 19.20 -2.44
N ALA F 189 -1.06 19.00 -3.53
CA ALA F 189 -1.11 17.81 -4.36
C ALA F 189 0.14 16.97 -4.15
N PRO F 190 0.06 15.64 -4.32
CA PRO F 190 1.21 14.78 -4.05
C PRO F 190 2.25 14.92 -5.15
N ALA F 191 3.33 14.15 -5.01
CA ALA F 191 4.37 14.14 -6.01
C ALA F 191 3.86 13.56 -7.32
N GLY F 192 4.47 13.99 -8.43
CA GLY F 192 4.05 13.53 -9.74
C GLY F 192 2.90 14.31 -10.34
N PHE F 193 2.50 15.42 -9.72
CA PHE F 193 1.45 16.28 -10.26
C PHE F 193 1.84 17.72 -10.04
N ALA F 194 1.25 18.62 -10.82
CA ALA F 194 1.55 20.03 -10.72
C ALA F 194 0.26 20.83 -10.75
N ILE F 195 0.31 22.02 -10.15
CA ILE F 195 -0.82 22.93 -10.07
C ILE F 195 -0.45 24.21 -10.80
N LEU F 196 -1.26 24.58 -11.78
CA LEU F 196 -1.03 25.74 -12.62
C LEU F 196 -2.04 26.83 -12.30
N LYS F 197 -1.59 28.07 -12.39
CA LYS F 197 -2.38 29.25 -12.11
C LYS F 197 -2.21 30.26 -13.23
N CYS F 198 -3.30 30.90 -13.61
CA CYS F 198 -3.29 31.95 -14.63
C CYS F 198 -3.34 33.30 -13.93
N LYS F 199 -2.30 34.11 -14.12
CA LYS F 199 -2.13 35.36 -13.41
C LYS F 199 -2.66 36.57 -14.17
N ASP F 200 -3.32 36.37 -15.31
CA ASP F 200 -3.90 37.48 -16.03
C ASP F 200 -4.94 38.17 -15.15
N LYS F 201 -4.88 39.50 -15.10
CA LYS F 201 -5.75 40.29 -14.24
C LYS F 201 -7.03 40.74 -14.92
N LYS F 202 -7.28 40.31 -16.16
CA LYS F 202 -8.53 40.61 -16.85
C LYS F 202 -9.15 39.36 -17.48
N PHE F 203 -8.63 38.18 -17.19
CA PHE F 203 -9.16 36.94 -17.73
C PHE F 203 -10.55 36.69 -17.17
N ASN F 204 -11.52 36.45 -18.06
CA ASN F 204 -12.93 36.43 -17.69
C ASN F 204 -13.45 35.03 -17.39
N GLY F 205 -12.59 34.11 -16.96
CA GLY F 205 -13.03 32.85 -16.41
C GLY F 205 -13.12 31.70 -17.39
N THR F 206 -12.98 31.94 -18.69
CA THR F 206 -12.98 30.85 -19.65
C THR F 206 -12.30 31.30 -20.92
N GLY F 207 -11.50 30.40 -21.51
CA GLY F 207 -10.81 30.70 -22.74
C GLY F 207 -9.30 30.65 -22.58
N PRO F 208 -8.56 31.26 -23.50
CA PRO F 208 -7.10 31.18 -23.44
C PRO F 208 -6.51 32.13 -22.40
N CYS F 209 -5.29 31.81 -22.00
CA CYS F 209 -4.52 32.59 -21.05
C CYS F 209 -3.05 32.43 -21.42
N PRO F 210 -2.31 33.53 -21.71
CA PRO F 210 -0.90 33.37 -22.09
C PRO F 210 0.06 33.38 -20.91
N SER F 211 -0.27 34.10 -19.84
CA SER F 211 0.61 34.23 -18.69
C SER F 211 0.24 33.17 -17.66
N VAL F 212 1.19 32.28 -17.35
CA VAL F 212 0.93 31.13 -16.50
C VAL F 212 2.06 31.01 -15.49
N SER F 213 1.78 30.33 -14.39
CA SER F 213 2.80 29.98 -13.43
C SER F 213 2.38 28.71 -12.71
N THR F 214 3.29 28.15 -11.93
CA THR F 214 3.06 26.90 -11.22
C THR F 214 3.33 27.09 -9.74
N VAL F 215 2.61 26.34 -8.91
CA VAL F 215 2.76 26.37 -7.46
C VAL F 215 2.55 24.97 -6.91
N GLN F 216 2.81 24.82 -5.61
CA GLN F 216 2.64 23.57 -4.91
C GLN F 216 1.48 23.55 -3.94
N CYS F 217 1.08 24.70 -3.42
CA CYS F 217 -0.05 24.78 -2.49
C CYS F 217 -0.77 26.09 -2.69
N THR F 218 -2.09 26.03 -2.77
CA THR F 218 -2.89 27.23 -2.97
C THR F 218 -2.76 28.15 -1.76
N HIS F 219 -3.29 29.36 -1.92
CA HIS F 219 -3.30 30.31 -0.83
C HIS F 219 -4.39 29.93 0.19
N GLY F 220 -4.58 30.80 1.17
CA GLY F 220 -5.54 30.51 2.22
C GLY F 220 -6.97 30.45 1.70
N ILE F 221 -7.77 29.60 2.34
CA ILE F 221 -9.19 29.47 2.05
C ILE F 221 -9.93 29.39 3.37
N LYS F 222 -11.06 30.09 3.45
CA LYS F 222 -11.88 30.14 4.66
C LYS F 222 -13.28 29.62 4.36
N PRO F 223 -13.68 28.43 4.80
CA PRO F 223 -15.04 27.97 4.52
C PRO F 223 -16.07 28.81 5.25
N VAL F 224 -17.04 29.32 4.50
CA VAL F 224 -18.12 30.12 5.06
C VAL F 224 -19.43 29.69 4.40
N VAL F 225 -20.51 29.77 5.16
CA VAL F 225 -21.84 29.38 4.70
C VAL F 225 -22.71 30.62 4.70
N SER F 226 -23.24 30.97 3.53
CA SER F 226 -24.14 32.11 3.41
C SER F 226 -24.98 31.95 2.15
N THR F 227 -26.05 32.74 2.09
CA THR F 227 -26.94 32.75 0.94
C THR F 227 -27.28 34.19 0.59
N GLN F 228 -27.43 34.43 -0.71
CA GLN F 228 -27.83 35.73 -1.23
C GLN F 228 -26.72 36.78 -1.17
N LEU F 229 -25.59 36.45 -0.54
CA LEU F 229 -24.45 37.35 -0.46
C LEU F 229 -23.21 36.50 -0.20
N LEU F 230 -22.05 37.15 -0.25
CA LEU F 230 -20.78 36.52 0.08
C LEU F 230 -20.04 37.39 1.07
N LEU F 231 -19.42 36.76 2.06
CA LEU F 231 -18.74 37.46 3.14
C LEU F 231 -17.30 37.00 3.26
N ASN F 232 -16.41 37.95 3.49
CA ASN F 232 -14.99 37.67 3.72
C ASN F 232 -14.37 36.93 2.54
N GLY F 233 -14.67 37.40 1.33
CA GLY F 233 -14.09 36.85 0.12
C GLY F 233 -12.84 37.59 -0.29
N SER F 234 -12.47 37.39 -1.56
CA SER F 234 -11.35 38.10 -2.16
C SER F 234 -11.83 39.40 -2.79
N LEU F 235 -10.88 40.28 -3.09
CA LEU F 235 -11.15 41.58 -3.68
C LEU F 235 -10.47 41.67 -5.04
N ALA F 236 -11.23 42.09 -6.05
CA ALA F 236 -10.64 42.31 -7.36
C ALA F 236 -9.66 43.46 -7.31
N GLU F 237 -9.00 43.72 -8.45
CA GLU F 237 -7.92 44.69 -8.51
C GLU F 237 -8.13 45.82 -9.51
N GLU F 238 -8.93 45.61 -10.56
CA GLU F 238 -9.18 46.64 -11.56
C GLU F 238 -10.57 47.23 -11.43
N GLU F 239 -11.61 46.41 -11.46
CA GLU F 239 -12.97 46.92 -11.39
C GLU F 239 -13.92 45.75 -11.14
N VAL F 240 -15.18 46.09 -10.88
CA VAL F 240 -16.19 45.07 -10.66
C VAL F 240 -16.31 44.20 -11.90
N MET F 241 -16.31 42.88 -11.70
CA MET F 241 -16.37 41.93 -12.80
C MET F 241 -17.61 41.07 -12.68
N ILE F 242 -18.11 40.62 -13.84
CA ILE F 242 -19.31 39.81 -13.93
C ILE F 242 -18.96 38.54 -14.69
N ARG F 243 -19.42 37.41 -14.18
CA ARG F 243 -19.12 36.11 -14.77
C ARG F 243 -20.38 35.28 -14.84
N SER F 244 -20.39 34.36 -15.80
CA SER F 244 -21.55 33.52 -16.06
C SER F 244 -21.17 32.52 -17.15
N GLU F 245 -21.99 31.46 -17.27
CA GLU F 245 -21.80 30.47 -18.31
C GLU F 245 -22.33 30.94 -19.66
N ASN F 246 -23.59 31.35 -19.70
CA ASN F 246 -24.24 31.79 -20.93
C ASN F 246 -25.19 32.94 -20.57
N ILE F 247 -24.67 34.17 -20.64
CA ILE F 247 -25.43 35.31 -20.14
C ILE F 247 -26.72 35.50 -20.93
N THR F 248 -26.71 35.09 -22.20
CA THR F 248 -27.93 35.22 -22.99
C THR F 248 -29.05 34.35 -22.44
N ASN F 249 -28.73 33.13 -21.98
CA ASN F 249 -29.75 32.30 -21.35
C ASN F 249 -30.19 32.92 -20.03
N ASN F 250 -31.49 32.82 -19.76
CA ASN F 250 -32.07 33.36 -18.55
C ASN F 250 -32.10 32.37 -17.40
N ALA F 251 -31.67 31.12 -17.62
CA ALA F 251 -31.78 30.07 -16.62
C ALA F 251 -30.48 29.82 -15.87
N LYS F 252 -29.48 30.68 -16.02
CA LYS F 252 -28.18 30.51 -15.37
C LYS F 252 -27.87 31.72 -14.51
N ASN F 253 -27.30 31.47 -13.33
CA ASN F 253 -27.01 32.54 -12.40
C ASN F 253 -25.86 33.40 -12.91
N ILE F 254 -25.71 34.56 -12.29
CA ILE F 254 -24.66 35.51 -12.62
C ILE F 254 -23.91 35.85 -11.34
N LEU F 255 -22.59 35.76 -11.37
CA LEU F 255 -21.75 36.09 -10.24
C LEU F 255 -21.14 37.45 -10.45
N VAL F 256 -21.20 38.31 -9.44
CA VAL F 256 -20.62 39.65 -9.51
C VAL F 256 -19.61 39.77 -8.39
N GLN F 257 -18.38 40.10 -8.75
CA GLN F 257 -17.29 40.28 -7.80
C GLN F 257 -16.91 41.75 -7.75
N PHE F 258 -16.86 42.29 -6.54
CA PHE F 258 -16.62 43.71 -6.31
C PHE F 258 -15.13 44.03 -6.40
N ASN F 259 -14.85 45.34 -6.41
CA ASN F 259 -13.50 45.87 -6.42
C ASN F 259 -13.04 46.34 -5.06
N THR F 260 -13.94 46.90 -4.25
CA THR F 260 -13.63 47.38 -2.91
C THR F 260 -14.65 46.84 -1.92
N PRO F 261 -14.30 46.72 -0.66
CA PRO F 261 -15.21 46.12 0.32
C PRO F 261 -16.20 47.14 0.87
N VAL F 262 -17.23 46.61 1.54
CA VAL F 262 -18.23 47.40 2.23
C VAL F 262 -18.40 46.81 3.62
N GLN F 263 -18.74 47.65 4.59
CA GLN F 263 -18.79 47.26 5.98
C GLN F 263 -20.23 47.11 6.45
N ILE F 264 -20.44 46.25 7.45
CA ILE F 264 -21.78 45.91 7.92
C ILE F 264 -21.68 45.53 9.39
N ASN F 265 -22.66 45.99 10.19
CA ASN F 265 -22.68 45.72 11.62
C ASN F 265 -23.99 45.05 12.00
N CYS F 266 -23.93 43.88 12.61
CA CYS F 266 -25.10 43.17 13.09
C CYS F 266 -25.02 43.03 14.59
N THR F 267 -26.17 43.09 15.26
CA THR F 267 -26.16 43.03 16.72
C THR F 267 -27.48 42.52 17.26
N ARG F 268 -27.41 41.87 18.41
CA ARG F 268 -28.57 41.43 19.18
C ARG F 268 -28.48 42.02 20.57
N PRO F 269 -29.14 43.13 20.87
CA PRO F 269 -28.95 43.77 22.17
C PRO F 269 -29.53 43.00 23.35
N ASN F 270 -30.30 41.94 23.11
CA ASN F 270 -30.98 41.27 24.19
C ASN F 270 -29.98 40.56 25.10
N ASN F 271 -30.47 40.14 26.27
CA ASN F 271 -29.66 39.53 27.31
C ASN F 271 -30.31 38.22 27.75
N ASN F 272 -29.48 37.21 28.00
CA ASN F 272 -29.96 35.88 28.33
C ASN F 272 -29.16 35.29 29.48
N THR F 273 -29.76 34.29 30.12
CA THR F 273 -29.10 33.48 31.14
C THR F 273 -29.20 32.02 30.73
N ARG F 274 -28.86 31.10 31.62
CA ARG F 274 -28.87 29.69 31.27
C ARG F 274 -29.27 28.85 32.47
N LYS F 275 -29.64 27.60 32.19
CA LYS F 275 -30.11 26.68 33.21
C LYS F 275 -29.85 25.26 32.72
N SER F 276 -29.68 24.33 33.67
CA SER F 276 -29.40 22.94 33.37
C SER F 276 -30.44 22.04 34.04
N ILE F 277 -30.77 20.95 33.35
CA ILE F 277 -31.72 19.97 33.83
C ILE F 277 -31.14 18.58 33.62
N ARG F 278 -31.53 17.64 34.46
CA ARG F 278 -31.08 16.26 34.37
C ARG F 278 -32.18 15.42 33.73
N ILE F 279 -31.79 14.56 32.80
CA ILE F 279 -32.73 13.71 32.07
C ILE F 279 -32.60 12.26 32.50
N GLY F 280 -31.39 11.77 32.67
CA GLY F 280 -31.14 10.39 33.01
C GLY F 280 -29.73 10.20 33.51
N PRO F 281 -29.22 8.97 33.47
CA PRO F 281 -27.83 8.76 33.87
C PRO F 281 -26.86 9.51 32.99
N GLY F 282 -26.22 10.54 33.54
CA GLY F 282 -25.26 11.32 32.78
C GLY F 282 -25.84 12.01 31.57
N GLN F 283 -27.08 12.47 31.67
CA GLN F 283 -27.77 13.16 30.58
C GLN F 283 -28.17 14.54 31.08
N ALA F 284 -27.56 15.58 30.49
CA ALA F 284 -27.86 16.96 30.83
C ALA F 284 -28.57 17.63 29.66
N PHE F 285 -29.34 18.67 29.98
CA PHE F 285 -30.10 19.40 28.99
C PHE F 285 -30.07 20.88 29.36
N TYR F 286 -29.89 21.72 28.35
CA TYR F 286 -29.76 23.17 28.53
C TYR F 286 -31.02 23.85 28.06
N ALA F 287 -31.52 24.80 28.84
CA ALA F 287 -32.74 25.52 28.53
C ALA F 287 -32.56 26.99 28.84
N THR F 288 -33.33 27.83 28.16
CA THR F 288 -33.26 29.26 28.38
C THR F 288 -33.73 29.60 29.79
N GLY F 289 -33.13 30.63 30.37
CA GLY F 289 -33.46 31.04 31.72
C GLY F 289 -34.51 32.13 31.77
N ASP F 290 -34.14 33.28 32.33
CA ASP F 290 -35.03 34.42 32.48
C ASP F 290 -34.39 35.64 31.84
N ILE F 291 -35.24 36.57 31.40
CA ILE F 291 -34.81 37.83 30.82
C ILE F 291 -34.74 38.88 31.91
N ILE F 292 -33.86 39.86 31.73
CA ILE F 292 -33.51 40.79 32.80
C ILE F 292 -34.23 42.13 32.65
N GLY F 293 -34.45 42.60 31.43
CA GLY F 293 -35.03 43.91 31.22
C GLY F 293 -35.79 44.00 29.93
N ASP F 294 -35.89 45.23 29.40
CA ASP F 294 -36.58 45.44 28.14
C ASP F 294 -35.90 44.65 27.03
N ILE F 295 -36.69 44.31 26.01
CA ILE F 295 -36.24 43.45 24.92
C ILE F 295 -36.45 44.20 23.60
N ARG F 296 -35.50 44.03 22.68
CA ARG F 296 -35.55 44.67 21.38
C ARG F 296 -35.12 43.67 20.32
N GLN F 297 -35.53 43.92 19.09
CA GLN F 297 -35.19 43.05 17.97
C GLN F 297 -33.74 43.23 17.58
N ALA F 298 -33.06 42.13 17.30
CA ALA F 298 -31.73 42.21 16.72
C ALA F 298 -31.83 42.80 15.32
N HIS F 299 -30.80 43.54 14.91
CA HIS F 299 -30.87 44.23 13.63
C HIS F 299 -29.46 44.45 13.08
N CYS F 300 -29.41 44.92 11.83
CA CYS F 300 -28.15 45.13 11.14
C CYS F 300 -28.16 46.48 10.41
N ASN F 301 -26.97 47.03 10.23
CA ASN F 301 -26.76 48.35 9.67
C ASN F 301 -25.70 48.32 8.58
N VAL F 302 -25.91 49.15 7.57
CA VAL F 302 -24.90 49.49 6.57
C VAL F 302 -25.00 50.98 6.28
N SER F 303 -23.99 51.49 5.58
CA SER F 303 -23.97 52.91 5.23
C SER F 303 -24.90 53.13 4.04
N LYS F 304 -25.00 54.37 3.57
CA LYS F 304 -25.84 54.71 2.43
C LYS F 304 -25.03 55.10 1.19
N ALA F 305 -24.14 56.09 1.32
CA ALA F 305 -23.42 56.59 0.15
C ALA F 305 -22.57 55.49 -0.48
N THR F 306 -21.95 54.66 0.36
CA THR F 306 -21.15 53.57 -0.16
C THR F 306 -21.98 52.65 -1.03
N TRP F 307 -23.15 52.24 -0.53
CA TRP F 307 -24.00 51.37 -1.31
C TRP F 307 -24.44 52.04 -2.61
N ASN F 308 -24.79 53.32 -2.53
CA ASN F 308 -25.24 54.04 -3.72
C ASN F 308 -24.17 54.02 -4.80
N GLU F 309 -22.95 54.41 -4.45
CA GLU F 309 -21.92 54.48 -5.49
C GLU F 309 -21.56 53.10 -6.01
N THR F 310 -21.53 52.09 -5.12
CA THR F 310 -21.22 50.75 -5.59
C THR F 310 -22.26 50.26 -6.59
N LEU F 311 -23.54 50.49 -6.30
CA LEU F 311 -24.57 50.10 -7.25
C LEU F 311 -24.42 50.85 -8.56
N GLY F 312 -24.09 52.14 -8.48
CA GLY F 312 -23.89 52.90 -9.71
C GLY F 312 -22.80 52.30 -10.58
N LYS F 313 -21.67 51.97 -9.96
CA LYS F 313 -20.56 51.38 -10.72
C LYS F 313 -20.97 50.04 -11.31
N VAL F 314 -21.70 49.22 -10.56
CA VAL F 314 -22.10 47.92 -11.08
C VAL F 314 -23.00 48.09 -12.29
N VAL F 315 -23.96 49.01 -12.22
CA VAL F 315 -24.84 49.23 -13.36
C VAL F 315 -24.05 49.69 -14.57
N LYS F 316 -23.13 50.63 -14.36
CA LYS F 316 -22.34 51.15 -15.48
C LYS F 316 -21.56 50.03 -16.15
N GLN F 317 -20.93 49.16 -15.36
CA GLN F 317 -20.19 48.05 -15.94
C GLN F 317 -21.13 47.08 -16.66
N LEU F 318 -22.29 46.78 -16.06
CA LEU F 318 -23.20 45.83 -16.68
C LEU F 318 -23.78 46.34 -17.98
N ARG F 319 -23.80 47.66 -18.19
CA ARG F 319 -24.47 48.20 -19.36
C ARG F 319 -23.85 47.75 -20.69
N LYS F 320 -22.63 47.21 -20.68
CA LYS F 320 -21.90 46.93 -21.91
C LYS F 320 -22.35 45.68 -22.64
N HIS F 321 -23.50 45.09 -22.31
CA HIS F 321 -23.95 43.87 -22.94
C HIS F 321 -25.35 43.94 -23.52
N PHE F 322 -26.24 44.75 -22.95
CA PHE F 322 -27.62 44.86 -23.42
C PHE F 322 -27.92 46.24 -23.99
N GLY F 323 -26.91 46.89 -24.57
CA GLY F 323 -27.12 48.18 -25.22
C GLY F 323 -27.30 49.31 -24.24
N ASN F 324 -26.91 50.53 -24.64
CA ASN F 324 -27.01 51.66 -23.73
C ASN F 324 -28.43 52.16 -23.58
N ASN F 325 -29.28 51.95 -24.60
CA ASN F 325 -30.67 52.38 -24.55
C ASN F 325 -31.51 51.26 -23.93
N THR F 326 -31.41 51.15 -22.61
CA THR F 326 -32.15 50.17 -21.84
C THR F 326 -32.38 50.69 -20.44
N ILE F 327 -33.36 50.10 -19.76
CA ILE F 327 -33.72 50.47 -18.40
C ILE F 327 -33.43 49.29 -17.50
N ILE F 328 -33.11 49.58 -16.24
CA ILE F 328 -32.77 48.56 -15.25
C ILE F 328 -33.63 48.77 -14.03
N ARG F 329 -34.16 47.68 -13.48
CA ARG F 329 -34.97 47.74 -12.27
C ARG F 329 -34.62 46.58 -11.36
N PHE F 330 -34.37 46.88 -10.10
CA PHE F 330 -34.05 45.87 -9.09
C PHE F 330 -35.31 45.55 -8.30
N ALA F 331 -35.51 44.28 -7.99
CA ALA F 331 -36.66 43.82 -7.24
C ALA F 331 -36.23 42.81 -6.18
N ASN F 332 -37.01 42.72 -5.11
CA ASN F 332 -36.68 41.83 -4.01
C ASN F 332 -36.85 40.38 -4.47
N SER F 333 -36.64 39.45 -3.54
CA SER F 333 -36.82 38.03 -3.87
C SER F 333 -38.26 37.76 -4.25
N SER F 334 -38.46 36.86 -5.21
CA SER F 334 -39.79 36.58 -5.71
C SER F 334 -40.68 36.01 -4.61
N GLY F 335 -40.15 35.07 -3.84
CA GLY F 335 -40.92 34.42 -2.80
C GLY F 335 -40.69 32.92 -2.77
N GLY F 336 -41.09 32.27 -1.68
CA GLY F 336 -40.88 30.85 -1.52
C GLY F 336 -40.59 30.47 -0.08
N ASP F 337 -39.83 29.40 0.13
CA ASP F 337 -39.53 28.95 1.47
C ASP F 337 -38.60 29.96 2.16
N LEU F 338 -38.50 29.82 3.48
CA LEU F 338 -37.82 30.81 4.31
C LEU F 338 -36.31 30.77 4.19
N GLU F 339 -35.75 29.82 3.44
CA GLU F 339 -34.30 29.60 3.45
C GLU F 339 -33.61 30.26 2.27
N VAL F 340 -34.33 30.52 1.17
CA VAL F 340 -33.75 31.18 0.00
C VAL F 340 -34.28 32.59 -0.10
N THR F 341 -35.49 32.82 0.42
CA THR F 341 -36.11 34.13 0.32
C THR F 341 -35.43 35.18 1.21
N THR F 342 -34.55 34.77 2.12
CA THR F 342 -33.93 35.69 3.04
C THR F 342 -32.45 35.36 3.18
N HIS F 343 -31.66 36.38 3.51
CA HIS F 343 -30.23 36.22 3.65
C HIS F 343 -29.91 35.66 5.03
N SER F 344 -29.33 34.46 5.07
CA SER F 344 -29.04 33.76 6.30
C SER F 344 -27.53 33.69 6.51
N PHE F 345 -27.09 33.80 7.76
CA PHE F 345 -25.67 33.78 8.07
C PHE F 345 -25.47 33.43 9.52
N ASN F 346 -24.20 33.21 9.86
CA ASN F 346 -23.78 32.75 11.17
C ASN F 346 -22.81 33.74 11.79
N CYS F 347 -23.01 34.05 13.07
CA CYS F 347 -22.08 34.89 13.80
C CYS F 347 -22.07 34.47 15.25
N GLY F 348 -20.93 34.01 15.74
CA GLY F 348 -20.79 33.68 17.15
C GLY F 348 -21.68 32.55 17.61
N GLY F 349 -21.81 31.49 16.83
CA GLY F 349 -22.61 30.35 17.24
C GLY F 349 -24.10 30.61 17.27
N GLU F 350 -24.59 31.53 16.45
CA GLU F 350 -26.01 31.79 16.32
C GLU F 350 -26.37 31.86 14.84
N PHE F 351 -27.68 31.87 14.58
CA PHE F 351 -28.19 31.88 13.22
C PHE F 351 -29.28 32.93 13.11
N PHE F 352 -29.09 33.86 12.19
CA PHE F 352 -30.03 34.95 11.94
C PHE F 352 -30.69 34.77 10.59
N TYR F 353 -31.82 35.45 10.42
CA TYR F 353 -32.56 35.45 9.16
C TYR F 353 -33.01 36.88 8.91
N CYS F 354 -32.36 37.57 7.99
CA CYS F 354 -32.56 38.98 7.76
C CYS F 354 -33.32 39.21 6.46
N ASN F 355 -34.29 40.11 6.51
CA ASN F 355 -35.15 40.43 5.39
C ASN F 355 -34.53 41.57 4.59
N THR F 356 -34.13 41.29 3.35
CA THR F 356 -33.37 42.22 2.53
C THR F 356 -34.24 43.00 1.57
N SER F 357 -35.48 43.30 1.96
CA SER F 357 -36.36 44.04 1.05
C SER F 357 -35.89 45.45 0.80
N GLY F 358 -35.04 46.00 1.66
CA GLY F 358 -34.68 47.41 1.58
C GLY F 358 -33.38 47.69 0.87
N LEU F 359 -32.88 46.75 0.07
CA LEU F 359 -31.59 46.88 -0.59
C LEU F 359 -31.64 46.78 -2.10
N PHE F 360 -32.64 46.12 -2.68
CA PHE F 360 -32.72 45.96 -4.13
C PHE F 360 -33.97 46.63 -4.66
N ASN F 361 -34.18 47.88 -4.25
CA ASN F 361 -35.40 48.62 -4.54
C ASN F 361 -34.99 49.92 -5.23
N SER F 362 -34.77 49.85 -6.54
CA SER F 362 -34.26 51.01 -7.27
C SER F 362 -34.45 50.78 -8.77
N THR F 363 -34.26 51.87 -9.53
CA THR F 363 -34.34 51.84 -10.97
C THR F 363 -33.32 52.80 -11.56
N TRP F 364 -32.87 52.49 -12.77
CA TRP F 364 -31.91 53.33 -13.48
C TRP F 364 -32.33 53.44 -14.94
N ILE F 365 -32.31 54.65 -15.46
CA ILE F 365 -32.66 54.92 -16.83
C ILE F 365 -31.40 55.26 -17.61
N SER F 366 -31.52 55.33 -18.93
CA SER F 366 -30.37 55.71 -19.75
C SER F 366 -30.06 57.19 -19.58
N ASN F 367 -28.82 57.55 -19.93
CA ASN F 367 -28.30 58.92 -19.84
C ASN F 367 -28.68 59.61 -18.53
N ASN F 379 -24.15 60.77 6.23
CA ASN F 379 -23.99 60.03 7.48
C ASN F 379 -25.19 59.13 7.78
N ASP F 380 -26.19 59.15 6.92
CA ASP F 380 -27.36 58.31 7.13
C ASP F 380 -26.99 56.84 6.98
N SER F 381 -27.76 55.99 7.65
CA SER F 381 -27.50 54.55 7.67
C SER F 381 -28.78 53.79 7.35
N ILE F 382 -28.63 52.73 6.57
CA ILE F 382 -29.72 51.82 6.27
C ILE F 382 -29.74 50.74 7.32
N THR F 383 -30.91 50.54 7.93
CA THR F 383 -31.10 49.56 9.00
C THR F 383 -32.16 48.56 8.58
N LEU F 384 -31.93 47.29 8.89
CA LEU F 384 -32.88 46.24 8.55
C LEU F 384 -33.01 45.27 9.72
N PRO F 385 -34.19 44.66 9.89
CA PRO F 385 -34.40 43.75 11.01
C PRO F 385 -34.10 42.29 10.63
N CYS F 386 -34.01 41.46 11.67
CA CYS F 386 -33.74 40.04 11.49
C CYS F 386 -34.54 39.25 12.53
N ARG F 387 -34.44 37.93 12.46
CA ARG F 387 -35.17 37.04 13.35
C ARG F 387 -34.25 35.88 13.74
N ILE F 388 -34.64 35.15 14.77
CA ILE F 388 -33.81 34.09 15.34
C ILE F 388 -34.50 32.76 15.14
N LYS F 389 -33.68 31.72 14.96
CA LYS F 389 -34.13 30.35 14.83
C LYS F 389 -33.25 29.46 15.70
N GLN F 390 -33.80 28.34 16.15
CA GLN F 390 -33.08 27.44 17.04
C GLN F 390 -33.03 25.99 16.57
N ILE F 391 -33.73 25.63 15.51
CA ILE F 391 -33.66 24.30 14.90
C ILE F 391 -33.31 24.48 13.43
N ILE F 392 -32.30 23.77 12.96
CA ILE F 392 -31.70 24.03 11.66
C ILE F 392 -31.50 22.72 10.92
N ASN F 393 -31.77 22.75 9.61
CA ASN F 393 -31.51 21.63 8.71
C ASN F 393 -30.81 22.20 7.49
N MET F 394 -29.49 22.30 7.56
CA MET F 394 -28.71 22.90 6.49
C MET F 394 -28.26 21.82 5.50
N TRP F 395 -27.68 22.27 4.39
CA TRP F 395 -27.32 21.41 3.26
C TRP F 395 -28.54 20.67 2.71
N GLN F 396 -29.71 21.33 2.80
CA GLN F 396 -30.98 20.87 2.22
C GLN F 396 -31.19 19.37 2.33
N ARG F 397 -30.85 18.79 3.47
CA ARG F 397 -31.09 17.39 3.75
C ARG F 397 -32.36 17.25 4.57
N ILE F 398 -32.77 16.01 4.78
CA ILE F 398 -34.00 15.68 5.51
C ILE F 398 -33.67 14.65 6.58
N GLY F 399 -34.34 14.76 7.72
CA GLY F 399 -34.14 13.84 8.81
C GLY F 399 -32.96 14.15 9.71
N GLN F 400 -32.25 15.25 9.47
CA GLN F 400 -31.10 15.64 10.28
C GLN F 400 -31.32 17.09 10.71
N CYS F 401 -31.61 17.29 11.98
CA CYS F 401 -31.73 18.62 12.56
C CYS F 401 -30.71 18.77 13.68
N MET F 402 -30.75 19.90 14.36
CA MET F 402 -29.80 20.21 15.41
C MET F 402 -30.50 21.01 16.50
N TYR F 403 -29.78 21.24 17.58
CA TYR F 403 -30.23 22.13 18.64
C TYR F 403 -29.08 23.04 19.02
N ALA F 404 -29.34 24.35 19.05
CA ALA F 404 -28.32 25.32 19.38
C ALA F 404 -28.51 25.77 20.82
N PRO F 405 -27.61 25.44 21.75
CA PRO F 405 -27.77 25.93 23.11
C PRO F 405 -27.70 27.45 23.14
N PRO F 406 -28.40 28.10 24.06
CA PRO F 406 -28.34 29.55 24.13
C PRO F 406 -27.01 30.02 24.69
N ILE F 407 -26.76 31.32 24.52
CA ILE F 407 -25.52 31.96 24.94
C ILE F 407 -25.86 33.13 25.86
N GLN F 408 -24.91 33.49 26.71
CA GLN F 408 -25.11 34.53 27.71
C GLN F 408 -24.40 35.81 27.29
N GLY F 409 -25.10 36.93 27.40
CA GLY F 409 -24.53 38.22 27.07
C GLY F 409 -24.77 38.62 25.63
N VAL F 410 -24.69 39.93 25.38
CA VAL F 410 -24.93 40.44 24.04
C VAL F 410 -23.86 39.95 23.08
N ILE F 411 -24.13 40.09 21.79
CA ILE F 411 -23.24 39.67 20.72
C ILE F 411 -23.16 40.79 19.70
N ARG F 412 -22.02 40.87 19.01
CA ARG F 412 -21.85 41.85 17.95
C ARG F 412 -20.60 41.50 17.16
N CYS F 413 -20.73 41.49 15.83
CA CYS F 413 -19.62 41.17 14.94
C CYS F 413 -19.67 42.09 13.74
N VAL F 414 -18.56 42.15 13.02
CA VAL F 414 -18.42 43.00 11.84
C VAL F 414 -17.70 42.23 10.76
N SER F 415 -18.13 42.41 9.51
CA SER F 415 -17.58 41.65 8.40
C SER F 415 -17.59 42.53 7.15
N ASN F 416 -17.34 41.90 6.00
CA ASN F 416 -17.23 42.60 4.73
C ASN F 416 -18.10 41.93 3.68
N ILE F 417 -18.70 42.75 2.83
CA ILE F 417 -19.48 42.28 1.69
C ILE F 417 -18.59 42.41 0.46
N THR F 418 -18.52 41.34 -0.33
CA THR F 418 -17.59 41.29 -1.46
C THR F 418 -18.18 40.77 -2.76
N GLY F 419 -19.35 40.15 -2.75
CA GLY F 419 -19.87 39.57 -3.98
C GLY F 419 -21.35 39.34 -3.92
N LEU F 420 -21.95 39.23 -5.09
CA LEU F 420 -23.39 39.05 -5.23
C LEU F 420 -23.71 37.95 -6.23
N ILE F 421 -24.89 37.36 -6.05
CA ILE F 421 -25.43 36.35 -6.95
C ILE F 421 -26.78 36.87 -7.44
N LEU F 422 -26.92 37.01 -8.75
CA LEU F 422 -28.14 37.55 -9.34
C LEU F 422 -28.69 36.58 -10.38
N THR F 423 -29.99 36.71 -10.64
CA THR F 423 -30.66 35.94 -11.68
C THR F 423 -31.57 36.87 -12.46
N ARG F 424 -31.48 36.81 -13.79
CA ARG F 424 -32.29 37.66 -14.64
C ARG F 424 -33.67 37.04 -14.82
N ASP F 425 -34.71 37.86 -14.67
CA ASP F 425 -36.07 37.38 -14.85
C ASP F 425 -36.42 37.39 -16.34
N GLY F 426 -37.41 36.57 -16.69
CA GLY F 426 -37.83 36.49 -18.08
C GLY F 426 -38.43 37.78 -18.58
N GLY F 427 -38.42 37.93 -19.91
CA GLY F 427 -38.94 39.11 -20.55
C GLY F 427 -39.85 38.75 -21.73
N SER F 428 -40.31 39.79 -22.41
CA SER F 428 -41.18 39.64 -23.57
C SER F 428 -40.76 40.65 -24.62
N THR F 429 -40.41 40.15 -25.81
CA THR F 429 -39.99 40.98 -26.94
C THR F 429 -38.83 41.87 -26.48
N ASN F 430 -38.68 43.04 -27.09
CA ASN F 430 -37.66 44.01 -26.72
C ASN F 430 -38.38 45.17 -26.04
N SER F 431 -38.57 45.04 -24.73
CA SER F 431 -39.22 46.07 -23.92
C SER F 431 -38.24 47.11 -23.42
N THR F 432 -37.02 47.16 -23.97
CA THR F 432 -35.95 48.06 -23.56
C THR F 432 -35.84 48.16 -22.04
N THR F 433 -36.02 47.05 -21.35
CA THR F 433 -35.98 47.03 -19.89
C THR F 433 -35.78 45.60 -19.42
N GLU F 434 -35.06 45.47 -18.30
CA GLU F 434 -34.76 44.17 -17.73
C GLU F 434 -34.80 44.26 -16.22
N THR F 435 -35.03 43.12 -15.58
CA THR F 435 -35.11 43.01 -14.13
C THR F 435 -34.23 41.89 -13.65
N PHE F 436 -33.73 42.03 -12.43
CA PHE F 436 -32.89 41.03 -11.79
C PHE F 436 -33.36 40.83 -10.36
N ARG F 437 -33.20 39.61 -9.86
CA ARG F 437 -33.58 39.28 -8.50
C ARG F 437 -32.50 38.43 -7.88
N PRO F 438 -32.30 38.52 -6.57
CA PRO F 438 -31.33 37.63 -5.92
C PRO F 438 -31.78 36.18 -6.03
N GLY F 439 -30.81 35.28 -6.08
CA GLY F 439 -31.08 33.86 -6.22
C GLY F 439 -30.29 33.03 -5.25
N GLY F 440 -29.56 32.05 -5.77
CA GLY F 440 -28.73 31.21 -4.93
C GLY F 440 -29.52 30.12 -4.25
N GLY F 441 -28.82 29.39 -3.37
CA GLY F 441 -29.41 28.27 -2.66
C GLY F 441 -28.49 27.06 -2.63
N ASP F 442 -27.78 26.83 -3.73
CA ASP F 442 -26.83 25.72 -3.81
C ASP F 442 -25.46 26.21 -3.37
N MET F 443 -24.85 25.47 -2.45
CA MET F 443 -23.57 25.91 -1.90
C MET F 443 -22.40 25.69 -2.84
N ARG F 444 -22.60 24.99 -3.96
CA ARG F 444 -21.50 24.78 -4.88
C ARG F 444 -20.97 26.09 -5.43
N ASP F 445 -21.85 27.02 -5.76
CA ASP F 445 -21.41 28.28 -6.34
C ASP F 445 -20.50 29.04 -5.39
N ASN F 446 -20.75 28.94 -4.09
CA ASN F 446 -19.91 29.62 -3.12
C ASN F 446 -18.47 29.14 -3.22
N TRP F 447 -18.27 27.83 -3.31
CA TRP F 447 -16.91 27.31 -3.53
C TRP F 447 -16.39 27.74 -4.88
N ARG F 448 -17.24 27.71 -5.91
CA ARG F 448 -16.80 28.01 -7.26
C ARG F 448 -16.31 29.44 -7.40
N SER F 449 -16.76 30.34 -6.52
CA SER F 449 -16.32 31.73 -6.64
C SER F 449 -14.84 31.90 -6.36
N GLU F 450 -14.19 30.92 -5.73
CA GLU F 450 -12.79 31.04 -5.32
C GLU F 450 -11.85 30.27 -6.25
N LEU F 451 -12.15 28.99 -6.48
CA LEU F 451 -11.26 28.12 -7.24
C LEU F 451 -11.56 28.19 -8.74
N TYR F 452 -11.31 29.37 -9.31
CA TYR F 452 -11.44 29.59 -10.74
C TYR F 452 -10.13 30.04 -11.37
N LYS F 453 -9.01 29.83 -10.67
CA LYS F 453 -7.69 30.16 -11.19
C LYS F 453 -6.71 29.05 -10.84
N TYR F 454 -7.14 27.80 -10.99
CA TYR F 454 -6.29 26.68 -10.66
C TYR F 454 -6.62 25.51 -11.55
N LYS F 455 -5.58 24.82 -12.01
CA LYS F 455 -5.72 23.60 -12.80
C LYS F 455 -4.69 22.59 -12.33
N VAL F 456 -4.97 21.32 -12.53
CA VAL F 456 -4.11 20.23 -12.08
C VAL F 456 -3.70 19.40 -13.27
N VAL F 457 -2.40 19.08 -13.36
CA VAL F 457 -1.85 18.37 -14.51
C VAL F 457 -0.88 17.30 -14.04
N LYS F 458 -0.62 16.35 -14.95
CA LYS F 458 0.20 15.19 -14.70
C LYS F 458 1.35 15.13 -15.69
N ILE F 459 2.46 14.55 -15.27
CA ILE F 459 3.71 14.55 -16.01
C ILE F 459 3.83 13.26 -16.82
N GLU F 460 4.66 13.30 -17.86
CA GLU F 460 4.88 12.16 -18.74
C GLU F 460 6.35 12.14 -19.15
N PRO F 461 7.23 11.57 -18.32
CA PRO F 461 8.67 11.78 -18.54
C PRO F 461 9.23 11.16 -19.80
N LEU F 462 8.62 10.11 -20.35
CA LEU F 462 9.25 9.41 -21.46
C LEU F 462 9.20 10.24 -22.75
N GLY F 463 10.07 9.88 -23.68
CA GLY F 463 10.12 10.58 -24.96
C GLY F 463 10.97 9.81 -25.96
N VAL F 464 10.75 10.11 -27.23
CA VAL F 464 11.42 9.44 -28.35
C VAL F 464 11.60 10.43 -29.48
N ALA F 465 12.72 10.33 -30.20
CA ALA F 465 12.97 11.20 -31.34
C ALA F 465 13.97 10.53 -32.27
N PRO F 466 13.94 10.84 -33.57
CA PRO F 466 15.01 10.34 -34.45
C PRO F 466 16.28 11.15 -34.32
N THR F 467 17.40 10.49 -34.58
CA THR F 467 18.70 11.14 -34.54
C THR F 467 19.65 10.44 -35.50
N ARG F 468 20.61 11.21 -36.01
CA ARG F 468 21.57 10.67 -36.97
C ARG F 468 22.51 9.65 -36.34
N CYS F 469 22.72 9.70 -35.04
CA CYS F 469 23.67 8.80 -34.40
C CYS F 469 23.17 7.35 -34.47
N LYS F 470 24.12 6.42 -34.43
CA LYS F 470 23.84 4.99 -34.42
C LYS F 470 24.56 4.35 -33.26
N ARG F 471 23.90 3.39 -32.61
CA ARG F 471 24.49 2.71 -31.46
C ARG F 471 25.71 1.91 -31.88
N ARG F 472 26.70 1.89 -30.99
CA ARG F 472 27.89 1.08 -31.19
C ARG F 472 27.70 -0.30 -30.57
N VAL F 473 28.36 -1.29 -31.17
CA VAL F 473 28.31 -2.65 -30.66
C VAL F 473 29.02 -2.71 -29.32
N GLN G 1 6.04 -20.26 -37.87
CA GLN G 1 6.22 -21.26 -38.97
C GLN G 1 4.97 -22.11 -39.11
N VAL G 2 4.54 -22.33 -40.35
CA VAL G 2 3.40 -23.18 -40.64
C VAL G 2 3.61 -23.81 -42.00
N GLN G 3 3.14 -25.05 -42.16
CA GLN G 3 3.09 -25.73 -43.43
C GLN G 3 1.64 -25.94 -43.83
N VAL G 4 1.43 -26.51 -45.02
CA VAL G 4 0.10 -26.83 -45.52
C VAL G 4 0.22 -28.07 -46.40
N GLN G 5 -0.68 -29.02 -46.18
CA GLN G 5 -0.72 -30.27 -46.93
C GLN G 5 -2.11 -30.47 -47.52
N GLU G 6 -2.17 -31.20 -48.62
CA GLU G 6 -3.40 -31.40 -49.37
C GLU G 6 -3.69 -32.88 -49.54
N SER G 7 -4.95 -33.19 -49.84
CA SER G 7 -5.38 -34.57 -50.05
C SER G 7 -6.61 -34.57 -50.93
N GLY G 8 -6.64 -35.49 -51.89
CA GLY G 8 -7.76 -35.64 -52.79
C GLY G 8 -7.55 -36.78 -53.76
N PRO G 9 -8.54 -37.04 -54.60
CA PRO G 9 -8.45 -38.14 -55.56
C PRO G 9 -7.61 -37.74 -56.77
N GLY G 10 -7.40 -38.70 -57.67
CA GLY G 10 -6.61 -38.47 -58.86
C GLY G 10 -7.43 -38.03 -60.06
N ILE G 11 -8.46 -38.78 -60.40
CA ILE G 11 -9.33 -38.49 -61.54
C ILE G 11 -10.78 -38.65 -61.09
N VAL G 12 -11.64 -37.75 -61.57
CA VAL G 12 -13.08 -37.80 -61.30
C VAL G 12 -13.80 -37.64 -62.63
N LYS G 13 -14.90 -38.37 -62.79
CA LYS G 13 -15.63 -38.33 -64.05
C LYS G 13 -16.39 -37.01 -64.16
N PRO G 14 -16.77 -36.63 -65.39
CA PRO G 14 -17.51 -35.37 -65.56
C PRO G 14 -18.83 -35.39 -64.83
N SER G 15 -19.24 -34.21 -64.35
CA SER G 15 -20.52 -33.94 -63.70
C SER G 15 -20.60 -34.51 -62.28
N GLU G 16 -19.58 -35.23 -61.83
CA GLU G 16 -19.61 -35.80 -60.48
C GLU G 16 -19.28 -34.71 -59.47
N THR G 17 -19.12 -35.10 -58.21
CA THR G 17 -18.75 -34.19 -57.13
C THR G 17 -17.32 -34.48 -56.70
N LEU G 18 -16.50 -33.44 -56.63
CA LEU G 18 -15.11 -33.54 -56.23
C LEU G 18 -14.97 -33.05 -54.79
N SER G 19 -14.24 -33.81 -53.99
CA SER G 19 -13.99 -33.48 -52.59
C SER G 19 -12.49 -33.45 -52.35
N LEU G 20 -12.02 -32.39 -51.68
CA LEU G 20 -10.62 -32.23 -51.33
C LEU G 20 -10.53 -31.79 -49.88
N THR G 21 -9.39 -32.05 -49.24
CA THR G 21 -9.18 -31.65 -47.86
C THR G 21 -7.75 -31.21 -47.66
N CYS G 22 -7.57 -30.08 -46.96
CA CYS G 22 -6.26 -29.53 -46.66
C CYS G 22 -6.10 -29.39 -45.16
N ALA G 23 -4.99 -29.91 -44.65
CA ALA G 23 -4.59 -29.77 -43.26
C ALA G 23 -3.58 -28.64 -43.12
N ALA G 24 -3.44 -28.15 -41.89
CA ALA G 24 -2.52 -27.07 -41.62
C ALA G 24 -2.07 -27.11 -40.17
N SER G 25 -0.94 -26.48 -39.90
CA SER G 25 -0.38 -26.39 -38.56
C SER G 25 -0.64 -25.00 -37.97
N ARG G 26 -0.83 -24.96 -36.66
CA ARG G 26 -1.15 -23.72 -35.99
C ARG G 26 0.07 -22.88 -35.63
N GLY G 27 1.27 -23.40 -35.86
CA GLY G 27 2.47 -22.61 -35.72
C GLY G 27 2.74 -22.23 -34.28
N PRO G 28 3.81 -21.46 -34.07
CA PRO G 28 4.24 -21.13 -32.70
C PRO G 28 3.42 -20.04 -32.03
N PHE G 29 2.64 -19.28 -32.78
CA PHE G 29 1.85 -18.20 -32.19
C PHE G 29 0.69 -18.77 -31.39
N SER G 30 0.42 -18.18 -30.23
CA SER G 30 -0.56 -18.74 -29.32
C SER G 30 -1.98 -18.49 -29.81
N GLY G 31 -2.37 -17.23 -29.93
CA GLY G 31 -3.74 -16.88 -30.26
C GLY G 31 -3.81 -15.85 -31.35
N GLY G 32 -4.81 -15.99 -32.22
CA GLY G 32 -4.98 -15.07 -33.32
C GLY G 32 -5.97 -15.62 -34.33
N HIS G 33 -5.94 -15.01 -35.52
CA HIS G 33 -6.85 -15.34 -36.61
C HIS G 33 -6.06 -15.67 -37.86
N PHE G 34 -6.39 -16.80 -38.49
CA PHE G 34 -5.77 -17.21 -39.74
C PHE G 34 -6.87 -17.32 -40.79
N TYR G 35 -6.67 -16.67 -41.93
CA TYR G 35 -7.68 -16.59 -42.99
C TYR G 35 -7.29 -17.57 -44.08
N TRP G 36 -7.77 -18.81 -43.96
CA TRP G 36 -7.42 -19.83 -44.94
C TRP G 36 -8.09 -19.51 -46.26
N ASN G 37 -7.36 -19.73 -47.36
CA ASN G 37 -7.82 -19.38 -48.70
C ASN G 37 -7.56 -20.52 -49.66
N TRP G 38 -8.52 -20.78 -50.54
CA TRP G 38 -8.38 -21.76 -51.61
C TRP G 38 -8.23 -21.03 -52.94
N PHE G 39 -7.16 -21.36 -53.67
CA PHE G 39 -6.86 -20.83 -54.99
C PHE G 39 -6.73 -21.98 -55.98
N ARG G 40 -6.90 -21.66 -57.27
CA ARG G 40 -6.67 -22.61 -58.34
C ARG G 40 -5.81 -21.96 -59.43
N GLN G 41 -5.00 -22.79 -60.06
CA GLN G 41 -4.19 -22.39 -61.21
C GLN G 41 -4.51 -23.35 -62.34
N PRO G 42 -5.30 -22.94 -63.34
CA PRO G 42 -5.49 -23.78 -64.51
C PRO G 42 -4.22 -23.84 -65.35
N PRO G 43 -4.03 -24.89 -66.14
CA PRO G 43 -2.80 -24.99 -66.94
C PRO G 43 -2.68 -23.86 -67.94
N GLY G 44 -1.47 -23.33 -68.07
CA GLY G 44 -1.16 -22.38 -69.13
C GLY G 44 -1.98 -21.11 -69.12
N LYS G 45 -2.14 -20.49 -67.96
CA LYS G 45 -2.84 -19.21 -67.87
C LYS G 45 -2.61 -18.64 -66.47
N GLY G 46 -3.27 -17.51 -66.20
CA GLY G 46 -3.10 -16.83 -64.92
C GLY G 46 -3.95 -17.43 -63.82
N LEU G 47 -3.49 -17.21 -62.59
CA LEU G 47 -4.12 -17.80 -61.42
C LEU G 47 -5.40 -17.06 -61.07
N GLU G 48 -6.12 -17.59 -60.08
CA GLU G 48 -7.43 -17.07 -59.70
C GLU G 48 -7.73 -17.46 -58.26
N TRP G 49 -8.50 -16.62 -57.59
CA TRP G 49 -8.94 -16.86 -56.22
C TRP G 49 -10.32 -17.50 -56.22
N ILE G 50 -10.45 -18.61 -55.51
CA ILE G 50 -11.73 -19.29 -55.38
C ILE G 50 -12.46 -18.78 -54.14
N GLY G 51 -11.88 -19.00 -52.96
CA GLY G 51 -12.68 -18.69 -51.78
C GLY G 51 -11.88 -18.57 -50.50
N GLY G 52 -12.55 -18.11 -49.46
CA GLY G 52 -11.89 -17.84 -48.19
C GLY G 52 -12.75 -18.18 -47.01
N ILE G 53 -12.10 -18.48 -45.88
CA ILE G 53 -12.80 -18.81 -44.64
C ILE G 53 -11.86 -18.55 -43.47
N TYR G 54 -12.42 -18.05 -42.37
CA TYR G 54 -11.65 -17.84 -41.15
C TYR G 54 -11.47 -19.16 -40.40
N SER G 55 -10.49 -19.17 -39.50
CA SER G 55 -10.16 -20.35 -38.73
C SER G 55 -10.91 -20.44 -37.42
N ASP G 56 -11.81 -19.50 -37.12
CA ASP G 56 -12.55 -19.48 -35.87
C ASP G 56 -14.06 -19.44 -36.05
N GLY G 57 -14.56 -19.10 -37.23
CA GLY G 57 -15.99 -19.07 -37.51
C GLY G 57 -16.33 -19.96 -38.69
N ASP G 58 -17.64 -20.06 -38.95
CA ASP G 58 -18.17 -20.93 -39.99
C ASP G 58 -18.59 -20.19 -41.24
N ALA G 59 -18.59 -18.86 -41.23
CA ALA G 59 -18.93 -18.10 -42.43
C ALA G 59 -17.87 -18.30 -43.50
N ALA G 60 -18.32 -18.54 -44.73
CA ALA G 60 -17.44 -18.79 -45.86
C ALA G 60 -17.75 -17.81 -46.98
N ASP G 61 -16.72 -17.17 -47.52
CA ASP G 61 -16.87 -16.23 -48.63
C ASP G 61 -16.51 -16.94 -49.93
N TYR G 62 -17.44 -16.94 -50.88
CA TYR G 62 -17.25 -17.56 -52.18
C TYR G 62 -17.17 -16.49 -53.27
N ASN G 63 -16.44 -16.83 -54.33
CA ASN G 63 -16.38 -15.95 -55.48
C ASN G 63 -17.76 -15.88 -56.14
N PRO G 64 -18.13 -14.73 -56.73
CA PRO G 64 -19.45 -14.66 -57.36
C PRO G 64 -19.66 -15.68 -58.48
N SER G 65 -18.62 -15.99 -59.25
CA SER G 65 -18.81 -16.84 -60.43
C SER G 65 -19.20 -18.26 -60.04
N LEU G 66 -18.45 -18.87 -59.13
CA LEU G 66 -18.67 -20.26 -58.74
C LEU G 66 -19.46 -20.38 -57.44
N GLU G 67 -20.19 -19.33 -57.05
CA GLU G 67 -20.93 -19.36 -55.80
C GLU G 67 -21.98 -20.47 -55.77
N SER G 68 -22.44 -20.93 -56.93
CA SER G 68 -23.54 -21.88 -57.01
C SER G 68 -23.08 -23.33 -57.02
N ARG G 69 -21.78 -23.60 -56.83
CA ARG G 69 -21.25 -24.95 -56.91
C ARG G 69 -20.22 -25.28 -55.85
N VAL G 70 -19.92 -24.39 -54.92
CA VAL G 70 -18.80 -24.52 -54.00
C VAL G 70 -19.31 -24.64 -52.57
N ALA G 71 -18.71 -25.55 -51.82
CA ALA G 71 -18.95 -25.68 -50.39
C ALA G 71 -17.62 -25.79 -49.67
N ILE G 72 -17.47 -25.02 -48.59
CA ILE G 72 -16.26 -25.02 -47.78
C ILE G 72 -16.65 -25.31 -46.34
N SER G 73 -15.96 -26.25 -45.73
CA SER G 73 -16.20 -26.63 -44.35
C SER G 73 -14.87 -26.73 -43.61
N ARG G 74 -14.93 -26.65 -42.29
CA ARG G 74 -13.77 -26.79 -41.44
C ARG G 74 -14.07 -27.82 -40.36
N ASP G 75 -13.10 -28.68 -40.08
CA ASP G 75 -13.19 -29.68 -39.03
C ASP G 75 -12.20 -29.29 -37.94
N ARG G 76 -12.72 -29.02 -36.74
CA ARG G 76 -11.88 -28.60 -35.63
C ARG G 76 -11.14 -29.78 -35.01
N SER G 77 -11.80 -30.94 -34.93
CA SER G 77 -11.15 -32.11 -34.35
C SER G 77 -9.91 -32.50 -35.14
N ALA G 78 -10.03 -32.59 -36.45
CA ALA G 78 -8.88 -32.86 -37.31
C ALA G 78 -8.11 -31.60 -37.68
N ASN G 79 -8.64 -30.41 -37.35
CA ASN G 79 -8.00 -29.13 -37.68
C ASN G 79 -7.76 -29.00 -39.18
N ARG G 80 -8.67 -29.53 -39.98
CA ARG G 80 -8.56 -29.53 -41.43
C ARG G 80 -9.67 -28.65 -42.00
N PHE G 81 -9.67 -28.49 -43.32
CA PHE G 81 -10.84 -27.93 -43.98
C PHE G 81 -11.01 -28.57 -45.34
N SER G 82 -12.27 -28.77 -45.71
CA SER G 82 -12.65 -29.52 -46.90
C SER G 82 -13.39 -28.62 -47.87
N LEU G 83 -13.23 -28.96 -49.15
CA LEU G 83 -13.82 -28.25 -50.27
C LEU G 83 -14.57 -29.23 -51.14
N LYS G 84 -15.85 -28.93 -51.42
CA LYS G 84 -16.69 -29.75 -52.27
C LYS G 84 -17.13 -28.93 -53.47
N LEU G 85 -16.99 -29.52 -54.65
CA LEU G 85 -17.41 -28.91 -55.90
C LEU G 85 -18.39 -29.84 -56.59
N ILE G 86 -19.51 -29.29 -57.05
CA ILE G 86 -20.57 -30.07 -57.67
C ILE G 86 -20.66 -29.69 -59.15
N SER G 87 -21.13 -30.64 -59.96
CA SER G 87 -21.29 -30.44 -61.39
C SER G 87 -19.95 -30.07 -62.02
N VAL G 88 -18.94 -30.90 -61.79
CA VAL G 88 -17.61 -30.65 -62.31
C VAL G 88 -17.63 -30.69 -63.83
N THR G 89 -16.58 -30.15 -64.44
CA THR G 89 -16.46 -30.02 -65.88
C THR G 89 -14.99 -30.22 -66.28
N THR G 90 -14.76 -30.37 -67.59
CA THR G 90 -13.39 -30.55 -68.07
C THR G 90 -12.51 -29.34 -67.74
N THR G 91 -13.09 -28.16 -67.68
CA THR G 91 -12.31 -26.95 -67.43
C THR G 91 -11.71 -26.95 -66.03
N ASP G 92 -12.30 -27.68 -65.08
CA ASP G 92 -11.80 -27.66 -63.71
C ASP G 92 -10.43 -28.32 -63.55
N THR G 93 -9.94 -29.01 -64.58
CA THR G 93 -8.61 -29.59 -64.54
C THR G 93 -7.58 -28.53 -64.21
N ALA G 94 -6.93 -28.62 -63.05
CA ALA G 94 -6.07 -27.53 -62.60
C ALA G 94 -5.28 -27.99 -61.37
N VAL G 95 -4.39 -27.11 -60.92
CA VAL G 95 -3.63 -27.32 -59.68
C VAL G 95 -4.26 -26.47 -58.60
N TYR G 96 -4.65 -27.10 -57.50
CA TYR G 96 -5.36 -26.42 -56.43
C TYR G 96 -4.42 -26.22 -55.24
N TYR G 97 -4.45 -25.02 -54.67
CA TYR G 97 -3.56 -24.62 -53.59
C TYR G 97 -4.37 -24.12 -52.41
N CYS G 98 -4.02 -24.60 -51.22
CA CYS G 98 -4.56 -24.07 -49.97
C CYS G 98 -3.48 -23.26 -49.28
N SER G 99 -3.82 -22.04 -48.89
CA SER G 99 -2.86 -21.07 -48.37
C SER G 99 -3.36 -20.45 -47.09
N SER G 100 -2.41 -20.03 -46.26
CA SER G 100 -2.68 -19.27 -45.05
C SER G 100 -1.84 -18.01 -45.07
N THR G 101 -2.33 -16.97 -44.41
CA THR G 101 -1.65 -15.69 -44.35
C THR G 101 -1.61 -15.19 -42.92
N TYR G 102 -0.41 -14.98 -42.39
CA TYR G 102 -0.29 -14.44 -41.05
C TYR G 102 -0.79 -13.01 -41.04
N SER G 103 -0.70 -12.38 -39.86
CA SER G 103 -1.10 -11.00 -39.71
C SER G 103 -0.20 -10.31 -38.70
N TRP G 104 1.06 -10.74 -38.62
CA TRP G 104 2.03 -10.11 -37.75
C TRP G 104 2.13 -8.63 -38.07
N ASN G 105 2.64 -7.85 -37.13
CA ASN G 105 2.56 -6.40 -37.20
C ASN G 105 3.42 -5.90 -38.35
N ASN G 106 2.76 -5.62 -39.48
CA ASN G 106 3.38 -4.95 -40.63
C ASN G 106 4.45 -5.83 -41.29
N VAL G 107 4.11 -7.11 -41.48
CA VAL G 107 4.94 -8.01 -42.28
C VAL G 107 4.11 -8.67 -43.37
N TRP G 108 2.98 -9.26 -42.99
CA TRP G 108 2.07 -9.91 -43.93
C TRP G 108 2.73 -11.13 -44.60
N PHE G 109 3.03 -12.14 -43.79
CA PHE G 109 3.57 -13.37 -44.33
C PHE G 109 2.54 -14.09 -45.20
N ASP G 110 2.97 -15.20 -45.80
CA ASP G 110 2.09 -16.02 -46.63
C ASP G 110 2.81 -17.32 -46.98
N GLN G 111 2.09 -18.44 -46.88
CA GLN G 111 2.58 -19.74 -47.28
C GLN G 111 1.62 -20.35 -48.29
N TRP G 112 2.16 -21.20 -49.18
CA TRP G 112 1.36 -21.79 -50.25
C TRP G 112 1.47 -23.30 -50.32
N GLY G 113 2.60 -23.85 -49.89
CA GLY G 113 2.79 -25.28 -49.91
C GLY G 113 3.19 -25.76 -51.29
N GLN G 114 2.47 -26.75 -51.80
CA GLN G 114 2.79 -27.36 -53.08
C GLN G 114 1.59 -27.45 -54.01
N GLY G 115 0.40 -27.67 -53.49
CA GLY G 115 -0.78 -27.84 -54.32
C GLY G 115 -0.90 -29.25 -54.84
N VAL G 116 -2.08 -29.54 -55.40
CA VAL G 116 -2.41 -30.89 -55.89
C VAL G 116 -3.00 -30.78 -57.28
N LEU G 117 -2.60 -31.71 -58.15
CA LEU G 117 -3.15 -31.79 -59.50
C LEU G 117 -4.50 -32.48 -59.48
N VAL G 118 -5.42 -31.99 -60.33
CA VAL G 118 -6.68 -32.67 -60.57
C VAL G 118 -7.02 -32.58 -62.04
N THR G 119 -7.48 -33.70 -62.60
CA THR G 119 -7.88 -33.79 -64.00
C THR G 119 -9.25 -34.45 -64.09
N VAL G 120 -9.99 -34.11 -65.15
CA VAL G 120 -11.33 -34.62 -65.40
C VAL G 120 -11.33 -35.30 -66.77
N SER G 121 -11.76 -36.55 -66.80
CA SER G 121 -11.78 -37.30 -68.05
C SER G 121 -12.82 -38.41 -67.95
N SER G 122 -13.17 -38.97 -69.11
CA SER G 122 -14.12 -40.06 -69.20
C SER G 122 -13.44 -41.30 -69.76
N ASP H 1 -14.68 -4.62 -62.83
CA ASP H 1 -13.53 -4.92 -61.91
C ASP H 1 -12.41 -3.91 -62.07
N ILE H 2 -11.46 -3.94 -61.13
CA ILE H 2 -10.31 -3.04 -61.16
C ILE H 2 -9.28 -3.68 -62.07
N GLN H 3 -9.17 -3.16 -63.30
CA GLN H 3 -8.25 -3.70 -64.27
C GLN H 3 -6.83 -3.24 -63.99
N LEU H 4 -5.89 -4.18 -64.05
CA LEU H 4 -4.47 -3.90 -63.83
C LEU H 4 -3.68 -4.29 -65.07
N THR H 5 -2.89 -3.35 -65.58
CA THR H 5 -2.13 -3.54 -66.81
C THR H 5 -0.64 -3.60 -66.47
N GLN H 6 0.02 -4.64 -66.98
CA GLN H 6 1.45 -4.83 -66.79
C GLN H 6 2.16 -4.51 -68.10
N SER H 7 3.24 -3.72 -68.01
CA SER H 7 4.05 -3.39 -69.17
C SER H 7 5.53 -3.55 -68.82
N PRO H 8 6.36 -4.07 -69.74
CA PRO H 8 6.04 -4.62 -71.07
C PRO H 8 5.39 -6.00 -70.95
N SER H 9 4.66 -6.45 -71.96
CA SER H 9 4.10 -7.80 -71.91
C SER H 9 5.20 -8.85 -71.87
N SER H 10 6.24 -8.65 -72.68
CA SER H 10 7.42 -9.51 -72.68
C SER H 10 8.64 -8.67 -73.02
N LEU H 11 9.81 -9.17 -72.63
CA LEU H 11 11.05 -8.44 -72.85
C LEU H 11 12.19 -9.43 -73.01
N SER H 12 13.20 -9.04 -73.78
CA SER H 12 14.42 -9.81 -73.95
C SER H 12 15.62 -8.88 -73.83
N ALA H 13 16.55 -9.23 -72.94
CA ALA H 13 17.74 -8.45 -72.73
C ALA H 13 18.83 -9.35 -72.16
N SER H 14 20.07 -8.89 -72.26
CA SER H 14 21.21 -9.64 -71.76
C SER H 14 21.26 -9.58 -70.23
N VAL H 15 22.26 -10.28 -69.67
CA VAL H 15 22.39 -10.33 -68.22
C VAL H 15 23.07 -9.07 -67.72
N GLY H 16 22.70 -8.66 -66.51
CA GLY H 16 23.25 -7.47 -65.89
C GLY H 16 22.62 -6.17 -66.31
N ASP H 17 21.64 -6.21 -67.21
CA ASP H 17 21.02 -4.99 -67.72
C ASP H 17 20.06 -4.41 -66.69
N ARG H 18 20.03 -3.08 -66.62
CA ARG H 18 19.12 -2.38 -65.73
C ARG H 18 17.76 -2.27 -66.40
N VAL H 19 16.71 -2.77 -65.75
CA VAL H 19 15.41 -2.92 -66.37
C VAL H 19 14.30 -2.42 -65.44
N THR H 20 13.16 -2.09 -66.05
CA THR H 20 12.00 -1.55 -65.35
C THR H 20 10.75 -2.26 -65.80
N ILE H 21 9.80 -2.42 -64.88
CA ILE H 21 8.47 -2.96 -65.15
C ILE H 21 7.46 -2.06 -64.49
N THR H 22 6.29 -1.89 -65.12
CA THR H 22 5.27 -0.97 -64.65
C THR H 22 3.93 -1.69 -64.53
N CYS H 23 3.21 -1.39 -63.46
CA CYS H 23 1.85 -1.89 -63.23
C CYS H 23 0.94 -0.69 -63.01
N ARG H 24 -0.08 -0.56 -63.86
CA ARG H 24 -1.01 0.55 -63.84
C ARG H 24 -2.39 0.05 -63.43
N ALA H 25 -3.07 0.82 -62.59
CA ALA H 25 -4.38 0.46 -62.09
C ALA H 25 -5.47 1.25 -62.81
N SER H 26 -6.67 0.66 -62.85
CA SER H 26 -7.79 1.32 -63.51
C SER H 26 -8.19 2.59 -62.77
N GLN H 27 -8.24 2.54 -61.45
CA GLN H 27 -8.64 3.67 -60.62
C GLN H 27 -7.72 3.75 -59.42
N ASP H 28 -7.84 4.83 -58.66
CA ASP H 28 -6.95 5.05 -57.53
C ASP H 28 -7.22 4.04 -56.44
N ILE H 29 -6.15 3.38 -55.97
CA ILE H 29 -6.21 2.37 -54.93
C ILE H 29 -5.31 2.73 -53.75
N ASN H 30 -4.78 3.95 -53.71
CA ASN H 30 -3.82 4.37 -52.69
C ASN H 30 -2.56 3.53 -52.86
N THR H 31 -2.10 2.80 -51.84
CA THR H 31 -0.87 2.01 -51.92
C THR H 31 -1.06 0.64 -51.29
N ASP H 32 -2.25 0.05 -51.45
CA ASP H 32 -2.53 -1.31 -51.02
C ASP H 32 -2.26 -2.23 -52.20
N LEU H 33 -1.00 -2.62 -52.35
CA LEU H 33 -0.57 -3.38 -53.49
C LEU H 33 0.64 -4.22 -53.09
N SER H 34 0.92 -5.25 -53.88
CA SER H 34 2.12 -6.04 -53.65
C SER H 34 2.54 -6.70 -54.95
N TRP H 35 3.79 -7.15 -54.97
CA TRP H 35 4.39 -7.75 -56.15
C TRP H 35 4.90 -9.13 -55.80
N TYR H 36 4.56 -10.11 -56.63
CA TYR H 36 4.95 -11.50 -56.46
C TYR H 36 5.76 -11.95 -57.67
N TYR H 37 6.62 -12.94 -57.46
CA TYR H 37 7.43 -13.53 -58.53
C TYR H 37 7.21 -15.03 -58.56
N GLN H 38 7.37 -15.60 -59.75
CA GLN H 38 7.11 -17.02 -59.93
C GLN H 38 7.88 -17.52 -61.15
N LYS H 39 8.26 -18.79 -61.08
CA LYS H 39 8.70 -19.57 -62.22
C LYS H 39 7.82 -20.81 -62.31
N SER H 40 7.70 -21.36 -63.51
CA SER H 40 6.90 -22.56 -63.72
C SER H 40 7.41 -23.68 -62.83
N GLY H 41 6.48 -24.37 -62.15
CA GLY H 41 6.80 -25.50 -61.31
C GLY H 41 7.00 -25.18 -59.84
N GLU H 42 7.16 -23.91 -59.48
CA GLU H 42 7.38 -23.50 -58.10
C GLU H 42 6.24 -22.62 -57.64
N ALA H 43 5.94 -22.70 -56.34
CA ALA H 43 4.83 -21.94 -55.80
C ALA H 43 5.16 -20.45 -55.80
N PRO H 44 4.19 -19.57 -56.08
CA PRO H 44 4.49 -18.14 -56.05
C PRO H 44 4.82 -17.66 -54.65
N LYS H 45 5.60 -16.57 -54.59
CA LYS H 45 5.95 -15.93 -53.34
C LYS H 45 5.89 -14.42 -53.54
N LEU H 46 5.83 -13.70 -52.43
CA LEU H 46 5.76 -12.24 -52.48
C LEU H 46 7.17 -11.65 -52.46
N LEU H 47 7.52 -10.93 -53.53
CA LEU H 47 8.80 -10.24 -53.63
C LEU H 47 8.78 -8.89 -52.91
N ILE H 48 7.75 -8.08 -53.14
CA ILE H 48 7.68 -6.75 -52.55
C ILE H 48 6.30 -6.54 -51.93
N TYR H 49 6.30 -5.94 -50.75
CA TYR H 49 5.11 -5.72 -49.95
C TYR H 49 4.84 -4.22 -49.84
N ARG H 50 3.63 -3.81 -50.21
CA ARG H 50 3.12 -2.45 -50.10
C ARG H 50 3.75 -1.49 -51.11
N ALA H 51 4.63 -1.96 -51.99
CA ALA H 51 5.34 -1.14 -52.98
C ALA H 51 6.30 -0.14 -52.34
N SER H 52 6.52 -0.22 -51.03
CA SER H 52 7.46 0.65 -50.35
C SER H 52 8.33 -0.08 -49.32
N ASN H 53 7.98 -1.30 -48.94
CA ASN H 53 8.71 -2.07 -47.93
C ASN H 53 9.40 -3.24 -48.60
N LEU H 54 10.70 -3.38 -48.32
CA LEU H 54 11.49 -4.47 -48.87
C LEU H 54 11.25 -5.73 -48.03
N GLN H 55 10.81 -6.80 -48.69
CA GLN H 55 10.59 -8.06 -48.00
C GLN H 55 11.90 -8.64 -47.52
N GLY H 56 11.88 -9.22 -46.32
CA GLY H 56 13.06 -9.84 -45.76
C GLY H 56 13.61 -10.97 -46.61
N GLY H 57 14.91 -10.93 -46.88
CA GLY H 57 15.58 -11.97 -47.64
C GLY H 57 15.77 -11.67 -49.11
N ALA H 58 15.07 -10.66 -49.65
CA ALA H 58 15.20 -10.36 -51.07
C ALA H 58 16.51 -9.62 -51.36
N PRO H 59 17.09 -9.81 -52.54
CA PRO H 59 18.25 -8.99 -52.91
C PRO H 59 17.88 -7.51 -52.99
N SER H 60 18.86 -6.66 -52.68
CA SER H 60 18.62 -5.22 -52.67
C SER H 60 18.55 -4.63 -54.08
N ARG H 61 19.01 -5.36 -55.10
CA ARG H 61 18.97 -4.83 -56.46
C ARG H 61 17.55 -4.51 -56.89
N PHE H 62 16.56 -5.22 -56.35
CA PHE H 62 15.17 -4.91 -56.63
C PHE H 62 14.73 -3.68 -55.84
N SER H 63 13.95 -2.82 -56.48
CA SER H 63 13.40 -1.65 -55.82
C SER H 63 12.00 -1.39 -56.33
N GLY H 64 11.10 -1.02 -55.43
CA GLY H 64 9.70 -0.75 -55.77
C GLY H 64 9.33 0.67 -55.42
N THR H 65 8.51 1.28 -56.27
CA THR H 65 8.12 2.67 -56.09
C THR H 65 6.74 2.89 -56.69
N GLY H 66 6.17 4.05 -56.40
CA GLY H 66 4.94 4.50 -57.02
C GLY H 66 3.82 4.64 -56.01
N SER H 67 2.63 4.94 -56.54
CA SER H 67 1.43 5.13 -55.73
C SER H 67 0.24 5.16 -56.68
N GLY H 68 -0.95 5.42 -56.10
CA GLY H 68 -2.15 5.63 -56.89
C GLY H 68 -2.44 4.57 -57.93
N THR H 69 -2.33 4.94 -59.20
CA THR H 69 -2.59 4.06 -60.33
C THR H 69 -1.34 3.79 -61.14
N GLU H 70 -0.16 3.95 -60.54
CA GLU H 70 1.09 3.73 -61.25
C GLU H 70 2.13 3.23 -60.26
N PHE H 71 2.70 2.06 -60.55
CA PHE H 71 3.71 1.46 -59.68
C PHE H 71 4.80 0.87 -60.55
N THR H 72 6.01 0.87 -60.02
CA THR H 72 7.19 0.54 -60.81
C THR H 72 8.12 -0.34 -60.01
N LEU H 73 8.72 -1.32 -60.70
CA LEU H 73 9.75 -2.18 -60.16
C LEU H 73 11.00 -2.02 -61.01
N THR H 74 12.13 -1.77 -60.35
CA THR H 74 13.40 -1.53 -61.04
C THR H 74 14.42 -2.55 -60.56
N ILE H 75 15.10 -3.18 -61.50
CA ILE H 75 16.24 -4.03 -61.25
C ILE H 75 17.47 -3.31 -61.76
N SER H 76 18.39 -2.98 -60.86
CA SER H 76 19.61 -2.28 -61.27
C SER H 76 20.48 -3.16 -62.15
N SER H 77 20.64 -4.42 -61.78
CA SER H 77 21.48 -5.36 -62.52
C SER H 77 20.75 -6.69 -62.62
N LEU H 78 20.39 -7.09 -63.83
CA LEU H 78 19.72 -8.36 -64.05
C LEU H 78 20.66 -9.51 -63.73
N GLN H 79 20.08 -10.65 -63.37
CA GLN H 79 20.80 -11.86 -63.03
C GLN H 79 20.16 -13.04 -63.75
N PRO H 80 20.87 -14.16 -63.87
CA PRO H 80 20.23 -15.36 -64.46
C PRO H 80 19.00 -15.80 -63.69
N GLU H 81 18.99 -15.63 -62.37
CA GLU H 81 17.83 -16.01 -61.57
C GLU H 81 16.67 -15.05 -61.77
N ASP H 82 16.92 -13.84 -62.25
CA ASP H 82 15.87 -12.84 -62.42
C ASP H 82 14.99 -13.09 -63.63
N PHE H 83 15.34 -14.03 -64.49
CA PHE H 83 14.51 -14.38 -65.65
C PHE H 83 13.33 -15.21 -65.18
N ILE H 84 12.29 -14.53 -64.72
CA ILE H 84 11.10 -15.13 -64.14
C ILE H 84 9.89 -14.27 -64.51
N THR H 85 8.71 -14.70 -64.06
CA THR H 85 7.48 -13.96 -64.27
C THR H 85 7.10 -13.22 -62.99
N TYR H 86 6.35 -12.13 -63.15
CA TYR H 86 5.95 -11.28 -62.05
C TYR H 86 4.47 -10.96 -62.14
N TYR H 87 3.87 -10.66 -60.98
CA TYR H 87 2.45 -10.36 -60.89
C TYR H 87 2.21 -9.30 -59.82
N CYS H 88 1.50 -8.24 -60.19
CA CYS H 88 1.09 -7.22 -59.23
C CYS H 88 -0.32 -7.52 -58.77
N GLN H 89 -0.49 -7.67 -57.46
CA GLN H 89 -1.76 -8.08 -56.85
C GLN H 89 -2.25 -7.00 -55.91
N GLN H 90 -3.57 -6.80 -55.90
CA GLN H 90 -4.20 -5.76 -55.11
C GLN H 90 -4.86 -6.36 -53.88
N ARG H 91 -4.48 -5.86 -52.72
CA ARG H 91 -5.10 -6.25 -51.44
C ARG H 91 -6.10 -5.18 -51.01
N TYR H 92 -7.14 -5.04 -51.81
CA TYR H 92 -8.17 -4.04 -51.62
C TYR H 92 -9.50 -4.75 -51.40
N SER H 93 -10.58 -3.97 -51.39
CA SER H 93 -11.91 -4.54 -51.20
C SER H 93 -12.19 -5.62 -52.24
N PHE H 94 -13.21 -6.43 -51.96
CA PHE H 94 -13.50 -7.59 -52.79
C PHE H 94 -13.93 -7.16 -54.18
N PRO H 95 -13.76 -8.02 -55.19
CA PRO H 95 -13.13 -9.34 -55.17
C PRO H 95 -11.61 -9.19 -55.15
N ILE H 96 -10.86 -10.22 -55.51
CA ILE H 96 -9.40 -10.17 -55.58
C ILE H 96 -8.98 -10.42 -57.02
N THR H 97 -7.95 -9.69 -57.46
CA THR H 97 -7.52 -9.72 -58.85
C THR H 97 -6.00 -9.85 -58.92
N PHE H 98 -5.54 -10.31 -60.07
CA PHE H 98 -4.13 -10.50 -60.34
C PHE H 98 -3.78 -9.94 -61.71
N GLY H 99 -2.52 -9.56 -61.88
CA GLY H 99 -2.08 -8.95 -63.12
C GLY H 99 -1.97 -9.96 -64.25
N ALA H 100 -1.79 -9.41 -65.45
CA ALA H 100 -1.66 -10.25 -66.64
C ALA H 100 -0.39 -11.10 -66.58
N GLY H 101 0.71 -10.51 -66.13
CA GLY H 101 1.98 -11.22 -66.02
C GLY H 101 2.97 -10.81 -67.08
N THR H 102 4.20 -10.54 -66.65
CA THR H 102 5.28 -10.10 -67.53
C THR H 102 6.45 -11.06 -67.42
N LYS H 103 7.08 -11.36 -68.56
CA LYS H 103 8.18 -12.31 -68.63
C LYS H 103 9.46 -11.61 -69.02
N VAL H 104 10.58 -12.17 -68.57
CA VAL H 104 11.91 -11.69 -68.90
C VAL H 104 12.67 -12.80 -69.61
N ASP H 105 13.35 -12.46 -70.71
CA ASP H 105 13.98 -13.42 -71.59
C ASP H 105 15.45 -13.05 -71.78
N ILE H 106 16.27 -14.06 -72.05
CA ILE H 106 17.67 -13.85 -72.41
C ILE H 106 17.76 -13.79 -73.93
N LYS H 107 18.45 -12.77 -74.44
CA LYS H 107 18.70 -12.65 -75.87
C LYS H 107 20.09 -13.17 -76.23
N GLN I 1 39.01 -20.55 11.90
CA GLN I 1 40.34 -20.18 12.45
C GLN I 1 40.30 -20.27 13.97
N VAL I 2 40.91 -21.31 14.52
CA VAL I 2 40.97 -21.50 15.95
C VAL I 2 42.29 -22.19 16.30
N GLN I 3 42.95 -21.68 17.32
CA GLN I 3 44.13 -22.32 17.90
C GLN I 3 43.72 -23.08 19.15
N VAL I 4 44.51 -24.08 19.50
CA VAL I 4 44.22 -24.94 20.65
C VAL I 4 45.54 -25.40 21.26
N GLN I 5 45.58 -25.43 22.59
CA GLN I 5 46.74 -25.87 23.33
C GLN I 5 46.31 -26.81 24.45
N GLU I 6 47.28 -27.53 24.99
CA GLU I 6 47.04 -28.55 26.00
C GLU I 6 47.81 -28.22 27.27
N SER I 7 47.31 -28.73 28.39
CA SER I 7 47.91 -28.46 29.69
C SER I 7 47.65 -29.64 30.62
N GLY I 8 48.73 -30.16 31.20
CA GLY I 8 48.62 -31.26 32.14
C GLY I 8 49.97 -31.69 32.68
N PRO I 9 49.96 -32.61 33.63
CA PRO I 9 51.22 -33.08 34.22
C PRO I 9 52.03 -33.90 33.23
N GLY I 10 53.33 -34.02 33.54
CA GLY I 10 54.23 -34.76 32.69
C GLY I 10 54.31 -36.24 33.03
N ILE I 11 54.54 -36.55 34.31
CA ILE I 11 54.65 -37.93 34.79
C ILE I 11 53.69 -38.11 35.94
N VAL I 12 52.90 -39.19 35.88
CA VAL I 12 51.95 -39.54 36.93
C VAL I 12 52.15 -41.01 37.26
N LYS I 13 52.09 -41.34 38.55
CA LYS I 13 52.36 -42.69 38.98
C LYS I 13 51.22 -43.62 38.56
N PRO I 14 51.48 -44.93 38.47
CA PRO I 14 50.40 -45.86 38.12
C PRO I 14 49.27 -45.82 39.14
N SER I 15 48.05 -46.04 38.64
CA SER I 15 46.81 -46.14 39.41
C SER I 15 46.30 -44.77 39.86
N GLU I 16 47.04 -43.69 39.66
CA GLU I 16 46.59 -42.37 40.07
C GLU I 16 45.59 -41.83 39.06
N THR I 17 45.14 -40.60 39.29
CA THR I 17 44.19 -39.93 38.41
C THR I 17 44.94 -38.89 37.58
N LEU I 18 44.67 -38.90 36.28
CA LEU I 18 45.30 -37.99 35.33
C LEU I 18 44.27 -36.96 34.88
N SER I 19 44.63 -35.68 34.99
CA SER I 19 43.76 -34.57 34.61
C SER I 19 44.43 -33.76 33.51
N LEU I 20 43.74 -33.57 32.40
CA LEU I 20 44.23 -32.81 31.26
C LEU I 20 43.22 -31.74 30.90
N THR I 21 43.69 -30.67 30.26
CA THR I 21 42.81 -29.57 29.88
C THR I 21 43.27 -28.98 28.56
N CYS I 22 42.33 -28.40 27.83
CA CYS I 22 42.61 -27.80 26.53
C CYS I 22 41.66 -26.62 26.31
N ALA I 23 42.22 -25.52 25.80
CA ALA I 23 41.48 -24.31 25.51
C ALA I 23 41.08 -24.26 24.03
N ALA I 24 40.27 -23.26 23.70
CA ALA I 24 39.75 -23.14 22.34
C ALA I 24 39.31 -21.70 22.10
N SER I 25 39.06 -21.40 20.82
CA SER I 25 38.61 -20.10 20.35
C SER I 25 37.38 -20.30 19.48
N ARG I 26 36.69 -19.20 19.15
CA ARG I 26 35.48 -19.26 18.34
C ARG I 26 35.69 -18.82 16.90
N GLY I 27 36.73 -18.07 16.59
CA GLY I 27 37.01 -17.69 15.23
C GLY I 27 36.00 -16.69 14.71
N PRO I 28 36.10 -16.33 13.42
CA PRO I 28 35.24 -15.27 12.87
C PRO I 28 33.76 -15.62 12.87
N PHE I 29 33.39 -16.89 12.96
CA PHE I 29 31.98 -17.26 12.92
C PHE I 29 31.26 -16.76 14.17
N SER I 30 29.95 -16.57 14.03
CA SER I 30 29.15 -15.96 15.10
C SER I 30 28.53 -17.00 16.02
N GLY I 31 27.77 -17.93 15.47
CA GLY I 31 27.06 -18.91 16.26
C GLY I 31 26.93 -20.24 15.57
N GLY I 32 27.12 -21.30 16.33
CA GLY I 32 27.06 -22.64 15.78
C GLY I 32 27.46 -23.67 16.83
N HIS I 33 27.78 -24.87 16.33
CA HIS I 33 28.15 -26.00 17.16
C HIS I 33 29.55 -26.46 16.80
N PHE I 34 30.38 -26.64 17.82
CA PHE I 34 31.77 -27.07 17.66
C PHE I 34 31.93 -28.37 18.44
N TYR I 35 31.83 -29.50 17.75
CA TYR I 35 31.86 -30.80 18.42
C TYR I 35 33.30 -31.11 18.82
N TRP I 36 33.68 -30.68 20.01
CA TRP I 36 35.05 -30.87 20.46
C TRP I 36 35.33 -32.35 20.68
N ASN I 37 36.52 -32.79 20.28
CA ASN I 37 36.90 -34.20 20.34
C ASN I 37 38.27 -34.33 21.00
N TRP I 38 38.43 -35.42 21.74
CA TRP I 38 39.70 -35.80 22.34
C TRP I 38 40.14 -37.12 21.71
N PHE I 39 41.36 -37.11 21.16
CA PHE I 39 41.97 -38.22 20.47
C PHE I 39 43.27 -38.62 21.16
N ARG I 40 43.69 -39.86 20.94
CA ARG I 40 44.95 -40.36 21.43
C ARG I 40 45.64 -41.19 20.36
N GLN I 41 46.94 -41.38 20.54
CA GLN I 41 47.74 -42.27 19.71
C GLN I 41 48.90 -42.81 20.54
N PRO I 42 48.93 -44.09 20.86
CA PRO I 42 50.15 -44.67 21.44
C PRO I 42 51.25 -44.74 20.40
N PRO I 43 52.52 -44.80 20.82
CA PRO I 43 53.60 -44.93 19.83
C PRO I 43 53.48 -46.23 19.04
N GLY I 44 53.82 -46.15 17.76
CA GLY I 44 53.94 -47.34 16.93
C GLY I 44 52.69 -48.14 16.76
N LYS I 45 51.55 -47.47 16.56
CA LYS I 45 50.30 -48.17 16.26
C LYS I 45 49.28 -47.15 15.78
N GLY I 46 48.10 -47.65 15.40
CA GLY I 46 47.06 -46.79 14.87
C GLY I 46 46.40 -45.94 15.93
N LEU I 47 45.82 -44.83 15.47
CA LEU I 47 45.17 -43.90 16.38
C LEU I 47 43.85 -44.47 16.89
N GLU I 48 43.34 -43.88 17.96
CA GLU I 48 42.11 -44.31 18.59
C GLU I 48 41.36 -43.10 19.13
N TRP I 49 40.04 -43.10 18.96
CA TRP I 49 39.19 -42.02 19.43
C TRP I 49 38.85 -42.24 20.90
N ILE I 50 39.03 -41.19 21.70
CA ILE I 50 38.67 -41.26 23.12
C ILE I 50 37.24 -40.79 23.28
N GLY I 51 36.95 -39.53 22.94
CA GLY I 51 35.60 -39.08 23.28
C GLY I 51 35.26 -37.74 22.67
N GLY I 52 34.00 -37.36 22.84
CA GLY I 52 33.50 -36.14 22.24
C GLY I 52 32.47 -35.44 23.11
N ILE I 53 32.24 -34.16 22.79
CA ILE I 53 31.30 -33.35 23.55
C ILE I 53 30.95 -32.12 22.73
N TYR I 54 29.68 -31.74 22.76
CA TYR I 54 29.24 -30.53 22.09
C TYR I 54 29.65 -29.30 22.89
N SER I 55 29.75 -28.17 22.18
CA SER I 55 30.11 -26.91 22.80
C SER I 55 28.92 -26.20 23.44
N ASP I 56 27.72 -26.78 23.35
CA ASP I 56 26.52 -26.19 23.96
C ASP I 56 25.71 -27.27 24.66
N GLY I 57 26.38 -28.22 25.29
CA GLY I 57 25.72 -29.28 26.04
C GLY I 57 26.72 -29.94 26.97
N ASP I 58 26.22 -30.90 27.75
CA ASP I 58 27.05 -31.58 28.75
C ASP I 58 26.91 -33.11 28.70
N ALA I 59 26.30 -33.66 27.66
CA ALA I 59 26.13 -35.11 27.53
C ALA I 59 27.37 -35.68 26.84
N ALA I 60 28.47 -35.71 27.59
CA ALA I 60 29.74 -36.19 27.04
C ALA I 60 29.63 -37.64 26.60
N ASP I 61 30.07 -37.90 25.36
CA ASP I 61 29.97 -39.23 24.78
C ASP I 61 31.34 -39.89 24.77
N TYR I 62 31.40 -41.14 25.21
CA TYR I 62 32.64 -41.89 25.37
C TYR I 62 32.62 -43.14 24.50
N ASN I 63 33.82 -43.61 24.18
CA ASN I 63 33.96 -44.85 23.45
C ASN I 63 33.50 -46.01 24.34
N PRO I 64 32.91 -47.07 23.75
CA PRO I 64 32.36 -48.15 24.61
C PRO I 64 33.38 -48.81 25.50
N SER I 65 34.63 -48.96 25.05
CA SER I 65 35.62 -49.72 25.83
C SER I 65 35.96 -49.01 27.13
N LEU I 66 36.24 -47.70 27.06
CA LEU I 66 36.71 -46.92 28.21
C LEU I 66 35.61 -46.06 28.81
N GLU I 67 34.39 -46.59 28.86
CA GLU I 67 33.28 -45.81 29.42
C GLU I 67 33.51 -45.52 30.90
N SER I 68 34.01 -46.49 31.65
CA SER I 68 34.06 -46.39 33.11
C SER I 68 35.22 -45.56 33.62
N ARG I 69 36.26 -45.30 32.80
CA ARG I 69 37.48 -44.67 33.27
C ARG I 69 37.71 -43.29 32.68
N VAL I 70 36.66 -42.63 32.20
CA VAL I 70 36.78 -41.35 31.53
C VAL I 70 35.69 -40.41 32.03
N ALA I 71 36.07 -39.19 32.36
CA ALA I 71 35.12 -38.13 32.68
C ALA I 71 35.53 -36.89 31.89
N ILE I 72 34.54 -36.18 31.35
CA ILE I 72 34.79 -35.00 30.53
C ILE I 72 33.95 -33.86 31.06
N SER I 73 34.57 -32.68 31.20
CA SER I 73 33.90 -31.49 31.69
C SER I 73 34.24 -30.33 30.78
N ARG I 74 33.37 -29.32 30.78
CA ARG I 74 33.56 -28.10 30.02
C ARG I 74 33.32 -26.91 30.94
N ASP I 75 34.06 -25.83 30.69
CA ASP I 75 33.91 -24.58 31.43
C ASP I 75 33.64 -23.48 30.42
N ARG I 76 32.48 -22.82 30.56
CA ARG I 76 32.13 -21.71 29.67
C ARG I 76 32.85 -20.42 30.04
N SER I 77 33.04 -20.17 31.34
CA SER I 77 33.74 -18.95 31.75
C SER I 77 35.17 -18.94 31.23
N ALA I 78 35.86 -20.07 31.36
CA ALA I 78 37.20 -20.22 30.81
C ALA I 78 37.20 -20.67 29.35
N ASN I 79 36.05 -21.08 28.81
CA ASN I 79 35.95 -21.58 27.45
C ASN I 79 36.95 -22.72 27.21
N ARG I 80 37.06 -23.61 28.18
CA ARG I 80 38.00 -24.71 28.17
C ARG I 80 37.26 -26.02 28.33
N PHE I 81 37.99 -27.12 28.16
CA PHE I 81 37.43 -28.43 28.47
C PHE I 81 38.51 -29.34 29.01
N SER I 82 38.14 -30.17 29.97
CA SER I 82 39.06 -31.00 30.73
C SER I 82 38.60 -32.45 30.74
N LEU I 83 39.57 -33.34 30.91
CA LEU I 83 39.33 -34.77 31.00
C LEU I 83 40.00 -35.32 32.25
N LYS I 84 39.32 -36.24 32.92
CA LYS I 84 39.83 -36.98 34.06
C LYS I 84 39.84 -38.46 33.72
N LEU I 85 40.97 -39.11 33.97
CA LEU I 85 41.16 -40.53 33.72
C LEU I 85 41.61 -41.19 35.02
N ILE I 86 40.97 -42.30 35.36
CA ILE I 86 41.25 -43.02 36.60
C ILE I 86 41.91 -44.35 36.25
N SER I 87 42.65 -44.88 37.23
CA SER I 87 43.32 -46.18 37.08
C SER I 87 44.31 -46.16 35.92
N VAL I 88 45.17 -45.14 35.92
CA VAL I 88 46.15 -44.99 34.85
C VAL I 88 47.05 -46.21 34.80
N THR I 89 47.64 -46.46 33.64
CA THR I 89 48.47 -47.63 33.40
C THR I 89 49.53 -47.29 32.36
N THR I 90 50.52 -48.18 32.22
CA THR I 90 51.60 -47.97 31.26
C THR I 90 51.09 -47.90 29.83
N THR I 91 49.93 -48.48 29.54
CA THR I 91 49.41 -48.45 28.17
C THR I 91 49.01 -47.04 27.77
N ASP I 92 48.55 -46.23 28.73
CA ASP I 92 48.12 -44.87 28.42
C ASP I 92 49.26 -43.97 28.00
N THR I 93 50.51 -44.39 28.16
CA THR I 93 51.64 -43.61 27.67
C THR I 93 51.48 -43.36 26.18
N ALA I 94 51.23 -42.10 25.80
CA ALA I 94 50.80 -41.84 24.43
C ALA I 94 50.78 -40.34 24.18
N VAL I 95 50.54 -39.98 22.91
CA VAL I 95 50.37 -38.59 22.51
C VAL I 95 48.89 -38.30 22.39
N TYR I 96 48.43 -37.24 23.04
CA TYR I 96 47.03 -36.90 23.12
C TYR I 96 46.78 -35.56 22.43
N TYR I 97 45.59 -35.43 21.84
CA TYR I 97 45.23 -34.27 21.05
C TYR I 97 43.81 -33.83 21.36
N CYS I 98 43.60 -32.52 21.36
CA CYS I 98 42.26 -31.93 21.35
C CYS I 98 42.03 -31.30 19.99
N SER I 99 40.85 -31.53 19.43
CA SER I 99 40.56 -31.10 18.07
C SER I 99 39.11 -30.62 17.97
N SER I 100 38.88 -29.78 16.97
CA SER I 100 37.56 -29.28 16.64
C SER I 100 37.34 -29.44 15.15
N THR I 101 36.08 -29.60 14.76
CA THR I 101 35.69 -29.71 13.35
C THR I 101 34.56 -28.75 13.07
N TYR I 102 34.79 -27.80 12.17
CA TYR I 102 33.74 -26.89 11.77
C TYR I 102 32.64 -27.65 11.06
N SER I 103 31.62 -26.92 10.65
CA SER I 103 30.45 -27.53 10.02
C SER I 103 29.92 -26.65 8.91
N TRP I 104 30.83 -25.94 8.24
CA TRP I 104 30.44 -25.11 7.11
C TRP I 104 29.75 -25.96 6.05
N ASN I 105 29.07 -25.29 5.13
CA ASN I 105 28.22 -25.98 4.16
C ASN I 105 29.08 -26.81 3.21
N ASN I 106 29.19 -28.10 3.51
CA ASN I 106 29.82 -29.08 2.61
C ASN I 106 31.30 -28.78 2.40
N VAL I 107 32.02 -28.57 3.51
CA VAL I 107 33.47 -28.43 3.46
C VAL I 107 34.11 -29.38 4.47
N TRP I 108 33.63 -29.33 5.72
CA TRP I 108 34.08 -30.22 6.78
C TRP I 108 35.56 -29.98 7.11
N PHE I 109 35.84 -28.78 7.59
CA PHE I 109 37.18 -28.44 8.03
C PHE I 109 37.58 -29.31 9.22
N ASP I 110 38.83 -29.13 9.67
CA ASP I 110 39.30 -29.79 10.88
C ASP I 110 40.66 -29.21 11.25
N GLN I 111 40.83 -28.89 12.53
CA GLN I 111 42.11 -28.50 13.09
C GLN I 111 42.56 -29.58 14.06
N TRP I 112 43.87 -29.63 14.32
CA TRP I 112 44.41 -30.63 15.22
C TRP I 112 45.48 -30.11 16.18
N GLY I 113 45.85 -28.84 16.10
CA GLY I 113 46.76 -28.29 17.09
C GLY I 113 48.11 -28.99 17.06
N GLN I 114 48.64 -29.27 18.25
CA GLN I 114 49.99 -29.81 18.39
C GLN I 114 50.02 -31.08 19.23
N GLY I 115 49.10 -31.21 20.19
CA GLY I 115 49.08 -32.35 21.06
C GLY I 115 50.11 -32.25 22.18
N VAL I 116 50.20 -33.33 22.95
CA VAL I 116 51.12 -33.36 24.09
C VAL I 116 51.42 -34.81 24.44
N LEU I 117 52.62 -35.05 24.97
CA LEU I 117 53.02 -36.37 25.41
C LEU I 117 52.55 -36.64 26.83
N VAL I 118 52.26 -37.90 27.11
CA VAL I 118 51.95 -38.35 28.47
C VAL I 118 52.68 -39.66 28.71
N THR I 119 53.34 -39.76 29.86
CA THR I 119 54.13 -40.93 30.23
C THR I 119 53.70 -41.40 31.62
N VAL I 120 53.61 -42.72 31.78
CA VAL I 120 53.25 -43.34 33.05
C VAL I 120 54.41 -44.23 33.46
N SER I 121 54.96 -43.97 34.65
CA SER I 121 56.10 -44.72 35.13
C SER I 121 56.19 -44.59 36.64
N SER I 122 56.98 -45.48 37.25
CA SER I 122 57.20 -45.47 38.69
C SER I 122 58.65 -45.16 39.00
N ASP J 1 32.11 -53.89 15.05
CA ASP J 1 32.80 -52.70 14.47
C ASP J 1 33.21 -52.95 13.02
N ILE J 2 32.97 -51.97 12.17
CA ILE J 2 33.28 -52.11 10.76
C ILE J 2 34.80 -52.15 10.61
N GLN J 3 35.30 -53.22 10.02
CA GLN J 3 36.74 -53.44 9.86
C GLN J 3 37.18 -52.99 8.48
N LEU J 4 38.24 -52.19 8.44
CA LEU J 4 38.78 -51.66 7.19
C LEU J 4 40.16 -52.24 6.96
N THR J 5 40.38 -52.78 5.77
CA THR J 5 41.64 -53.42 5.40
C THR J 5 42.31 -52.61 4.29
N GLN J 6 43.57 -52.25 4.50
CA GLN J 6 44.35 -51.51 3.53
C GLN J 6 45.25 -52.46 2.75
N SER J 7 45.49 -52.11 1.48
CA SER J 7 46.34 -52.93 0.62
C SER J 7 47.06 -52.05 -0.39
N PRO J 8 48.38 -52.25 -0.60
CA PRO J 8 49.30 -53.19 0.06
C PRO J 8 49.65 -52.71 1.46
N SER J 9 50.03 -53.61 2.37
CA SER J 9 50.46 -53.18 3.69
C SER J 9 51.69 -52.28 3.60
N SER J 10 52.63 -52.63 2.73
CA SER J 10 53.79 -51.81 2.44
C SER J 10 54.08 -51.87 0.94
N LEU J 11 54.69 -50.81 0.43
CA LEU J 11 55.04 -50.74 -0.98
C LEU J 11 56.31 -49.93 -1.13
N SER J 12 57.08 -50.23 -2.17
CA SER J 12 58.30 -49.51 -2.49
C SER J 12 58.40 -49.34 -3.99
N ALA J 13 58.49 -48.09 -4.44
CA ALA J 13 58.61 -47.78 -5.85
C ALA J 13 59.56 -46.59 -5.99
N SER J 14 59.83 -46.20 -7.23
CA SER J 14 60.71 -45.09 -7.55
C SER J 14 59.90 -43.81 -7.72
N VAL J 15 60.62 -42.68 -7.69
CA VAL J 15 59.96 -41.38 -7.85
C VAL J 15 59.45 -41.24 -9.27
N GLY J 16 58.31 -40.56 -9.42
CA GLY J 16 57.69 -40.37 -10.71
C GLY J 16 56.81 -41.50 -11.17
N ASP J 17 56.76 -42.60 -10.42
CA ASP J 17 55.94 -43.74 -10.82
C ASP J 17 54.46 -43.46 -10.54
N ARG J 18 53.61 -44.31 -11.10
CA ARG J 18 52.18 -44.29 -10.84
C ARG J 18 51.85 -45.46 -9.92
N VAL J 19 51.16 -45.18 -8.81
CA VAL J 19 50.85 -46.18 -7.81
C VAL J 19 49.38 -46.06 -7.42
N THR J 20 48.89 -47.10 -6.73
CA THR J 20 47.50 -47.17 -6.33
C THR J 20 47.40 -47.93 -5.02
N ILE J 21 46.55 -47.43 -4.12
CA ILE J 21 46.29 -48.04 -2.83
C ILE J 21 44.79 -48.27 -2.72
N THR J 22 44.41 -49.30 -1.96
CA THR J 22 43.01 -49.70 -1.83
C THR J 22 42.66 -49.90 -0.36
N CYS J 23 41.39 -49.65 -0.06
CA CYS J 23 40.86 -49.81 1.29
C CYS J 23 39.48 -50.44 1.18
N ARG J 24 39.32 -51.61 1.78
CA ARG J 24 38.11 -52.40 1.72
C ARG J 24 37.39 -52.35 3.06
N ALA J 25 36.10 -52.05 3.03
CA ALA J 25 35.28 -52.05 4.23
C ALA J 25 34.69 -53.44 4.46
N SER J 26 34.38 -53.72 5.73
CA SER J 26 33.79 -55.01 6.06
C SER J 26 32.34 -55.11 5.63
N GLN J 27 31.69 -53.98 5.35
CA GLN J 27 30.31 -53.99 4.91
C GLN J 27 30.07 -52.73 4.06
N ASP J 28 28.82 -52.54 3.66
CA ASP J 28 28.45 -51.40 2.83
C ASP J 28 28.33 -50.15 3.69
N ILE J 29 29.11 -49.12 3.34
CA ILE J 29 29.10 -47.83 4.03
C ILE J 29 28.75 -46.69 3.10
N ASN J 30 28.31 -46.98 1.88
CA ASN J 30 27.94 -45.95 0.91
C ASN J 30 29.17 -45.13 0.53
N THR J 31 29.21 -43.82 0.84
CA THR J 31 30.32 -42.97 0.43
C THR J 31 30.77 -42.01 1.53
N ASP J 32 30.40 -42.26 2.78
CA ASP J 32 30.84 -41.43 3.90
C ASP J 32 32.20 -41.90 4.40
N LEU J 33 33.22 -41.66 3.57
CA LEU J 33 34.57 -42.15 3.82
C LEU J 33 35.56 -41.07 3.43
N SER J 34 36.67 -41.00 4.16
CA SER J 34 37.66 -39.97 3.93
C SER J 34 39.05 -40.49 4.27
N TRP J 35 40.05 -39.98 3.55
CA TRP J 35 41.43 -40.38 3.73
C TRP J 35 42.23 -39.21 4.28
N TYR J 36 43.05 -39.48 5.29
CA TYR J 36 43.92 -38.51 5.91
C TYR J 36 45.37 -38.89 5.63
N TYR J 37 46.20 -37.90 5.37
CA TYR J 37 47.63 -38.09 5.15
C TYR J 37 48.42 -37.48 6.29
N GLN J 38 49.48 -38.16 6.69
CA GLN J 38 50.27 -37.74 7.83
C GLN J 38 51.71 -38.20 7.63
N LYS J 39 52.64 -37.44 8.23
CA LYS J 39 54.06 -37.75 8.18
C LYS J 39 54.63 -37.69 9.59
N SER J 40 55.85 -38.21 9.73
CA SER J 40 56.50 -38.27 11.03
C SER J 40 56.69 -36.88 11.61
N GLY J 41 56.45 -36.76 12.91
CA GLY J 41 56.65 -35.50 13.60
C GLY J 41 55.62 -34.44 13.34
N GLU J 42 54.44 -34.81 12.84
CA GLU J 42 53.38 -33.85 12.56
C GLU J 42 52.04 -34.52 12.81
N ALA J 43 51.07 -33.73 13.28
CA ALA J 43 49.75 -34.26 13.48
C ALA J 43 49.06 -34.46 12.13
N PRO J 44 48.09 -35.36 12.04
CA PRO J 44 47.48 -35.64 10.73
C PRO J 44 46.70 -34.46 10.18
N LYS J 45 46.69 -34.37 8.86
CA LYS J 45 45.87 -33.42 8.13
C LYS J 45 45.05 -34.19 7.10
N LEU J 46 43.81 -33.77 6.89
CA LEU J 46 42.95 -34.48 5.95
C LEU J 46 43.46 -34.30 4.52
N LEU J 47 43.40 -35.39 3.75
CA LEU J 47 43.75 -35.36 2.33
C LEU J 47 42.51 -35.28 1.44
N ILE J 48 41.58 -36.22 1.56
CA ILE J 48 40.41 -36.27 0.70
C ILE J 48 39.18 -36.56 1.54
N TYR J 49 38.09 -35.87 1.21
CA TYR J 49 36.80 -36.07 1.86
C TYR J 49 35.81 -36.65 0.86
N ARG J 50 35.11 -37.70 1.26
CA ARG J 50 34.07 -38.38 0.50
C ARG J 50 34.61 -39.15 -0.71
N ALA J 51 35.92 -39.14 -0.94
CA ALA J 51 36.57 -39.74 -2.10
C ALA J 51 36.17 -39.08 -3.42
N SER J 52 35.43 -37.97 -3.36
CA SER J 52 35.03 -37.24 -4.56
C SER J 52 35.06 -35.73 -4.40
N ASN J 53 35.52 -35.22 -3.26
CA ASN J 53 35.61 -33.79 -3.00
C ASN J 53 37.09 -33.47 -2.75
N LEU J 54 37.75 -32.90 -3.75
CA LEU J 54 39.16 -32.56 -3.61
C LEU J 54 39.34 -31.50 -2.53
N GLN J 55 40.25 -31.76 -1.60
CA GLN J 55 40.53 -30.81 -0.55
C GLN J 55 41.34 -29.65 -1.11
N GLY J 56 40.98 -28.44 -0.70
CA GLY J 56 41.70 -27.26 -1.19
C GLY J 56 43.16 -27.29 -0.78
N GLY J 57 44.02 -26.91 -1.71
CA GLY J 57 45.45 -26.84 -1.47
C GLY J 57 46.20 -28.11 -1.76
N ALA J 58 45.52 -29.21 -2.07
CA ALA J 58 46.21 -30.46 -2.34
C ALA J 58 46.66 -30.51 -3.81
N PRO J 59 47.75 -31.21 -4.11
CA PRO J 59 48.11 -31.42 -5.52
C PRO J 59 47.07 -32.25 -6.24
N SER J 60 46.93 -32.00 -7.54
CA SER J 60 45.94 -32.68 -8.37
C SER J 60 46.35 -34.09 -8.75
N ARG J 61 47.63 -34.45 -8.60
CA ARG J 61 48.08 -35.80 -8.95
C ARG J 61 47.33 -36.88 -8.18
N PHE J 62 46.83 -36.56 -6.98
CA PHE J 62 46.08 -37.52 -6.19
C PHE J 62 44.64 -37.59 -6.69
N SER J 63 44.13 -38.81 -6.89
CA SER J 63 42.75 -39.02 -7.29
C SER J 63 42.15 -40.10 -6.41
N GLY J 64 40.86 -39.98 -6.13
CA GLY J 64 40.17 -40.94 -5.29
C GLY J 64 38.86 -41.36 -5.90
N THR J 65 38.52 -42.64 -5.71
CA THR J 65 37.31 -43.21 -6.29
C THR J 65 36.84 -44.37 -5.42
N GLY J 66 35.67 -44.89 -5.76
CA GLY J 66 35.16 -46.12 -5.18
C GLY J 66 33.82 -45.93 -4.50
N SER J 67 33.31 -47.03 -3.98
CA SER J 67 31.97 -47.08 -3.38
C SER J 67 31.84 -48.41 -2.64
N GLY J 68 30.63 -48.64 -2.12
CA GLY J 68 30.31 -49.91 -1.51
C GLY J 68 31.23 -50.30 -0.37
N THR J 69 32.09 -51.29 -0.63
CA THR J 69 33.06 -51.77 0.34
C THR J 69 34.47 -51.76 -0.24
N GLU J 70 34.74 -50.85 -1.18
CA GLU J 70 36.03 -50.79 -1.85
C GLU J 70 36.27 -49.36 -2.32
N PHE J 71 37.39 -48.79 -1.90
CA PHE J 71 37.77 -47.44 -2.28
C PHE J 71 39.24 -47.42 -2.64
N THR J 72 39.58 -46.54 -3.59
CA THR J 72 40.89 -46.57 -4.21
C THR J 72 41.45 -45.15 -4.31
N LEU J 73 42.75 -45.03 -4.12
CA LEU J 73 43.47 -43.78 -4.30
C LEU J 73 44.62 -44.03 -5.26
N THR J 74 44.67 -43.24 -6.33
CA THR J 74 45.68 -43.37 -7.37
C THR J 74 46.55 -42.12 -7.40
N ILE J 75 47.86 -42.32 -7.40
CA ILE J 75 48.85 -41.26 -7.55
C ILE J 75 49.47 -41.43 -8.92
N SER J 76 49.34 -40.40 -9.75
CA SER J 76 49.87 -40.48 -11.12
C SER J 76 51.39 -40.43 -11.13
N SER J 77 51.98 -39.51 -10.36
CA SER J 77 53.43 -39.32 -10.33
C SER J 77 53.88 -39.25 -8.88
N LEU J 78 54.87 -40.06 -8.53
CA LEU J 78 55.44 -40.00 -7.20
C LEU J 78 56.31 -38.76 -7.06
N GLN J 79 56.36 -38.23 -5.84
CA GLN J 79 57.23 -37.14 -5.46
C GLN J 79 57.96 -37.53 -4.19
N PRO J 80 59.08 -36.87 -3.88
CA PRO J 80 59.79 -37.21 -2.64
C PRO J 80 58.93 -37.04 -1.41
N GLU J 81 58.03 -36.05 -1.41
CA GLU J 81 57.14 -35.83 -0.29
C GLU J 81 55.98 -36.81 -0.25
N ASP J 82 55.63 -37.42 -1.38
CA ASP J 82 54.49 -38.34 -1.42
C ASP J 82 54.73 -39.59 -0.60
N PHE J 83 55.97 -39.91 -0.25
CA PHE J 83 56.27 -41.09 0.56
C PHE J 83 55.93 -40.77 2.01
N ILE J 84 54.66 -40.95 2.33
CA ILE J 84 54.10 -40.59 3.63
C ILE J 84 53.02 -41.60 4.00
N THR J 85 52.50 -41.48 5.22
CA THR J 85 51.49 -42.41 5.71
C THR J 85 50.10 -41.94 5.35
N TYR J 86 49.23 -42.90 5.04
CA TYR J 86 47.83 -42.64 4.69
C TYR J 86 46.92 -43.48 5.57
N TYR J 87 45.72 -42.97 5.80
CA TYR J 87 44.74 -43.65 6.64
C TYR J 87 43.36 -43.41 6.06
N CYS J 88 42.72 -44.47 5.56
CA CYS J 88 41.32 -44.43 5.23
C CYS J 88 40.50 -44.58 6.49
N GLN J 89 39.38 -43.85 6.57
CA GLN J 89 38.50 -43.98 7.73
C GLN J 89 37.08 -43.67 7.32
N GLN J 90 36.14 -44.08 8.17
CA GLN J 90 34.72 -43.97 7.91
C GLN J 90 34.09 -42.95 8.86
N ARG J 91 33.38 -41.99 8.29
CA ARG J 91 32.61 -41.03 9.08
C ARG J 91 31.14 -41.45 9.08
N TYR J 92 30.87 -42.52 9.81
CA TYR J 92 29.55 -43.14 9.91
C TYR J 92 29.11 -43.14 11.37
N SER J 93 28.01 -43.85 11.64
CA SER J 93 27.52 -43.98 13.00
C SER J 93 28.60 -44.59 13.90
N PHE J 94 28.39 -44.45 15.21
CA PHE J 94 29.41 -44.88 16.15
C PHE J 94 29.58 -46.39 16.11
N PRO J 95 30.78 -46.90 16.45
CA PRO J 95 32.00 -46.19 16.82
C PRO J 95 32.72 -45.63 15.59
N ILE J 96 33.97 -45.21 15.72
CA ILE J 96 34.75 -44.68 14.63
C ILE J 96 36.01 -45.53 14.49
N THR J 97 36.31 -45.95 13.27
CA THR J 97 37.44 -46.82 12.98
C THR J 97 38.39 -46.16 12.00
N PHE J 98 39.63 -46.61 12.04
CA PHE J 98 40.68 -46.12 11.15
C PHE J 98 41.48 -47.30 10.62
N GLY J 99 42.09 -47.10 9.46
CA GLY J 99 42.80 -48.18 8.80
C GLY J 99 44.15 -48.46 9.41
N ALA J 100 44.72 -49.59 9.02
CA ALA J 100 46.04 -49.97 9.50
C ALA J 100 47.09 -48.97 9.02
N GLY J 101 47.02 -48.56 7.76
CA GLY J 101 47.96 -47.61 7.19
C GLY J 101 48.97 -48.28 6.28
N THR J 102 49.50 -47.52 5.33
CA THR J 102 50.48 -48.02 4.37
C THR J 102 51.61 -47.01 4.24
N LYS J 103 52.83 -47.52 4.11
CA LYS J 103 54.04 -46.72 4.00
C LYS J 103 54.67 -46.95 2.63
N VAL J 104 54.96 -45.86 1.93
CA VAL J 104 55.63 -45.91 0.62
C VAL J 104 57.11 -45.63 0.83
N ASP J 105 57.95 -46.40 0.16
CA ASP J 105 59.40 -46.33 0.30
C ASP J 105 60.05 -46.13 -1.06
N ILE J 106 61.25 -45.56 -1.03
CA ILE J 106 62.01 -45.32 -2.27
C ILE J 106 62.72 -46.60 -2.66
N LYS J 107 62.80 -46.85 -3.97
CA LYS J 107 63.51 -48.01 -4.50
C LYS J 107 64.27 -47.63 -5.76
N GLN K 1 23.14 35.98 -21.39
CA GLN K 1 22.99 36.36 -22.82
C GLN K 1 21.82 37.31 -23.01
N VAL K 2 21.53 38.10 -21.98
CA VAL K 2 20.42 39.06 -22.03
C VAL K 2 20.85 40.26 -22.87
N GLN K 3 19.91 40.82 -23.63
CA GLN K 3 20.14 42.02 -24.41
C GLN K 3 19.25 43.13 -23.85
N VAL K 4 19.87 44.26 -23.52
CA VAL K 4 19.18 45.40 -22.92
C VAL K 4 19.43 46.62 -23.79
N GLN K 5 18.37 47.39 -24.04
CA GLN K 5 18.42 48.54 -24.93
C GLN K 5 17.74 49.72 -24.25
N GLU K 6 18.10 50.92 -24.73
CA GLU K 6 17.53 52.17 -24.25
C GLU K 6 17.23 53.05 -25.45
N SER K 7 16.47 54.11 -25.18
CA SER K 7 16.10 55.08 -26.23
C SER K 7 16.02 56.45 -25.57
N GLY K 8 15.52 57.43 -26.30
CA GLY K 8 15.34 58.76 -25.76
C GLY K 8 15.14 59.83 -26.81
N PRO K 9 14.82 61.04 -26.38
CA PRO K 9 14.62 62.15 -27.32
C PRO K 9 15.94 62.78 -27.75
N GLY K 10 15.86 63.89 -28.50
CA GLY K 10 17.05 64.59 -28.90
C GLY K 10 17.61 65.47 -27.79
N ILE K 11 18.08 66.67 -28.14
CA ILE K 11 18.66 67.58 -27.16
C ILE K 11 17.51 68.37 -26.54
N VAL K 12 17.10 67.98 -25.34
CA VAL K 12 16.03 68.70 -24.65
C VAL K 12 16.53 70.06 -24.19
N LYS K 13 15.59 70.97 -23.94
CA LYS K 13 15.96 72.32 -23.51
C LYS K 13 15.95 72.41 -21.99
N PRO K 14 16.84 73.20 -21.37
CA PRO K 14 16.74 73.41 -19.92
C PRO K 14 15.41 74.03 -19.54
N SER K 15 14.95 73.69 -18.32
CA SER K 15 13.67 74.05 -17.71
C SER K 15 12.54 73.14 -18.18
N GLU K 16 12.81 72.12 -18.99
CA GLU K 16 11.82 71.12 -19.39
C GLU K 16 12.12 69.81 -18.66
N THR K 17 11.22 68.84 -18.85
CA THR K 17 11.31 67.54 -18.20
C THR K 17 11.75 66.49 -19.21
N LEU K 18 12.76 65.72 -18.83
CA LEU K 18 13.28 64.64 -19.66
C LEU K 18 12.74 63.30 -19.19
N SER K 19 12.55 62.39 -20.14
CA SER K 19 12.07 61.04 -19.86
C SER K 19 12.91 60.04 -20.64
N LEU K 20 13.00 58.82 -20.10
CA LEU K 20 13.78 57.77 -20.73
C LEU K 20 13.17 56.44 -20.32
N THR K 21 13.39 55.41 -21.14
CA THR K 21 12.86 54.08 -20.88
C THR K 21 13.91 53.04 -21.23
N CYS K 22 13.81 51.89 -20.57
CA CYS K 22 14.74 50.78 -20.75
C CYS K 22 13.97 49.47 -20.73
N ALA K 23 14.38 48.56 -21.62
CA ALA K 23 13.76 47.24 -21.76
C ALA K 23 14.84 46.17 -21.63
N ALA K 24 14.55 45.14 -20.83
CA ALA K 24 15.45 44.01 -20.64
C ALA K 24 14.65 42.72 -20.67
N SER K 25 15.33 41.64 -21.02
CA SER K 25 14.71 40.32 -21.19
C SER K 25 15.28 39.35 -20.17
N ARG K 26 14.40 38.55 -19.57
CA ARG K 26 14.85 37.53 -18.63
C ARG K 26 15.73 36.50 -19.34
N GLY K 27 15.35 36.12 -20.55
CA GLY K 27 16.16 35.24 -21.37
C GLY K 27 16.33 33.85 -20.79
N PRO K 28 17.59 33.40 -20.60
CA PRO K 28 17.81 31.97 -20.33
C PRO K 28 17.22 31.49 -19.02
N PHE K 29 17.49 32.20 -17.94
CA PHE K 29 17.02 31.76 -16.63
C PHE K 29 15.50 31.87 -16.54
N SER K 30 14.91 31.02 -15.71
CA SER K 30 13.46 30.96 -15.57
C SER K 30 12.95 31.97 -14.54
N GLY K 31 13.38 31.84 -13.29
CA GLY K 31 12.88 32.68 -12.22
C GLY K 31 14.01 33.20 -11.37
N GLY K 32 13.94 34.49 -11.04
CA GLY K 32 15.00 35.12 -10.29
C GLY K 32 14.63 36.50 -9.82
N HIS K 33 15.66 37.28 -9.49
CA HIS K 33 15.53 38.61 -8.91
C HIS K 33 16.47 39.58 -9.61
N PHE K 34 16.37 39.63 -10.93
CA PHE K 34 17.18 40.50 -11.77
C PHE K 34 17.21 41.92 -11.22
N TYR K 35 18.38 42.53 -11.16
CA TYR K 35 18.50 43.90 -10.67
C TYR K 35 18.90 44.81 -11.83
N TRP K 36 18.39 46.04 -11.81
CA TRP K 36 18.62 47.01 -12.86
C TRP K 36 19.31 48.23 -12.28
N ASN K 37 20.22 48.83 -13.06
CA ASN K 37 20.92 50.05 -12.68
C ASN K 37 20.94 51.00 -13.85
N TRP K 38 21.01 52.30 -13.54
CA TRP K 38 21.09 53.35 -14.54
C TRP K 38 22.39 54.11 -14.34
N PHE K 39 23.07 54.44 -15.43
CA PHE K 39 24.35 55.12 -15.36
C PHE K 39 24.46 56.13 -16.50
N ARG K 40 25.38 57.08 -16.33
CA ARG K 40 25.70 58.03 -17.38
C ARG K 40 27.20 58.20 -17.46
N GLN K 41 27.65 58.68 -18.62
CA GLN K 41 29.06 58.92 -18.92
C GLN K 41 29.14 60.37 -19.37
N PRO K 42 29.37 61.30 -18.43
CA PRO K 42 29.66 62.67 -18.83
C PRO K 42 31.05 62.76 -19.42
N PRO K 43 31.27 63.62 -20.42
CA PRO K 43 32.61 63.71 -21.02
C PRO K 43 33.65 64.15 -20.01
N GLY K 44 34.86 63.61 -20.16
CA GLY K 44 35.99 64.01 -19.36
C GLY K 44 36.07 63.39 -17.98
N LYS K 45 35.35 62.30 -17.73
CA LYS K 45 35.39 61.64 -16.43
C LYS K 45 35.15 60.15 -16.65
N GLY K 46 34.82 59.45 -15.57
CA GLY K 46 34.45 58.04 -15.64
C GLY K 46 32.95 57.86 -15.70
N LEU K 47 32.42 57.05 -14.80
CA LEU K 47 30.98 56.77 -14.72
C LEU K 47 30.37 57.50 -13.53
N GLU K 48 29.06 57.76 -13.65
CA GLU K 48 28.28 58.40 -12.59
C GLU K 48 27.01 57.59 -12.36
N TRP K 49 26.71 57.34 -11.09
CA TRP K 49 25.62 56.46 -10.70
C TRP K 49 24.31 57.24 -10.64
N ILE K 50 23.24 56.62 -11.18
CA ILE K 50 21.92 57.23 -11.22
C ILE K 50 20.90 56.27 -10.61
N GLY K 51 21.33 55.44 -9.67
CA GLY K 51 20.40 54.59 -8.95
C GLY K 51 20.17 53.24 -9.61
N GLY K 52 19.37 52.44 -8.91
CA GLY K 52 18.99 51.12 -9.36
C GLY K 52 17.66 50.74 -8.78
N ILE K 53 17.19 49.54 -9.16
CA ILE K 53 15.86 49.08 -8.76
C ILE K 53 15.77 47.59 -9.03
N TYR K 54 14.97 46.90 -8.22
CA TYR K 54 14.73 45.48 -8.40
C TYR K 54 13.73 45.25 -9.53
N SER K 55 13.62 43.98 -9.93
CA SER K 55 12.68 43.58 -10.97
C SER K 55 11.40 42.98 -10.40
N ASP K 56 11.21 43.03 -9.08
CA ASP K 56 10.02 42.47 -8.44
C ASP K 56 9.16 43.49 -7.73
N GLY K 57 9.61 44.74 -7.61
CA GLY K 57 8.84 45.77 -6.93
C GLY K 57 9.09 47.12 -7.54
N ASP K 58 8.08 47.98 -7.45
CA ASP K 58 8.15 49.33 -8.01
C ASP K 58 8.96 50.28 -7.13
N ALA K 59 9.22 49.92 -5.88
CA ALA K 59 10.01 50.79 -5.00
C ALA K 59 11.38 51.04 -5.59
N ALA K 60 11.78 52.31 -5.61
CA ALA K 60 13.01 52.75 -6.28
C ALA K 60 13.96 53.36 -5.25
N ASP K 61 15.22 52.99 -5.33
CA ASP K 61 16.28 53.57 -4.52
C ASP K 61 17.11 54.50 -5.40
N TYR K 62 17.24 55.75 -4.97
CA TYR K 62 17.89 56.80 -5.73
C TYR K 62 19.32 57.01 -5.21
N ASN K 63 19.97 58.05 -5.71
CA ASN K 63 21.36 58.36 -5.42
C ASN K 63 21.48 59.77 -4.86
N PRO K 64 22.55 60.07 -4.10
CA PRO K 64 22.59 61.32 -3.35
C PRO K 64 22.58 62.58 -4.20
N SER K 65 22.96 62.50 -5.48
CA SER K 65 23.20 63.70 -6.27
C SER K 65 21.97 64.58 -6.39
N LEU K 66 20.92 64.09 -7.04
CA LEU K 66 19.70 64.87 -7.28
C LEU K 66 18.52 63.97 -6.94
N GLU K 67 18.08 64.04 -5.68
CA GLU K 67 16.98 63.22 -5.21
C GLU K 67 15.62 63.88 -5.39
N SER K 68 15.58 65.21 -5.51
CA SER K 68 14.32 65.92 -5.68
C SER K 68 13.83 65.91 -7.12
N ARG K 69 14.64 65.44 -8.07
CA ARG K 69 14.30 65.45 -9.49
C ARG K 69 14.12 64.05 -10.08
N VAL K 70 14.81 63.05 -9.52
CA VAL K 70 14.74 61.70 -10.06
C VAL K 70 13.33 61.12 -9.89
N ALA K 71 12.91 60.32 -10.85
CA ALA K 71 11.64 59.59 -10.75
C ALA K 71 11.77 58.30 -11.54
N ILE K 72 11.88 57.16 -10.84
CA ILE K 72 12.06 55.86 -11.46
C ILE K 72 10.80 55.05 -11.23
N SER K 73 10.29 54.44 -12.31
CA SER K 73 9.11 53.59 -12.25
C SER K 73 9.36 52.30 -13.01
N ARG K 74 8.62 51.26 -12.64
CA ARG K 74 8.77 49.92 -13.20
C ARG K 74 7.49 49.56 -13.96
N ASP K 75 7.64 49.21 -15.24
CA ASP K 75 6.53 48.83 -16.10
C ASP K 75 6.44 47.30 -16.06
N ARG K 76 5.47 46.80 -15.28
CA ARG K 76 5.33 45.36 -15.11
C ARG K 76 4.76 44.70 -16.36
N SER K 77 3.99 45.43 -17.16
CA SER K 77 3.33 44.84 -18.32
C SER K 77 4.33 44.29 -19.32
N ALA K 78 5.40 45.05 -19.60
CA ALA K 78 6.37 44.69 -20.63
C ALA K 78 7.77 44.49 -20.05
N ASN K 79 7.89 44.32 -18.74
CA ASN K 79 9.20 44.11 -18.10
C ASN K 79 10.15 45.26 -18.41
N ARG K 80 9.62 46.47 -18.40
CA ARG K 80 10.36 47.68 -18.76
C ARG K 80 10.52 48.54 -17.51
N PHE K 81 11.21 49.68 -17.66
CA PHE K 81 11.22 50.65 -16.58
C PHE K 81 11.68 52.00 -17.10
N SER K 82 11.09 53.05 -16.55
CA SER K 82 11.28 54.41 -17.00
C SER K 82 12.00 55.24 -15.95
N LEU K 83 12.85 56.14 -16.42
CA LEU K 83 13.59 57.09 -15.59
C LEU K 83 13.32 58.50 -16.10
N LYS K 84 12.85 59.37 -15.21
CA LYS K 84 12.44 60.71 -15.57
C LYS K 84 13.14 61.72 -14.68
N LEU K 85 13.38 62.90 -15.24
CA LEU K 85 14.18 63.93 -14.59
C LEU K 85 13.52 65.28 -14.84
N ILE K 86 13.22 66.01 -13.77
CA ILE K 86 12.59 67.31 -13.86
C ILE K 86 13.64 68.38 -13.57
N SER K 87 13.40 69.58 -14.09
CA SER K 87 14.32 70.70 -13.97
C SER K 87 15.63 70.39 -14.69
N VAL K 88 15.50 69.92 -15.93
CA VAL K 88 16.68 69.54 -16.71
C VAL K 88 17.56 70.77 -16.95
N THR K 89 18.85 70.52 -17.16
CA THR K 89 19.82 71.59 -17.34
C THR K 89 20.95 71.08 -18.21
N THR K 90 21.74 72.01 -18.75
CA THR K 90 22.87 71.66 -19.62
C THR K 90 23.92 70.81 -18.91
N THR K 91 23.90 70.76 -17.57
CA THR K 91 24.87 69.95 -16.83
C THR K 91 24.71 68.45 -17.06
N ASP K 92 23.60 68.02 -17.66
CA ASP K 92 23.35 66.60 -17.90
C ASP K 92 23.97 66.11 -19.20
N THR K 93 24.95 66.83 -19.74
CA THR K 93 25.66 66.41 -20.95
C THR K 93 26.36 65.07 -20.70
N ALA K 94 25.86 64.00 -21.33
CA ALA K 94 26.42 62.68 -21.10
C ALA K 94 25.83 61.67 -22.08
N VAL K 95 26.39 60.47 -22.04
CA VAL K 95 25.86 59.31 -22.76
C VAL K 95 25.37 58.31 -21.71
N TYR K 96 24.08 58.02 -21.74
CA TYR K 96 23.42 57.23 -20.71
C TYR K 96 23.36 55.76 -21.10
N TYR K 97 23.65 54.89 -20.13
CA TYR K 97 23.61 53.45 -20.26
C TYR K 97 22.68 52.86 -19.22
N CYS K 98 22.13 51.69 -19.56
CA CYS K 98 21.17 50.97 -18.73
C CYS K 98 21.66 49.55 -18.55
N SER K 99 22.05 49.21 -17.31
CA SER K 99 22.70 47.95 -17.01
C SER K 99 21.79 47.06 -16.17
N SER K 100 22.10 45.76 -16.17
CA SER K 100 21.39 44.80 -15.34
C SER K 100 22.38 43.77 -14.81
N THR K 101 21.96 43.07 -13.76
CA THR K 101 22.80 42.10 -13.08
C THR K 101 21.98 40.91 -12.61
N TYR K 102 22.54 39.72 -12.82
CA TYR K 102 22.09 38.48 -12.20
C TYR K 102 22.95 38.19 -10.98
N SER K 103 22.76 37.00 -10.41
CA SER K 103 23.61 36.48 -9.34
C SER K 103 23.87 35.00 -9.58
N TRP K 104 24.15 34.64 -10.83
CA TRP K 104 24.18 33.23 -11.23
C TRP K 104 25.36 32.49 -10.61
N ASN K 105 25.12 31.83 -9.48
CA ASN K 105 26.07 30.90 -8.87
C ASN K 105 27.45 31.52 -8.71
N ASN K 106 27.48 32.74 -8.16
CA ASN K 106 28.73 33.42 -7.83
C ASN K 106 29.57 33.67 -9.08
N VAL K 107 28.92 34.21 -10.12
CA VAL K 107 29.60 34.60 -11.35
C VAL K 107 29.33 36.09 -11.60
N TRP K 108 28.07 36.49 -11.49
CA TRP K 108 27.68 37.90 -11.54
C TRP K 108 28.04 38.52 -12.89
N PHE K 109 27.42 37.99 -13.95
CA PHE K 109 27.58 38.59 -15.26
C PHE K 109 27.00 40.00 -15.27
N ASP K 110 27.28 40.72 -16.35
CA ASP K 110 26.70 42.05 -16.54
C ASP K 110 26.60 42.34 -18.04
N GLN K 111 25.60 43.16 -18.39
CA GLN K 111 25.27 43.48 -19.78
C GLN K 111 25.07 44.99 -19.92
N TRP K 112 26.06 45.74 -19.41
CA TRP K 112 25.99 47.19 -19.23
C TRP K 112 25.17 47.93 -20.28
N GLY K 113 25.42 47.67 -21.56
CA GLY K 113 24.64 48.26 -22.64
C GLY K 113 25.48 48.81 -23.77
N GLN K 114 24.94 49.82 -24.47
CA GLN K 114 25.60 50.44 -25.61
C GLN K 114 25.72 51.96 -25.46
N GLY K 115 24.74 52.61 -24.86
CA GLY K 115 24.77 54.03 -24.61
C GLY K 115 23.86 54.80 -25.56
N VAL K 116 23.44 55.97 -25.11
CA VAL K 116 22.67 56.89 -25.95
C VAL K 116 22.96 58.31 -25.49
N LEU K 117 23.18 59.21 -26.46
CA LEU K 117 23.50 60.59 -26.16
C LEU K 117 22.26 61.30 -25.62
N VAL K 118 22.39 61.93 -24.44
CA VAL K 118 21.25 62.57 -23.78
C VAL K 118 21.59 64.01 -23.42
N THR K 119 22.44 64.65 -24.21
CA THR K 119 22.84 66.03 -23.93
C THR K 119 21.63 66.97 -23.85
N VAL K 120 21.87 68.13 -23.24
CA VAL K 120 20.83 69.12 -22.96
C VAL K 120 21.35 70.49 -23.36
N SER K 121 20.58 71.22 -24.15
CA SER K 121 20.91 72.58 -24.55
C SER K 121 19.71 73.20 -25.24
N SER K 122 19.56 74.52 -25.07
CA SER K 122 18.51 75.26 -25.75
C SER K 122 19.00 75.78 -27.10
N ASP L 1 31.97 58.94 3.42
CA ASP L 1 31.85 57.50 3.04
C ASP L 1 33.26 56.91 2.84
N ILE L 2 33.52 56.28 1.70
CA ILE L 2 34.81 55.64 1.43
C ILE L 2 35.38 56.23 0.15
N GLN L 3 36.67 56.56 0.19
CA GLN L 3 37.39 57.09 -0.95
C GLN L 3 38.57 56.18 -1.26
N LEU L 4 38.97 56.16 -2.53
CA LEU L 4 40.05 55.30 -3.00
C LEU L 4 41.06 56.14 -3.78
N THR L 5 42.24 55.55 -3.96
CA THR L 5 43.32 56.17 -4.72
C THR L 5 43.91 55.13 -5.65
N GLN L 6 44.04 55.47 -6.93
CA GLN L 6 44.57 54.57 -7.95
C GLN L 6 45.90 55.11 -8.45
N SER L 7 46.87 54.20 -8.61
CA SER L 7 48.17 54.52 -9.14
C SER L 7 48.58 53.46 -10.18
N PRO L 8 49.32 53.85 -11.23
CA PRO L 8 49.70 55.22 -11.64
C PRO L 8 48.47 55.95 -12.20
N SER L 9 48.17 57.14 -11.69
CA SER L 9 46.95 57.84 -12.09
C SER L 9 46.93 58.15 -13.58
N SER L 10 48.10 58.37 -14.17
CA SER L 10 48.19 58.64 -15.61
C SER L 10 49.55 58.12 -16.08
N LEU L 11 49.56 56.90 -16.62
CA LEU L 11 50.77 56.27 -17.14
C LEU L 11 50.55 55.94 -18.60
N SER L 12 51.48 56.37 -19.45
CA SER L 12 51.50 56.00 -20.87
C SER L 12 52.46 54.83 -21.01
N ALA L 13 52.01 53.66 -20.57
CA ALA L 13 52.85 52.47 -20.58
C ALA L 13 53.14 52.04 -22.01
N SER L 14 54.43 51.78 -22.30
CA SER L 14 54.81 51.30 -23.61
C SER L 14 54.29 49.87 -23.82
N VAL L 15 53.88 49.58 -25.05
CA VAL L 15 53.33 48.27 -25.34
C VAL L 15 54.39 47.18 -25.13
N GLY L 16 53.93 46.00 -24.75
CA GLY L 16 54.83 44.88 -24.53
C GLY L 16 55.64 44.97 -23.25
N ASP L 17 54.99 45.29 -22.13
CA ASP L 17 55.68 45.39 -20.85
C ASP L 17 54.75 44.92 -19.74
N ARG L 18 55.34 44.47 -18.64
CA ARG L 18 54.59 44.08 -17.46
C ARG L 18 54.13 45.34 -16.73
N VAL L 19 52.83 45.47 -16.48
CA VAL L 19 52.26 46.69 -15.93
C VAL L 19 51.44 46.38 -14.69
N THR L 20 51.59 47.21 -13.67
CA THR L 20 50.95 47.03 -12.38
C THR L 20 50.06 48.22 -12.07
N ILE L 21 48.86 47.95 -11.54
CA ILE L 21 47.90 48.97 -11.14
C ILE L 21 47.52 48.72 -9.69
N THR L 22 47.70 49.73 -8.85
CA THR L 22 47.45 49.63 -7.42
C THR L 22 46.25 50.50 -7.05
N CYS L 23 45.38 49.98 -6.20
CA CYS L 23 44.21 50.70 -5.71
C CYS L 23 44.14 50.56 -4.20
N ARG L 24 44.11 51.67 -3.49
CA ARG L 24 44.11 51.69 -2.03
C ARG L 24 42.87 52.41 -1.54
N ALA L 25 42.10 51.76 -0.66
CA ALA L 25 40.91 52.37 -0.10
C ALA L 25 41.29 53.32 1.03
N SER L 26 40.28 53.94 1.63
CA SER L 26 40.49 54.86 2.75
C SER L 26 40.43 54.13 4.08
N GLN L 27 39.31 53.47 4.36
CA GLN L 27 39.10 52.68 5.56
C GLN L 27 38.98 51.21 5.18
N ASP L 28 39.19 50.34 6.18
CA ASP L 28 39.17 48.91 5.92
C ASP L 28 37.79 48.49 5.43
N ILE L 29 37.77 47.73 4.33
CA ILE L 29 36.55 47.20 3.74
C ILE L 29 36.55 45.66 3.77
N ASN L 30 37.34 45.08 4.66
CA ASN L 30 37.53 43.62 4.72
C ASN L 30 38.06 43.19 3.35
N THR L 31 37.35 42.33 2.62
CA THR L 31 37.70 42.00 1.23
C THR L 31 36.40 42.08 0.42
N ASP L 32 36.07 43.30 -0.02
CA ASP L 32 34.84 43.56 -0.78
C ASP L 32 35.18 44.61 -1.84
N LEU L 33 35.53 44.15 -3.02
CA LEU L 33 35.91 45.05 -4.11
C LEU L 33 35.84 44.30 -5.42
N SER L 34 35.83 45.06 -6.51
CA SER L 34 35.82 44.48 -7.85
C SER L 34 36.54 45.45 -8.78
N TRP L 35 36.95 44.94 -9.94
CA TRP L 35 37.64 45.74 -10.94
C TRP L 35 36.90 45.64 -12.26
N TYR L 36 36.79 46.78 -12.94
CA TYR L 36 36.15 46.91 -14.24
C TYR L 36 37.12 47.54 -15.22
N TYR L 37 36.89 47.29 -16.51
CA TYR L 37 37.69 47.84 -17.59
C TYR L 37 36.77 48.38 -18.67
N GLN L 38 37.12 49.54 -19.23
CA GLN L 38 36.26 50.21 -20.19
C GLN L 38 37.09 51.03 -21.17
N LYS L 39 36.55 51.16 -22.38
CA LYS L 39 37.07 52.03 -23.43
C LYS L 39 35.89 52.65 -24.16
N SER L 40 36.12 53.84 -24.72
CA SER L 40 35.09 54.49 -25.54
C SER L 40 34.70 53.60 -26.71
N GLY L 41 33.54 53.89 -27.29
CA GLY L 41 32.97 53.08 -28.34
C GLY L 41 32.24 51.84 -27.85
N GLU L 42 32.17 51.64 -26.53
CA GLU L 42 31.46 50.49 -25.95
C GLU L 42 31.06 50.89 -24.53
N ALA L 43 30.57 49.91 -23.77
CA ALA L 43 30.14 50.10 -22.40
C ALA L 43 31.08 49.39 -21.44
N PRO L 44 31.08 49.76 -20.16
CA PRO L 44 31.99 49.11 -19.21
C PRO L 44 31.68 47.63 -19.05
N LYS L 45 32.71 46.88 -18.67
CA LYS L 45 32.58 45.46 -18.37
C LYS L 45 33.40 45.16 -17.13
N LEU L 46 33.25 43.93 -16.62
CA LEU L 46 33.95 43.52 -15.41
C LEU L 46 35.19 42.71 -15.75
N LEU L 47 36.32 43.08 -15.16
CA LEU L 47 37.57 42.35 -15.29
C LEU L 47 37.90 41.48 -14.09
N ILE L 48 37.50 41.85 -12.87
CA ILE L 48 37.79 41.06 -11.67
C ILE L 48 36.56 41.11 -10.77
N TYR L 49 36.07 39.94 -10.37
CA TYR L 49 34.98 39.82 -9.42
C TYR L 49 35.54 39.45 -8.04
N ARG L 50 35.11 40.19 -7.02
CA ARG L 50 35.50 40.00 -5.62
C ARG L 50 36.93 40.48 -5.34
N ALA L 51 37.66 40.96 -6.34
CA ALA L 51 39.04 41.46 -6.20
C ALA L 51 40.01 40.35 -5.84
N SER L 52 39.99 39.89 -4.59
CA SER L 52 40.82 38.75 -4.19
C SER L 52 40.59 37.55 -5.10
N ASN L 53 39.34 37.30 -5.47
CA ASN L 53 39.01 36.24 -6.40
C ASN L 53 39.14 36.75 -7.83
N LEU L 54 39.56 35.84 -8.72
CA LEU L 54 39.70 36.16 -10.13
C LEU L 54 38.36 35.98 -10.83
N GLN L 55 38.03 36.95 -11.69
CA GLN L 55 36.79 36.87 -12.45
C GLN L 55 36.76 35.61 -13.29
N GLY L 56 35.60 34.92 -13.28
CA GLY L 56 35.43 33.75 -14.11
C GLY L 56 35.52 34.10 -15.59
N GLY L 57 36.43 33.44 -16.29
CA GLY L 57 36.61 33.66 -17.72
C GLY L 57 37.53 34.79 -18.09
N ALA L 58 38.04 35.55 -17.13
CA ALA L 58 38.98 36.61 -17.45
C ALA L 58 40.30 36.01 -17.92
N PRO L 59 41.05 36.72 -18.77
CA PRO L 59 42.35 36.19 -19.20
C PRO L 59 43.29 35.99 -18.04
N SER L 60 44.10 34.92 -18.12
CA SER L 60 45.16 34.69 -17.15
C SER L 60 46.25 35.75 -17.22
N ARG L 61 46.29 36.53 -18.31
CA ARG L 61 47.25 37.62 -18.42
C ARG L 61 47.11 38.59 -17.25
N PHE L 62 45.89 38.81 -16.77
CA PHE L 62 45.63 39.65 -15.62
C PHE L 62 45.56 38.79 -14.37
N SER L 63 46.23 39.25 -13.30
CA SER L 63 46.13 38.63 -11.99
C SER L 63 45.97 39.72 -10.96
N GLY L 64 45.41 39.38 -9.81
CA GLY L 64 45.13 40.35 -8.78
C GLY L 64 45.33 39.78 -7.39
N THR L 65 45.74 40.65 -6.48
CA THR L 65 45.91 40.30 -5.07
C THR L 65 45.58 41.53 -4.24
N GLY L 66 45.42 41.32 -2.94
CA GLY L 66 45.27 42.43 -2.02
C GLY L 66 44.37 42.08 -0.85
N SER L 67 44.09 43.10 -0.06
CA SER L 67 43.25 43.00 1.13
C SER L 67 43.08 44.38 1.73
N GLY L 68 42.06 44.52 2.57
CA GLY L 68 41.84 45.75 3.32
C GLY L 68 41.70 46.97 2.45
N THR L 69 42.70 47.84 2.50
CA THR L 69 42.74 49.09 1.74
C THR L 69 43.97 49.12 0.82
N GLU L 70 44.35 47.97 0.28
CA GLU L 70 45.51 47.89 -0.58
C GLU L 70 45.35 46.68 -1.50
N PHE L 71 45.26 46.93 -2.80
CA PHE L 71 45.13 45.87 -3.79
C PHE L 71 45.99 46.21 -4.99
N THR L 72 46.44 45.17 -5.68
CA THR L 72 47.37 45.33 -6.79
C THR L 72 47.05 44.31 -7.87
N LEU L 73 46.97 44.77 -9.10
CA LEU L 73 46.74 43.93 -10.27
C LEU L 73 47.98 43.97 -11.16
N THR L 74 48.45 42.78 -11.53
CA THR L 74 49.63 42.61 -12.37
C THR L 74 49.20 42.09 -13.74
N ILE L 75 49.77 42.67 -14.79
CA ILE L 75 49.53 42.23 -16.17
C ILE L 75 50.88 41.83 -16.72
N SER L 76 50.97 40.58 -17.18
CA SER L 76 52.25 40.02 -17.61
C SER L 76 52.75 40.70 -18.89
N SER L 77 51.86 41.36 -19.62
CA SER L 77 52.24 42.04 -20.85
C SER L 77 51.11 42.94 -21.29
N LEU L 78 51.47 44.10 -21.84
CA LEU L 78 50.51 45.13 -22.22
C LEU L 78 50.11 44.92 -23.69
N GLN L 79 48.91 44.41 -23.90
CA GLN L 79 48.43 44.17 -25.25
C GLN L 79 47.88 45.45 -25.87
N PRO L 80 47.76 45.50 -27.20
CA PRO L 80 47.18 46.70 -27.83
C PRO L 80 45.76 46.99 -27.36
N GLU L 81 44.97 45.94 -27.07
CA GLU L 81 43.60 46.13 -26.62
C GLU L 81 43.50 46.48 -25.15
N ASP L 82 44.58 46.35 -24.39
CA ASP L 82 44.59 46.64 -22.97
C ASP L 82 44.83 48.11 -22.65
N PHE L 83 45.01 48.96 -23.66
CA PHE L 83 45.19 50.40 -23.45
C PHE L 83 43.83 51.03 -23.16
N ILE L 84 43.34 50.80 -21.95
CA ILE L 84 41.97 51.11 -21.54
C ILE L 84 41.98 51.59 -20.11
N THR L 85 40.81 52.05 -19.64
CA THR L 85 40.67 52.62 -18.31
C THR L 85 40.11 51.57 -17.35
N TYR L 86 40.78 51.43 -16.20
CA TYR L 86 40.41 50.45 -15.19
C TYR L 86 39.89 51.18 -13.95
N TYR L 87 38.90 50.56 -13.30
CA TYR L 87 38.21 51.15 -12.16
C TYR L 87 38.06 50.12 -11.06
N CYS L 88 38.43 50.49 -9.84
CA CYS L 88 38.21 49.67 -8.65
C CYS L 88 36.98 50.19 -7.91
N GLN L 89 36.02 49.29 -7.67
CA GLN L 89 34.73 49.63 -7.12
C GLN L 89 34.51 48.83 -5.84
N GLN L 90 34.13 49.52 -4.77
CA GLN L 90 33.89 48.90 -3.48
C GLN L 90 32.47 48.37 -3.39
N ARG L 91 32.33 47.08 -3.04
CA ARG L 91 31.03 46.44 -2.85
C ARG L 91 30.74 46.34 -1.35
N TYR L 92 30.35 47.48 -0.78
CA TYR L 92 30.11 47.56 0.66
C TYR L 92 28.91 48.48 0.88
N SER L 93 28.75 48.94 2.12
CA SER L 93 27.60 49.76 2.51
C SER L 93 27.47 50.98 1.60
N PHE L 94 26.27 51.54 1.58
CA PHE L 94 25.98 52.65 0.70
C PHE L 94 26.74 53.90 1.16
N PRO L 95 27.04 54.83 0.23
CA PRO L 95 26.76 54.83 -1.21
C PRO L 95 27.74 53.92 -1.96
N ILE L 96 27.64 53.84 -3.28
CA ILE L 96 28.50 53.00 -4.10
C ILE L 96 29.51 53.90 -4.79
N THR L 97 30.79 53.64 -4.55
CA THR L 97 31.88 54.41 -5.13
C THR L 97 32.62 53.55 -6.15
N PHE L 98 33.03 54.19 -7.25
CA PHE L 98 33.69 53.53 -8.36
C PHE L 98 35.13 54.01 -8.48
N GLY L 99 35.89 53.33 -9.33
CA GLY L 99 37.28 53.67 -9.49
C GLY L 99 37.46 55.04 -10.11
N ALA L 100 38.59 55.67 -9.78
CA ALA L 100 38.92 56.97 -10.35
C ALA L 100 39.11 56.87 -11.86
N GLY L 101 39.72 55.79 -12.33
CA GLY L 101 39.95 55.57 -13.74
C GLY L 101 41.40 55.78 -14.14
N THR L 102 42.15 54.69 -14.28
CA THR L 102 43.55 54.73 -14.66
C THR L 102 43.64 54.34 -16.13
N LYS L 103 43.61 55.35 -17.01
CA LYS L 103 43.73 55.09 -18.43
C LYS L 103 45.15 54.70 -18.78
N VAL L 104 45.30 53.66 -19.59
CA VAL L 104 46.59 53.15 -20.03
C VAL L 104 46.81 53.67 -21.44
N ASP L 105 47.75 54.59 -21.60
CA ASP L 105 48.04 55.23 -22.88
C ASP L 105 49.26 54.56 -23.52
N ILE L 106 49.59 55.02 -24.72
CA ILE L 106 50.62 54.41 -25.56
C ILE L 106 51.82 55.34 -25.61
N LYS L 107 53.01 54.78 -25.45
CA LYS L 107 54.25 55.54 -25.57
C LYS L 107 55.35 54.66 -26.14
C1 NAG M . 3.53 -30.21 -28.73
C2 NAG M . 4.70 -29.36 -29.24
C3 NAG M . 4.73 -29.41 -30.77
C4 NAG M . 4.89 -30.87 -31.18
C5 NAG M . 3.70 -31.64 -30.60
C6 NAG M . 3.72 -33.11 -30.96
C7 NAG M . 3.84 -26.99 -28.93
C8 NAG M . 2.60 -27.21 -29.77
N2 NAG M . 4.71 -28.01 -28.75
O3 NAG M . 5.79 -28.60 -31.19
O4 NAG M . 4.91 -30.91 -32.59
O5 NAG M . 3.69 -31.53 -29.19
O6 NAG M . 4.95 -33.67 -30.58
O7 NAG M . 4.04 -25.89 -28.43
C1 NAG M . 6.29 -30.84 -33.01
C2 NAG M . 6.58 -32.01 -33.97
C3 NAG M . 8.03 -31.93 -34.42
C4 NAG M . 8.33 -30.56 -35.00
C5 NAG M . 7.93 -29.49 -34.00
C6 NAG M . 8.17 -28.08 -34.50
C7 NAG M . 5.77 -34.40 -33.84
C8 NAG M . 5.44 -34.40 -35.32
N2 NAG M . 6.29 -33.26 -33.31
O3 NAG M . 8.27 -32.96 -35.33
O4 NAG M . 9.70 -30.51 -35.30
O5 NAG M . 6.56 -29.63 -33.69
O6 NAG M . 7.63 -27.93 -35.78
O7 NAG M . 5.58 -35.39 -33.17
C1 BMA M . 9.87 -30.72 -36.72
C2 BMA M . 10.82 -29.65 -37.23
C3 BMA M . 11.04 -29.82 -38.75
C4 BMA M . 10.71 -31.24 -39.28
C5 BMA M . 10.87 -32.35 -38.25
C6 BMA M . 12.31 -32.86 -38.14
O2 BMA M . 12.02 -29.75 -36.50
O3 BMA M . 12.34 -29.42 -39.02
O4 BMA M . 9.38 -31.19 -39.76
O5 BMA M . 10.39 -32.01 -36.96
O6 BMA M . 12.61 -33.53 -39.34
C1 NAG N . -61.26 -8.53 11.96
C2 NAG N . -62.65 -8.45 11.34
C3 NAG N . -63.01 -7.00 11.04
C4 NAG N . -62.80 -6.13 12.26
C5 NAG N . -61.41 -6.39 12.86
C6 NAG N . -61.11 -5.60 14.11
C7 NAG N . -62.08 -9.40 9.05
C8 NAG N . -60.82 -8.58 8.88
N2 NAG N . -62.83 -9.28 10.17
O3 NAG N . -64.33 -6.99 10.58
O4 NAG N . -62.87 -4.79 11.84
O5 NAG N . -61.27 -7.77 13.14
O6 NAG N . -61.08 -4.22 13.80
O7 NAG N . -62.40 -10.17 8.15
C1 NAG N . -64.09 -4.19 12.30
C2 NAG N . -64.06 -2.74 11.84
C3 NAG N . -65.41 -2.08 12.04
C4 NAG N . -66.43 -2.92 11.31
C5 NAG N . -66.46 -4.29 11.97
C6 NAG N . -67.52 -5.21 11.41
C7 NAG N . -61.90 -1.53 11.95
C8 NAG N . -60.98 -0.77 12.87
N2 NAG N . -63.04 -1.99 12.53
O3 NAG N . -65.35 -0.76 11.55
O4 NAG N . -67.66 -2.26 11.37
O5 NAG N . -65.19 -4.89 11.77
O6 NAG N . -67.37 -5.30 10.02
O7 NAG N . -61.62 -1.70 10.77
C1 BMA N . -67.93 -1.76 10.04
C2 BMA N . -69.42 -1.97 9.78
C3 BMA N . -69.82 -1.34 8.44
C4 BMA N . -68.75 -0.43 7.80
C5 BMA N . -67.95 0.37 8.83
C6 BMA N . -68.65 1.65 9.28
O2 BMA N . -70.10 -1.43 10.87
O3 BMA N . -71.01 -0.63 8.69
O4 BMA N . -67.91 -1.27 7.04
O5 BMA N . -67.58 -0.39 9.97
O6 BMA N . -69.56 1.34 10.30
C1 MAN N . -72.14 -1.43 8.32
C2 MAN N . -73.15 -0.52 7.63
C3 MAN N . -73.60 0.56 8.61
C4 MAN N . -74.16 -0.07 9.88
C5 MAN N . -73.16 -1.07 10.45
C6 MAN N . -73.75 -1.88 11.59
O2 MAN N . -74.23 -1.33 7.21
O3 MAN N . -74.54 1.36 7.95
O4 MAN N . -74.42 0.98 10.77
O5 MAN N . -72.73 -1.99 9.46
O6 MAN N . -72.76 -2.75 12.09
C1 MAN N . -69.38 2.31 11.35
C2 MAN N . -69.25 1.56 12.68
C3 MAN N . -70.58 0.95 13.12
C4 MAN N . -71.69 1.99 13.10
C5 MAN N . -71.74 2.62 11.70
C6 MAN N . -72.77 3.72 11.63
O2 MAN N . -68.79 2.50 13.62
O3 MAN N . -70.39 0.42 14.41
O4 MAN N . -72.89 1.32 13.42
O5 MAN N . -70.48 3.19 11.39
O6 MAN N . -72.78 4.25 10.32
C1 NAG O . -14.39 -39.89 -11.30
C2 NAG O . -14.91 -41.22 -10.75
C3 NAG O . -13.86 -41.78 -9.81
C4 NAG O . -12.52 -41.90 -10.52
C5 NAG O . -12.15 -40.57 -11.22
C6 NAG O . -10.92 -40.65 -12.09
C7 NAG O . -17.33 -41.59 -10.48
C8 NAG O . -18.52 -41.28 -9.62
N2 NAG O . -16.17 -41.05 -10.08
O3 NAG O . -14.31 -43.03 -9.35
O4 NAG O . -11.60 -42.21 -9.50
O5 NAG O . -13.23 -40.16 -12.03
O6 NAG O . -11.01 -41.75 -12.95
O7 NAG O . -17.45 -42.29 -11.48
C1 NAG O . -10.58 -43.09 -10.00
C2 NAG O . -9.33 -42.84 -9.16
C3 NAG O . -8.22 -43.81 -9.53
C4 NAG O . -8.74 -45.23 -9.45
C5 NAG O . -9.99 -45.36 -10.34
C6 NAG O . -10.60 -46.74 -10.36
C7 NAG O . -9.39 -40.44 -8.60
C8 NAG O . -8.83 -39.08 -8.94
N2 NAG O . -8.91 -41.47 -9.32
O3 NAG O . -7.15 -43.59 -8.65
O4 NAG O . -7.71 -46.08 -9.88
O5 NAG O . -10.97 -44.44 -9.88
O6 NAG O . -10.96 -47.12 -9.05
O7 NAG O . -10.23 -40.58 -7.72
C1 NAG P . -34.95 -18.06 -12.97
C2 NAG P . -35.60 -17.41 -11.74
C3 NAG P . -37.01 -16.97 -12.12
C4 NAG P . -36.96 -16.10 -13.35
C5 NAG P . -36.25 -16.83 -14.48
C6 NAG P . -36.13 -16.00 -15.74
C7 NAG P . -35.78 -17.88 -9.35
C8 NAG P . -35.84 -18.98 -8.32
N2 NAG P . -35.67 -18.29 -10.62
O3 NAG P . -37.56 -16.28 -11.03
O4 NAG P . -38.29 -15.79 -13.69
O5 NAG P . -34.95 -17.16 -14.04
O6 NAG P . -35.59 -14.75 -15.41
O7 NAG P . -35.82 -16.70 -9.03
C1 NAG P . -38.36 -14.42 -14.10
C2 NAG P . -39.80 -14.09 -14.55
C3 NAG P . -39.86 -12.63 -14.94
C4 NAG P . -39.39 -11.81 -13.77
C5 NAG P . -37.97 -12.22 -13.42
C6 NAG P . -37.35 -11.39 -12.32
C7 NAG P . -41.22 -15.82 -15.57
C8 NAG P . -41.50 -16.54 -16.87
N2 NAG P . -40.23 -14.91 -15.65
O3 NAG P . -41.19 -12.33 -15.31
O4 NAG P . -39.46 -10.45 -14.11
O5 NAG P . -38.03 -13.57 -13.03
O6 NAG P . -38.22 -11.38 -11.21
O7 NAG P . -41.85 -16.07 -14.55
C1 BMA P . -40.41 -9.90 -13.18
C2 BMA P . -39.94 -8.52 -12.79
C3 BMA P . -41.00 -7.88 -11.87
C4 BMA P . -42.28 -8.70 -11.74
C5 BMA P . -42.75 -9.27 -13.08
C6 BMA P . -43.48 -8.25 -13.95
O2 BMA P . -39.69 -7.77 -13.94
O3 BMA P . -41.26 -6.64 -12.45
O4 BMA P . -42.03 -9.72 -10.79
O5 BMA P . -41.68 -9.85 -13.80
O6 BMA P . -42.50 -7.48 -14.61
C1 MAN P . -41.09 -5.51 -11.57
C2 MAN P . -42.22 -5.50 -10.53
C3 MAN P . -43.55 -5.23 -11.21
C4 MAN P . -43.47 -4.02 -12.14
C5 MAN P . -42.30 -4.20 -13.12
C6 MAN P . -42.11 -2.97 -14.00
O2 MAN P . -41.97 -4.58 -9.47
O3 MAN P . -44.51 -5.02 -10.20
O4 MAN P . -44.71 -3.96 -12.81
O5 MAN P . -41.10 -4.39 -12.41
O6 MAN P . -43.28 -2.74 -14.74
C1 MAN P . -40.94 -3.61 -9.74
C2 MAN P . -40.13 -3.43 -8.46
C3 MAN P . -41.04 -2.90 -7.36
C4 MAN P . -41.78 -1.64 -7.82
C5 MAN P . -42.46 -1.88 -9.18
C6 MAN P . -43.01 -0.60 -9.76
O2 MAN P . -39.08 -2.54 -8.76
O3 MAN P . -40.23 -2.63 -6.25
O4 MAN P . -42.73 -1.34 -6.83
O5 MAN P . -41.52 -2.39 -10.11
O6 MAN P . -43.84 -0.91 -10.86
C1 MAN P . -42.53 -7.85 -16.02
C2 MAN P . -41.26 -7.34 -16.68
C3 MAN P . -41.21 -5.81 -16.57
C4 MAN P . -42.45 -5.22 -17.22
C5 MAN P . -43.71 -5.84 -16.59
C6 MAN P . -44.96 -5.44 -17.34
O2 MAN P . -41.30 -7.76 -18.02
O3 MAN P . -40.02 -5.37 -17.19
O4 MAN P . -42.39 -3.83 -17.03
O5 MAN P . -43.64 -7.26 -16.64
O6 MAN P . -44.86 -5.89 -18.66
C1 NAG Q . -15.46 -45.21 0.68
C2 NAG Q . -14.28 -45.18 1.66
C3 NAG Q . -13.75 -46.60 1.79
C4 NAG Q . -14.85 -47.46 2.38
C5 NAG Q . -16.10 -47.36 1.48
C6 NAG Q . -17.27 -48.10 2.06
C7 NAG Q . -12.19 -44.39 0.52
C8 NAG Q . -11.36 -43.15 0.32
N2 NAG Q . -13.29 -44.21 1.28
O3 NAG Q . -12.59 -46.55 2.57
O4 NAG Q . -14.40 -48.79 2.44
O5 NAG Q . -16.46 -46.00 1.27
O6 NAG Q . -18.36 -48.06 1.17
O7 NAG Q . -11.85 -45.45 0.01
C1 NAG Q . -14.05 -49.18 3.78
C2 NAG Q . -13.30 -50.51 3.67
C3 NAG Q . -12.60 -50.91 4.98
C4 NAG Q . -11.87 -49.73 5.63
C5 NAG Q . -12.83 -48.53 5.70
C6 NAG Q . -12.22 -47.29 6.31
C7 NAG Q . -15.34 -51.88 3.90
C8 NAG Q . -16.12 -53.03 3.29
N2 NAG Q . -14.19 -51.56 3.27
O3 NAG Q . -11.70 -51.94 4.64
O4 NAG Q . -11.28 -49.95 6.92
O5 NAG Q . -13.25 -48.21 4.40
O6 NAG Q . -11.06 -46.95 5.58
O7 NAG Q . -15.76 -51.29 4.88
C1 BMA Q . -11.59 -51.06 7.84
C2 BMA Q . -12.90 -50.75 8.60
C3 BMA Q . -13.13 -51.86 9.66
C4 BMA Q . -12.32 -53.15 9.44
C5 BMA Q . -11.96 -53.47 7.99
C6 BMA Q . -12.96 -54.37 7.28
O2 BMA Q . -13.99 -50.61 7.74
O3 BMA Q . -14.52 -52.09 9.68
O4 BMA Q . -11.15 -52.99 10.22
O5 BMA Q . -11.70 -52.32 7.20
O6 BMA Q . -14.17 -53.65 7.13
C1 NAG R . -46.22 -22.76 -17.66
C2 NAG R . -47.20 -23.68 -18.39
C3 NAG R . -46.99 -23.61 -19.89
C4 NAG R . -46.95 -22.16 -20.37
C5 NAG R . -45.96 -21.36 -19.53
C6 NAG R . -45.89 -19.91 -19.90
C7 NAG R . -47.97 -25.70 -17.24
C8 NAG R . -47.57 -27.12 -16.87
N2 NAG R . -47.04 -25.03 -17.93
O3 NAG R . -48.04 -24.33 -20.49
O4 NAG R . -46.56 -22.18 -21.73
O5 NAG R . -46.33 -21.46 -18.16
O6 NAG R . -47.19 -19.36 -19.85
O7 NAG R . -49.05 -25.25 -16.92
C1 NAG R . -47.70 -22.04 -22.58
C2 NAG R . -47.27 -21.23 -23.80
C3 NAG R . -48.42 -21.12 -24.80
C4 NAG R . -48.98 -22.50 -25.12
C5 NAG R . -49.34 -23.21 -23.82
C6 NAG R . -49.88 -24.61 -24.01
C7 NAG R . -45.60 -19.42 -23.63
C8 NAG R . -45.38 -18.01 -23.11
N2 NAG R . -46.83 -19.92 -23.41
O3 NAG R . -47.92 -20.48 -25.95
O4 NAG R . -50.13 -22.28 -25.92
O5 NAG R . -48.19 -23.30 -23.01
O6 NAG R . -48.94 -25.40 -24.69
O7 NAG R . -44.72 -20.03 -24.20
C1 BMA R . -49.98 -22.96 -27.20
C2 BMA R . -51.32 -22.87 -27.92
C3 BMA R . -51.25 -23.65 -29.24
C4 BMA R . -49.81 -23.79 -29.79
C5 BMA R . -48.88 -22.66 -29.36
C6 BMA R . -49.05 -21.39 -30.18
O2 BMA R . -51.61 -21.51 -28.11
O3 BMA R . -52.13 -23.03 -30.13
O4 BMA R . -49.35 -25.04 -29.33
O5 BMA R . -48.97 -22.35 -27.97
O6 BMA R . -48.09 -20.46 -29.73
C1 NAG S . -57.05 -7.28 -6.48
C2 NAG S . -57.82 -7.27 -7.81
C3 NAG S . -57.57 -5.94 -8.52
C4 NAG S . -57.91 -4.79 -7.58
C5 NAG S . -57.15 -4.96 -6.27
C6 NAG S . -57.44 -3.87 -5.25
C7 NAG S . -56.34 -8.91 -9.08
C8 NAG S . -55.03 -8.29 -8.63
N2 NAG S . -57.52 -8.39 -8.67
O3 NAG S . -58.35 -5.93 -9.68
O4 NAG S . -57.54 -3.61 -8.25
O5 NAG S . -57.49 -6.20 -5.69
O6 NAG S . -56.97 -2.64 -5.73
O7 NAG S . -56.30 -9.88 -9.83
C1 NAG S . -58.72 -2.85 -8.54
C2 NAG S . -58.31 -1.50 -9.13
C3 NAG S . -59.54 -0.70 -9.52
C4 NAG S . -60.45 -1.54 -10.42
C5 NAG S . -60.75 -2.88 -9.74
C6 NAG S . -61.62 -3.80 -10.55
C7 NAG S . -56.18 -0.70 -8.04
C8 NAG S . -55.31 -1.52 -8.98
N2 NAG S . -57.52 -0.75 -8.19
O3 NAG S . -59.11 0.47 -10.15
O4 NAG S . -61.61 -0.78 -10.65
O5 NAG S . -59.53 -3.54 -9.48
O6 NAG S . -62.90 -3.23 -10.71
O7 NAG S . -55.65 -0.01 -7.18
C1 NAG T . -52.06 -25.85 -12.33
C2 NAG T . -52.76 -24.99 -13.38
C3 NAG T . -54.14 -24.62 -12.88
C4 NAG T . -54.91 -25.89 -12.53
C5 NAG T . -54.08 -26.77 -11.58
C6 NAG T . -54.71 -28.09 -11.25
C7 NAG T . -51.58 -22.91 -12.78
C8 NAG T . -50.79 -21.75 -13.34
N2 NAG T . -51.99 -23.81 -13.68
O3 NAG T . -54.79 -23.88 -13.87
O4 NAG T . -56.09 -25.48 -11.89
O5 NAG T . -52.82 -27.02 -12.16
O6 NAG T . -54.85 -28.86 -12.42
O7 NAG T . -51.82 -23.00 -11.59
C1 NAG T . -57.17 -25.52 -12.83
C2 NAG T . -58.42 -26.05 -12.11
C3 NAG T . -59.59 -26.06 -13.07
C4 NAG T . -59.80 -24.65 -13.61
C5 NAG T . -58.49 -24.19 -14.27
C6 NAG T . -58.58 -22.81 -14.87
C7 NAG T . -57.83 -28.43 -12.28
C8 NAG T . -57.69 -29.72 -11.50
N2 NAG T . -58.21 -27.36 -11.57
O3 NAG T . -60.70 -26.56 -12.38
O4 NAG T . -60.85 -24.71 -14.54
O5 NAG T . -57.45 -24.23 -13.32
O6 NAG T . -59.07 -21.91 -13.89
O7 NAG T . -57.61 -28.40 -13.49
C1 BMA T . -62.05 -24.13 -13.96
C2 BMA T . -62.93 -23.73 -15.14
C3 BMA T . -64.30 -23.21 -14.65
C4 BMA T . -64.63 -23.53 -13.19
C5 BMA T . -64.02 -24.85 -12.69
C6 BMA T . -64.87 -26.06 -13.03
O2 BMA T . -63.04 -24.84 -15.98
O3 BMA T . -65.24 -23.78 -15.54
O4 BMA T . -64.15 -22.43 -12.42
O5 BMA T . -62.69 -25.06 -13.12
O6 BMA T . -64.95 -26.16 -14.44
C1 MAN T . -66.27 -22.84 -15.97
C2 MAN T . -65.65 -22.08 -17.17
C3 MAN T . -65.29 -20.64 -16.87
C4 MAN T . -66.48 -19.98 -16.19
C5 MAN T . -66.63 -20.62 -14.82
C6 MAN T . -67.93 -20.20 -14.16
O2 MAN T . -66.62 -22.16 -18.20
O3 MAN T . -64.97 -20.02 -18.10
O4 MAN T . -66.19 -18.60 -16.10
O5 MAN T . -66.65 -22.05 -14.85
O6 MAN T . -67.76 -18.94 -13.58
C1 NAG U . -43.13 -39.39 3.91
C2 NAG U . -43.97 -38.43 4.74
C3 NAG U . -44.48 -39.15 5.97
C4 NAG U . -45.23 -40.39 5.52
C5 NAG U . -44.32 -41.26 4.66
C6 NAG U . -44.97 -42.53 4.17
C7 NAG U . -43.48 -36.02 4.71
C8 NAG U . -42.54 -34.95 5.21
N2 NAG U . -43.20 -37.27 5.10
O3 NAG U . -45.29 -38.27 6.68
O4 NAG U . -45.67 -41.06 6.68
O5 NAG U . -43.90 -40.50 3.55
O6 NAG U . -46.17 -42.21 3.52
O7 NAG U . -44.42 -35.73 3.99
C1 NAG U . -47.10 -40.95 6.70
C2 NAG U . -47.67 -42.10 7.54
C3 NAG U . -49.19 -42.00 7.53
C4 NAG U . -49.60 -40.63 8.03
C5 NAG U . -48.89 -39.55 7.21
C6 NAG U . -49.22 -38.14 7.65
C7 NAG U . -46.41 -44.21 7.67
C8 NAG U . -46.09 -45.50 6.95
N2 NAG U . -47.24 -43.38 7.02
O3 NAG U . -49.70 -43.03 8.33
O4 NAG U . -51.00 -40.53 7.92
O5 NAG U . -47.50 -39.74 7.29
O6 NAG U . -48.98 -38.01 9.02
O7 NAG U . -45.92 -43.97 8.77
C1 BMA U . -51.58 -40.78 9.22
C2 BMA U . -52.14 -39.46 9.72
C3 BMA U . -52.86 -39.66 11.07
C4 BMA U . -53.23 -41.12 11.41
C5 BMA U . -53.47 -42.02 10.19
C6 BMA U . -54.91 -41.99 9.70
O2 BMA U . -52.97 -38.93 8.73
O3 BMA U . -53.98 -38.81 11.06
O4 BMA U . -52.15 -41.62 12.19
O5 BMA U . -52.59 -41.76 9.11
O6 BMA U . -55.72 -42.56 10.70
C1 NAG V . -47.07 -34.05 1.68
C2 NAG V . -47.65 -34.31 3.08
C3 NAG V . -48.00 -35.77 3.23
C4 NAG V . -48.95 -36.18 2.12
C5 NAG V . -48.34 -35.82 0.77
C6 NAG V . -49.24 -36.13 -0.40
C7 NAG V . -47.10 -33.44 5.29
C8 NAG V . -45.96 -33.07 6.22
N2 NAG V . -46.72 -33.90 4.10
O3 NAG V . -48.56 -35.95 4.50
O4 NAG V . -49.13 -37.58 2.23
O5 NAG V . -48.03 -34.44 0.73
O6 NAG V . -48.61 -35.72 -1.59
O7 NAG V . -48.28 -33.31 5.63
C1 NAG V . -50.45 -37.90 2.64
C2 NAG V . -50.47 -39.41 2.92
C3 NAG V . -51.80 -39.84 3.52
C4 NAG V . -51.99 -39.01 4.79
C5 NAG V . -52.07 -37.55 4.35
C6 NAG V . -52.40 -36.59 5.47
C7 NAG V . -49.32 -41.13 1.56
C8 NAG V . -49.26 -41.77 0.21
N2 NAG V . -50.24 -40.16 1.70
O3 NAG V . -51.75 -41.22 3.77
O4 NAG V . -53.09 -39.42 5.56
O5 NAG V . -50.81 -37.20 3.82
O6 NAG V . -52.38 -35.27 4.97
O7 NAG V . -48.57 -41.47 2.47
C1 BMA V . -54.21 -39.96 4.83
C2 BMA V . -54.61 -41.23 5.57
C3 BMA V . -56.03 -41.72 5.22
C4 BMA V . -56.74 -40.83 4.17
C5 BMA V . -56.56 -39.34 4.44
C6 BMA V . -57.51 -38.78 5.50
O2 BMA V . -54.47 -40.96 6.94
O3 BMA V . -56.70 -41.76 6.47
O4 BMA V . -56.19 -41.20 2.92
O5 BMA V . -55.23 -39.00 4.78
O6 BMA V . -56.80 -38.72 6.72
C1 MAN V . -57.70 -42.81 6.61
C2 MAN V . -56.94 -44.00 7.25
C3 MAN V . -56.45 -45.02 6.24
C4 MAN V . -57.65 -45.46 5.42
C5 MAN V . -58.06 -44.26 4.57
C6 MAN V . -59.34 -44.55 3.80
O2 MAN V . -57.82 -44.57 8.18
O3 MAN V . -55.89 -46.09 6.96
O4 MAN V . -57.24 -46.55 4.64
O5 MAN V . -58.30 -43.09 5.35
O6 MAN V . -59.96 -43.33 3.49
C1 NAG W . -35.09 -22.21 -18.94
C2 NAG W . -34.23 -20.97 -19.20
C3 NAG W . -34.60 -20.36 -20.54
C4 NAG W . -34.37 -21.44 -21.59
C5 NAG W . -35.19 -22.68 -21.25
C6 NAG W . -34.97 -23.81 -22.23
C7 NAG W . -33.33 -19.41 -17.54
C8 NAG W . -33.68 -18.45 -16.45
N2 NAG W . -34.36 -20.01 -18.14
O3 NAG W . -33.81 -19.23 -20.74
O4 NAG W . -34.75 -20.89 -22.83
O5 NAG W . -34.86 -23.14 -19.96
O6 NAG W . -33.58 -24.01 -22.40
O7 NAG W . -32.16 -19.61 -17.85
C1 NAG W . -33.58 -20.83 -23.66
C2 NAG W . -34.08 -20.72 -25.11
C3 NAG W . -32.93 -20.42 -26.06
C4 NAG W . -32.21 -19.19 -25.56
C5 NAG W . -31.68 -19.49 -24.16
C6 NAG W . -30.84 -18.38 -23.58
C7 NAG W . -36.08 -22.02 -25.76
C8 NAG W . -36.57 -23.39 -26.14
N2 NAG W . -34.76 -21.94 -25.49
O3 NAG W . -33.45 -20.26 -27.35
O4 NAG W . -31.18 -18.87 -26.47
O5 NAG W . -32.80 -19.71 -23.32
O6 NAG W . -31.49 -17.15 -23.77
O7 NAG W . -36.84 -21.07 -25.70
C1 BMA W . -31.67 -17.79 -27.29
C2 BMA W . -30.70 -16.62 -27.13
C3 BMA W . -30.86 -15.64 -28.35
C4 BMA W . -32.15 -15.90 -29.16
C5 BMA W . -32.38 -17.36 -29.56
C6 BMA W . -32.00 -17.79 -30.98
O2 BMA W . -29.43 -17.14 -26.82
O3 BMA W . -29.72 -15.51 -29.19
O4 BMA W . -33.20 -15.47 -28.31
O5 BMA W . -31.76 -18.23 -28.62
O6 BMA W . -31.59 -16.69 -31.76
C1 MAN W . -28.96 -16.71 -29.48
C2 MAN W . -27.49 -16.32 -29.26
C3 MAN W . -27.09 -15.31 -30.33
C4 MAN W . -27.19 -15.97 -31.69
C5 MAN W . -28.62 -16.49 -31.91
C6 MAN W . -28.66 -17.47 -33.07
O2 MAN W . -26.71 -17.48 -29.32
O3 MAN W . -25.77 -14.88 -30.05
O4 MAN W . -26.85 -14.99 -32.65
O5 MAN W . -29.13 -17.20 -30.79
O6 MAN W . -29.83 -18.26 -32.99
C1 NAG X . -55.80 -1.65 25.58
C2 NAG X . -55.95 -2.98 26.32
C3 NAG X . -57.36 -3.12 26.89
C4 NAG X . -57.69 -1.89 27.74
C5 NAG X . -57.44 -0.63 26.92
C6 NAG X . -57.72 0.64 27.70
C7 NAG X . -56.09 -4.62 24.38
C8 NAG X . -57.33 -3.99 23.76
N2 NAG X . -55.54 -4.10 25.51
O3 NAG X . -57.42 -4.30 27.63
O4 NAG X . -59.04 -2.01 28.10
O5 NAG X . -56.10 -0.60 26.47
O6 NAG X . -57.10 0.56 28.96
O7 NAG X . -55.59 -5.59 23.83
C1 NAG X . -59.15 -2.16 29.53
C2 NAG X . -60.43 -1.46 29.99
C3 NAG X . -60.59 -1.64 31.50
C4 NAG X . -60.55 -3.13 31.85
C5 NAG X . -59.26 -3.74 31.29
C6 NAG X . -59.15 -5.22 31.55
C7 NAG X . -61.29 0.51 28.79
C8 NAG X . -61.09 1.99 28.58
N2 NAG X . -60.42 -0.07 29.65
O3 NAG X . -61.81 -1.04 31.88
O4 NAG X . -60.61 -3.22 33.25
O5 NAG X . -59.20 -3.52 29.89
O6 NAG X . -60.29 -5.87 31.05
O7 NAG X . -62.18 -0.10 28.21
C1 NAG Y . -47.17 -43.30 -4.34
C2 NAG Y . -48.45 -42.57 -3.95
C3 NAG Y . -49.47 -43.59 -3.49
C4 NAG Y . -49.66 -44.66 -4.56
C5 NAG Y . -48.32 -45.18 -5.08
C6 NAG Y . -48.46 -46.11 -6.27
C7 NAG Y . -48.45 -40.29 -3.03
C8 NAG Y . -48.08 -39.45 -1.83
N2 NAG Y . -48.19 -41.60 -2.93
O3 NAG Y . -50.66 -42.91 -3.21
O4 NAG Y . -50.38 -45.68 -3.93
O5 NAG Y . -47.47 -44.11 -5.45
O6 NAG Y . -49.18 -45.45 -7.28
O7 NAG Y . -48.95 -39.78 -4.03
C1 NAG Y . -51.57 -46.00 -4.67
C2 NAG Y . -52.21 -47.20 -3.96
C3 NAG Y . -53.52 -47.56 -4.65
C4 NAG Y . -54.41 -46.33 -4.64
C5 NAG Y . -53.68 -45.21 -5.38
C6 NAG Y . -54.49 -43.94 -5.48
C7 NAG Y . -50.74 -48.83 -2.83
C8 NAG Y . -49.83 -50.00 -3.06
N2 NAG Y . -51.30 -48.32 -3.95
O3 NAG Y . -54.08 -48.65 -3.97
O4 NAG Y . -55.62 -46.68 -5.24
O5 NAG Y . -52.48 -44.92 -4.69
O6 NAG Y . -54.95 -43.57 -4.20
O7 NAG Y . -50.93 -48.38 -1.71
C1 BMA Y . -56.59 -46.83 -4.18
C2 BMA Y . -57.92 -46.25 -4.65
C3 BMA Y . -58.94 -46.32 -3.49
C4 BMA Y . -58.62 -47.40 -2.44
C5 BMA Y . -57.81 -48.59 -2.98
C6 BMA Y . -58.67 -49.65 -3.65
O2 BMA Y . -58.33 -46.96 -5.80
O3 BMA Y . -60.21 -46.48 -4.09
O4 BMA Y . -57.94 -46.75 -1.40
O5 BMA Y . -56.75 -48.20 -3.85
O6 BMA Y . -57.81 -50.65 -4.14
C1 NAG Z . 38.31 -8.44 20.43
C2 NAG Z . 38.71 -8.92 19.03
C3 NAG Z . 39.81 -9.98 19.12
C4 NAG Z . 40.98 -9.43 19.92
C5 NAG Z . 40.46 -8.94 21.27
C6 NAG Z . 41.54 -8.33 22.14
C7 NAG Z . 36.74 -10.40 18.39
C8 NAG Z . 36.87 -11.28 19.61
N2 NAG Z . 37.60 -9.36 18.22
O3 NAG Z . 40.17 -10.33 17.81
O4 NAG Z . 41.91 -10.47 20.05
O5 NAG Z . 39.46 -7.97 21.08
O6 NAG Z . 42.14 -7.27 21.45
O7 NAG Z . 35.86 -10.62 17.58
C1 NAG Z . 43.01 -10.24 19.14
C2 NAG Z . 44.30 -10.70 19.81
C3 NAG Z . 45.47 -10.50 18.84
C4 NAG Z . 45.17 -11.22 17.54
C5 NAG Z . 43.83 -10.73 16.99
C6 NAG Z . 43.42 -11.40 15.69
C7 NAG Z . 45.05 -10.40 22.20
C8 NAG Z . 45.47 -11.85 22.30
N2 NAG Z . 44.52 -9.96 21.02
O3 NAG Z . 46.64 -10.97 19.45
O4 NAG Z . 46.23 -10.91 16.65
O5 NAG Z . 42.83 -10.97 17.95
O6 NAG Z . 43.47 -12.80 15.85
O7 NAG Z . 45.18 -9.66 23.16
C1 BMA Z . 47.04 -12.09 16.43
C2 BMA Z . 47.41 -12.04 14.93
C3 BMA Z . 48.90 -11.69 14.59
C4 BMA Z . 49.90 -11.53 15.76
C5 BMA Z . 49.29 -11.28 17.12
C6 BMA Z . 49.00 -9.81 17.42
O2 BMA Z . 46.52 -11.14 14.31
O3 BMA Z . 48.85 -10.54 13.79
O4 BMA Z . 50.62 -12.75 15.78
O5 BMA Z . 48.12 -12.04 17.36
O6 BMA Z . 50.26 -9.15 17.51
C1 NAG AA . -29.18 -2.77 60.19
C2 NAG AA . -28.74 -2.72 61.65
C3 NAG AA . -28.61 -1.28 62.10
C4 NAG AA . -27.66 -0.54 61.17
C5 NAG AA . -28.19 -0.69 59.74
C6 NAG AA . -27.36 0.03 58.69
C7 NAG AA . -31.00 -3.19 62.53
C8 NAG AA . -31.77 -4.05 63.50
N2 NAG AA . -29.67 -3.43 62.49
O3 NAG AA . -28.19 -1.30 63.44
O4 NAG AA . -27.66 0.81 61.56
O5 NAG AA . -28.25 -2.07 59.40
O6 NAG AA . -27.98 -0.08 57.44
O7 NAG AA . -31.55 -2.33 61.86
C1 NAG AA . -26.54 1.17 62.42
C2 NAG AA . -27.07 2.23 63.40
C3 NAG AA . -25.96 2.66 64.36
C4 NAG AA . -25.37 1.42 65.05
C5 NAG AA . -24.93 0.43 63.98
C6 NAG AA . -24.35 -0.85 64.53
C7 NAG AA . -26.92 4.10 61.80
C8 NAG AA . -27.69 5.26 61.22
N2 NAG AA . -27.59 3.38 62.71
O3 NAG AA . -26.50 3.55 65.29
O4 NAG AA . -24.28 1.86 65.84
O5 NAG AA . -26.04 0.09 63.17
O6 NAG AA . -24.11 -1.77 63.49
O7 NAG AA . -25.79 3.85 61.44
C1 NAG BA . -34.63 -11.92 52.40
C2 NAG BA . -35.12 -12.92 53.46
C3 NAG BA . -35.97 -14.00 52.78
C4 NAG BA . -37.05 -13.36 51.94
C5 NAG BA . -36.46 -12.29 51.03
C6 NAG BA . -37.49 -11.56 50.19
C7 NAG BA . -32.92 -14.12 53.88
C8 NAG BA . -32.52 -14.22 52.42
N2 NAG BA . -34.07 -13.52 54.25
O3 NAG BA . -36.48 -14.81 53.80
O4 NAG BA . -37.59 -14.39 51.14
O5 NAG BA . -35.76 -11.35 51.80
O6 NAG BA . -38.14 -12.46 49.33
O7 NAG BA . -32.16 -14.57 54.73
C1 NAG BA . -38.92 -14.71 51.57
C2 NAG BA . -39.35 -15.93 50.74
C3 NAG BA . -40.67 -16.48 51.25
C4 NAG BA . -40.48 -16.77 52.73
C5 NAG BA . -40.17 -15.46 53.44
C6 NAG BA . -40.09 -15.59 54.94
C7 NAG BA . -39.20 -16.45 48.35
C8 NAG BA . -39.38 -15.90 46.96
N2 NAG BA . -39.47 -15.59 49.35
O3 NAG BA . -40.99 -17.62 50.51
O4 NAG BA . -41.66 -17.38 53.19
O5 NAG BA . -38.94 -15.01 52.94
O6 NAG BA . -39.17 -16.62 55.25
O7 NAG BA . -38.83 -17.60 48.53
C1 BMA BA . -41.28 -18.74 53.49
C2 BMA BA . -42.09 -19.18 54.71
C3 BMA BA . -41.83 -20.66 54.99
C4 BMA BA . -41.01 -21.40 53.92
C5 BMA BA . -41.37 -20.97 52.49
C6 BMA BA . -42.56 -21.71 51.90
O2 BMA BA . -43.44 -18.90 54.45
O3 BMA BA . -43.10 -21.22 55.14
O4 BMA BA . -39.65 -21.15 54.21
O5 BMA BA . -41.57 -19.56 52.37
O6 BMA BA . -43.75 -21.12 52.38
C1 MAN BA . -43.11 -22.17 56.22
C2 MAN BA . -43.90 -23.38 55.73
C3 MAN BA . -45.31 -22.91 55.36
C4 MAN BA . -45.97 -22.16 56.51
C5 MAN BA . -45.03 -21.10 57.09
C6 MAN BA . -45.54 -20.55 58.40
O2 MAN BA . -43.92 -24.31 56.79
O3 MAN BA . -46.04 -24.05 54.99
O4 MAN BA . -47.14 -21.58 55.98
O5 MAN BA . -43.74 -21.62 57.33
O6 MAN BA . -44.62 -19.59 58.89
C1 MAN BA . -44.72 -21.18 51.30
C2 MAN BA . -44.69 -19.82 50.58
C3 MAN BA . -45.28 -18.73 51.47
C4 MAN BA . -46.67 -19.13 51.94
C5 MAN BA . -46.57 -20.48 52.66
C6 MAN BA . -47.94 -20.98 53.06
O2 MAN BA . -45.43 -19.98 49.39
O3 MAN BA . -45.30 -17.54 50.71
O4 MAN BA . -47.13 -18.10 52.78
O5 MAN BA . -46.00 -21.44 51.80
O6 MAN BA . -48.51 -20.08 53.98
C1 NAG CA . -23.67 10.81 42.88
C2 NAG CA . -22.83 12.06 42.59
C3 NAG CA . -21.64 12.14 43.55
C4 NAG CA . -22.10 12.00 44.98
C5 NAG CA . -22.94 10.73 45.12
C6 NAG CA . -23.47 10.51 46.52
C7 NAG CA . -23.07 12.52 40.19
C8 NAG CA . -22.39 12.41 38.85
N2 NAG CA . -22.36 12.04 41.23
O3 NAG CA . -21.00 13.37 43.32
O4 NAG CA . -20.94 11.92 45.79
O5 NAG CA . -24.04 10.81 44.23
O6 NAG CA . -24.08 11.69 46.98
O7 NAG CA . -24.19 12.99 40.30
C1 NAG CA . -20.95 13.04 46.70
C2 NAG CA . -20.28 12.59 48.00
C3 NAG CA . -20.17 13.76 48.97
C4 NAG CA . -19.49 14.94 48.29
C5 NAG CA . -20.22 15.26 46.99
C6 NAG CA . -19.62 16.42 46.21
C7 NAG CA . -20.49 10.34 48.99
C8 NAG CA . -21.46 9.39 49.63
N2 NAG CA . -21.01 11.52 48.62
O3 NAG CA . -19.45 13.32 50.09
O4 NAG CA . -19.51 16.02 49.20
O5 NAG CA . -20.23 14.12 46.16
O6 NAG CA . -19.69 17.58 46.99
O7 NAG CA . -19.31 10.05 48.84
C1 NAG DA . 23.53 2.51 39.66
C2 NAG DA . 23.82 3.38 40.88
C3 NAG DA . 24.23 4.76 40.41
C4 NAG DA . 25.38 4.66 39.42
C5 NAG DA . 25.03 3.67 38.30
C6 NAG DA . 26.13 3.40 37.30
C7 NAG DA . 22.64 2.99 43.00
C8 NAG DA . 21.32 3.18 43.72
N2 NAG DA . 22.67 3.45 41.75
O3 NAG DA . 24.58 5.51 41.53
O4 NAG DA . 25.56 5.98 38.94
O5 NAG DA . 24.72 2.44 38.89
O6 NAG DA . 27.32 3.10 37.99
O7 NAG DA . 23.57 2.44 43.56
C1 NAG DA . 26.96 6.18 38.63
C2 NAG DA . 27.02 7.20 37.51
C3 NAG DA . 28.48 7.39 37.11
C4 NAG DA . 29.31 7.76 38.34
C5 NAG DA . 29.05 6.76 39.47
C6 NAG DA . 29.76 7.12 40.76
C7 NAG DA . 25.00 7.27 36.12
C8 NAG DA . 24.33 6.68 34.90
N2 NAG DA . 26.22 6.79 36.39
O3 NAG DA . 28.54 8.37 36.11
O4 NAG DA . 30.66 7.77 37.95
O5 NAG DA . 27.67 6.67 39.74
O6 NAG DA . 29.32 8.39 41.19
O7 NAG DA . 24.44 8.14 36.78
C1 NAG EA . 0.24 -16.81 40.20
C2 NAG EA . -1.25 -16.47 40.13
C3 NAG EA . -2.04 -17.57 40.81
C4 NAG EA . -1.67 -18.91 40.22
C5 NAG EA . -0.16 -19.12 40.26
C6 NAG EA . 0.28 -20.42 39.63
C7 NAG EA . -2.59 -14.46 40.51
C8 NAG EA . -2.70 -13.19 41.31
N2 NAG EA . -1.52 -15.22 40.78
O3 NAG EA . -3.40 -17.28 40.65
O4 NAG EA . -2.34 -19.87 41.00
O5 NAG EA . 0.45 -18.05 39.58
O6 NAG EA . -0.39 -20.60 38.42
O7 NAG EA . -3.44 -14.76 39.68
C1 NAG EA . -2.80 -20.95 40.17
C2 NAG EA . -3.36 -22.01 41.12
C3 NAG EA . -4.03 -23.12 40.32
C4 NAG EA . -5.03 -22.46 39.41
C5 NAG EA . -4.30 -21.52 38.47
C6 NAG EA . -5.17 -20.93 37.38
C7 NAG EA . -2.26 -22.34 43.30
C8 NAG EA . -1.07 -22.98 43.97
N2 NAG EA . -2.32 -22.53 41.96
O3 NAG EA . -4.62 -24.02 41.21
O4 NAG EA . -5.72 -23.46 38.71
O5 NAG EA . -3.78 -20.48 39.27
O6 NAG EA . -6.32 -20.37 37.97
O7 NAG EA . -3.09 -21.71 43.93
C1 BMA EA . -7.11 -23.21 39.02
C2 BMA EA . -7.93 -23.47 37.77
C3 BMA EA . -9.41 -23.31 38.10
C4 BMA EA . -9.71 -23.16 39.61
C5 BMA EA . -8.87 -24.09 40.46
C6 BMA EA . -9.37 -25.53 40.48
O2 BMA EA . -7.60 -24.75 37.29
O3 BMA EA . -10.01 -24.45 37.57
O4 BMA EA . -9.48 -21.80 39.94
O5 BMA EA . -7.51 -24.09 40.07
O6 BMA EA . -8.70 -26.25 39.47
C1 MAN EA . -10.97 -24.11 36.57
C2 MAN EA . -12.32 -24.15 37.29
C3 MAN EA . -12.63 -25.59 37.68
C4 MAN EA . -12.45 -26.56 36.52
C5 MAN EA . -11.04 -26.39 35.93
C6 MAN EA . -10.83 -27.24 34.69
O2 MAN EA . -13.36 -23.61 36.50
O3 MAN EA . -13.96 -25.61 38.16
O4 MAN EA . -12.63 -27.85 37.03
O5 MAN EA . -10.86 -25.04 35.53
O6 MAN EA . -10.80 -28.59 35.07
C1 MAN EA . -12.94 -23.17 35.19
C2 MAN EA . -13.68 -21.88 34.85
C3 MAN EA . -15.17 -22.18 34.81
C4 MAN EA . -15.48 -23.32 33.86
C5 MAN EA . -14.61 -24.53 34.20
C6 MAN EA . -14.73 -25.62 33.15
O2 MAN EA . -13.20 -21.46 33.60
O3 MAN EA . -15.82 -20.98 34.41
O4 MAN EA . -16.86 -23.62 34.01
O5 MAN EA . -13.24 -24.16 34.25
O6 MAN EA . -13.96 -26.73 33.54
C1 MAN EA . -8.24 -27.48 40.06
C2 MAN EA . -7.44 -28.26 39.01
C3 MAN EA . -8.35 -28.76 37.90
C4 MAN EA . -9.54 -29.52 38.47
C5 MAN EA . -10.25 -28.63 39.48
C6 MAN EA . -11.40 -29.32 40.16
O2 MAN EA . -6.83 -29.34 39.69
O3 MAN EA . -7.57 -29.58 37.05
O4 MAN EA . -10.38 -29.87 37.39
O5 MAN EA . -9.33 -28.25 40.50
O6 MAN EA . -10.93 -30.49 40.79
C1 NAG FA . 18.19 14.43 43.63
C2 NAG FA . 18.24 15.71 42.79
C3 NAG FA . 19.31 16.61 43.39
C4 NAG FA . 18.92 16.93 44.83
C5 NAG FA . 18.74 15.63 45.60
C6 NAG FA . 18.26 15.85 47.02
C7 NAG FA . 19.65 15.18 40.78
C8 NAG FA . 19.54 14.92 39.30
N2 NAG FA . 18.46 15.43 41.38
O3 NAG FA . 19.41 17.75 42.58
O4 NAG FA . 19.97 17.71 45.37
O5 NAG FA . 17.83 14.79 44.95
O6 NAG FA . 17.94 14.62 47.62
O7 NAG FA . 20.73 15.15 41.34
C1 NAG FA . 19.63 19.10 45.46
C2 NAG FA . 20.94 19.90 45.51
C3 NAG FA . 20.70 21.40 45.51
C4 NAG FA . 19.70 21.82 44.42
C5 NAG FA . 18.47 20.90 44.48
C6 NAG FA . 17.46 21.16 43.38
C7 NAG FA . 21.28 19.58 47.94
C8 NAG FA . 22.27 19.15 48.98
N2 NAG FA . 21.71 19.52 46.66
O3 NAG FA . 21.95 22.00 45.33
O4 NAG FA . 19.29 23.19 44.41
O5 NAG FA . 18.89 19.57 44.35
O6 NAG FA . 18.09 21.00 42.13
O7 NAG FA . 20.16 19.96 48.24
C1 BMA FA . 19.41 24.15 45.54
C2 BMA FA . 18.27 23.91 46.55
C3 BMA FA . 18.34 24.99 47.64
C4 BMA FA . 19.68 25.75 47.74
C5 BMA FA . 20.92 24.97 47.30
C6 BMA FA . 21.62 24.21 48.41
O2 BMA FA . 18.32 22.62 47.10
O3 BMA FA . 17.99 24.37 48.86
O4 BMA FA . 19.51 26.91 46.95
O5 BMA FA . 20.66 24.08 46.22
O6 BMA FA . 20.74 23.24 48.93
C1 NAG GA . -0.72 -22.74 52.09
C2 NAG GA . -0.34 -23.34 53.45
C3 NAG GA . 0.70 -24.43 53.28
C4 NAG GA . 0.27 -25.46 52.24
C5 NAG GA . -0.23 -24.76 50.98
C6 NAG GA . -0.82 -25.71 49.97
C7 NAG GA . 1.06 -21.40 54.32
C8 NAG GA . 1.81 -21.17 53.03
N2 NAG GA . 0.12 -22.37 54.42
O3 NAG GA . 0.90 -25.03 54.53
O4 NAG GA . 1.41 -26.24 51.97
O5 NAG GA . -1.21 -23.80 51.30
O6 NAG GA . -1.31 -24.99 48.87
O7 NAG GA . 1.30 -20.68 55.28
C1 NAG GA . 1.24 -27.59 52.46
C2 NAG GA . 2.00 -28.53 51.54
C3 NAG GA . 1.81 -29.96 52.01
C4 NAG GA . 2.20 -30.11 53.47
C5 NAG GA . 1.50 -29.03 54.30
C6 NAG GA . 1.94 -29.02 55.75
C7 NAG GA . 2.32 -27.93 49.17
C8 NAG GA . 1.63 -27.85 47.83
N2 NAG GA . 1.56 -28.37 50.17
O3 NAG GA . 2.59 -30.79 51.17
O4 NAG GA . 1.76 -31.41 53.83
O5 NAG GA . 1.75 -27.75 53.76
O6 NAG GA . 3.32 -28.75 55.81
O7 NAG GA . 3.50 -27.61 49.29
C1 BMA GA . 2.74 -32.23 54.53
C2 BMA GA . 3.63 -32.92 53.49
C3 BMA GA . 4.52 -33.96 54.23
C4 BMA GA . 4.71 -33.66 55.73
C5 BMA GA . 4.59 -32.18 56.10
C6 BMA GA . 5.91 -31.42 55.97
O2 BMA GA . 4.40 -31.97 52.81
O3 BMA GA . 5.72 -34.03 53.53
O4 BMA GA . 3.75 -34.44 56.42
O5 BMA GA . 3.57 -31.49 55.41
O6 BMA GA . 5.65 -30.07 56.30
C1 NAG HA . -21.99 -25.95 48.89
C2 NAG HA . -21.38 -27.31 49.23
C3 NAG HA . -21.95 -28.38 48.30
C4 NAG HA . -23.46 -28.38 48.36
C5 NAG HA . -23.97 -26.97 48.08
C6 NAG HA . -25.47 -26.85 48.19
C7 NAG HA . -19.23 -27.06 48.03
C8 NAG HA . -17.73 -27.09 48.20
N2 NAG HA . -19.94 -27.29 49.15
O3 NAG HA . -21.38 -29.61 48.67
O4 NAG HA . -23.91 -29.29 47.38
O5 NAG HA . -23.39 -26.06 48.98
O6 NAG HA . -26.09 -27.73 47.28
O7 NAG HA . -19.74 -26.82 46.94
C1 NAG HA . -24.46 -30.44 48.03
C2 NAG HA . -25.04 -31.38 46.96
C3 NAG HA . -25.58 -32.64 47.61
C4 NAG HA . -24.50 -33.29 48.47
C5 NAG HA . -23.97 -32.25 49.47
C6 NAG HA . -22.86 -32.77 50.35
C7 NAG HA . -26.01 -30.11 45.00
C8 NAG HA . -24.67 -30.02 44.31
N2 NAG HA . -26.08 -30.74 46.20
O3 NAG HA . -26.02 -33.50 46.60
O4 NAG HA . -25.09 -34.38 49.11
O5 NAG HA . -23.49 -31.13 48.76
O6 NAG HA . -23.34 -33.81 51.17
O7 NAG HA . -27.00 -29.61 44.48
C1 NAG IA . -4.85 -19.20 58.31
C2 NAG IA . -5.56 -20.51 57.96
C3 NAG IA . -6.73 -20.71 58.91
C4 NAG IA . -6.25 -20.58 60.35
C5 NAG IA . -5.51 -19.26 60.52
C6 NAG IA . -5.01 -19.03 61.92
C7 NAG IA . -5.62 -21.33 55.64
C8 NAG IA . -6.24 -21.10 54.29
N2 NAG IA . -6.02 -20.48 56.60
O3 NAG IA . -7.26 -21.98 58.64
O4 NAG IA . -7.38 -20.61 61.17
O5 NAG IA . -4.42 -19.23 59.64
O6 NAG IA . -4.23 -20.12 62.31
O7 NAG IA . -4.80 -22.22 55.83
C1 NAG IA . -7.43 -21.87 61.86
C2 NAG IA . -8.27 -21.66 63.13
C3 NAG IA . -8.50 -22.98 63.84
C4 NAG IA . -9.12 -23.96 62.85
C5 NAG IA . -8.17 -24.12 61.67
C6 NAG IA . -8.64 -25.09 60.62
C7 NAG IA . -6.38 -20.87 64.51
C8 NAG IA . -5.93 -19.78 65.44
N2 NAG IA . -7.63 -20.73 64.03
O3 NAG IA . -9.32 -22.74 64.95
O4 NAG IA . -9.32 -25.18 63.53
O5 NAG IA . -8.01 -22.86 61.04
O6 NAG IA . -9.90 -24.70 60.13
O7 NAG IA . -5.65 -21.81 64.23
C1 BMA IA . -10.69 -25.20 63.97
C2 BMA IA . -11.34 -26.44 63.35
C3 BMA IA . -12.80 -26.56 63.83
C4 BMA IA . -13.14 -25.75 65.10
C5 BMA IA . -11.97 -25.51 66.05
C6 BMA IA . -11.79 -26.61 67.09
O2 BMA IA . -10.56 -27.55 63.67
O3 BMA IA . -13.05 -27.93 63.98
O4 BMA IA . -13.67 -24.52 64.63
O5 BMA IA . -10.73 -25.27 65.39
O6 BMA IA . -10.76 -26.21 67.97
C1 NAG JA . -2.38 3.40 59.93
C2 NAG JA . -3.90 3.26 59.85
C3 NAG JA . -4.56 4.42 60.58
C4 NAG JA . -4.00 4.49 61.99
C5 NAG JA . -2.48 4.59 61.91
C6 NAG JA . -1.80 4.75 63.26
C7 NAG JA . -4.89 2.16 57.88
C8 NAG JA . -5.27 2.35 56.43
N2 NAG JA . -4.33 3.23 58.48
O3 NAG JA . -5.94 4.21 60.58
O4 NAG JA . -4.58 5.62 62.60
O5 NAG JA . -1.99 3.43 61.27
O6 NAG JA . -2.24 3.71 64.12
O7 NAG JA . -5.09 1.09 58.45
C1 NAG JA . -5.36 5.14 63.71
C2 NAG JA . -5.49 6.28 64.72
C3 NAG JA . -6.34 5.81 65.90
C4 NAG JA . -7.69 5.33 65.37
C5 NAG JA . -7.45 4.23 64.33
C6 NAG JA . -8.71 3.67 63.74
C7 NAG JA . -3.61 7.87 64.84
C8 NAG JA . -2.25 8.10 65.43
N2 NAG JA . -4.19 6.70 65.17
O3 NAG JA . -6.47 6.88 66.80
O4 NAG JA . -8.43 4.86 66.47
O5 NAG JA . -6.64 4.76 63.29
O6 NAG JA . -9.49 4.71 63.19
O7 NAG JA . -4.14 8.71 64.12
C1 BMA JA . -9.36 5.90 66.84
C2 BMA JA . -10.75 5.31 66.83
C3 BMA JA . -11.78 6.42 67.14
C4 BMA JA . -11.20 7.61 67.93
C5 BMA JA . -9.98 7.25 68.78
C6 BMA JA . -10.36 6.63 70.14
O2 BMA JA . -10.80 4.26 67.76
O3 BMA JA . -12.86 5.81 67.79
O4 BMA JA . -10.86 8.59 66.97
O5 BMA JA . -9.05 6.40 68.13
O6 BMA JA . -10.98 7.65 70.90
C1 NAG KA . -6.26 -2.62 59.51
C2 NAG KA . -7.20 -1.43 59.62
C3 NAG KA . -6.73 -0.52 60.74
C4 NAG KA . -6.61 -1.31 62.03
C5 NAG KA . -5.79 -2.59 61.80
C6 NAG KA . -5.75 -3.49 63.02
C7 NAG KA . -8.39 -0.28 57.81
C8 NAG KA . -8.21 0.42 56.48
N2 NAG KA . -7.26 -0.73 58.37
O3 NAG KA . -7.65 0.52 60.86
O4 NAG KA . -5.95 -0.44 62.95
O5 NAG KA . -6.33 -3.32 60.72
O6 NAG KA . -5.08 -4.69 62.69
O7 NAG KA . -9.50 -0.42 58.30
C1 NAG KA . -6.51 -0.53 64.27
C2 NAG KA . -5.75 0.49 65.13
C3 NAG KA . -6.33 0.52 66.53
C4 NAG KA . -7.81 0.83 66.43
C5 NAG KA . -8.47 -0.25 65.57
C6 NAG KA . -9.97 -0.09 65.43
C7 NAG KA . -3.42 0.74 64.40
C8 NAG KA . -2.01 0.26 64.63
N2 NAG KA . -4.35 0.18 65.19
O3 NAG KA . -5.62 1.47 67.28
O4 NAG KA . -8.39 0.97 67.72
O5 NAG KA . -7.89 -0.20 64.29
O6 NAG KA . -10.45 -1.02 64.49
O7 NAG KA . -3.68 1.57 63.53
C1 BMA KA . -8.23 -0.20 68.56
C2 BMA KA . -7.84 0.30 69.94
C3 BMA KA . -7.58 -0.90 70.87
C4 BMA KA . -8.20 -2.22 70.36
C5 BMA KA . -9.49 -2.04 69.54
C6 BMA KA . -10.74 -1.92 70.41
O2 BMA KA . -8.85 1.16 70.41
O3 BMA KA . -8.03 -0.54 72.15
O4 BMA KA . -7.20 -2.83 69.56
O5 BMA KA . -9.42 -0.96 68.63
O6 BMA KA . -10.87 -0.57 70.81
C1 NAG LA . 6.73 -19.96 43.51
C2 NAG LA . 6.61 -20.38 42.05
C3 NAG LA . 6.95 -21.85 41.92
C4 NAG LA . 8.38 -22.03 42.41
C5 NAG LA . 8.44 -21.56 43.86
C6 NAG LA . 9.82 -21.70 44.47
C7 NAG LA . 5.09 -19.30 40.47
C8 NAG LA . 3.63 -19.15 40.08
N2 NAG LA . 5.31 -20.11 41.53
O3 NAG LA . 6.76 -22.21 40.58
O4 NAG LA . 8.71 -23.39 42.25
O5 NAG LA . 8.04 -20.21 43.96
O6 NAG LA . 10.75 -21.05 43.65
O7 NAG LA . 5.96 -18.74 39.84
C1 NAG LA . 9.69 -23.47 41.19
C2 NAG LA . 10.08 -24.94 41.03
C3 NAG LA . 11.06 -25.09 39.86
C4 NAG LA . 10.50 -24.45 38.61
C5 NAG LA . 10.10 -23.00 38.92
C6 NAG LA . 9.49 -22.28 37.75
C7 NAG LA . 10.15 -26.41 43.01
C8 NAG LA . 10.97 -26.77 44.22
N2 NAG LA . 10.67 -25.45 42.23
O3 NAG LA . 11.29 -26.46 39.72
O4 NAG LA . 11.51 -24.47 37.62
O5 NAG LA . 9.16 -23.01 39.98
O6 NAG LA . 8.40 -23.04 37.25
O7 NAG LA . 9.08 -26.97 42.76
C1 BMA LA . 11.48 -25.59 36.69
C2 BMA LA . 12.93 -26.04 36.55
C3 BMA LA . 13.02 -27.38 35.80
C4 BMA LA . 11.67 -27.93 35.31
C5 BMA LA . 10.62 -27.87 36.40
C6 BMA LA . 10.67 -29.04 37.38
O2 BMA LA . 13.49 -26.10 37.83
O3 BMA LA . 13.60 -28.26 36.73
O4 BMA LA . 11.31 -27.16 34.18
O5 BMA LA . 10.67 -26.66 37.15
O6 BMA LA . 10.45 -30.23 36.65
C1 MAN LA . 14.90 -28.74 36.34
C2 MAN LA . 14.75 -29.81 35.27
C3 MAN LA . 13.91 -30.96 35.80
C4 MAN LA . 14.49 -31.50 37.11
C5 MAN LA . 14.74 -30.34 38.09
C6 MAN LA . 15.49 -30.80 39.32
O2 MAN LA . 16.06 -30.23 34.94
O3 MAN LA . 13.87 -31.96 34.80
O4 MAN LA . 13.55 -32.42 37.62
O5 MAN LA . 15.50 -29.33 37.46
O6 MAN LA . 15.51 -29.75 40.25
C1 NAG MA . -44.05 -2.35 43.41
C2 NAG MA . -44.06 -1.04 44.22
C3 NAG MA . -45.14 -1.08 45.29
C4 NAG MA . -46.48 -1.46 44.69
C5 NAG MA . -46.33 -2.73 43.85
C6 NAG MA . -47.61 -3.15 43.18
C7 NAG MA . -41.94 -1.45 45.56
C8 NAG MA . -42.25 -2.89 45.88
N2 NAG MA . -42.79 -0.69 44.81
O3 NAG MA . -45.17 0.17 45.91
O4 NAG MA . -47.38 -1.66 45.75
O5 NAG MA . -45.33 -2.54 42.87
O6 NAG MA . -48.16 -2.05 42.50
O7 NAG MA . -40.90 -0.95 45.98
C1 NAG MA . -48.20 -0.49 45.92
C2 NAG MA . -49.65 -0.93 46.16
C3 NAG MA . -50.52 0.31 46.27
C4 NAG MA . -50.02 1.14 47.43
C5 NAG MA . -48.55 1.46 47.21
C6 NAG MA . -47.92 2.22 48.36
C7 NAG MA . -50.54 -3.07 45.33
C8 NAG MA . -51.00 -3.81 44.09
N2 NAG MA . -50.12 -1.81 45.12
O3 NAG MA . -51.85 -0.11 46.42
O4 NAG MA . -50.81 2.31 47.48
O5 NAG MA . -47.80 0.27 47.03
O6 NAG MA . -47.96 1.44 49.53
O7 NAG MA . -50.58 -3.60 46.43
C1 BMA MA . -51.29 2.70 48.81
C2 BMA MA . -52.73 2.21 48.92
C3 BMA MA . -53.34 2.72 50.25
C4 BMA MA . -52.30 2.97 51.35
C5 BMA MA . -51.02 2.15 51.18
C6 BMA MA . -51.17 0.70 51.66
O2 BMA MA . -52.76 0.81 48.82
O3 BMA MA . -54.33 1.80 50.63
O4 BMA MA . -52.00 4.36 51.31
O5 BMA MA . -50.51 2.15 49.86
O6 BMA MA . -51.35 0.73 53.06
C1 NAG NA . 3.00 -2.74 65.95
C2 NAG NA . 1.81 -3.55 66.44
C3 NAG NA . 1.43 -3.08 67.83
C4 NAG NA . 2.66 -3.22 68.73
C5 NAG NA . 3.84 -2.48 68.11
C6 NAG NA . 5.12 -2.59 68.91
C7 NAG NA . 0.43 -4.34 64.57
C8 NAG NA . -0.78 -4.02 63.72
N2 NAG NA . 0.71 -3.44 65.53
O3 NAG NA . 0.35 -3.84 68.27
O4 NAG NA . 2.30 -2.69 69.98
O5 NAG NA . 4.08 -2.97 66.80
O6 NAG NA . 5.42 -3.96 69.10
O7 NAG NA . 1.09 -5.35 64.40
C1 NAG NA . 2.07 -3.80 70.88
C2 NAG NA . 2.48 -3.35 72.28
C3 NAG NA . 2.19 -4.47 73.28
C4 NAG NA . 0.72 -4.85 73.18
C5 NAG NA . 0.42 -5.26 71.73
C6 NAG NA . -1.01 -5.68 71.51
C7 NAG NA . 4.30 -1.70 72.48
C8 NAG NA . 5.81 -1.54 72.47
N2 NAG NA . 3.86 -2.96 72.31
O3 NAG NA . 2.54 -4.02 74.57
O4 NAG NA . 0.48 -5.89 74.09
O5 NAG NA . 0.71 -4.17 70.88
O6 NAG NA . -1.87 -4.68 72.01
O7 NAG NA . 3.57 -0.74 72.63
C1 BMA NA . -0.21 -5.31 75.22
C2 BMA NA . -1.35 -6.24 75.60
C3 BMA NA . -2.18 -5.58 76.73
C4 BMA NA . -1.37 -4.56 77.57
C5 BMA NA . 0.13 -4.80 77.58
C6 BMA NA . 0.57 -5.85 78.61
O2 BMA NA . -0.82 -7.48 75.97
O3 BMA NA . -2.73 -6.61 77.50
O4 BMA NA . -1.68 -3.29 77.04
O5 BMA NA . 0.67 -5.14 76.31
O6 BMA NA . 1.98 -5.97 78.52
C1 NAG OA . -50.82 35.41 22.81
C2 NAG OA . -51.46 36.69 22.31
C3 NAG OA . -52.62 36.37 21.38
C4 NAG OA . -52.15 35.43 20.27
C5 NAG OA . -51.46 34.22 20.91
C6 NAG OA . -50.95 33.20 19.91
C7 NAG OA . -52.66 37.11 24.43
C8 NAG OA . -53.00 38.17 25.45
N2 NAG OA . -51.91 37.53 23.40
O3 NAG OA . -53.13 37.58 20.91
O4 NAG OA . -53.30 35.05 19.54
O5 NAG OA . -50.38 34.65 21.71
O6 NAG OA . -50.32 32.15 20.60
O7 NAG OA . -53.07 35.96 24.56
C1 NAG OA . -53.50 35.79 18.32
C2 NAG OA . -55.00 35.85 18.07
C3 NAG OA . -55.32 36.68 16.83
C4 NAG OA . -54.66 38.05 16.92
C5 NAG OA . -53.17 37.87 17.20
C6 NAG OA . -52.42 39.16 17.36
C7 NAG OA . -55.13 33.61 17.03
C8 NAG OA . -55.87 32.30 17.05
N2 NAG OA . -55.56 34.54 17.91
O3 NAG OA . -56.71 36.77 16.70
O4 NAG OA . -54.89 38.72 15.70
O5 NAG OA . -53.01 37.12 18.39
O6 NAG OA . -52.97 39.90 18.41
O7 NAG OA . -54.20 33.81 16.25
C1 NAG PA . -43.20 31.51 32.83
C2 NAG PA . -43.47 32.63 33.84
C3 NAG PA . -42.88 32.22 35.18
C4 NAG PA . -43.45 30.87 35.61
C5 NAG PA . -43.32 29.87 34.46
C6 NAG PA . -43.92 28.51 34.77
C7 NAG PA . -41.74 34.37 33.13
C8 NAG PA . -40.56 33.45 33.27
N2 NAG PA . -43.00 33.93 33.40
O3 NAG PA . -43.16 33.26 36.08
O4 NAG PA . -42.68 30.42 36.69
O5 NAG PA . -43.90 30.37 33.29
O6 NAG PA . -43.20 27.89 35.82
O7 NAG PA . -41.57 35.52 32.77
C1 NAG PA . -43.39 30.54 37.93
C2 NAG PA . -42.36 30.14 39.00
C3 NAG PA . -42.87 30.50 40.38
C4 NAG PA . -43.20 31.98 40.37
C5 NAG PA . -44.34 32.19 39.38
C6 NAG PA . -44.87 33.59 39.36
C7 NAG PA . -40.86 28.25 38.52
C8 NAG PA . -40.77 26.74 38.52
N2 NAG PA . -42.06 28.74 38.91
O3 NAG PA . -41.85 30.17 41.30
O4 NAG PA . -43.54 32.37 41.67
O5 NAG PA . -43.86 31.86 38.10
O6 NAG PA . -43.80 34.49 39.19
O7 NAG PA . -39.92 28.94 38.20
C1 BMA PA . -42.39 33.05 42.19
C2 BMA PA . -42.90 34.25 42.99
C3 BMA PA . -41.75 34.89 43.80
C4 BMA PA . -40.41 34.14 43.74
C5 BMA PA . -40.56 32.63 43.78
C6 BMA PA . -40.68 32.05 45.19
O2 BMA PA . -43.96 33.80 43.78
O3 BMA PA . -42.23 34.98 45.13
O4 BMA PA . -39.78 34.56 42.54
O5 BMA PA . -41.65 32.15 43.00
O6 BMA PA . -42.04 32.15 45.58
C1 MAN PA . -42.69 36.32 45.38
C2 MAN PA . -42.04 36.76 46.69
C3 MAN PA . -42.53 35.87 47.82
C4 MAN PA . -44.05 35.89 47.87
C5 MAN PA . -44.61 35.50 46.50
C6 MAN PA . -46.11 35.63 46.44
O2 MAN PA . -42.39 38.11 46.89
O3 MAN PA . -41.96 36.34 49.01
O4 MAN PA . -44.45 34.98 48.87
O5 MAN PA . -44.08 36.36 45.50
O6 MAN PA . -46.57 35.10 45.22
C1 MAN PA . -42.47 30.83 45.96
C2 MAN PA . -43.82 30.55 45.27
C3 MAN PA . -44.90 31.47 45.83
C4 MAN PA . -44.96 31.39 47.34
C5 MAN PA . -43.56 31.64 47.92
C6 MAN PA . -43.52 31.42 49.42
O2 MAN PA . -44.12 29.20 45.50
O3 MAN PA . -46.12 31.11 45.23
O4 MAN PA . -45.88 32.37 47.76
O5 MAN PA . -42.63 30.73 47.34
O6 MAN PA . -43.93 30.10 49.70
C1 NAG QA . -45.68 17.17 10.52
C2 NAG QA . -45.66 16.75 9.05
C3 NAG QA . -45.59 17.99 8.17
C4 NAG QA . -46.69 18.98 8.54
C5 NAG QA . -46.69 19.23 10.05
C6 NAG QA . -47.80 20.14 10.52
C7 NAG QA . -44.66 14.52 8.79
C8 NAG QA . -43.37 13.79 8.52
N2 NAG QA . -44.56 15.87 8.82
O3 NAG QA . -45.69 17.57 6.84
O4 NAG QA . -46.45 20.17 7.81
O5 NAG QA . -46.80 18.01 10.73
O6 NAG QA . -49.01 19.75 9.94
O7 NAG QA . -45.71 13.93 8.95
C1 NAG QA . -47.70 20.62 7.25
C2 NAG QA . -47.59 22.13 6.96
C3 NAG QA . -48.91 22.62 6.37
C4 NAG QA . -49.26 21.80 5.14
C5 NAG QA . -49.25 20.31 5.50
C6 NAG QA . -49.52 19.40 4.32
C7 NAG QA . -46.50 23.99 8.13
C8 NAG QA . -46.31 24.65 9.48
N2 NAG QA . -47.27 22.89 8.14
O3 NAG QA . -48.76 23.98 6.06
O4 NAG QA . -50.53 22.22 4.71
O5 NAG QA . -47.99 19.96 6.05
O6 NAG QA . -50.80 19.68 3.80
O7 NAG QA . -45.99 24.45 7.12
C1 NAG RA . -15.58 35.19 -21.49
C2 NAG RA . -17.01 35.42 -21.98
C3 NAG RA . -17.31 34.47 -23.13
C4 NAG RA . -16.24 34.55 -24.22
C5 NAG RA . -14.85 34.45 -23.61
C6 NAG RA . -13.71 34.72 -24.56
C7 NAG RA . -18.79 36.17 -20.45
C8 NAG RA . -19.70 35.72 -19.35
N2 NAG RA . -17.96 35.23 -20.92
O3 NAG RA . -18.58 34.79 -23.62
O4 NAG RA . -16.57 33.45 -25.05
O5 NAG RA . -14.71 35.40 -22.57
O6 NAG RA . -13.90 35.96 -25.17
O7 NAG RA . -18.83 37.32 -20.88
C1 NAG RA . -16.14 33.67 -26.41
C2 NAG RA . -15.73 32.29 -26.93
C3 NAG RA . -15.28 32.39 -28.38
C4 NAG RA . -16.38 33.06 -29.20
C5 NAG RA . -16.76 34.39 -28.56
C6 NAG RA . -17.88 35.10 -29.30
C7 NAG RA . -14.93 30.94 -25.04
C8 NAG RA . -13.70 30.49 -24.30
N2 NAG RA . -14.70 31.74 -26.09
O3 NAG RA . -14.98 31.11 -28.84
O4 NAG RA . -15.87 33.24 -30.51
O5 NAG RA . -17.17 34.18 -27.23
O6 NAG RA . -18.98 34.23 -29.43
O7 NAG RA . -16.05 30.59 -24.68
C1 NAG SA . -15.46 37.82 8.56
C2 NAG SA . -16.12 36.99 9.66
C3 NAG SA . -16.29 37.80 10.93
C4 NAG SA . -14.99 38.49 11.28
C5 NAG SA . -14.52 39.31 10.09
C6 NAG SA . -13.27 40.09 10.39
C7 NAG SA . -18.01 35.43 9.73
C8 NAG SA . -19.36 35.11 9.15
N2 NAG SA . -17.41 36.51 9.23
O3 NAG SA . -16.71 36.93 11.94
O4 NAG SA . -15.25 39.33 12.38
O5 NAG SA . -14.29 38.41 9.03
O6 NAG SA . -12.29 39.23 10.91
O7 NAG SA . -17.50 34.74 10.60
C1 NAG SA . -14.39 38.91 13.43
C2 NAG SA . -14.51 39.92 14.58
C3 NAG SA . -13.67 39.44 15.76
C4 NAG SA . -14.13 38.04 16.10
C5 NAG SA . -13.94 37.13 14.89
C6 NAG SA . -14.30 35.70 15.19
C7 NAG SA . -14.90 42.32 14.19
C8 NAG SA . -14.24 43.61 13.73
N2 NAG SA . -14.10 41.24 14.19
O3 NAG SA . -13.87 40.34 16.82
O4 NAG SA . -13.39 37.59 17.20
O5 NAG SA . -14.77 37.63 13.87
O6 NAG SA . -15.53 35.65 15.88
O7 NAG SA . -16.07 42.30 14.51
C1 BMA SA . -14.37 37.35 18.21
C2 BMA SA . -13.84 36.31 19.17
C3 BMA SA . -14.88 36.11 20.28
C4 BMA SA . -16.02 37.16 20.27
C5 BMA SA . -15.50 38.57 19.99
C6 BMA SA . -14.83 39.24 21.18
O2 BMA SA . -12.60 36.72 19.66
O3 BMA SA . -14.18 36.20 21.49
O4 BMA SA . -16.96 36.74 19.30
O5 BMA SA . -14.62 38.58 18.88
O6 BMA SA . -13.53 38.72 21.32
C1 MAN SA . -14.23 35.02 22.31
C2 MAN SA . -15.66 34.86 22.91
C3 MAN SA . -15.92 35.99 23.91
C4 MAN SA . -14.78 36.18 24.89
C5 MAN SA . -13.46 36.33 24.13
C6 MAN SA . -12.28 36.41 25.07
O2 MAN SA . -15.85 33.58 23.49
O3 MAN SA . -17.13 35.69 24.56
O4 MAN SA . -15.09 37.32 25.66
O5 MAN SA . -13.25 35.22 23.29
O6 MAN SA . -12.45 37.50 25.94
C1 MAN SA . -14.65 32.94 23.99
C2 MAN SA . -14.28 31.81 23.02
C3 MAN SA . -15.34 30.72 23.07
C4 MAN SA . -15.54 30.25 24.51
C5 MAN SA . -15.89 31.45 25.38
C6 MAN SA . -16.00 31.06 26.85
O2 MAN SA . -13.02 31.35 23.41
O3 MAN SA . -14.89 29.68 22.23
O4 MAN SA . -16.57 29.28 24.49
O5 MAN SA . -14.87 32.43 25.28
O6 MAN SA . -16.51 32.16 27.57
C1 MAN SA . -12.58 39.80 21.16
C2 MAN SA . -11.17 39.20 21.10
C3 MAN SA . -10.80 38.57 22.43
C4 MAN SA . -10.94 39.61 23.53
C5 MAN SA . -12.37 40.16 23.51
C6 MAN SA . -12.55 41.28 24.52
O2 MAN SA . -10.30 40.26 20.77
O3 MAN SA . -9.49 38.08 22.33
O4 MAN SA . -10.61 38.98 24.75
O5 MAN SA . -12.68 40.69 22.24
O6 MAN SA . -11.62 42.30 24.23
C1 NAG TA . -27.23 30.67 -24.60
C2 NAG TA . -27.30 29.36 -25.39
C3 NAG TA . -27.71 29.72 -26.81
C4 NAG TA . -29.07 30.40 -26.76
C5 NAG TA . -29.04 31.60 -25.80
C6 NAG TA . -30.42 32.19 -25.64
C7 NAG TA . -25.07 28.50 -26.19
C8 NAG TA . -23.93 27.62 -25.72
N2 NAG TA . -26.07 28.61 -25.28
O3 NAG TA . -27.72 28.54 -27.57
O4 NAG TA . -29.36 30.83 -28.08
O5 NAG TA . -28.53 31.21 -24.54
O6 NAG TA . -30.39 33.25 -24.73
O7 NAG TA . -25.02 29.04 -27.28
C1 NAG TA . -30.33 29.98 -28.74
C2 NAG TA . -30.11 30.10 -30.24
C3 NAG TA . -31.09 29.22 -31.01
C4 NAG TA . -31.14 27.79 -30.44
C5 NAG TA . -31.26 27.85 -28.91
C6 NAG TA . -31.20 26.50 -28.24
C7 NAG TA . -31.28 32.27 -30.44
C8 NAG TA . -31.19 33.66 -31.01
N2 NAG TA . -30.23 31.47 -30.69
O3 NAG TA . -30.69 29.24 -32.36
O4 NAG TA . -32.14 26.93 -30.99
O5 NAG TA . -30.20 28.62 -28.40
O6 NAG TA . -29.97 25.88 -28.56
O7 NAG TA . -32.27 31.92 -29.79
C1 BMA TA . -33.36 27.33 -31.70
C2 BMA TA . -34.42 27.81 -30.69
C3 BMA TA . -35.74 28.11 -31.46
C4 BMA TA . -35.58 28.33 -32.99
C5 BMA TA . -34.21 28.83 -33.45
C6 BMA TA . -34.12 30.35 -33.58
O2 BMA TA . -33.99 28.93 -29.95
O3 BMA TA . -36.32 29.22 -30.81
O4 BMA TA . -35.86 27.06 -33.55
O5 BMA TA . -33.13 28.35 -32.67
O6 BMA TA . -34.28 30.91 -32.31
C1 NAG UA . -19.84 49.64 12.61
C2 NAG UA . -20.22 51.02 12.09
C3 NAG UA . -18.98 51.87 11.93
C4 NAG UA . -18.16 51.87 13.21
C5 NAG UA . -17.92 50.44 13.66
C6 NAG UA . -17.16 50.34 14.97
C7 NAG UA . -21.72 51.89 10.37
C8 NAG UA . -22.33 51.61 9.01
N2 NAG UA . -20.91 50.94 10.83
O3 NAG UA . -19.39 53.17 11.58
O4 NAG UA . -16.95 52.53 12.89
O5 NAG UA . -19.15 49.77 13.81
O6 NAG UA . -17.80 51.11 15.94
O7 NAG UA . -21.95 52.93 10.96
C1 NAG UA . -16.55 53.41 13.96
C2 NAG UA . -15.07 53.69 13.75
C3 NAG UA . -14.56 54.62 14.83
C4 NAG UA . -15.41 55.88 14.90
C5 NAG UA . -16.89 55.50 15.00
C6 NAG UA . -17.81 56.71 14.94
C7 NAG UA . -13.28 52.09 12.99
C8 NAG UA . -12.79 53.04 11.93
N2 NAG UA . -14.31 52.46 13.78
O3 NAG UA . -13.23 54.89 14.47
O4 NAG UA . -15.03 56.61 16.07
O5 NAG UA . -17.25 54.64 13.93
O6 NAG UA . -17.52 57.47 13.81
O7 NAG UA . -12.73 51.00 13.13
C1 BMA UA . -14.48 57.97 15.93
C2 BMA UA . -13.03 57.83 16.47
C3 BMA UA . -11.99 58.75 15.81
C4 BMA UA . -12.51 59.78 14.78
C5 BMA UA . -13.67 59.29 13.93
C6 BMA UA . -13.24 58.59 12.65
O2 BMA UA . -12.68 56.47 16.37
O3 BMA UA . -11.00 57.91 15.25
O4 BMA UA . -12.88 60.91 15.54
O5 BMA UA . -14.59 58.44 14.59
O6 BMA UA . -14.40 58.24 11.94
C1 NAG VA . -26.67 40.30 30.94
C2 NAG VA . -25.49 41.27 31.09
C3 NAG VA . -24.58 40.80 32.22
C4 NAG VA . -25.40 40.64 33.49
C5 NAG VA . -26.61 39.75 33.24
C6 NAG VA . -27.54 39.64 34.43
C7 NAG VA . -24.38 42.55 29.30
C8 NAG VA . -23.61 42.42 28.02
N2 NAG VA . -24.75 41.38 29.86
O3 NAG VA . -23.55 41.74 32.36
O4 NAG VA . -24.54 40.08 34.44
O5 NAG VA . -27.36 40.25 32.15
O6 NAG VA . -27.98 40.93 34.78
O7 NAG VA . -24.63 43.64 29.79
C1 NAG VA . -24.31 41.07 35.48
C2 NAG VA . -24.04 40.31 36.78
C3 NAG VA . -23.73 41.30 37.90
C4 NAG VA . -22.60 42.23 37.47
C5 NAG VA . -22.96 42.88 36.13
C6 NAG VA . -21.89 43.81 35.59
C7 NAG VA . -25.19 38.13 36.98
C8 NAG VA . -26.47 37.48 37.41
N2 NAG VA . -25.16 39.47 37.12
O3 NAG VA . -23.43 40.56 39.05
O4 NAG VA . -22.45 43.19 38.49
O5 NAG VA . -23.21 41.88 35.17
O6 NAG VA . -21.70 44.88 36.47
O7 NAG VA . -24.25 37.48 36.54
C1 BMA VA . -21.36 42.93 39.41
C2 BMA VA . -21.79 43.51 40.74
C3 BMA VA . -20.68 43.32 41.80
C4 BMA VA . -19.64 42.23 41.45
C5 BMA VA . -20.18 41.11 40.57
C6 BMA VA . -20.83 39.97 41.34
O2 BMA VA . -23.00 42.92 41.10
O3 BMA VA . -21.34 43.08 43.02
O4 BMA VA . -18.57 42.92 40.82
O5 BMA VA . -21.07 41.55 39.56
O6 BMA VA . -21.33 39.04 40.40
C1 NAG WA . -27.93 50.95 13.66
C2 NAG WA . -27.22 50.97 15.01
C3 NAG WA . -28.22 51.32 16.10
C4 NAG WA . -28.90 52.63 15.74
C5 NAG WA . -29.48 52.55 14.33
C6 NAG WA . -30.15 53.84 13.89
C7 NAG WA . -25.31 49.47 15.43
C8 NAG WA . -24.92 48.03 15.67
N2 NAG WA . -26.62 49.68 15.26
O3 NAG WA . -27.52 51.40 17.31
O4 NAG WA . -29.90 52.85 16.69
O5 NAG WA . -28.46 52.23 13.43
O6 NAG WA . -29.27 54.91 14.11
O7 NAG WA . -24.47 50.35 15.38
C1 NAG WA . -29.56 54.04 17.42
C2 NAG WA . -30.74 54.36 18.33
C3 NAG WA . -30.40 55.55 19.23
C4 NAG WA . -29.10 55.27 19.95
C5 NAG WA . -28.01 54.97 18.92
C6 NAG WA . -26.65 54.71 19.53
C7 NAG WA . -32.02 55.47 16.52
C8 NAG WA . -33.39 55.58 15.91
N2 NAG WA . -31.95 54.63 17.58
O3 NAG WA . -31.48 55.76 20.10
O4 NAG WA . -28.81 56.41 20.73
O5 NAG WA . -28.40 53.83 18.20
O6 NAG WA . -26.75 53.68 20.49
O7 NAG WA . -31.08 56.10 16.08
C1 BMA WA . -29.04 56.08 22.12
C2 BMA WA . -27.94 56.73 22.95
C3 BMA WA . -28.11 56.33 24.42
C4 BMA WA . -29.56 55.94 24.81
C5 BMA WA . -30.62 56.58 23.92
C6 BMA WA . -30.98 58.00 24.34
O2 BMA WA . -27.99 58.12 22.75
O3 BMA WA . -27.61 57.40 25.19
O4 BMA WA . -29.62 54.53 24.75
O5 BMA WA . -30.31 56.56 22.54
O6 BMA WA . -32.02 58.46 23.50
C1 NAG XA . -41.17 41.39 -2.10
C2 NAG XA . -41.74 40.80 -0.80
C3 NAG XA . -43.24 40.63 -0.91
C4 NAG XA . -43.87 41.97 -1.28
C5 NAG XA . -43.24 42.44 -2.59
C6 NAG XA . -43.77 43.76 -3.08
C7 NAG XA . -40.29 39.31 0.51
C8 NAG XA . -39.76 37.91 0.62
N2 NAG XA . -41.11 39.54 -0.52
O3 NAG XA . -43.70 40.15 0.32
O4 NAG XA . -45.26 41.77 -1.41
O5 NAG XA . -41.85 42.58 -2.40
O6 NAG XA . -43.42 44.76 -2.15
O7 NAG XA . -39.96 40.17 1.33
C1 NAG XA . -45.92 42.07 -0.17
C2 NAG XA . -46.89 43.23 -0.41
C3 NAG XA . -47.73 43.47 0.83
C4 NAG XA . -48.46 42.19 1.20
C5 NAG XA . -47.39 41.12 1.44
C6 NAG XA . -47.98 39.78 1.84
C7 NAG XA . -46.61 45.28 -1.74
C8 NAG XA . -45.76 46.51 -1.93
N2 NAG XA . -46.21 44.44 -0.76
O3 NAG XA . -48.61 44.53 0.55
O4 NAG XA . -49.26 42.47 2.33
O5 NAG XA . -46.64 40.94 0.27
O6 NAG XA . -48.95 39.40 0.90
O7 NAG XA . -47.60 45.08 -2.41
C1 BMA XA . -50.61 42.71 1.87
C2 BMA XA . -51.54 41.75 2.59
C3 BMA XA . -52.97 41.92 2.03
C4 BMA XA . -53.21 43.28 1.34
C5 BMA XA . -52.36 44.41 1.91
C6 BMA XA . -52.97 45.01 3.17
O2 BMA XA . -51.45 42.00 3.97
O3 BMA XA . -53.86 41.69 3.10
O4 BMA XA . -52.91 43.07 -0.03
O5 BMA XA . -51.01 44.04 2.14
O6 BMA XA . -54.23 45.58 2.83
C1 NAG YA . -39.43 42.81 4.60
C2 NAG YA . -40.84 42.23 4.71
C3 NAG YA . -41.81 43.06 3.87
C4 NAG YA . -41.72 44.53 4.23
C5 NAG YA . -40.27 44.98 4.24
C6 NAG YA . -40.10 46.40 4.75
C7 NAG YA . -41.17 39.83 5.04
C8 NAG YA . -41.13 38.48 4.34
N2 NAG YA . -40.86 40.88 4.25
O3 NAG YA . -43.09 42.54 4.10
O4 NAG YA . -42.42 45.24 3.23
O5 NAG YA . -39.50 44.13 5.07
O6 NAG YA . -40.80 47.28 3.91
O7 NAG YA . -41.47 39.92 6.22
C1 NAG YA . -43.57 45.89 3.80
C2 NAG YA . -44.07 46.88 2.73
C3 NAG YA . -45.44 47.42 3.12
C4 NAG YA . -46.37 46.24 3.32
C5 NAG YA . -45.82 45.43 4.50
C6 NAG YA . -46.68 44.26 4.89
C7 NAG YA . -42.98 48.59 1.35
C8 NAG YA . -42.00 49.74 1.37
N2 NAG YA . -43.18 47.99 2.53
O3 NAG YA . -45.88 48.28 2.09
O4 NAG YA . -47.70 46.68 3.49
O5 NAG YA . -44.55 44.93 4.13
O6 NAG YA . -46.04 43.49 5.88
O7 NAG YA . -43.54 48.25 0.32
C1 BMA YA . -47.89 47.65 4.55
C2 BMA YA . -48.84 48.69 3.94
C3 BMA YA . -50.12 49.01 4.74
C4 BMA YA . -50.47 48.14 5.97
C5 BMA YA . -49.67 46.85 6.14
C6 BMA YA . -50.31 45.60 5.54
O2 BMA YA . -49.14 48.25 2.64
O3 BMA YA . -51.16 49.00 3.80
O4 BMA YA . -50.23 48.98 7.08
O5 BMA YA . -48.33 46.94 5.70
O6 BMA YA . -50.01 45.58 4.16
C1 NAG ZA . -12.69 44.20 5.62
C2 NAG ZA . -11.42 43.39 5.89
C3 NAG ZA . -10.42 44.22 6.67
C4 NAG ZA . -10.15 45.49 5.88
C5 NAG ZA . -11.48 46.22 5.72
C6 NAG ZA . -11.35 47.56 5.02
C7 NAG ZA . -11.00 41.04 6.44
C8 NAG ZA . -11.47 39.87 7.27
N2 NAG ZA . -11.71 42.18 6.59
O3 NAG ZA . -9.28 43.44 6.89
O4 NAG ZA . -9.18 46.26 6.56
O5 NAG ZA . -12.35 45.40 4.98
O6 NAG ZA . -10.59 47.41 3.85
O7 NAG ZA . -10.04 40.95 5.69
C1 NAG ZA . -7.99 46.21 5.75
C2 NAG ZA . -6.96 47.23 6.24
C3 NAG ZA . -5.76 47.17 5.31
C4 NAG ZA . -5.20 45.76 5.29
C5 NAG ZA . -6.31 44.77 4.94
C6 NAG ZA . -5.92 43.30 4.98
C7 NAG ZA . -7.89 49.32 7.33
C8 NAG ZA . -7.78 48.73 8.71
N2 NAG ZA . -7.50 48.58 6.26
O3 NAG ZA . -4.81 48.11 5.75
O4 NAG ZA . -4.16 45.74 4.33
O5 NAG ZA . -7.39 44.94 5.83
O6 NAG ZA . -5.67 42.92 6.31
O7 NAG ZA . -8.33 50.45 7.18
C1 BMA ZA . -3.01 44.91 4.63
C2 BMA ZA . -1.86 45.89 4.87
C3 BMA ZA . -0.57 45.14 5.26
C4 BMA ZA . -0.80 43.69 5.69
C5 BMA ZA . -2.11 43.55 6.48
C6 BMA ZA . -2.05 44.20 7.86
O2 BMA ZA . -2.27 46.81 5.84
O3 BMA ZA . -0.01 45.89 6.31
O4 BMA ZA . -0.82 42.90 4.52
O5 BMA ZA . -3.21 44.08 5.77
O6 BMA ZA . -0.98 43.61 8.58
C1 MAN ZA . 1.33 46.33 6.00
C2 MAN ZA . 2.31 45.19 6.24
C3 MAN ZA . 2.24 44.76 7.70
C4 MAN ZA . 2.44 45.94 8.63
C5 MAN ZA . 1.52 47.10 8.24
C6 MAN ZA . 1.83 48.36 9.01
O2 MAN ZA . 3.58 45.66 5.90
O3 MAN ZA . 3.21 43.77 7.89
O4 MAN ZA . 2.17 45.48 9.94
O5 MAN ZA . 1.65 47.39 6.86
O6 MAN ZA . 1.33 48.24 10.31
C1 NAG AB . -48.01 16.09 34.55
C2 NAG AB . -48.98 17.04 33.84
C3 NAG AB . -50.20 17.32 34.70
C4 NAG AB . -50.82 16.04 35.22
C5 NAG AB . -49.74 15.16 35.84
C6 NAG AB . -50.27 13.83 36.32
C7 NAG AB . -47.95 18.71 32.35
C8 NAG AB . -47.36 20.09 32.35
N2 NAG AB . -48.37 18.30 33.56
O3 NAG AB . -51.10 18.07 33.92
O4 NAG AB . -51.78 16.44 36.17
O5 NAG AB . -48.72 14.93 34.90
O6 NAG AB . -50.95 13.19 35.27
O7 NAG AB . -48.04 18.02 31.34
C1 NAG AB . -53.05 15.85 35.89
C2 NAG AB . -53.97 16.22 37.06
C3 NAG AB . -55.37 15.69 36.84
C4 NAG AB . -55.91 15.98 35.43
C5 NAG AB . -54.83 15.70 34.38
C6 NAG AB . -55.22 16.16 32.99
C7 NAG AB . -52.85 16.42 39.24
C8 NAG AB . -52.36 15.63 40.43
N2 NAG AB . -53.43 15.69 38.28
O3 NAG AB . -56.16 16.28 37.83
O4 NAG AB . -57.01 15.12 35.22
O5 NAG AB . -53.62 16.35 34.71
O6 NAG AB . -55.55 17.52 33.02
O7 NAG AB . -52.72 17.64 39.19
C1 BMA AB . -58.31 15.56 35.71
C2 BMA AB . -58.79 14.50 36.70
C3 BMA AB . -60.13 14.94 37.36
C4 BMA AB . -60.58 16.36 36.99
C5 BMA AB . -59.45 17.38 36.86
C6 BMA AB . -59.13 18.11 38.17
O2 BMA AB . -57.79 14.26 37.66
O3 BMA AB . -59.96 14.76 38.74
O4 BMA AB . -61.28 16.23 35.76
O5 BMA AB . -58.26 16.83 36.34
O6 BMA AB . -60.27 18.85 38.55
C1 NAG BB . -38.86 51.23 -2.22
C2 NAG BB . -39.12 51.64 -0.78
C3 NAG BB . -40.46 52.36 -0.73
C4 NAG BB . -40.40 53.55 -1.69
C5 NAG BB . -39.90 53.13 -3.08
C6 NAG BB . -39.69 54.29 -4.01
C7 NAG BB . -38.30 50.38 1.17
C8 NAG BB . -38.44 49.09 1.93
N2 NAG BB . -39.10 50.50 0.09
O3 NAG BB . -40.69 52.73 0.59
O4 NAG BB . -41.71 54.06 -1.76
O5 NAG BB . -38.69 52.40 -2.96
O6 NAG BB . -38.80 55.21 -3.40
O7 NAG BB . -37.52 51.24 1.53
C1 NAG BB . -41.78 55.32 -1.07
C2 NAG BB . -42.99 56.07 -1.61
C3 NAG BB . -43.16 57.39 -0.85
C4 NAG BB . -43.29 57.07 0.63
C5 NAG BB . -42.03 56.33 1.08
C6 NAG BB . -42.03 55.96 2.54
C7 NAG BB . -43.50 55.72 -4.06
C8 NAG BB . -44.51 54.63 -3.76
N2 NAG BB . -42.86 56.32 -3.02
O3 NAG BB . -44.28 58.05 -1.36
O4 NAG BB . -43.47 58.28 1.31
O5 NAG BB . -41.91 55.13 0.32
O6 NAG BB . -43.21 55.27 2.86
O7 NAG BB . -43.29 56.05 -5.21
C1 BMA BB . -44.88 58.36 1.66
C2 BMA BB . -44.97 58.84 3.11
C3 BMA BB . -46.45 58.84 3.54
C4 BMA BB . -47.44 58.95 2.36
C5 BMA BB . -46.88 59.64 1.12
C6 BMA BB . -46.98 61.16 1.21
O2 BMA BB . -44.35 60.09 3.19
O3 BMA BB . -46.59 59.88 4.47
O4 BMA BB . -47.84 57.62 2.07
O5 BMA BB . -45.55 59.26 0.82
O6 BMA BB . -46.38 61.69 0.04
C1 NAG CB . 23.35 -39.05 -23.55
C2 NAG CB . 23.66 -39.51 -24.97
C3 NAG CB . 22.71 -40.65 -25.33
C4 NAG CB . 22.81 -41.76 -24.30
C5 NAG CB . 22.59 -41.18 -22.90
C6 NAG CB . 22.76 -42.20 -21.79
C7 NAG CB . 24.49 -37.70 -26.52
C8 NAG CB . 25.93 -38.02 -26.23
N2 NAG CB . 23.52 -38.43 -25.92
O3 NAG CB . 23.04 -41.10 -26.62
O4 NAG CB . 21.84 -42.73 -24.63
O5 NAG CB . 23.50 -40.13 -22.67
O6 NAG CB . 24.06 -42.73 -21.85
O7 NAG CB . 24.22 -36.80 -27.31
C1 NAG DB . 14.64 -34.62 -2.39
C2 NAG DB . 14.81 -35.93 -3.18
C3 NAG DB . 13.69 -36.89 -2.85
C4 NAG DB . 13.62 -37.11 -1.35
C5 NAG DB . 13.50 -35.75 -0.66
C6 NAG DB . 13.42 -35.84 0.85
C7 NAG DB . 15.90 -35.78 -5.39
C8 NAG DB . 15.66 -35.43 -6.84
N2 NAG DB . 14.82 -35.64 -4.60
O3 NAG DB . 13.94 -38.09 -3.55
O4 NAG DB . 12.51 -37.92 -1.09
O5 NAG DB . 14.61 -34.94 -1.01
O6 NAG DB . 13.37 -34.54 1.40
O7 NAG DB . 16.99 -36.15 -4.99
C1 NAG EB . -60.51 -21.64 14.97
C2 NAG EB . -61.57 -22.71 15.20
C3 NAG EB . -60.98 -23.84 16.05
C4 NAG EB . -59.72 -24.36 15.37
C5 NAG EB . -58.76 -23.20 15.11
C6 NAG EB . -57.49 -23.62 14.39
C7 NAG EB . -62.72 -21.44 16.97
C8 NAG EB . -64.07 -20.96 17.44
N2 NAG EB . -62.74 -22.15 15.83
O3 NAG EB . -61.96 -24.83 16.21
O4 NAG EB . -59.16 -25.32 16.24
O5 NAG EB . -59.42 -22.23 14.31
O6 NAG EB . -56.73 -22.47 14.09
O7 NAG EB . -61.71 -21.20 17.62
C1 NAG FB . -69.50 -14.79 0.88
C2 NAG FB . -69.21 -13.54 0.05
C3 NAG FB . -70.45 -12.65 0.02
C4 NAG FB . -71.66 -13.44 -0.45
C5 NAG FB . -71.83 -14.68 0.44
C6 NAG FB . -72.98 -15.56 0.06
C7 NAG FB . -66.88 -12.75 -0.01
C8 NAG FB . -65.84 -11.93 0.73
N2 NAG FB . -68.08 -12.81 0.57
O3 NAG FB . -70.17 -11.56 -0.84
O4 NAG FB . -72.78 -12.59 -0.37
O5 NAG FB . -70.64 -15.44 0.39
O6 NAG FB . -72.80 -16.01 -1.26
O7 NAG FB . -66.60 -13.31 -1.06
C1 NAG GB . -39.47 -19.70 23.61
C2 NAG GB . -38.20 -20.49 23.97
C3 NAG GB . -38.17 -21.82 23.23
C4 NAG GB . -39.45 -22.58 23.50
C5 NAG GB . -40.65 -21.71 23.15
C6 NAG GB . -41.98 -22.37 23.41
C7 NAG GB . -36.26 -19.10 24.56
C8 NAG GB . -35.03 -18.40 24.00
N2 NAG GB . -37.01 -19.74 23.65
O3 NAG GB . -37.03 -22.52 23.65
O4 NAG GB . -39.41 -23.76 22.71
O5 NAG GB . -40.59 -20.51 23.89
O6 NAG GB . -42.00 -22.85 24.74
O7 NAG GB . -36.52 -19.05 25.75
C1 NAG HB . -42.75 -44.08 -17.74
C2 NAG HB . -44.12 -44.59 -17.29
C3 NAG HB . -44.13 -46.11 -17.21
C4 NAG HB . -43.61 -46.70 -18.52
C5 NAG HB . -42.25 -46.07 -18.85
C6 NAG HB . -41.62 -46.59 -20.13
C7 NAG HB . -45.31 -43.02 -15.81
C8 NAG HB . -45.52 -42.62 -14.38
N2 NAG HB . -44.46 -44.05 -16.00
O3 NAG HB . -45.43 -46.53 -16.92
O4 NAG HB . -43.49 -48.09 -18.34
O5 NAG HB . -42.42 -44.67 -18.97
O6 NAG HB . -42.53 -46.45 -21.19
O7 NAG HB . -45.89 -42.45 -16.72
C1 NAG IB . -24.82 -54.90 -17.40
C2 NAG IB . -23.65 -55.74 -16.91
C3 NAG IB . -22.37 -55.28 -17.61
C4 NAG IB . -22.56 -55.30 -19.12
C5 NAG IB . -23.82 -54.50 -19.48
C6 NAG IB . -24.12 -54.48 -20.97
C7 NAG IB . -24.01 -56.40 -14.50
C8 NAG IB . -24.82 -57.62 -14.89
N2 NAG IB . -23.50 -55.60 -15.48
O3 NAG IB . -21.33 -56.13 -17.20
O4 NAG IB . -21.41 -54.75 -19.70
O5 NAG IB . -24.93 -55.04 -18.81
O6 NAG IB . -23.07 -53.83 -21.65
O7 NAG IB . -23.80 -56.17 -13.32
C1 NAG JB . 41.05 21.73 3.45
C2 NAG JB . 41.26 22.66 2.24
C3 NAG JB . 41.80 24.00 2.71
C4 NAG JB . 40.87 24.58 3.76
C5 NAG JB . 40.66 23.57 4.89
C6 NAG JB . 39.70 24.03 5.95
C7 NAG JB . 41.69 21.60 0.08
C8 NAG JB . 42.76 21.00 -0.81
N2 NAG JB . 42.12 22.06 1.27
O3 NAG JB . 41.93 24.82 1.59
O4 NAG JB . 41.46 25.77 4.22
O5 NAG JB . 40.18 22.36 4.34
O6 NAG JB . 38.46 24.34 5.36
O7 NAG JB . 40.53 21.64 -0.27
C1 NAG KB . 51.45 6.59 11.42
C2 NAG KB . 52.65 5.66 11.24
C3 NAG KB . 53.23 5.34 12.61
C4 NAG KB . 53.61 6.63 13.31
C5 NAG KB . 52.37 7.54 13.39
C6 NAG KB . 52.63 8.88 14.02
C7 NAG KB . 52.38 4.15 9.25
C8 NAG KB . 52.96 5.19 8.32
N2 NAG KB . 52.27 4.45 10.56
O3 NAG KB . 54.35 4.51 12.42
O4 NAG KB . 54.07 6.29 14.60
O5 NAG KB . 51.87 7.76 12.09
O6 NAG KB . 53.60 9.58 13.26
O7 NAG KB . 52.02 3.07 8.80
C1 NAG LB . 31.77 19.08 15.77
C2 NAG LB . 33.10 18.78 16.49
C3 NAG LB . 32.91 18.91 18.00
C4 NAG LB . 32.30 20.26 18.35
C5 NAG LB . 31.02 20.44 17.53
C6 NAG LB . 30.32 21.77 17.80
C7 NAG LB . 34.53 17.19 15.27
C8 NAG LB . 34.84 15.72 15.10
N2 NAG LB . 33.56 17.46 16.16
O3 NAG LB . 34.17 18.74 18.59
O4 NAG LB . 32.04 20.26 19.73
O5 NAG LB . 31.32 20.36 16.15
O6 NAG LB . 29.21 21.89 16.95
O7 NAG LB . 35.12 18.05 14.63
C1 NAG MB . -28.96 -20.87 63.00
C2 NAG MB . -29.14 -22.09 62.09
C3 NAG MB . -30.29 -22.97 62.56
C4 NAG MB . -30.12 -23.30 64.04
C5 NAG MB . -30.01 -21.99 64.81
C6 NAG MB . -29.87 -22.17 66.31
C7 NAG MB . -28.62 -22.00 59.67
C8 NAG MB . -29.09 -21.44 58.34
N2 NAG MB . -29.38 -21.67 60.74
O3 NAG MB . -30.31 -24.13 61.77
O4 NAG MB . -31.25 -24.05 64.44
O5 NAG MB . -28.88 -21.29 64.34
O6 NAG MB . -28.74 -22.96 66.58
O7 NAG MB . -27.63 -22.70 59.75
C1 MAN NB . -14.91 -30.50 64.61
C2 MAN NB . -14.67 -29.61 65.83
C3 MAN NB . -13.31 -29.92 66.45
C4 MAN NB . -12.69 -31.14 65.78
C5 MAN NB . -12.58 -30.90 64.27
C6 MAN NB . -12.17 -32.14 63.53
O2 MAN NB . -15.73 -29.84 66.72
O3 MAN NB . -13.52 -30.13 67.83
O4 MAN NB . -11.43 -31.34 66.38
O5 MAN NB . -13.82 -30.48 63.74
O6 MAN NB . -11.91 -31.83 62.18
C1 NAG OB . 13.39 -11.66 63.85
C2 NAG OB . 12.77 -11.97 65.21
C3 NAG OB . 13.53 -11.20 66.27
C4 NAG OB . 15.01 -11.58 66.20
C5 NAG OB . 15.54 -11.39 64.76
C6 NAG OB . 16.97 -11.84 64.58
C7 NAG OB . 10.84 -10.49 64.81
C8 NAG OB . 9.34 -10.39 64.95
N2 NAG OB . 11.37 -11.65 65.23
O3 NAG OB . 12.97 -11.53 67.52
O4 NAG OB . 15.69 -10.75 67.11
O5 NAG OB . 14.72 -12.11 63.86
O6 NAG OB . 17.30 -11.83 63.21
O7 NAG OB . 11.49 -9.56 64.34
C1 NAG PB . 29.42 0.22 57.74
C2 NAG PB . 30.34 1.33 57.21
C3 NAG PB . 31.11 0.83 56.00
C4 NAG PB . 31.82 -0.48 56.33
C5 NAG PB . 30.80 -1.48 56.89
C6 NAG PB . 31.40 -2.82 57.25
C7 NAG PB . 29.32 3.61 57.57
C8 NAG PB . 29.90 3.72 58.96
N2 NAG PB . 29.57 2.50 56.85
O3 NAG PB . 32.03 1.82 55.62
O4 NAG PB . 32.40 -0.96 55.13
O5 NAG PB . 30.20 -0.92 58.03
O6 NAG PB . 31.93 -3.43 56.10
O7 NAG PB . 28.64 4.52 57.13
C1 NAG QB . 13.86 20.69 -44.93
C2 NAG QB . 14.95 21.59 -45.54
C3 NAG QB . 14.34 22.95 -45.84
C4 NAG QB . 13.14 22.78 -46.75
C5 NAG QB . 12.15 21.77 -46.14
C6 NAG QB . 10.95 21.47 -47.01
C7 NAG QB . 17.25 21.07 -44.63
C8 NAG QB . 17.48 20.02 -45.68
N2 NAG QB . 16.07 21.74 -44.64
O3 NAG QB . 15.33 23.75 -46.42
O4 NAG QB . 12.55 24.06 -46.90
O5 NAG QB . 12.82 20.57 -45.87
O6 NAG QB . 11.40 21.03 -48.28
O7 NAG QB . 18.11 21.30 -43.80
C1 NAG RB . -4.29 9.60 -36.09
C2 NAG RB . -4.00 10.94 -36.76
C3 NAG RB . -5.27 11.78 -36.82
C4 NAG RB . -6.39 10.98 -37.46
C5 NAG RB . -6.55 9.64 -36.73
C6 NAG RB . -7.62 8.76 -37.32
C7 NAG RB . -1.68 11.69 -36.43
C8 NAG RB . -0.79 12.50 -35.53
N2 NAG RB . -2.96 11.65 -36.06
O3 NAG RB . -4.98 12.96 -37.52
O4 NAG RB . -7.56 11.76 -37.37
O5 NAG RB . -5.32 8.94 -36.79
O6 NAG RB . -7.62 7.52 -36.67
O7 NAG RB . -1.24 11.12 -37.42
C1 NAG SB . 9.70 32.86 -27.03
C2 NAG SB . 11.09 32.30 -26.69
C3 NAG SB . 12.19 33.21 -27.24
C4 NAG SB . 11.98 33.38 -28.73
C5 NAG SB . 10.58 33.97 -28.95
C6 NAG SB . 10.25 34.20 -30.41
C7 NAG SB . 11.24 32.84 -24.21
C8 NAG SB . 11.03 34.33 -24.40
N2 NAG SB . 11.26 32.01 -25.28
O3 NAG SB . 13.42 32.62 -26.95
O4 NAG SB . 12.98 34.26 -29.20
O5 NAG SB . 9.62 33.07 -28.42
O6 NAG SB . 10.46 33.00 -31.13
O7 NAG SB . 11.41 32.41 -23.08
C1 NAG TB . -41.44 45.78 33.28
C2 NAG TB . -40.12 45.51 33.98
C3 NAG TB . -40.31 45.56 35.49
C4 NAG TB . -40.95 46.88 35.90
C5 NAG TB . -42.23 47.07 35.10
C6 NAG TB . -42.93 48.40 35.38
C7 NAG TB . -38.58 44.07 32.69
C8 NAG TB . -38.17 42.64 32.47
N2 NAG TB . -39.56 44.24 33.60
O3 NAG TB . -39.06 45.37 36.10
O4 NAG TB . -41.18 46.82 37.28
O5 NAG TB . -41.96 47.02 33.71
O6 NAG TB . -42.04 49.45 35.12
O7 NAG TB . -38.06 44.99 32.08
C1 MAN UB . -32.72 60.41 26.62
C2 MAN UB . -33.79 59.91 25.65
C3 MAN UB . -33.78 60.75 24.39
C4 MAN UB . -32.72 61.84 24.47
C5 MAN UB . -31.38 61.20 24.81
C6 MAN UB . -30.30 62.25 25.02
O2 MAN UB . -35.02 60.01 26.34
O3 MAN UB . -35.08 61.29 24.23
O4 MAN UB . -32.70 62.50 23.22
O5 MAN UB . -31.46 60.45 26.01
O6 MAN UB . -29.04 61.61 25.07
C1 NAG VB . -26.78 58.27 -5.54
C2 NAG VB . -27.95 59.09 -4.96
C3 NAG VB . -28.62 59.86 -6.09
C4 NAG VB . -27.59 60.70 -6.83
C5 NAG VB . -26.46 59.78 -7.31
C6 NAG VB . -25.37 60.49 -8.08
C7 NAG VB . -29.51 57.20 -4.85
C8 NAG VB . -30.45 56.45 -3.95
N2 NAG VB . -28.88 58.25 -4.28
O3 NAG VB . -29.64 60.65 -5.52
O4 NAG VB . -28.25 61.33 -7.90
O5 NAG VB . -25.88 59.14 -6.19
O6 NAG VB . -24.37 59.57 -8.44
O7 NAG VB . -29.33 56.86 -6.01
C1 NAG WB . -22.78 52.79 -25.93
C2 NAG WB . -22.92 52.24 -27.35
C3 NAG WB . -21.55 51.82 -27.87
C4 NAG WB . -20.56 52.98 -27.74
C5 NAG WB . -20.57 53.48 -26.29
C6 NAG WB . -19.63 54.63 -26.03
C7 NAG WB . -25.15 51.09 -27.62
C8 NAG WB . -25.85 52.38 -27.99
N2 NAG WB . -23.83 51.11 -27.34
O3 NAG WB . -21.69 51.42 -29.21
O4 NAG WB . -19.29 52.49 -28.11
O5 NAG WB . -21.87 53.87 -25.93
O6 NAG WB . -18.30 54.23 -26.26
O7 NAG WB . -25.80 50.06 -27.56
#